data_6XBC
#
_entry.id   6XBC
#
_cell.length_a   83.046
_cell.length_b   151.174
_cell.length_c   141.401
_cell.angle_alpha   90.000
_cell.angle_beta   91.580
_cell.angle_gamma   90.000
#
_symmetry.space_group_name_H-M   'P 1 21 1'
#
loop_
_entity.id
_entity.type
_entity.pdbx_description
1 polymer Monooxigenase
2 non-polymer 'FLAVIN-ADENINE DINUCLEOTIDE'
#
_entity_poly.entity_id   1
_entity_poly.type   'polypeptide(L)'
_entity_poly.pdbx_seq_one_letter_code
;MTARPENPSTVHDFVGIGLGPFNLGLACLTEPIDELDGIFLESKPDFEWHAGMFLDGAHLQTPFMSDLVTLADPTSPYSF
LNYLKEKGRLYSFYIRENFYPLRVEYDDYCRWAANKLSSIRFGTTVTEVRYEDDLYVVTTSAGDVYRARHLVLGTGTPPY
IPEACQGLDGDFIHNSRYVQHRSELVKKESITIVGSGQSAAEIYQDLLGEIDVHGYRLNWVTRSPRFFPLEYTKLTLEMT
SPEYIDYYRELPEATRYRLTAEQKGLFKGIDGDLINEIFDLLYQKNLAGPVPTRLLTNSSLNSARHENGTYTLAFRQEEQ
GKDFEIESQGLVLATGYKYAEPEFLAPVKDRLVYDSQGNFDVSRAYAIDVTGRGVFLQNAGVHTHSITSPDLGMGAYRNS
CIIRELLGTEYYPVEKTIAFQEFSV
;
_entity_poly.pdbx_strand_id   A,B,C,D,E,F,G,H
#
loop_
_chem_comp.id
_chem_comp.type
_chem_comp.name
_chem_comp.formula
FAD non-polymer 'FLAVIN-ADENINE DINUCLEOTIDE' 'C27 H33 N9 O15 P2'
#
# COMPACT_ATOMS: atom_id res chain seq x y z
N THR A 10 25.94 -56.34 -54.80
CA THR A 10 25.86 -55.02 -54.19
C THR A 10 25.42 -55.13 -52.73
N VAL A 11 26.30 -54.72 -51.82
CA VAL A 11 26.05 -54.77 -50.38
C VAL A 11 26.10 -53.35 -49.85
N HIS A 12 24.96 -52.86 -49.35
CA HIS A 12 24.85 -51.51 -48.80
C HIS A 12 24.98 -51.56 -47.28
N ASP A 13 24.95 -50.38 -46.67
CA ASP A 13 24.90 -50.32 -45.21
C ASP A 13 23.51 -50.62 -44.68
N PHE A 14 22.49 -50.04 -45.30
CA PHE A 14 21.10 -50.33 -44.95
C PHE A 14 20.25 -50.24 -46.20
N VAL A 15 19.07 -50.86 -46.12
CA VAL A 15 18.04 -50.74 -47.15
C VAL A 15 16.78 -50.25 -46.46
N GLY A 16 16.23 -49.14 -46.96
CA GLY A 16 15.05 -48.53 -46.38
C GLY A 16 13.82 -48.90 -47.18
N ILE A 17 12.87 -49.55 -46.51
CA ILE A 17 11.66 -50.05 -47.15
C ILE A 17 10.53 -49.06 -46.89
N GLY A 18 9.95 -48.52 -47.97
CA GLY A 18 8.94 -47.49 -47.86
C GLY A 18 9.56 -46.11 -47.86
N LEU A 19 8.91 -45.14 -48.52
CA LEU A 19 9.41 -43.77 -48.59
C LEU A 19 8.27 -42.81 -48.22
N GLY A 20 7.91 -42.81 -46.93
CA GLY A 20 7.06 -41.77 -46.40
C GLY A 20 7.92 -40.63 -45.90
N PRO A 21 7.33 -39.71 -45.15
CA PRO A 21 8.13 -38.59 -44.62
C PRO A 21 9.29 -39.04 -43.74
N PHE A 22 9.14 -40.14 -43.01
CA PHE A 22 10.18 -40.55 -42.07
C PHE A 22 11.39 -41.12 -42.80
N ASN A 23 11.18 -42.08 -43.71
CA ASN A 23 12.31 -42.64 -44.45
C ASN A 23 12.88 -41.64 -45.45
N LEU A 24 12.03 -40.78 -46.01
CA LEU A 24 12.55 -39.71 -46.86
C LEU A 24 13.42 -38.74 -46.05
N GLY A 25 12.99 -38.43 -44.83
CA GLY A 25 13.82 -37.61 -43.96
C GLY A 25 15.16 -38.27 -43.66
N LEU A 26 15.14 -39.58 -43.44
CA LEU A 26 16.40 -40.32 -43.29
C LEU A 26 17.24 -40.23 -44.56
N ALA A 27 16.59 -40.27 -45.73
CA ALA A 27 17.32 -40.16 -46.97
C ALA A 27 18.01 -38.81 -47.12
N CYS A 28 17.39 -37.75 -46.58
CA CYS A 28 17.99 -36.43 -46.68
C CYS A 28 19.07 -36.21 -45.63
N LEU A 29 18.95 -36.86 -44.48
CA LEU A 29 19.98 -36.74 -43.44
C LEU A 29 21.17 -37.66 -43.69
N THR A 30 21.03 -38.65 -44.57
CA THR A 30 22.12 -39.56 -44.90
C THR A 30 22.91 -39.15 -46.13
N GLU A 31 22.32 -38.38 -47.03
CA GLU A 31 23.01 -38.00 -48.27
C GLU A 31 24.35 -37.30 -48.02
N PRO A 32 24.48 -36.34 -47.12
CA PRO A 32 25.80 -35.72 -46.88
C PRO A 32 26.75 -36.53 -46.01
N ILE A 33 26.42 -37.78 -45.70
CA ILE A 33 27.27 -38.63 -44.88
C ILE A 33 27.99 -39.60 -45.81
N ASP A 34 29.30 -39.39 -45.98
CA ASP A 34 30.09 -40.26 -46.84
C ASP A 34 30.14 -41.69 -46.29
N GLU A 35 30.31 -41.83 -44.98
CA GLU A 35 30.48 -43.12 -44.34
C GLU A 35 29.25 -44.02 -44.49
N LEU A 36 28.08 -43.44 -44.75
CA LEU A 36 26.84 -44.20 -44.92
C LEU A 36 26.35 -44.05 -46.35
N ASP A 37 25.98 -45.18 -46.96
CA ASP A 37 25.24 -45.15 -48.22
C ASP A 37 24.26 -46.31 -48.23
N GLY A 38 23.00 -46.01 -47.88
CA GLY A 38 21.91 -46.94 -48.05
C GLY A 38 21.14 -46.69 -49.32
N ILE A 39 19.99 -47.34 -49.42
CA ILE A 39 19.16 -47.29 -50.61
C ILE A 39 17.71 -47.46 -50.19
N PHE A 40 16.81 -46.72 -50.85
CA PHE A 40 15.42 -46.64 -50.44
C PHE A 40 14.52 -47.19 -51.53
N LEU A 41 13.61 -48.08 -51.14
CA LEU A 41 12.69 -48.74 -52.05
C LEU A 41 11.27 -48.30 -51.75
N GLU A 42 10.56 -47.84 -52.78
CA GLU A 42 9.21 -47.31 -52.62
C GLU A 42 8.29 -47.88 -53.70
N SER A 43 7.08 -48.28 -53.28
CA SER A 43 6.14 -48.90 -54.21
C SER A 43 5.63 -47.92 -55.25
N LYS A 44 5.34 -46.69 -54.84
CA LYS A 44 4.72 -45.74 -55.74
C LYS A 44 5.73 -45.27 -56.79
N PRO A 45 5.25 -44.83 -57.96
CA PRO A 45 6.18 -44.29 -58.97
C PRO A 45 6.84 -42.99 -58.54
N ASP A 46 6.28 -42.31 -57.55
CA ASP A 46 6.79 -41.04 -57.07
C ASP A 46 6.25 -40.85 -55.66
N PHE A 47 6.86 -39.94 -54.90
CA PHE A 47 6.34 -39.63 -53.58
C PHE A 47 4.93 -39.07 -53.70
N GLU A 48 4.05 -39.54 -52.82
CA GLU A 48 2.73 -38.95 -52.69
C GLU A 48 2.25 -39.18 -51.27
N TRP A 49 1.89 -38.09 -50.60
CA TRP A 49 1.41 -38.16 -49.23
C TRP A 49 -0.03 -38.64 -49.19
N HIS A 50 -0.77 -38.27 -48.15
CA HIS A 50 -2.17 -38.65 -48.01
C HIS A 50 -3.01 -37.75 -48.91
N ALA A 51 -2.82 -37.94 -50.23
CA ALA A 51 -3.50 -37.10 -51.21
C ALA A 51 -5.02 -37.18 -51.08
N GLY A 52 -5.54 -38.30 -50.59
CA GLY A 52 -6.97 -38.46 -50.46
C GLY A 52 -7.60 -37.58 -49.39
N MET A 53 -6.78 -36.73 -48.76
CA MET A 53 -7.28 -35.77 -47.79
C MET A 53 -6.82 -34.35 -48.15
N PHE A 54 -6.55 -34.10 -49.43
CA PHE A 54 -6.07 -32.81 -49.89
C PHE A 54 -7.25 -31.85 -50.14
N LEU A 55 -8.00 -31.58 -49.09
CA LEU A 55 -9.09 -30.61 -49.17
C LEU A 55 -8.51 -29.19 -49.26
N ASP A 56 -9.22 -28.32 -49.95
CA ASP A 56 -8.72 -26.97 -50.19
C ASP A 56 -8.58 -26.22 -48.88
N GLY A 57 -7.39 -25.63 -48.68
CA GLY A 57 -7.09 -24.91 -47.45
C GLY A 57 -6.51 -25.76 -46.34
N ALA A 58 -6.52 -27.07 -46.48
CA ALA A 58 -6.00 -27.95 -45.44
C ALA A 58 -4.51 -27.69 -45.23
N HIS A 59 -4.08 -27.82 -43.98
CA HIS A 59 -2.71 -27.53 -43.60
C HIS A 59 -2.23 -28.57 -42.62
N LEU A 60 -0.93 -28.58 -42.38
CA LEU A 60 -0.36 -29.51 -41.40
C LEU A 60 -0.86 -29.17 -40.00
N GLN A 61 -0.75 -30.14 -39.10
CA GLN A 61 -1.05 -29.90 -37.70
C GLN A 61 0.17 -29.52 -36.88
N THR A 62 1.36 -29.59 -37.48
CA THR A 62 2.61 -29.23 -36.84
C THR A 62 3.31 -28.13 -37.63
N PRO A 63 4.08 -27.28 -36.96
CA PRO A 63 4.74 -26.16 -37.65
C PRO A 63 5.75 -26.65 -38.68
N PHE A 64 6.21 -25.71 -39.52
CA PHE A 64 7.02 -26.07 -40.68
C PHE A 64 8.39 -26.59 -40.29
N MET A 65 8.89 -26.26 -39.10
CA MET A 65 10.15 -26.84 -38.65
C MET A 65 10.07 -28.35 -38.47
N SER A 66 8.87 -28.92 -38.49
CA SER A 66 8.69 -30.37 -38.47
C SER A 66 8.88 -30.93 -39.87
N ASP A 67 9.72 -30.29 -40.67
CA ASP A 67 9.96 -30.77 -42.03
C ASP A 67 10.83 -32.01 -41.99
N LEU A 68 11.65 -32.21 -43.01
CA LEU A 68 12.41 -33.44 -43.13
C LEU A 68 13.74 -33.41 -42.41
N VAL A 69 14.25 -32.23 -42.04
CA VAL A 69 15.65 -32.11 -41.65
C VAL A 69 15.89 -31.07 -40.56
N THR A 70 15.10 -30.00 -40.56
CA THR A 70 15.46 -28.79 -39.83
C THR A 70 15.73 -29.08 -38.36
N LEU A 71 14.87 -29.86 -37.71
CA LEU A 71 15.05 -30.11 -36.28
C LEU A 71 16.31 -30.91 -35.96
N ALA A 72 16.95 -31.51 -36.98
CA ALA A 72 18.25 -32.12 -36.82
C ALA A 72 19.39 -31.30 -37.43
N ASP A 73 19.11 -30.49 -38.45
CA ASP A 73 20.12 -29.69 -39.11
C ASP A 73 19.48 -28.55 -39.88
N PRO A 74 19.34 -27.36 -39.28
CA PRO A 74 18.70 -26.24 -39.99
C PRO A 74 19.45 -25.80 -41.23
N THR A 75 20.74 -26.13 -41.35
CA THR A 75 21.53 -25.78 -42.51
C THR A 75 21.35 -26.74 -43.67
N SER A 76 20.48 -27.75 -43.53
CA SER A 76 20.31 -28.74 -44.58
C SER A 76 19.83 -28.07 -45.87
N PRO A 77 20.31 -28.50 -47.03
CA PRO A 77 19.78 -27.98 -48.30
C PRO A 77 18.38 -28.48 -48.60
N TYR A 78 17.86 -29.44 -47.82
CA TYR A 78 16.53 -29.99 -48.02
C TYR A 78 15.52 -29.45 -47.03
N SER A 79 15.78 -28.29 -46.42
CA SER A 79 14.84 -27.70 -45.50
C SER A 79 13.67 -27.10 -46.26
N PHE A 80 12.54 -26.95 -45.55
CA PHE A 80 11.37 -26.34 -46.16
C PHE A 80 11.65 -24.90 -46.58
N LEU A 81 12.37 -24.16 -45.73
CA LEU A 81 12.69 -22.77 -46.07
C LEU A 81 13.58 -22.69 -47.31
N ASN A 82 14.51 -23.63 -47.45
CA ASN A 82 15.33 -23.68 -48.66
C ASN A 82 14.47 -23.99 -49.88
N TYR A 83 13.53 -24.92 -49.72
CA TYR A 83 12.60 -25.23 -50.81
C TYR A 83 11.84 -23.99 -51.24
N LEU A 84 11.38 -23.18 -50.30
CA LEU A 84 10.66 -21.95 -50.65
C LEU A 84 11.59 -20.97 -51.37
N LYS A 85 12.85 -20.92 -50.95
CA LYS A 85 13.81 -19.99 -51.57
C LYS A 85 14.06 -20.36 -53.02
N GLU A 86 14.27 -21.65 -53.29
CA GLU A 86 14.48 -22.09 -54.67
C GLU A 86 13.23 -21.87 -55.51
N LYS A 87 12.05 -22.11 -54.92
CA LYS A 87 10.79 -21.93 -55.64
C LYS A 87 10.43 -20.47 -55.82
N GLY A 88 11.17 -19.54 -55.23
CA GLY A 88 10.83 -18.13 -55.32
C GLY A 88 9.57 -17.78 -54.54
N ARG A 89 9.41 -18.36 -53.37
CA ARG A 89 8.22 -18.14 -52.56
C ARG A 89 8.54 -17.78 -51.11
N LEU A 90 9.82 -17.63 -50.77
CA LEU A 90 10.20 -17.43 -49.37
C LEU A 90 9.67 -16.11 -48.83
N TYR A 91 9.66 -15.06 -49.65
CA TYR A 91 9.35 -13.73 -49.12
C TYR A 91 7.86 -13.59 -48.81
N SER A 92 6.99 -14.10 -49.67
CA SER A 92 5.56 -13.99 -49.39
C SER A 92 5.13 -14.98 -48.32
N PHE A 93 5.79 -16.13 -48.22
CA PHE A 93 5.59 -16.99 -47.05
C PHE A 93 5.99 -16.25 -45.78
N TYR A 94 7.08 -15.48 -45.84
CA TYR A 94 7.46 -14.62 -44.73
C TYR A 94 6.36 -13.61 -44.43
N ILE A 95 5.68 -13.12 -45.47
CA ILE A 95 4.56 -12.21 -45.26
C ILE A 95 3.32 -12.98 -44.79
N ARG A 96 3.16 -14.22 -45.25
CA ARG A 96 2.03 -15.03 -44.80
C ARG A 96 2.05 -15.22 -43.30
N GLU A 97 3.23 -15.38 -42.71
CA GLU A 97 3.41 -15.46 -41.26
C GLU A 97 2.55 -16.58 -40.66
N ASN A 98 2.62 -17.74 -41.28
CA ASN A 98 1.85 -18.91 -40.85
C ASN A 98 2.79 -20.06 -40.61
N PHE A 99 2.79 -20.59 -39.38
CA PHE A 99 3.67 -21.70 -39.05
C PHE A 99 3.33 -22.98 -39.80
N TYR A 100 2.14 -23.07 -40.38
CA TYR A 100 1.62 -24.34 -40.86
C TYR A 100 1.54 -24.39 -42.38
N PRO A 101 2.39 -25.18 -43.03
CA PRO A 101 2.29 -25.30 -44.49
C PRO A 101 1.00 -26.01 -44.88
N LEU A 102 0.50 -25.65 -46.06
CA LEU A 102 -0.65 -26.36 -46.61
C LEU A 102 -0.26 -27.79 -46.96
N ARG A 103 -1.25 -28.68 -46.94
CA ARG A 103 -0.98 -30.08 -47.23
C ARG A 103 -0.40 -30.24 -48.63
N VAL A 104 -0.99 -29.56 -49.61
CA VAL A 104 -0.45 -29.64 -50.98
C VAL A 104 0.96 -29.05 -51.03
N GLU A 105 1.23 -28.05 -50.19
CA GLU A 105 2.56 -27.45 -50.13
C GLU A 105 3.57 -28.45 -49.58
N TYR A 106 3.27 -29.06 -48.43
CA TYR A 106 4.16 -30.06 -47.85
C TYR A 106 4.35 -31.24 -48.79
N ASP A 107 3.32 -31.61 -49.55
CA ASP A 107 3.44 -32.73 -50.47
C ASP A 107 4.39 -32.39 -51.62
N ASP A 108 4.23 -31.21 -52.21
CA ASP A 108 5.14 -30.78 -53.27
C ASP A 108 6.57 -30.64 -52.74
N TYR A 109 6.72 -30.11 -51.53
CA TYR A 109 8.04 -30.02 -50.92
C TYR A 109 8.68 -31.39 -50.78
N CYS A 110 7.89 -32.40 -50.44
CA CYS A 110 8.46 -33.74 -50.26
C CYS A 110 8.92 -34.34 -51.58
N ARG A 111 8.15 -34.15 -52.66
CA ARG A 111 8.58 -34.65 -53.96
C ARG A 111 9.80 -33.90 -54.47
N TRP A 112 9.91 -32.61 -54.14
CA TRP A 112 11.06 -31.83 -54.54
C TRP A 112 12.34 -32.33 -53.87
N ALA A 113 12.25 -32.80 -52.63
CA ALA A 113 13.43 -33.31 -51.95
C ALA A 113 13.80 -34.71 -52.44
N ALA A 114 12.79 -35.56 -52.67
CA ALA A 114 13.09 -36.92 -53.13
C ALA A 114 13.67 -36.91 -54.54
N ASN A 115 13.21 -35.98 -55.38
CA ASN A 115 13.75 -35.88 -56.73
C ASN A 115 15.21 -35.44 -56.73
N LYS A 116 15.63 -34.69 -55.70
CA LYS A 116 17.00 -34.20 -55.60
C LYS A 116 17.98 -35.25 -55.11
N LEU A 117 17.51 -36.39 -54.62
CA LEU A 117 18.39 -37.45 -54.14
C LEU A 117 18.57 -38.52 -55.21
N SER A 118 19.60 -39.35 -55.01
CA SER A 118 19.91 -40.43 -55.93
C SER A 118 19.82 -41.80 -55.27
N SER A 119 19.38 -41.87 -54.02
CA SER A 119 19.36 -43.11 -53.25
C SER A 119 18.00 -43.79 -53.25
N ILE A 120 17.06 -43.31 -54.05
CA ILE A 120 15.66 -43.75 -53.98
C ILE A 120 15.33 -44.55 -55.23
N ARG A 121 14.72 -45.72 -55.04
CA ARG A 121 14.23 -46.55 -56.13
C ARG A 121 12.71 -46.52 -56.09
N PHE A 122 12.10 -45.81 -57.04
CA PHE A 122 10.65 -45.75 -57.12
C PHE A 122 10.10 -46.93 -57.92
N GLY A 123 8.83 -47.23 -57.69
CA GLY A 123 8.18 -48.31 -58.40
C GLY A 123 8.66 -49.70 -58.04
N THR A 124 9.19 -49.89 -56.84
CA THR A 124 9.71 -51.17 -56.39
C THR A 124 8.97 -51.59 -55.12
N THR A 125 8.37 -52.78 -55.13
CA THR A 125 7.63 -53.30 -53.99
C THR A 125 8.40 -54.47 -53.39
N VAL A 126 8.77 -54.35 -52.11
CA VAL A 126 9.47 -55.42 -51.42
C VAL A 126 8.50 -56.55 -51.12
N THR A 127 8.87 -57.76 -51.54
CA THR A 127 8.02 -58.93 -51.39
C THR A 127 8.49 -59.92 -50.33
N GLU A 128 9.80 -59.97 -50.05
CA GLU A 128 10.33 -60.99 -49.16
C GLU A 128 11.65 -60.52 -48.58
N VAL A 129 11.86 -60.81 -47.30
CA VAL A 129 13.11 -60.54 -46.60
C VAL A 129 13.46 -61.77 -45.76
N ARG A 130 14.67 -62.30 -45.96
CA ARG A 130 15.22 -63.34 -45.09
C ARG A 130 16.65 -62.95 -44.73
N TYR A 131 17.29 -63.77 -43.90
CA TYR A 131 18.59 -63.48 -43.33
C TYR A 131 19.58 -64.55 -43.74
N GLU A 132 20.61 -64.14 -44.49
CA GLU A 132 21.56 -65.08 -45.09
C GLU A 132 22.96 -64.47 -45.08
N ASP A 133 23.95 -65.28 -44.68
CA ASP A 133 25.36 -64.89 -44.63
C ASP A 133 25.56 -63.61 -43.82
N ASP A 134 24.94 -63.55 -42.65
CA ASP A 134 25.03 -62.38 -41.77
C ASP A 134 24.61 -61.11 -42.51
N LEU A 135 23.58 -61.24 -43.35
CA LEU A 135 23.08 -60.13 -44.14
C LEU A 135 21.58 -60.25 -44.25
N TYR A 136 20.92 -59.11 -44.47
CA TYR A 136 19.50 -59.10 -44.79
C TYR A 136 19.35 -59.02 -46.29
N VAL A 137 18.65 -59.99 -46.87
CA VAL A 137 18.32 -59.95 -48.29
C VAL A 137 16.91 -59.41 -48.41
N VAL A 138 16.68 -58.60 -49.44
CA VAL A 138 15.35 -58.09 -49.75
C VAL A 138 15.09 -58.30 -51.23
N THR A 139 13.93 -58.85 -51.55
CA THR A 139 13.54 -59.15 -52.93
C THR A 139 12.33 -58.31 -53.29
N THR A 140 12.35 -57.76 -54.50
CA THR A 140 11.28 -56.91 -54.99
C THR A 140 10.32 -57.73 -55.86
N SER A 141 9.23 -57.09 -56.27
CA SER A 141 8.26 -57.77 -57.13
C SER A 141 8.87 -58.10 -58.49
N ALA A 142 9.71 -57.20 -59.02
CA ALA A 142 10.38 -57.47 -60.29
C ALA A 142 11.36 -58.63 -60.18
N GLY A 143 11.82 -58.94 -58.97
CA GLY A 143 12.81 -59.98 -58.75
C GLY A 143 14.20 -59.47 -58.44
N ASP A 144 14.39 -58.16 -58.36
CA ASP A 144 15.71 -57.61 -58.07
C ASP A 144 16.05 -57.81 -56.61
N VAL A 145 17.35 -57.99 -56.34
CA VAL A 145 17.84 -58.34 -55.01
C VAL A 145 18.69 -57.19 -54.49
N TYR A 146 18.48 -56.81 -53.24
CA TYR A 146 19.29 -55.83 -52.55
C TYR A 146 19.73 -56.41 -51.21
N ARG A 147 20.99 -56.17 -50.86
CA ARG A 147 21.59 -56.77 -49.67
C ARG A 147 22.19 -55.69 -48.79
N ALA A 148 22.03 -55.87 -47.48
CA ALA A 148 22.60 -54.99 -46.47
C ALA A 148 22.40 -55.66 -45.12
N ARG A 149 23.18 -55.22 -44.13
CA ARG A 149 23.06 -55.76 -42.77
C ARG A 149 22.02 -55.03 -41.95
N HIS A 150 21.60 -53.84 -42.37
CA HIS A 150 20.62 -53.06 -41.64
C HIS A 150 19.36 -52.83 -42.48
N LEU A 151 18.22 -52.81 -41.82
CA LEU A 151 16.92 -52.50 -42.43
C LEU A 151 16.28 -51.34 -41.69
N VAL A 152 15.62 -50.46 -42.43
CA VAL A 152 14.81 -49.40 -41.85
C VAL A 152 13.41 -49.54 -42.42
N LEU A 153 12.45 -49.86 -41.55
CA LEU A 153 11.08 -50.17 -41.96
C LEU A 153 10.22 -48.92 -41.82
N GLY A 154 9.89 -48.31 -42.95
CA GLY A 154 9.00 -47.16 -42.95
C GLY A 154 7.86 -47.36 -43.92
N THR A 155 7.01 -48.35 -43.65
CA THR A 155 5.89 -48.69 -44.52
C THR A 155 4.59 -48.00 -44.12
N GLY A 156 4.61 -47.13 -43.11
CA GLY A 156 3.41 -46.44 -42.71
C GLY A 156 2.41 -47.37 -42.05
N THR A 157 1.19 -46.85 -41.89
CA THR A 157 0.08 -47.57 -41.26
C THR A 157 -1.11 -47.57 -42.21
N PRO A 158 -1.52 -48.72 -42.74
CA PRO A 158 -2.65 -48.77 -43.67
C PRO A 158 -3.96 -48.36 -42.99
N PRO A 159 -5.00 -48.06 -43.77
CA PRO A 159 -6.28 -47.69 -43.15
C PRO A 159 -6.88 -48.82 -42.34
N TYR A 160 -7.62 -48.46 -41.30
CA TYR A 160 -8.31 -49.41 -40.44
C TYR A 160 -9.80 -49.42 -40.78
N ILE A 161 -10.38 -50.61 -40.83
CA ILE A 161 -11.81 -50.76 -41.10
C ILE A 161 -12.42 -51.59 -39.97
N PRO A 162 -13.48 -51.09 -39.32
CA PRO A 162 -14.12 -51.88 -38.26
C PRO A 162 -14.68 -53.19 -38.79
N GLU A 163 -14.72 -54.19 -37.91
CA GLU A 163 -15.19 -55.51 -38.34
C GLU A 163 -16.66 -55.49 -38.75
N ALA A 164 -17.43 -54.49 -38.28
CA ALA A 164 -18.81 -54.35 -38.74
C ALA A 164 -18.88 -53.97 -40.22
N CYS A 165 -17.78 -53.53 -40.81
CA CYS A 165 -17.75 -53.10 -42.19
C CYS A 165 -16.95 -54.04 -43.08
N GLN A 166 -16.34 -55.08 -42.52
CA GLN A 166 -15.61 -56.04 -43.33
C GLN A 166 -16.59 -56.85 -44.16
N GLY A 167 -16.33 -56.93 -45.46
CA GLY A 167 -17.23 -57.60 -46.37
C GLY A 167 -18.49 -56.82 -46.68
N LEU A 168 -18.43 -55.49 -46.57
CA LEU A 168 -19.59 -54.65 -46.81
C LEU A 168 -19.68 -54.29 -48.28
N ASP A 169 -20.91 -54.26 -48.80
CA ASP A 169 -21.15 -53.92 -50.20
C ASP A 169 -21.30 -52.41 -50.35
N GLY A 170 -21.49 -51.98 -51.60
CA GLY A 170 -21.76 -50.58 -51.87
C GLY A 170 -20.51 -49.76 -52.12
N ASP A 171 -20.70 -48.45 -52.09
CA ASP A 171 -19.65 -47.48 -52.43
C ASP A 171 -19.12 -46.73 -51.20
N PHE A 172 -19.14 -47.37 -50.04
CA PHE A 172 -18.59 -46.75 -48.85
C PHE A 172 -17.08 -46.62 -48.95
N ILE A 173 -16.55 -45.54 -48.38
CA ILE A 173 -15.13 -45.24 -48.47
C ILE A 173 -14.56 -44.99 -47.08
N HIS A 174 -13.27 -45.28 -46.95
CA HIS A 174 -12.46 -44.76 -45.85
C HIS A 174 -12.07 -43.33 -46.16
N ASN A 175 -11.88 -42.53 -45.11
CA ASN A 175 -11.60 -41.11 -45.31
C ASN A 175 -10.36 -40.87 -46.14
N SER A 176 -9.46 -41.86 -46.22
CA SER A 176 -8.23 -41.70 -46.99
C SER A 176 -8.46 -41.57 -48.49
N ARG A 177 -9.69 -41.71 -48.96
CA ARG A 177 -10.00 -41.60 -50.38
C ARG A 177 -11.16 -40.64 -50.61
N TYR A 178 -11.28 -39.62 -49.76
CA TYR A 178 -12.44 -38.74 -49.81
C TYR A 178 -12.43 -37.84 -51.03
N VAL A 179 -11.26 -37.28 -51.38
CA VAL A 179 -11.21 -36.33 -52.49
C VAL A 179 -11.69 -36.97 -53.78
N GLN A 180 -11.30 -38.23 -54.01
CA GLN A 180 -11.63 -38.91 -55.25
C GLN A 180 -13.11 -39.29 -55.34
N HIS A 181 -13.80 -39.35 -54.20
CA HIS A 181 -15.20 -39.75 -54.16
C HIS A 181 -16.14 -38.62 -53.78
N ARG A 182 -15.62 -37.39 -53.62
CA ARG A 182 -16.45 -36.30 -53.15
C ARG A 182 -17.56 -35.96 -54.14
N SER A 183 -17.24 -35.93 -55.44
CA SER A 183 -18.22 -35.50 -56.44
C SER A 183 -19.43 -36.43 -56.49
N GLU A 184 -19.25 -37.71 -56.14
CA GLU A 184 -20.38 -38.62 -56.10
C GLU A 184 -21.10 -38.64 -54.76
N LEU A 185 -20.38 -38.33 -53.67
CA LEU A 185 -21.03 -38.26 -52.36
C LEU A 185 -22.05 -37.12 -52.32
N VAL A 186 -21.68 -35.95 -52.84
CA VAL A 186 -22.57 -34.80 -52.75
C VAL A 186 -23.82 -34.98 -53.61
N LYS A 187 -23.84 -35.98 -54.50
CA LYS A 187 -25.03 -36.23 -55.29
C LYS A 187 -26.09 -36.97 -54.52
N LYS A 188 -25.74 -37.58 -53.40
CA LYS A 188 -26.66 -38.45 -52.67
C LYS A 188 -27.64 -37.64 -51.82
N GLU A 189 -28.59 -38.35 -51.23
CA GLU A 189 -29.55 -37.76 -50.32
C GLU A 189 -29.08 -37.78 -48.87
N SER A 190 -28.18 -38.70 -48.53
CA SER A 190 -27.78 -38.90 -47.14
C SER A 190 -26.30 -39.27 -47.07
N ILE A 191 -25.55 -38.60 -46.22
CA ILE A 191 -24.16 -38.93 -45.97
C ILE A 191 -23.96 -39.09 -44.47
N THR A 192 -23.24 -40.13 -44.07
CA THR A 192 -22.98 -40.41 -42.67
C THR A 192 -21.50 -40.64 -42.46
N ILE A 193 -20.92 -39.93 -41.50
CA ILE A 193 -19.51 -40.02 -41.16
C ILE A 193 -19.39 -40.76 -39.83
N VAL A 194 -18.50 -41.75 -39.79
CA VAL A 194 -18.28 -42.57 -38.60
C VAL A 194 -16.89 -42.25 -38.06
N GLY A 195 -16.79 -42.18 -36.73
CA GLY A 195 -15.53 -41.85 -36.09
C GLY A 195 -15.33 -40.36 -35.93
N SER A 196 -14.38 -40.00 -35.07
CA SER A 196 -13.99 -38.62 -34.87
C SER A 196 -12.49 -38.48 -35.11
N GLY A 197 -12.01 -37.25 -35.04
CA GLY A 197 -10.64 -36.92 -35.37
C GLY A 197 -10.58 -35.79 -36.38
N GLN A 198 -9.34 -35.35 -36.63
CA GLN A 198 -9.12 -34.20 -37.51
C GLN A 198 -9.76 -34.42 -38.88
N SER A 199 -9.46 -35.57 -39.49
CA SER A 199 -9.98 -35.84 -40.84
C SER A 199 -11.50 -35.91 -40.85
N ALA A 200 -12.09 -36.55 -39.85
CA ALA A 200 -13.54 -36.62 -39.78
C ALA A 200 -14.16 -35.23 -39.71
N ALA A 201 -13.55 -34.32 -38.94
CA ALA A 201 -14.10 -32.98 -38.80
C ALA A 201 -13.87 -32.15 -40.04
N GLU A 202 -12.71 -32.31 -40.68
CA GLU A 202 -12.45 -31.61 -41.94
C GLU A 202 -13.48 -32.00 -42.99
N ILE A 203 -13.84 -33.28 -43.05
CA ILE A 203 -14.83 -33.75 -44.01
C ILE A 203 -16.22 -33.21 -43.66
N TYR A 204 -16.57 -33.21 -42.38
CA TYR A 204 -17.88 -32.73 -41.98
C TYR A 204 -18.05 -31.25 -42.31
N GLN A 205 -17.02 -30.44 -42.03
CA GLN A 205 -17.11 -29.01 -42.33
C GLN A 205 -17.18 -28.78 -43.84
N ASP A 206 -16.48 -29.59 -44.62
CA ASP A 206 -16.53 -29.47 -46.07
C ASP A 206 -17.94 -29.71 -46.59
N LEU A 207 -18.59 -30.77 -46.11
CA LEU A 207 -19.93 -31.10 -46.60
C LEU A 207 -20.98 -30.16 -45.99
N LEU A 208 -20.81 -29.77 -44.74
CA LEU A 208 -21.77 -28.86 -44.12
C LEU A 208 -21.77 -27.51 -44.82
N GLY A 209 -20.62 -27.09 -45.35
CA GLY A 209 -20.53 -25.82 -46.04
C GLY A 209 -21.36 -25.76 -47.30
N GLU A 210 -21.71 -26.91 -47.86
CA GLU A 210 -22.50 -26.98 -49.09
C GLU A 210 -23.79 -27.77 -48.87
N ILE A 211 -24.31 -27.74 -47.64
CA ILE A 211 -25.49 -28.56 -47.33
C ILE A 211 -26.75 -27.97 -47.95
N ASP A 212 -26.78 -26.66 -48.18
CA ASP A 212 -27.96 -26.00 -48.74
C ASP A 212 -27.86 -25.81 -50.26
N VAL A 213 -26.88 -26.45 -50.91
CA VAL A 213 -26.85 -26.48 -52.36
C VAL A 213 -27.10 -27.88 -52.91
N HIS A 214 -26.74 -28.93 -52.16
CA HIS A 214 -27.01 -30.30 -52.57
C HIS A 214 -28.20 -30.92 -51.85
N GLY A 215 -28.54 -30.41 -50.66
CA GLY A 215 -29.74 -30.82 -49.96
C GLY A 215 -29.66 -32.17 -49.27
N TYR A 216 -28.47 -32.70 -49.03
CA TYR A 216 -28.38 -34.00 -48.39
C TYR A 216 -28.51 -33.88 -46.88
N ARG A 217 -28.79 -35.01 -46.24
CA ARG A 217 -28.70 -35.11 -44.79
C ARG A 217 -27.28 -35.53 -44.41
N LEU A 218 -26.76 -34.89 -43.37
CA LEU A 218 -25.36 -35.05 -42.97
C LEU A 218 -25.32 -35.58 -41.54
N ASN A 219 -24.81 -36.79 -41.38
CA ASN A 219 -24.73 -37.44 -40.07
C ASN A 219 -23.28 -37.61 -39.66
N TRP A 220 -22.96 -37.20 -38.43
CA TRP A 220 -21.64 -37.39 -37.85
C TRP A 220 -21.79 -38.16 -36.55
N VAL A 221 -21.33 -39.41 -36.54
CA VAL A 221 -21.48 -40.31 -35.41
C VAL A 221 -20.10 -40.74 -34.95
N THR A 222 -19.84 -40.60 -33.65
CA THR A 222 -18.55 -40.96 -33.09
C THR A 222 -18.76 -41.68 -31.77
N ARG A 223 -17.83 -42.58 -31.44
CA ARG A 223 -17.88 -43.29 -30.18
C ARG A 223 -17.30 -42.49 -29.02
N SER A 224 -16.46 -41.50 -29.32
CA SER A 224 -15.85 -40.72 -28.25
C SER A 224 -16.92 -39.93 -27.50
N PRO A 225 -16.77 -39.75 -26.18
CA PRO A 225 -17.80 -39.03 -25.43
C PRO A 225 -17.83 -37.53 -25.72
N ARG A 226 -16.73 -36.97 -26.21
CA ARG A 226 -16.64 -35.55 -26.53
C ARG A 226 -16.02 -35.40 -27.90
N PHE A 227 -16.06 -34.17 -28.41
CA PHE A 227 -15.29 -33.81 -29.59
C PHE A 227 -13.97 -33.26 -29.08
N PHE A 228 -13.01 -34.16 -28.91
CA PHE A 228 -11.77 -33.81 -28.23
C PHE A 228 -10.98 -32.79 -29.04
N PRO A 229 -10.44 -31.76 -28.40
CA PRO A 229 -9.47 -30.89 -29.07
C PRO A 229 -8.08 -31.51 -29.04
N LEU A 230 -7.29 -31.18 -30.06
CA LEU A 230 -5.90 -31.63 -30.08
C LEU A 230 -5.15 -31.02 -28.90
N GLU A 231 -4.50 -31.88 -28.11
CA GLU A 231 -3.80 -31.45 -26.90
C GLU A 231 -2.52 -30.72 -27.30
N TYR A 232 -2.67 -29.43 -27.62
CA TYR A 232 -1.58 -28.63 -28.15
C TYR A 232 -1.24 -27.42 -27.28
N THR A 233 -1.53 -27.50 -25.98
CA THR A 233 -1.02 -26.51 -25.06
C THR A 233 0.44 -26.82 -24.72
N LYS A 234 1.22 -25.76 -24.51
CA LYS A 234 2.67 -25.89 -24.60
C LYS A 234 3.24 -26.74 -23.46
N LEU A 235 2.60 -26.75 -22.29
CA LEU A 235 3.09 -27.62 -21.23
C LEU A 235 2.84 -29.09 -21.55
N THR A 236 1.74 -29.40 -22.24
CA THR A 236 1.52 -30.75 -22.72
C THR A 236 2.48 -31.09 -23.86
N LEU A 237 2.75 -30.12 -24.73
CA LEU A 237 3.64 -30.38 -25.86
C LEU A 237 5.05 -30.73 -25.43
N GLU A 238 5.42 -30.46 -24.18
CA GLU A 238 6.70 -30.94 -23.68
C GLU A 238 6.72 -32.45 -23.51
N MET A 239 5.58 -33.12 -23.61
CA MET A 239 5.56 -34.58 -23.49
C MET A 239 6.10 -35.26 -24.75
N THR A 240 6.09 -34.58 -25.90
CA THR A 240 6.80 -35.11 -27.06
C THR A 240 8.23 -34.59 -27.01
N SER A 241 9.04 -35.28 -26.21
CA SER A 241 10.41 -34.86 -25.92
C SER A 241 11.25 -36.11 -25.69
N PRO A 242 12.58 -36.00 -25.81
CA PRO A 242 13.41 -37.19 -25.55
C PRO A 242 13.34 -37.67 -24.11
N GLU A 243 13.19 -36.75 -23.14
CA GLU A 243 13.20 -37.16 -21.74
C GLU A 243 11.91 -37.87 -21.36
N TYR A 244 10.79 -37.56 -22.02
CA TYR A 244 9.55 -38.25 -21.70
C TYR A 244 9.57 -39.68 -22.20
N ILE A 245 9.98 -39.89 -23.46
CA ILE A 245 10.05 -41.26 -23.96
C ILE A 245 11.20 -42.03 -23.33
N ASP A 246 12.18 -41.33 -22.75
CA ASP A 246 13.11 -41.99 -21.84
C ASP A 246 12.37 -42.49 -20.61
N TYR A 247 11.47 -41.66 -20.07
CA TYR A 247 10.66 -42.06 -18.93
C TYR A 247 9.59 -43.06 -19.34
N TYR A 248 8.94 -42.81 -20.48
CA TYR A 248 7.83 -43.67 -20.92
C TYR A 248 8.30 -45.09 -21.19
N ARG A 249 9.40 -45.24 -21.93
CA ARG A 249 9.83 -46.55 -22.38
C ARG A 249 10.21 -47.46 -21.22
N GLU A 250 10.69 -46.89 -20.12
CA GLU A 250 11.13 -47.67 -18.96
C GLU A 250 9.98 -47.99 -18.00
N LEU A 251 8.73 -47.78 -18.41
CA LEU A 251 7.58 -48.08 -17.58
C LEU A 251 7.12 -49.52 -17.82
N PRO A 252 6.40 -50.11 -16.88
CA PRO A 252 5.85 -51.45 -17.10
C PRO A 252 4.98 -51.48 -18.36
N GLU A 253 5.08 -52.59 -19.10
CA GLU A 253 4.38 -52.71 -20.37
C GLU A 253 2.87 -52.60 -20.21
N ALA A 254 2.32 -53.09 -19.10
CA ALA A 254 0.88 -52.98 -18.88
C ALA A 254 0.46 -51.52 -18.72
N THR A 255 1.25 -50.73 -18.00
CA THR A 255 0.96 -49.30 -17.85
C THR A 255 1.09 -48.58 -19.18
N ARG A 256 2.07 -48.97 -20.00
CA ARG A 256 2.26 -48.34 -21.30
C ARG A 256 1.09 -48.62 -22.22
N TYR A 257 0.67 -49.89 -22.31
CA TYR A 257 -0.47 -50.23 -23.15
C TYR A 257 -1.75 -49.59 -22.63
N ARG A 258 -1.85 -49.38 -21.31
CA ARG A 258 -3.01 -48.71 -20.77
C ARG A 258 -3.07 -47.25 -21.23
N LEU A 259 -1.97 -46.51 -21.05
CA LEU A 259 -1.95 -45.10 -21.45
C LEU A 259 -2.09 -44.94 -22.96
N THR A 260 -1.61 -45.92 -23.74
CA THR A 260 -1.83 -45.88 -25.19
C THR A 260 -3.32 -45.99 -25.52
N ALA A 261 -4.05 -46.82 -24.77
CA ALA A 261 -5.47 -47.01 -25.05
C ALA A 261 -6.28 -45.77 -24.66
N GLU A 262 -5.99 -45.16 -23.51
CA GLU A 262 -6.74 -43.98 -23.08
C GLU A 262 -6.46 -42.75 -23.92
N GLN A 263 -5.44 -42.78 -24.78
CA GLN A 263 -5.04 -41.60 -25.52
C GLN A 263 -6.21 -41.05 -26.34
N LYS A 264 -6.53 -39.77 -26.13
CA LYS A 264 -7.67 -39.14 -26.76
C LYS A 264 -7.28 -38.28 -27.96
N GLY A 265 -6.48 -37.23 -27.72
CA GLY A 265 -6.20 -36.25 -28.75
C GLY A 265 -5.29 -36.73 -29.86
N LEU A 266 -4.48 -37.76 -29.60
CA LEU A 266 -3.49 -38.24 -30.55
C LEU A 266 -4.09 -38.54 -31.93
N PHE A 267 -4.94 -39.56 -32.00
CA PHE A 267 -5.60 -39.93 -33.25
C PHE A 267 -7.06 -39.52 -33.30
N LYS A 268 -7.69 -39.24 -32.16
CA LYS A 268 -9.11 -38.92 -32.10
C LYS A 268 -9.36 -37.47 -31.72
N GLY A 269 -8.36 -36.61 -31.85
CA GLY A 269 -8.47 -35.21 -31.49
C GLY A 269 -8.65 -34.31 -32.70
N ILE A 270 -9.44 -33.25 -32.51
CA ILE A 270 -9.70 -32.27 -33.55
C ILE A 270 -9.01 -30.97 -33.18
N ASP A 271 -8.53 -30.24 -34.19
CA ASP A 271 -8.03 -28.90 -33.96
C ASP A 271 -9.13 -28.04 -33.35
N GLY A 272 -8.83 -27.43 -32.20
CA GLY A 272 -9.81 -26.61 -31.51
C GLY A 272 -10.37 -25.49 -32.36
N ASP A 273 -9.54 -24.91 -33.23
CA ASP A 273 -10.03 -23.88 -34.14
C ASP A 273 -11.06 -24.46 -35.10
N LEU A 274 -10.87 -25.71 -35.53
CA LEU A 274 -11.82 -26.34 -36.44
C LEU A 274 -13.14 -26.65 -35.74
N ILE A 275 -13.07 -27.08 -34.47
CA ILE A 275 -14.30 -27.28 -33.70
C ILE A 275 -15.09 -25.99 -33.63
N ASN A 276 -14.41 -24.86 -33.40
CA ASN A 276 -15.11 -23.60 -33.21
C ASN A 276 -15.73 -23.10 -34.52
N GLU A 277 -15.00 -23.24 -35.63
CA GLU A 277 -15.56 -22.82 -36.91
C GLU A 277 -16.68 -23.73 -37.37
N ILE A 278 -16.70 -24.98 -36.91
CA ILE A 278 -17.83 -25.86 -37.20
C ILE A 278 -19.08 -25.35 -36.49
N PHE A 279 -18.95 -25.02 -35.21
CA PHE A 279 -20.09 -24.46 -34.47
C PHE A 279 -20.55 -23.15 -35.09
N ASP A 280 -19.60 -22.28 -35.45
CA ASP A 280 -19.96 -21.02 -36.09
C ASP A 280 -20.70 -21.27 -37.39
N LEU A 281 -20.29 -22.29 -38.16
CA LEU A 281 -20.95 -22.58 -39.42
C LEU A 281 -22.34 -23.14 -39.20
N LEU A 282 -22.52 -23.97 -38.15
CA LEU A 282 -23.86 -24.42 -37.80
C LEU A 282 -24.72 -23.25 -37.37
N TYR A 283 -24.14 -22.30 -36.65
CA TYR A 283 -24.89 -21.11 -36.23
C TYR A 283 -25.31 -20.28 -37.43
N GLN A 284 -24.45 -20.20 -38.45
CA GLN A 284 -24.75 -19.37 -39.62
C GLN A 284 -25.84 -20.00 -40.48
N LYS A 285 -25.73 -21.31 -40.73
CA LYS A 285 -26.73 -21.98 -41.56
C LYS A 285 -28.08 -22.04 -40.86
N ASN A 286 -28.08 -22.19 -39.53
CA ASN A 286 -29.34 -22.34 -38.80
C ASN A 286 -30.19 -21.08 -38.85
N LEU A 287 -29.60 -19.92 -39.17
CA LEU A 287 -30.39 -18.71 -39.30
C LEU A 287 -31.42 -18.84 -40.40
N ALA A 288 -31.06 -19.51 -41.50
CA ALA A 288 -31.94 -19.66 -42.64
C ALA A 288 -32.99 -20.75 -42.46
N GLY A 289 -33.06 -21.35 -41.28
CA GLY A 289 -33.99 -22.43 -41.02
C GLY A 289 -33.28 -23.65 -40.49
N PRO A 290 -34.05 -24.70 -40.18
CA PRO A 290 -33.43 -25.93 -39.67
C PRO A 290 -32.48 -26.55 -40.68
N VAL A 291 -31.34 -26.99 -40.20
CA VAL A 291 -30.30 -27.61 -41.01
C VAL A 291 -30.37 -29.12 -40.80
N PRO A 292 -30.55 -29.92 -41.85
CA PRO A 292 -30.74 -31.38 -41.69
C PRO A 292 -29.43 -32.11 -41.41
N THR A 293 -28.92 -31.96 -40.19
CA THR A 293 -27.69 -32.64 -39.80
C THR A 293 -27.78 -33.06 -38.34
N ARG A 294 -27.03 -34.11 -38.00
CA ARG A 294 -27.06 -34.69 -36.66
C ARG A 294 -25.65 -34.97 -36.19
N LEU A 295 -25.33 -34.53 -34.97
CA LEU A 295 -24.04 -34.78 -34.34
C LEU A 295 -24.26 -35.65 -33.12
N LEU A 296 -23.85 -36.90 -33.20
CA LEU A 296 -24.06 -37.87 -32.13
C LEU A 296 -22.73 -38.34 -31.57
N THR A 297 -22.69 -38.52 -30.25
CA THR A 297 -21.49 -39.00 -29.58
C THR A 297 -21.85 -40.22 -28.73
N ASN A 298 -20.83 -40.80 -28.11
CA ASN A 298 -20.99 -41.99 -27.26
C ASN A 298 -21.66 -43.13 -28.02
N SER A 299 -21.47 -43.19 -29.33
CA SER A 299 -22.19 -44.13 -30.18
C SER A 299 -21.21 -45.03 -30.90
N SER A 300 -21.36 -46.34 -30.71
CA SER A 300 -20.53 -47.32 -31.38
C SER A 300 -21.29 -47.96 -32.54
N LEU A 301 -20.60 -48.15 -33.65
CA LEU A 301 -21.16 -48.83 -34.81
C LEU A 301 -20.94 -50.33 -34.66
N ASN A 302 -22.03 -51.09 -34.58
CA ASN A 302 -21.92 -52.52 -34.34
C ASN A 302 -22.41 -53.38 -35.50
N SER A 303 -23.21 -52.85 -36.42
CA SER A 303 -23.62 -53.60 -37.58
C SER A 303 -23.87 -52.66 -38.74
N ALA A 304 -23.65 -53.16 -39.96
CA ALA A 304 -23.86 -52.38 -41.17
C ALA A 304 -24.22 -53.33 -42.31
N ARG A 305 -25.16 -52.91 -43.15
CA ARG A 305 -25.58 -53.72 -44.28
C ARG A 305 -26.02 -52.81 -45.42
N HIS A 306 -26.03 -53.36 -46.64
CA HIS A 306 -26.30 -52.61 -47.85
C HIS A 306 -27.44 -53.26 -48.62
N GLU A 307 -28.47 -52.48 -48.94
CA GLU A 307 -29.57 -52.98 -49.77
C GLU A 307 -30.10 -51.85 -50.63
N ASN A 308 -30.03 -52.04 -51.95
CA ASN A 308 -30.53 -51.08 -52.93
C ASN A 308 -29.99 -49.68 -52.69
N GLY A 309 -28.65 -49.59 -52.73
CA GLY A 309 -27.98 -48.31 -52.69
C GLY A 309 -28.05 -47.55 -51.39
N THR A 310 -28.53 -48.16 -50.30
CA THR A 310 -28.64 -47.48 -49.02
C THR A 310 -28.08 -48.36 -47.90
N TYR A 311 -27.28 -47.76 -47.02
CA TYR A 311 -26.75 -48.42 -45.85
C TYR A 311 -27.69 -48.26 -44.66
N THR A 312 -27.89 -49.33 -43.91
CA THR A 312 -28.57 -49.27 -42.62
C THR A 312 -27.56 -49.65 -41.55
N LEU A 313 -27.28 -48.72 -40.65
CA LEU A 313 -26.23 -48.88 -39.66
C LEU A 313 -26.84 -48.95 -38.27
N ALA A 314 -26.49 -49.99 -37.52
CA ALA A 314 -27.00 -50.21 -36.17
C ALA A 314 -25.99 -49.69 -35.16
N PHE A 315 -26.37 -48.66 -34.42
CA PHE A 315 -25.52 -48.05 -33.41
C PHE A 315 -26.04 -48.36 -32.01
N ARG A 316 -25.16 -48.24 -31.02
CA ARG A 316 -25.53 -48.34 -29.61
C ARG A 316 -24.91 -47.17 -28.86
N GLN A 317 -25.77 -46.34 -28.29
CA GLN A 317 -25.30 -45.30 -27.36
C GLN A 317 -24.81 -45.99 -26.10
N GLU A 318 -23.49 -46.22 -26.03
CA GLU A 318 -22.95 -47.09 -24.99
C GLU A 318 -23.23 -46.54 -23.59
N GLU A 319 -23.05 -45.23 -23.40
CA GLU A 319 -23.23 -44.65 -22.07
C GLU A 319 -24.69 -44.70 -21.64
N GLN A 320 -25.61 -44.38 -22.55
CA GLN A 320 -27.03 -44.43 -22.25
C GLN A 320 -27.58 -45.85 -22.24
N GLY A 321 -26.89 -46.79 -22.87
CA GLY A 321 -27.40 -48.14 -22.97
C GLY A 321 -28.65 -48.29 -23.83
N LYS A 322 -28.67 -47.64 -24.98
CA LYS A 322 -29.82 -47.72 -25.89
C LYS A 322 -29.33 -47.86 -27.32
N ASP A 323 -30.11 -48.57 -28.13
CA ASP A 323 -29.78 -48.80 -29.53
C ASP A 323 -30.58 -47.87 -30.43
N PHE A 324 -30.09 -47.71 -31.66
CA PHE A 324 -30.75 -46.92 -32.68
C PHE A 324 -30.05 -47.18 -34.01
N GLU A 325 -30.79 -46.95 -35.10
CA GLU A 325 -30.30 -47.21 -36.44
C GLU A 325 -30.42 -45.97 -37.30
N ILE A 326 -29.55 -45.86 -38.30
CA ILE A 326 -29.54 -44.77 -39.25
C ILE A 326 -29.45 -45.35 -40.64
N GLU A 327 -30.26 -44.82 -41.56
CA GLU A 327 -30.22 -45.19 -42.97
C GLU A 327 -29.59 -44.06 -43.77
N SER A 328 -28.58 -44.39 -44.56
CA SER A 328 -27.85 -43.38 -45.31
C SER A 328 -27.33 -43.99 -46.60
N GLN A 329 -27.38 -43.21 -47.68
CA GLN A 329 -26.87 -43.67 -48.96
C GLN A 329 -25.36 -43.61 -49.04
N GLY A 330 -24.73 -42.68 -48.32
CA GLY A 330 -23.29 -42.52 -48.35
C GLY A 330 -22.69 -42.79 -46.98
N LEU A 331 -21.59 -43.52 -46.95
CA LEU A 331 -20.93 -43.88 -45.71
C LEU A 331 -19.44 -43.58 -45.84
N VAL A 332 -18.94 -42.67 -45.00
CA VAL A 332 -17.53 -42.33 -44.95
C VAL A 332 -16.98 -42.81 -43.61
N LEU A 333 -16.01 -43.71 -43.67
CA LEU A 333 -15.40 -44.30 -42.47
C LEU A 333 -14.12 -43.55 -42.16
N ALA A 334 -14.20 -42.61 -41.21
CA ALA A 334 -13.01 -41.91 -40.73
C ALA A 334 -12.48 -42.60 -39.47
N THR A 335 -12.21 -43.90 -39.63
CA THR A 335 -11.89 -44.76 -38.49
C THR A 335 -10.40 -44.95 -38.30
N GLY A 336 -9.60 -43.99 -38.75
CA GLY A 336 -8.19 -44.05 -38.44
C GLY A 336 -7.42 -45.12 -39.22
N TYR A 337 -6.22 -45.40 -38.70
CA TYR A 337 -5.28 -46.31 -39.31
C TYR A 337 -4.70 -47.22 -38.23
N LYS A 338 -4.13 -48.36 -38.64
CA LYS A 338 -3.52 -49.29 -37.71
C LYS A 338 -2.43 -50.08 -38.42
N TYR A 339 -1.29 -50.26 -37.75
CA TYR A 339 -0.17 -51.00 -38.32
C TYR A 339 -0.41 -52.51 -38.26
N ALA A 340 -0.06 -53.19 -39.33
CA ALA A 340 -0.07 -54.65 -39.37
C ALA A 340 1.28 -55.13 -39.87
N GLU A 341 1.80 -56.17 -39.23
CA GLU A 341 3.11 -56.70 -39.62
C GLU A 341 3.08 -57.13 -41.07
N PRO A 342 3.86 -56.50 -41.95
CA PRO A 342 3.83 -56.87 -43.37
C PRO A 342 4.29 -58.30 -43.59
N GLU A 343 3.67 -58.97 -44.57
CA GLU A 343 3.94 -60.38 -44.80
C GLU A 343 5.35 -60.63 -45.31
N PHE A 344 6.05 -59.60 -45.81
CA PHE A 344 7.40 -59.84 -46.29
C PHE A 344 8.39 -60.05 -45.16
N LEU A 345 7.97 -59.96 -43.90
CA LEU A 345 8.84 -60.21 -42.76
C LEU A 345 8.69 -61.63 -42.22
N ALA A 346 7.98 -62.50 -42.94
CA ALA A 346 7.74 -63.85 -42.43
C ALA A 346 9.02 -64.68 -42.33
N PRO A 347 9.89 -64.74 -43.34
CA PRO A 347 11.09 -65.58 -43.22
C PRO A 347 12.07 -65.11 -42.16
N VAL A 348 11.90 -63.89 -41.63
CA VAL A 348 12.81 -63.32 -40.65
C VAL A 348 12.12 -63.10 -39.31
N LYS A 349 10.92 -63.67 -39.13
CA LYS A 349 10.20 -63.53 -37.86
C LYS A 349 11.01 -64.05 -36.70
N ASP A 350 11.91 -65.01 -36.94
CA ASP A 350 12.73 -65.57 -35.88
C ASP A 350 13.70 -64.56 -35.28
N ARG A 351 13.98 -63.47 -35.99
CA ARG A 351 14.99 -62.50 -35.57
C ARG A 351 14.39 -61.22 -35.00
N LEU A 352 13.07 -61.16 -34.84
CA LEU A 352 12.40 -59.95 -34.40
C LEU A 352 11.85 -60.13 -32.99
N VAL A 353 11.87 -59.04 -32.21
CA VAL A 353 11.51 -59.06 -30.80
C VAL A 353 10.05 -58.67 -30.66
N TYR A 354 9.29 -59.46 -29.92
CA TYR A 354 7.89 -59.17 -29.66
C TYR A 354 7.64 -59.03 -28.16
N ASP A 355 6.59 -58.30 -27.80
CA ASP A 355 6.18 -58.14 -26.42
C ASP A 355 5.08 -59.15 -26.08
N SER A 356 4.39 -58.96 -24.93
CA SER A 356 3.42 -59.94 -24.42
C SER A 356 2.12 -59.98 -25.21
N GLN A 357 1.73 -58.88 -25.84
CA GLN A 357 0.52 -58.85 -26.66
C GLN A 357 0.80 -59.07 -28.14
N GLY A 358 2.04 -59.40 -28.49
CA GLY A 358 2.36 -59.85 -29.83
C GLY A 358 2.82 -58.78 -30.78
N ASN A 359 3.12 -57.58 -30.31
CA ASN A 359 3.59 -56.49 -31.16
C ASN A 359 5.09 -56.29 -30.99
N PHE A 360 5.66 -55.48 -31.89
CA PHE A 360 7.11 -55.25 -31.87
C PHE A 360 7.52 -54.58 -30.56
N ASP A 361 8.49 -55.20 -29.87
CA ASP A 361 9.03 -54.64 -28.64
C ASP A 361 10.16 -53.67 -28.99
N VAL A 362 9.75 -52.57 -29.62
CA VAL A 362 10.71 -51.64 -30.20
C VAL A 362 11.62 -51.08 -29.12
N SER A 363 12.93 -51.18 -29.36
CA SER A 363 13.88 -50.57 -28.46
C SER A 363 13.72 -49.05 -28.45
N ARG A 364 14.30 -48.43 -27.43
CA ARG A 364 14.35 -46.97 -27.36
C ARG A 364 15.32 -46.40 -28.40
N ALA A 365 16.25 -47.22 -28.88
CA ALA A 365 17.04 -46.93 -30.08
C ALA A 365 16.28 -47.26 -31.37
N TYR A 366 14.97 -47.56 -31.26
CA TYR A 366 14.09 -47.79 -32.41
C TYR A 366 14.48 -49.03 -33.20
N ALA A 367 14.94 -50.08 -32.51
CA ALA A 367 15.28 -51.35 -33.12
C ALA A 367 14.27 -52.41 -32.72
N ILE A 368 14.17 -53.45 -33.55
CA ILE A 368 13.15 -54.49 -33.34
C ILE A 368 13.74 -55.88 -33.54
N ASP A 369 15.06 -55.98 -33.68
CA ASP A 369 15.69 -57.26 -33.98
C ASP A 369 16.51 -57.76 -32.80
N VAL A 370 17.12 -58.94 -32.98
CA VAL A 370 17.79 -59.63 -31.89
C VAL A 370 19.00 -58.85 -31.40
N THR A 371 19.76 -58.26 -32.33
CA THR A 371 20.99 -57.55 -31.98
C THR A 371 20.74 -56.16 -31.43
N GLY A 372 19.49 -55.70 -31.38
CA GLY A 372 19.20 -54.37 -30.88
C GLY A 372 19.71 -53.23 -31.74
N ARG A 373 20.25 -53.54 -32.92
CA ARG A 373 20.72 -52.49 -33.82
C ARG A 373 20.73 -52.92 -35.29
N GLY A 374 19.93 -53.92 -35.67
CA GLY A 374 19.96 -54.45 -37.02
C GLY A 374 18.79 -54.01 -37.88
N VAL A 375 17.58 -54.08 -37.34
CA VAL A 375 16.37 -53.70 -38.05
C VAL A 375 15.69 -52.58 -37.25
N PHE A 376 15.45 -51.45 -37.90
CA PHE A 376 14.87 -50.28 -37.27
C PHE A 376 13.45 -50.05 -37.78
N LEU A 377 12.59 -49.53 -36.92
CA LEU A 377 11.18 -49.35 -37.22
C LEU A 377 10.80 -47.88 -37.08
N GLN A 378 10.35 -47.29 -38.19
CA GLN A 378 9.76 -45.95 -38.17
C GLN A 378 8.25 -46.06 -37.98
N ASN A 379 7.70 -45.16 -37.18
CA ASN A 379 6.27 -45.15 -36.88
C ASN A 379 5.86 -46.44 -36.17
N ALA A 380 4.55 -46.61 -35.97
CA ALA A 380 3.99 -47.85 -35.40
C ALA A 380 4.64 -48.20 -34.06
N GLY A 381 4.94 -47.17 -33.26
CA GLY A 381 5.57 -47.39 -31.97
C GLY A 381 4.95 -46.57 -30.85
N VAL A 382 3.62 -46.49 -30.83
CA VAL A 382 2.96 -45.70 -29.81
C VAL A 382 3.10 -46.38 -28.45
N HIS A 383 3.03 -47.71 -28.42
CA HIS A 383 3.11 -48.45 -27.16
C HIS A 383 4.50 -48.43 -26.53
N THR A 384 5.51 -47.90 -27.23
CA THR A 384 6.85 -47.77 -26.68
C THR A 384 7.40 -46.34 -26.69
N HIS A 385 6.92 -45.48 -27.58
CA HIS A 385 7.42 -44.12 -27.70
C HIS A 385 6.32 -43.06 -27.60
N SER A 386 5.09 -43.46 -27.30
CA SER A 386 3.97 -42.56 -26.97
C SER A 386 3.66 -41.70 -28.20
N ILE A 387 3.34 -40.41 -28.01
CA ILE A 387 2.85 -39.53 -29.06
C ILE A 387 3.94 -39.18 -30.06
N THR A 388 5.18 -39.60 -29.78
CA THR A 388 6.31 -39.18 -30.59
C THR A 388 6.43 -39.98 -31.89
N SER A 389 5.93 -41.23 -31.91
CA SER A 389 6.22 -42.12 -33.03
C SER A 389 5.61 -41.65 -34.35
N PRO A 390 4.32 -41.28 -34.43
CA PRO A 390 3.78 -40.82 -35.72
C PRO A 390 3.88 -39.31 -35.90
N ASP A 391 4.70 -38.65 -35.09
CA ASP A 391 4.79 -37.19 -35.08
C ASP A 391 5.87 -36.71 -36.04
N LEU A 392 5.48 -35.81 -36.95
CA LEU A 392 6.46 -35.18 -37.83
C LEU A 392 7.45 -34.32 -37.05
N GLY A 393 7.08 -33.83 -35.87
CA GLY A 393 8.02 -33.09 -35.05
C GLY A 393 9.18 -33.95 -34.59
N MET A 394 8.91 -35.21 -34.30
CA MET A 394 10.00 -36.17 -34.13
C MET A 394 10.36 -36.73 -35.49
N GLY A 395 10.82 -37.97 -35.55
CA GLY A 395 11.24 -38.46 -36.87
C GLY A 395 12.54 -37.87 -37.33
N ALA A 396 12.69 -36.55 -37.28
CA ALA A 396 14.00 -35.95 -37.37
C ALA A 396 14.88 -36.40 -36.21
N TYR A 397 14.34 -36.35 -34.99
CA TYR A 397 15.05 -36.87 -33.83
C TYR A 397 15.26 -38.38 -33.97
N ARG A 398 14.22 -39.10 -34.36
CA ARG A 398 14.33 -40.55 -34.47
C ARG A 398 15.36 -40.94 -35.53
N ASN A 399 15.40 -40.20 -36.65
CA ASN A 399 16.38 -40.51 -37.68
C ASN A 399 17.80 -40.29 -37.19
N SER A 400 18.02 -39.23 -36.41
CA SER A 400 19.36 -38.97 -35.88
C SER A 400 19.81 -40.10 -34.95
N CYS A 401 18.89 -40.64 -34.17
CA CYS A 401 19.23 -41.78 -33.31
C CYS A 401 19.50 -43.02 -34.13
N ILE A 402 18.73 -43.24 -35.20
CA ILE A 402 18.97 -44.37 -36.08
C ILE A 402 20.35 -44.24 -36.75
N ILE A 403 20.68 -43.03 -37.21
CA ILE A 403 21.98 -42.81 -37.82
C ILE A 403 23.10 -43.00 -36.80
N ARG A 404 22.82 -42.69 -35.53
CA ARG A 404 23.82 -42.88 -34.49
C ARG A 404 24.09 -44.36 -34.23
N GLU A 405 23.13 -45.24 -34.51
CA GLU A 405 23.36 -46.67 -34.38
C GLU A 405 24.00 -47.25 -35.63
N LEU A 406 23.68 -46.70 -36.81
CA LEU A 406 24.31 -47.15 -38.05
C LEU A 406 25.79 -46.80 -38.05
N LEU A 407 26.12 -45.52 -37.91
CA LEU A 407 27.47 -45.13 -37.55
C LEU A 407 27.73 -45.53 -36.10
N GLY A 408 28.95 -45.28 -35.64
CA GLY A 408 29.19 -45.38 -34.22
C GLY A 408 29.10 -44.08 -33.50
N THR A 409 28.90 -42.99 -34.25
CA THR A 409 29.04 -41.63 -33.72
C THR A 409 27.74 -40.85 -33.92
N GLU A 410 27.53 -39.88 -33.03
CA GLU A 410 26.45 -38.91 -33.20
C GLU A 410 26.79 -37.93 -34.31
N TYR A 411 26.36 -38.22 -35.54
CA TYR A 411 26.58 -37.26 -36.62
C TYR A 411 25.79 -35.98 -36.39
N TYR A 412 24.48 -36.13 -36.19
CA TYR A 412 23.67 -34.97 -35.82
C TYR A 412 23.46 -34.94 -34.31
N PRO A 413 23.49 -33.75 -33.71
CA PRO A 413 23.30 -33.66 -32.26
C PRO A 413 21.97 -34.24 -31.83
N VAL A 414 21.98 -34.94 -30.70
CA VAL A 414 20.81 -35.59 -30.15
C VAL A 414 20.52 -34.96 -28.79
N GLU A 415 19.41 -34.24 -28.69
CA GLU A 415 19.05 -33.60 -27.44
C GLU A 415 18.63 -34.64 -26.41
N LYS A 416 19.04 -34.42 -25.18
CA LYS A 416 18.63 -35.29 -24.08
C LYS A 416 17.65 -34.63 -23.13
N THR A 417 17.60 -33.30 -23.10
CA THR A 417 16.61 -32.55 -22.33
C THR A 417 16.19 -31.33 -23.12
N ILE A 418 14.89 -31.16 -23.32
CA ILE A 418 14.37 -29.96 -23.95
C ILE A 418 13.28 -29.27 -23.13
N ALA A 419 12.69 -29.94 -22.14
CA ALA A 419 11.54 -29.43 -21.42
C ALA A 419 11.96 -28.72 -20.15
N PHE A 420 11.03 -27.92 -19.61
CA PHE A 420 11.21 -27.29 -18.32
C PHE A 420 10.75 -28.14 -17.15
N GLN A 421 9.88 -29.11 -17.40
CA GLN A 421 9.31 -29.96 -16.36
C GLN A 421 10.02 -31.31 -16.33
N GLU A 422 9.92 -31.96 -15.16
CA GLU A 422 10.53 -33.27 -14.94
C GLU A 422 9.45 -34.33 -14.92
N PHE A 423 9.65 -35.38 -15.71
CA PHE A 423 8.69 -36.47 -15.77
C PHE A 423 9.06 -37.63 -14.85
N SER A 424 10.35 -37.87 -14.66
CA SER A 424 10.84 -38.89 -13.75
C SER A 424 11.25 -38.24 -12.43
N VAL A 425 11.43 -39.09 -11.41
CA VAL A 425 11.94 -38.63 -10.13
C VAL A 425 13.17 -39.46 -9.78
N THR B 10 -54.55 17.37 -35.93
CA THR B 10 -53.63 16.48 -35.22
C THR B 10 -52.18 16.81 -35.57
N VAL B 11 -51.39 17.19 -34.55
CA VAL B 11 -50.00 17.59 -34.74
C VAL B 11 -49.15 16.84 -33.72
N HIS B 12 -48.06 16.24 -34.20
CA HIS B 12 -47.19 15.43 -33.35
C HIS B 12 -46.09 16.30 -32.72
N ASP B 13 -45.25 15.66 -31.91
CA ASP B 13 -44.08 16.35 -31.38
C ASP B 13 -42.95 16.41 -32.41
N PHE B 14 -42.71 15.29 -33.11
CA PHE B 14 -41.71 15.26 -34.16
C PHE B 14 -42.14 14.25 -35.21
N VAL B 15 -41.57 14.37 -36.40
CA VAL B 15 -41.78 13.41 -37.49
C VAL B 15 -40.41 12.90 -37.92
N GLY B 16 -40.25 11.58 -37.88
CA GLY B 16 -39.03 10.97 -38.37
C GLY B 16 -39.14 10.58 -39.83
N ILE B 17 -38.30 11.15 -40.69
CA ILE B 17 -38.31 10.87 -42.11
C ILE B 17 -37.21 9.85 -42.40
N GLY B 18 -37.61 8.67 -42.87
CA GLY B 18 -36.67 7.59 -43.11
C GLY B 18 -36.51 6.72 -41.89
N LEU B 19 -36.41 5.40 -42.07
CA LEU B 19 -36.27 4.46 -40.96
C LEU B 19 -35.05 3.57 -41.22
N GLY B 20 -33.86 4.17 -41.15
CA GLY B 20 -32.64 3.41 -41.08
C GLY B 20 -32.37 3.00 -39.66
N PRO B 21 -31.20 2.41 -39.40
CA PRO B 21 -30.85 2.03 -38.02
C PRO B 21 -30.83 3.19 -37.04
N PHE B 22 -30.65 4.43 -37.52
CA PHE B 22 -30.58 5.56 -36.61
C PHE B 22 -31.97 6.01 -36.17
N ASN B 23 -32.87 6.25 -37.13
CA ASN B 23 -34.21 6.65 -36.77
C ASN B 23 -34.97 5.52 -36.08
N LEU B 24 -34.70 4.27 -36.48
CA LEU B 24 -35.34 3.14 -35.82
C LEU B 24 -34.90 3.04 -34.35
N GLY B 25 -33.62 3.31 -34.09
CA GLY B 25 -33.16 3.37 -32.71
C GLY B 25 -33.85 4.48 -31.94
N LEU B 26 -34.03 5.64 -32.58
CA LEU B 26 -34.78 6.72 -31.95
C LEU B 26 -36.21 6.29 -31.66
N ALA B 27 -36.79 5.50 -32.55
CA ALA B 27 -38.14 4.98 -32.32
C ALA B 27 -38.18 4.04 -31.12
N CYS B 28 -37.14 3.22 -30.95
CA CYS B 28 -37.11 2.32 -29.81
C CYS B 28 -36.84 3.05 -28.51
N LEU B 29 -36.13 4.18 -28.58
CA LEU B 29 -35.79 4.92 -27.37
C LEU B 29 -36.90 5.87 -26.93
N THR B 30 -37.77 6.28 -27.84
CA THR B 30 -38.87 7.20 -27.53
C THR B 30 -40.18 6.49 -27.22
N GLU B 31 -40.28 5.19 -27.48
CA GLU B 31 -41.54 4.49 -27.20
C GLU B 31 -41.90 4.44 -25.72
N PRO B 32 -40.97 4.21 -24.77
CA PRO B 32 -41.34 4.29 -23.36
C PRO B 32 -41.55 5.70 -22.85
N ILE B 33 -41.31 6.72 -23.67
CA ILE B 33 -41.56 8.10 -23.30
C ILE B 33 -42.97 8.45 -23.79
N ASP B 34 -43.90 8.61 -22.84
CA ASP B 34 -45.23 9.09 -23.18
C ASP B 34 -45.28 10.61 -23.32
N GLU B 35 -44.33 11.32 -22.69
CA GLU B 35 -44.25 12.78 -22.82
C GLU B 35 -43.96 13.18 -24.26
N LEU B 36 -43.24 12.33 -24.98
CA LEU B 36 -43.08 12.40 -26.42
C LEU B 36 -43.98 11.37 -27.10
N ASP B 37 -44.31 11.63 -28.37
CA ASP B 37 -44.72 10.57 -29.31
C ASP B 37 -44.90 11.22 -30.68
N GLY B 38 -43.93 10.99 -31.56
CA GLY B 38 -44.01 11.37 -32.94
C GLY B 38 -44.28 10.19 -33.85
N ILE B 39 -43.90 10.34 -35.12
CA ILE B 39 -44.25 9.38 -36.15
C ILE B 39 -43.07 9.23 -37.11
N PHE B 40 -42.94 8.05 -37.71
CA PHE B 40 -41.82 7.73 -38.60
C PHE B 40 -42.35 7.32 -39.96
N LEU B 41 -41.78 7.90 -41.01
CA LEU B 41 -42.18 7.64 -42.38
C LEU B 41 -41.03 6.98 -43.13
N GLU B 42 -41.31 5.84 -43.75
CA GLU B 42 -40.29 5.03 -44.43
C GLU B 42 -40.78 4.67 -45.82
N SER B 43 -39.86 4.72 -46.79
CA SER B 43 -40.20 4.41 -48.18
C SER B 43 -40.53 2.94 -48.36
N LYS B 44 -39.77 2.06 -47.72
CA LYS B 44 -39.85 0.63 -47.98
C LYS B 44 -41.08 0.01 -47.33
N PRO B 45 -41.56 -1.13 -47.86
CA PRO B 45 -42.70 -1.81 -47.23
C PRO B 45 -42.40 -2.40 -45.87
N ASP B 46 -41.12 -2.51 -45.50
CA ASP B 46 -40.68 -3.02 -44.21
C ASP B 46 -39.24 -2.63 -44.05
N PHE B 47 -38.71 -2.78 -42.83
CA PHE B 47 -37.31 -2.49 -42.62
C PHE B 47 -36.44 -3.40 -43.47
N GLU B 48 -35.46 -2.80 -44.16
CA GLU B 48 -34.50 -3.56 -44.93
C GLU B 48 -33.19 -2.80 -44.93
N TRP B 49 -32.13 -3.44 -44.44
CA TRP B 49 -30.81 -2.82 -44.41
C TRP B 49 -30.17 -2.91 -45.79
N HIS B 50 -28.84 -2.98 -45.83
CA HIS B 50 -28.10 -3.10 -47.09
C HIS B 50 -28.09 -4.56 -47.52
N ALA B 51 -29.25 -5.03 -47.97
CA ALA B 51 -29.43 -6.44 -48.32
C ALA B 51 -28.61 -6.84 -49.54
N GLY B 52 -28.22 -5.89 -50.38
CA GLY B 52 -27.36 -6.19 -51.50
C GLY B 52 -25.94 -6.57 -51.13
N MET B 53 -25.61 -6.54 -49.85
CA MET B 53 -24.30 -6.93 -49.36
C MET B 53 -24.37 -8.08 -48.36
N PHE B 54 -25.46 -8.84 -48.38
CA PHE B 54 -25.66 -9.96 -47.44
C PHE B 54 -24.94 -11.19 -47.98
N LEU B 55 -23.61 -11.10 -48.02
CA LEU B 55 -22.79 -12.23 -48.41
C LEU B 55 -22.75 -13.27 -47.31
N ASP B 56 -22.50 -14.52 -47.69
CA ASP B 56 -22.47 -15.61 -46.74
C ASP B 56 -21.41 -15.34 -45.67
N GLY B 57 -21.84 -15.27 -44.42
CA GLY B 57 -20.93 -15.05 -43.31
C GLY B 57 -20.61 -13.59 -43.01
N ALA B 58 -21.08 -12.66 -43.84
CA ALA B 58 -20.81 -11.25 -43.60
C ALA B 58 -21.37 -10.81 -42.26
N HIS B 59 -20.63 -9.94 -41.57
CA HIS B 59 -20.96 -9.55 -40.21
C HIS B 59 -20.80 -8.04 -40.04
N LEU B 60 -21.20 -7.57 -38.87
CA LEU B 60 -21.10 -6.15 -38.56
C LEU B 60 -19.65 -5.73 -38.33
N GLN B 61 -19.39 -4.45 -38.55
CA GLN B 61 -18.07 -3.89 -38.28
C GLN B 61 -17.93 -3.37 -36.86
N THR B 62 -19.01 -3.40 -36.08
CA THR B 62 -19.01 -2.95 -34.69
C THR B 62 -19.66 -4.00 -33.80
N PRO B 63 -19.30 -4.04 -32.51
CA PRO B 63 -19.86 -5.06 -31.62
C PRO B 63 -21.36 -4.91 -31.45
N PHE B 64 -21.99 -5.97 -30.92
CA PHE B 64 -23.45 -6.02 -30.86
C PHE B 64 -24.03 -4.96 -29.91
N MET B 65 -23.23 -4.45 -28.97
CA MET B 65 -23.71 -3.37 -28.13
C MET B 65 -24.00 -2.10 -28.91
N SER B 66 -23.56 -2.02 -30.16
CA SER B 66 -23.86 -0.90 -31.02
C SER B 66 -25.23 -1.06 -31.64
N ASP B 67 -26.14 -1.75 -30.93
CA ASP B 67 -27.48 -1.97 -31.45
C ASP B 67 -28.30 -0.70 -31.38
N LEU B 68 -29.62 -0.83 -31.26
CA LEU B 68 -30.49 0.32 -31.32
C LEU B 68 -30.62 1.06 -30.00
N VAL B 69 -30.29 0.41 -28.87
CA VAL B 69 -30.67 0.95 -27.57
C VAL B 69 -29.60 0.78 -26.49
N THR B 70 -28.80 -0.29 -26.58
CA THR B 70 -28.07 -0.77 -25.41
C THR B 70 -27.15 0.30 -24.83
N LEU B 71 -26.40 1.02 -25.68
CA LEU B 71 -25.46 2.01 -25.17
C LEU B 71 -26.16 3.16 -24.46
N ALA B 72 -27.46 3.34 -24.67
CA ALA B 72 -28.23 4.32 -23.92
C ALA B 72 -29.01 3.70 -22.78
N ASP B 73 -29.49 2.47 -22.94
CA ASP B 73 -30.29 1.79 -21.94
C ASP B 73 -30.18 0.28 -22.14
N PRO B 74 -29.35 -0.41 -21.37
CA PRO B 74 -29.24 -1.86 -21.51
C PRO B 74 -30.50 -2.60 -21.08
N THR B 75 -31.41 -1.97 -20.35
CA THR B 75 -32.65 -2.63 -19.92
C THR B 75 -33.75 -2.55 -20.96
N SER B 76 -33.49 -1.90 -22.09
CA SER B 76 -34.52 -1.72 -23.11
C SER B 76 -35.03 -3.07 -23.61
N PRO B 77 -36.33 -3.20 -23.84
CA PRO B 77 -36.86 -4.46 -24.39
C PRO B 77 -36.48 -4.70 -25.83
N TYR B 78 -35.90 -3.72 -26.50
CA TYR B 78 -35.46 -3.84 -27.89
C TYR B 78 -33.96 -4.10 -28.01
N SER B 79 -33.34 -4.62 -26.95
CA SER B 79 -31.94 -5.00 -27.00
C SER B 79 -31.73 -6.13 -27.99
N PHE B 80 -30.49 -6.26 -28.47
CA PHE B 80 -30.15 -7.41 -29.29
C PHE B 80 -30.15 -8.68 -28.46
N LEU B 81 -29.71 -8.59 -27.20
CA LEU B 81 -29.71 -9.75 -26.33
C LEU B 81 -31.13 -10.24 -26.07
N ASN B 82 -32.05 -9.32 -25.80
CA ASN B 82 -33.45 -9.71 -25.60
C ASN B 82 -34.02 -10.34 -26.86
N TYR B 83 -33.65 -9.82 -28.03
CA TYR B 83 -34.07 -10.43 -29.29
C TYR B 83 -33.61 -11.87 -29.39
N LEU B 84 -32.38 -12.16 -28.95
CA LEU B 84 -31.90 -13.53 -28.94
C LEU B 84 -32.65 -14.37 -27.92
N LYS B 85 -33.02 -13.78 -26.78
CA LYS B 85 -33.75 -14.52 -25.76
C LYS B 85 -35.14 -14.91 -26.22
N GLU B 86 -35.82 -14.00 -26.94
CA GLU B 86 -37.17 -14.28 -27.40
C GLU B 86 -37.17 -15.37 -28.47
N LYS B 87 -36.18 -15.38 -29.35
CA LYS B 87 -36.10 -16.34 -30.44
C LYS B 87 -35.41 -17.64 -30.03
N GLY B 88 -35.08 -17.81 -28.76
CA GLY B 88 -34.47 -19.04 -28.29
C GLY B 88 -33.05 -19.26 -28.80
N ARG B 89 -32.26 -18.20 -28.87
CA ARG B 89 -30.91 -18.28 -29.43
C ARG B 89 -29.85 -17.68 -28.51
N LEU B 90 -30.23 -17.20 -27.32
CA LEU B 90 -29.29 -16.48 -26.48
C LEU B 90 -28.15 -17.38 -26.00
N TYR B 91 -28.48 -18.60 -25.57
CA TYR B 91 -27.44 -19.47 -25.04
C TYR B 91 -26.46 -19.89 -26.13
N SER B 92 -26.96 -20.13 -27.34
CA SER B 92 -26.07 -20.49 -28.43
C SER B 92 -25.19 -19.32 -28.82
N PHE B 93 -25.74 -18.10 -28.80
CA PHE B 93 -24.92 -16.91 -29.02
C PHE B 93 -23.87 -16.77 -27.92
N TYR B 94 -24.24 -17.06 -26.68
CA TYR B 94 -23.29 -17.05 -25.57
C TYR B 94 -22.13 -18.01 -25.84
N ILE B 95 -22.42 -19.18 -26.41
CA ILE B 95 -21.36 -20.12 -26.74
C ILE B 95 -20.57 -19.65 -27.95
N ARG B 96 -21.25 -18.99 -28.91
CA ARG B 96 -20.56 -18.49 -30.09
C ARG B 96 -19.44 -17.53 -29.71
N GLU B 97 -19.66 -16.72 -28.67
CA GLU B 97 -18.64 -15.83 -28.11
C GLU B 97 -18.04 -14.93 -29.18
N ASN B 98 -18.91 -14.25 -29.92
CA ASN B 98 -18.50 -13.32 -30.97
C ASN B 98 -19.24 -12.01 -30.76
N PHE B 99 -18.47 -10.92 -30.66
CA PHE B 99 -19.06 -9.59 -30.49
C PHE B 99 -19.84 -9.13 -31.72
N TYR B 100 -19.63 -9.75 -32.87
CA TYR B 100 -20.10 -9.19 -34.13
C TYR B 100 -21.25 -10.01 -34.70
N PRO B 101 -22.48 -9.51 -34.69
CA PRO B 101 -23.59 -10.25 -35.30
C PRO B 101 -23.43 -10.31 -36.80
N LEU B 102 -24.01 -11.36 -37.40
CA LEU B 102 -24.04 -11.46 -38.85
C LEU B 102 -24.98 -10.41 -39.42
N ARG B 103 -24.71 -10.00 -40.66
CA ARG B 103 -25.49 -8.94 -41.27
C ARG B 103 -26.98 -9.31 -41.35
N VAL B 104 -27.27 -10.53 -41.81
CA VAL B 104 -28.68 -10.94 -41.89
C VAL B 104 -29.27 -11.12 -40.49
N GLU B 105 -28.42 -11.43 -39.51
CA GLU B 105 -28.89 -11.50 -38.13
C GLU B 105 -29.27 -10.11 -37.62
N TYR B 106 -28.44 -9.12 -37.91
CA TYR B 106 -28.77 -7.74 -37.55
C TYR B 106 -29.97 -7.23 -38.35
N ASP B 107 -30.11 -7.67 -39.60
CA ASP B 107 -31.24 -7.22 -40.41
C ASP B 107 -32.55 -7.78 -39.90
N ASP B 108 -32.54 -9.03 -39.42
CA ASP B 108 -33.74 -9.62 -38.86
C ASP B 108 -34.05 -9.05 -37.48
N TYR B 109 -33.02 -8.64 -36.73
CA TYR B 109 -33.24 -8.08 -35.41
C TYR B 109 -33.94 -6.74 -35.49
N CYS B 110 -33.55 -5.89 -36.44
CA CYS B 110 -34.16 -4.57 -36.57
C CYS B 110 -35.58 -4.67 -37.11
N ARG B 111 -35.80 -5.57 -38.07
CA ARG B 111 -37.16 -5.83 -38.53
C ARG B 111 -38.03 -6.35 -37.39
N TRP B 112 -37.45 -7.15 -36.51
CA TRP B 112 -38.19 -7.63 -35.34
C TRP B 112 -38.53 -6.47 -34.41
N ALA B 113 -37.60 -5.54 -34.21
CA ALA B 113 -37.87 -4.39 -33.37
C ALA B 113 -38.84 -3.43 -34.06
N ALA B 114 -38.76 -3.30 -35.39
CA ALA B 114 -39.59 -2.34 -36.10
C ALA B 114 -41.06 -2.73 -36.03
N ASN B 115 -41.37 -4.02 -36.16
CA ASN B 115 -42.76 -4.48 -36.11
C ASN B 115 -43.27 -4.64 -34.67
N LYS B 116 -42.42 -4.43 -33.67
CA LYS B 116 -42.89 -4.31 -32.30
C LYS B 116 -43.40 -2.91 -31.98
N LEU B 117 -43.14 -1.94 -32.85
CA LEU B 117 -43.52 -0.56 -32.62
C LEU B 117 -44.81 -0.24 -33.37
N SER B 118 -45.45 0.85 -32.94
CA SER B 118 -46.68 1.31 -33.56
C SER B 118 -46.55 2.72 -34.12
N SER B 119 -45.34 3.29 -34.10
CA SER B 119 -45.12 4.67 -34.54
C SER B 119 -44.53 4.76 -35.93
N ILE B 120 -44.52 3.66 -36.68
CA ILE B 120 -43.81 3.58 -37.96
C ILE B 120 -44.84 3.44 -39.08
N ARG B 121 -44.70 4.28 -40.11
CA ARG B 121 -45.54 4.22 -41.31
C ARG B 121 -44.64 3.81 -42.47
N PHE B 122 -44.67 2.52 -42.79
CA PHE B 122 -43.92 2.02 -43.95
C PHE B 122 -44.60 2.46 -45.24
N GLY B 123 -43.87 2.31 -46.35
CA GLY B 123 -44.46 2.54 -47.66
C GLY B 123 -44.92 3.95 -47.94
N THR B 124 -44.41 4.95 -47.23
CA THR B 124 -44.74 6.35 -47.48
C THR B 124 -43.46 7.13 -47.73
N THR B 125 -43.38 7.78 -48.89
CA THR B 125 -42.24 8.62 -49.24
C THR B 125 -42.60 10.09 -49.06
N VAL B 126 -41.68 10.83 -48.45
CA VAL B 126 -41.88 12.26 -48.24
C VAL B 126 -41.63 13.01 -49.54
N THR B 127 -42.58 13.82 -49.95
CA THR B 127 -42.50 14.61 -51.18
C THR B 127 -42.23 16.09 -50.92
N GLU B 128 -42.80 16.64 -49.86
CA GLU B 128 -42.78 18.07 -49.59
C GLU B 128 -42.54 18.29 -48.10
N VAL B 129 -41.86 19.39 -47.77
CA VAL B 129 -41.77 19.86 -46.39
C VAL B 129 -41.93 21.37 -46.40
N ARG B 130 -42.92 21.88 -45.68
CA ARG B 130 -43.17 23.31 -45.58
C ARG B 130 -43.13 23.75 -44.12
N TYR B 131 -43.10 25.06 -43.94
CA TYR B 131 -43.20 25.69 -42.63
C TYR B 131 -44.38 26.65 -42.65
N GLU B 132 -45.38 26.37 -41.81
CA GLU B 132 -46.58 27.19 -41.74
C GLU B 132 -47.13 27.14 -40.32
N ASP B 133 -47.51 28.31 -39.80
CA ASP B 133 -48.10 28.44 -38.46
C ASP B 133 -47.16 27.89 -37.39
N ASP B 134 -45.87 28.21 -37.52
CA ASP B 134 -44.83 27.79 -36.59
C ASP B 134 -44.71 26.27 -36.49
N LEU B 135 -45.14 25.54 -37.53
CA LEU B 135 -45.05 24.10 -37.57
C LEU B 135 -44.48 23.66 -38.90
N TYR B 136 -43.99 22.42 -38.94
CA TYR B 136 -43.48 21.81 -40.17
C TYR B 136 -44.55 20.91 -40.75
N VAL B 137 -44.77 21.04 -42.05
CA VAL B 137 -45.83 20.32 -42.76
C VAL B 137 -45.18 19.45 -43.81
N VAL B 138 -45.26 18.14 -43.63
CA VAL B 138 -44.69 17.17 -44.57
C VAL B 138 -45.83 16.43 -45.25
N THR B 139 -45.68 16.19 -46.55
CA THR B 139 -46.71 15.53 -47.34
C THR B 139 -46.16 14.25 -47.96
N THR B 140 -47.07 13.31 -48.19
CA THR B 140 -46.76 12.00 -48.74
C THR B 140 -46.93 12.03 -50.26
N SER B 141 -46.27 11.08 -50.94
CA SER B 141 -46.56 10.82 -52.34
C SER B 141 -48.05 10.66 -52.57
N ALA B 142 -48.71 9.91 -51.68
CA ALA B 142 -50.14 9.65 -51.79
C ALA B 142 -50.97 10.89 -51.48
N GLY B 143 -50.40 11.88 -50.80
CA GLY B 143 -51.12 13.07 -50.41
C GLY B 143 -51.37 13.21 -48.93
N ASP B 144 -51.02 12.21 -48.12
CA ASP B 144 -51.19 12.32 -46.68
C ASP B 144 -50.33 13.44 -46.13
N VAL B 145 -50.86 14.15 -45.14
CA VAL B 145 -50.22 15.33 -44.58
C VAL B 145 -50.05 15.15 -43.09
N TYR B 146 -48.80 15.23 -42.61
CA TYR B 146 -48.48 15.17 -41.19
C TYR B 146 -47.85 16.48 -40.75
N ARG B 147 -48.15 16.88 -39.52
CA ARG B 147 -47.62 18.11 -38.96
C ARG B 147 -47.00 17.83 -37.60
N ALA B 148 -45.94 18.59 -37.27
CA ALA B 148 -45.23 18.40 -36.01
C ALA B 148 -44.35 19.61 -35.76
N ARG B 149 -43.92 19.74 -34.50
CA ARG B 149 -43.06 20.85 -34.11
C ARG B 149 -41.60 20.62 -34.47
N HIS B 150 -41.18 19.36 -34.66
CA HIS B 150 -39.80 19.05 -34.95
C HIS B 150 -39.72 18.01 -36.06
N LEU B 151 -38.53 17.91 -36.66
CA LEU B 151 -38.24 16.94 -37.72
C LEU B 151 -36.90 16.27 -37.44
N VAL B 152 -36.84 14.97 -37.64
CA VAL B 152 -35.61 14.19 -37.53
C VAL B 152 -35.40 13.48 -38.86
N LEU B 153 -34.38 13.92 -39.61
CA LEU B 153 -34.12 13.40 -40.95
C LEU B 153 -33.13 12.25 -40.87
N GLY B 154 -33.62 11.04 -41.12
CA GLY B 154 -32.74 9.88 -41.20
C GLY B 154 -32.84 9.20 -42.55
N THR B 155 -32.57 9.96 -43.62
CA THR B 155 -32.70 9.48 -44.99
C THR B 155 -31.49 8.71 -45.47
N GLY B 156 -30.44 8.57 -44.65
CA GLY B 156 -29.27 7.85 -45.09
C GLY B 156 -28.53 8.59 -46.19
N THR B 157 -27.62 7.86 -46.85
CA THR B 157 -26.84 8.41 -47.95
C THR B 157 -26.97 7.49 -49.16
N PRO B 158 -27.55 7.97 -50.26
CA PRO B 158 -27.72 7.10 -51.44
C PRO B 158 -26.38 6.73 -52.05
N PRO B 159 -26.34 5.67 -52.85
CA PRO B 159 -25.05 5.25 -53.45
C PRO B 159 -24.45 6.34 -54.32
N TYR B 160 -23.12 6.39 -54.32
CA TYR B 160 -22.37 7.35 -55.12
C TYR B 160 -21.86 6.70 -56.40
N ILE B 161 -22.01 7.39 -57.51
CA ILE B 161 -21.55 6.94 -58.82
C ILE B 161 -20.61 8.01 -59.36
N PRO B 162 -19.38 7.66 -59.75
CA PRO B 162 -18.49 8.66 -60.36
C PRO B 162 -19.10 9.22 -61.64
N GLU B 163 -18.68 10.43 -61.99
CA GLU B 163 -19.18 11.05 -63.22
C GLU B 163 -18.69 10.32 -64.46
N ALA B 164 -17.57 9.59 -64.37
CA ALA B 164 -17.12 8.77 -65.49
C ALA B 164 -18.07 7.63 -65.80
N CYS B 165 -19.00 7.33 -64.90
CA CYS B 165 -19.96 6.24 -65.09
C CYS B 165 -21.39 6.73 -65.25
N GLN B 166 -21.63 8.03 -65.21
CA GLN B 166 -22.98 8.56 -65.34
C GLN B 166 -23.45 8.43 -66.79
N GLY B 167 -24.61 7.81 -66.99
CA GLY B 167 -25.11 7.59 -68.33
C GLY B 167 -24.40 6.48 -69.07
N LEU B 168 -23.95 5.45 -68.37
CA LEU B 168 -23.22 4.34 -68.97
C LEU B 168 -24.17 3.17 -69.21
N ASP B 169 -24.02 2.53 -70.36
CA ASP B 169 -24.85 1.40 -70.73
C ASP B 169 -24.27 0.10 -70.19
N GLY B 170 -25.07 -0.96 -70.27
CA GLY B 170 -24.64 -2.29 -69.85
C GLY B 170 -25.29 -2.73 -68.56
N ASP B 171 -24.66 -3.75 -67.94
CA ASP B 171 -25.18 -4.37 -66.73
C ASP B 171 -24.31 -4.08 -65.50
N PHE B 172 -23.54 -3.01 -65.52
CA PHE B 172 -22.70 -2.68 -64.38
C PHE B 172 -23.56 -2.34 -63.17
N ILE B 173 -23.05 -2.64 -61.99
CA ILE B 173 -23.78 -2.46 -60.75
C ILE B 173 -22.90 -1.74 -59.73
N HIS B 174 -23.55 -0.95 -58.88
CA HIS B 174 -22.93 -0.51 -57.64
C HIS B 174 -22.95 -1.67 -56.65
N ASN B 175 -22.01 -1.64 -55.70
CA ASN B 175 -21.87 -2.78 -54.78
C ASN B 175 -23.13 -2.99 -53.94
N SER B 176 -24.03 -2.01 -53.89
CA SER B 176 -25.26 -2.14 -53.12
C SER B 176 -26.23 -3.14 -53.71
N ARG B 177 -25.97 -3.66 -54.91
CA ARG B 177 -26.84 -4.64 -55.55
C ARG B 177 -26.06 -5.89 -55.94
N TYR B 178 -25.03 -6.26 -55.17
CA TYR B 178 -24.12 -7.30 -55.60
C TYR B 178 -24.78 -8.68 -55.53
N VAL B 179 -25.46 -8.98 -54.43
CA VAL B 179 -26.02 -10.32 -54.25
C VAL B 179 -27.03 -10.63 -55.35
N GLN B 180 -27.80 -9.63 -55.77
CA GLN B 180 -28.83 -9.86 -56.79
C GLN B 180 -28.23 -10.21 -58.14
N HIS B 181 -27.04 -9.69 -58.45
CA HIS B 181 -26.42 -9.88 -59.75
C HIS B 181 -25.23 -10.83 -59.72
N ARG B 182 -25.02 -11.55 -58.62
CA ARG B 182 -23.83 -12.40 -58.50
C ARG B 182 -23.90 -13.57 -59.46
N SER B 183 -25.08 -14.18 -59.63
CA SER B 183 -25.19 -15.35 -60.49
C SER B 183 -24.91 -15.02 -61.95
N GLU B 184 -25.14 -13.77 -62.36
CA GLU B 184 -24.82 -13.35 -63.71
C GLU B 184 -23.37 -12.87 -63.85
N LEU B 185 -22.79 -12.38 -62.76
CA LEU B 185 -21.39 -11.96 -62.79
C LEU B 185 -20.47 -13.14 -63.01
N VAL B 186 -20.70 -14.25 -62.29
CA VAL B 186 -19.81 -15.39 -62.35
C VAL B 186 -19.85 -16.08 -63.71
N LYS B 187 -20.85 -15.78 -64.54
CA LYS B 187 -20.89 -16.33 -65.88
C LYS B 187 -19.94 -15.62 -66.83
N LYS B 188 -19.50 -14.42 -66.50
CA LYS B 188 -18.64 -13.65 -67.38
C LYS B 188 -17.21 -14.17 -67.35
N GLU B 189 -16.42 -13.75 -68.35
CA GLU B 189 -15.01 -14.09 -68.42
C GLU B 189 -14.11 -13.02 -67.82
N SER B 190 -14.66 -11.87 -67.43
CA SER B 190 -13.88 -10.79 -66.85
C SER B 190 -14.74 -10.03 -65.85
N ILE B 191 -14.16 -9.73 -64.69
CA ILE B 191 -14.85 -8.96 -63.65
C ILE B 191 -13.84 -7.98 -63.06
N THR B 192 -14.25 -6.72 -62.93
CA THR B 192 -13.40 -5.67 -62.40
C THR B 192 -14.11 -4.92 -61.28
N ILE B 193 -13.42 -4.74 -60.17
CA ILE B 193 -13.94 -4.05 -58.99
C ILE B 193 -13.19 -2.74 -58.85
N VAL B 194 -13.93 -1.63 -58.82
CA VAL B 194 -13.36 -0.29 -58.73
C VAL B 194 -13.64 0.26 -57.34
N GLY B 195 -12.62 0.81 -56.69
CA GLY B 195 -12.75 1.41 -55.38
C GLY B 195 -12.27 0.50 -54.27
N SER B 196 -11.98 1.12 -53.12
CA SER B 196 -11.56 0.41 -51.93
C SER B 196 -12.64 0.49 -50.86
N GLY B 197 -12.42 -0.25 -49.78
CA GLY B 197 -13.35 -0.30 -48.68
C GLY B 197 -13.71 -1.72 -48.31
N GLN B 198 -14.49 -1.84 -47.24
CA GLN B 198 -14.91 -3.15 -46.75
C GLN B 198 -15.72 -3.90 -47.82
N SER B 199 -16.72 -3.24 -48.41
CA SER B 199 -17.56 -3.96 -49.37
C SER B 199 -16.75 -4.41 -50.58
N ALA B 200 -15.79 -3.60 -51.07
CA ALA B 200 -15.01 -4.01 -52.23
C ALA B 200 -14.18 -5.25 -51.93
N ALA B 201 -13.63 -5.34 -50.72
CA ALA B 201 -12.80 -6.49 -50.36
C ALA B 201 -13.66 -7.73 -50.14
N GLU B 202 -14.83 -7.56 -49.51
CA GLU B 202 -15.74 -8.68 -49.32
C GLU B 202 -16.14 -9.29 -50.65
N ILE B 203 -16.44 -8.44 -51.63
CA ILE B 203 -16.80 -8.92 -52.96
C ILE B 203 -15.60 -9.57 -53.64
N TYR B 204 -14.42 -8.95 -53.52
CA TYR B 204 -13.23 -9.53 -54.12
C TYR B 204 -12.94 -10.91 -53.53
N GLN B 205 -13.03 -11.04 -52.21
CA GLN B 205 -12.82 -12.35 -51.60
C GLN B 205 -13.85 -13.36 -52.05
N ASP B 206 -15.10 -12.91 -52.24
CA ASP B 206 -16.15 -13.83 -52.67
C ASP B 206 -15.90 -14.33 -54.09
N LEU B 207 -15.48 -13.43 -55.00
CA LEU B 207 -15.22 -13.84 -56.37
C LEU B 207 -13.92 -14.62 -56.48
N LEU B 208 -12.89 -14.23 -55.70
CA LEU B 208 -11.62 -14.94 -55.76
C LEU B 208 -11.76 -16.36 -55.26
N GLY B 209 -12.66 -16.61 -54.31
CA GLY B 209 -12.83 -17.94 -53.77
C GLY B 209 -13.36 -18.94 -54.76
N GLU B 210 -14.01 -18.47 -55.83
CA GLU B 210 -14.56 -19.32 -56.87
C GLU B 210 -13.96 -19.04 -58.23
N ILE B 211 -12.80 -18.37 -58.27
CA ILE B 211 -12.12 -18.09 -59.53
C ILE B 211 -11.69 -19.37 -60.23
N ASP B 212 -11.58 -20.47 -59.50
CA ASP B 212 -11.11 -21.75 -60.04
C ASP B 212 -12.22 -22.57 -60.69
N VAL B 213 -13.48 -22.23 -60.45
CA VAL B 213 -14.59 -22.99 -61.02
C VAL B 213 -15.29 -22.25 -62.16
N HIS B 214 -15.18 -20.93 -62.23
CA HIS B 214 -15.80 -20.18 -63.32
C HIS B 214 -14.80 -19.69 -64.36
N GLY B 215 -13.54 -19.48 -63.97
CA GLY B 215 -12.52 -19.14 -64.93
C GLY B 215 -12.57 -17.72 -65.45
N TYR B 216 -13.04 -16.78 -64.64
CA TYR B 216 -13.00 -15.38 -65.05
C TYR B 216 -11.70 -14.72 -64.55
N ARG B 217 -11.37 -13.58 -65.17
CA ARG B 217 -10.37 -12.67 -64.63
C ARG B 217 -10.96 -11.79 -63.56
N LEU B 218 -10.18 -11.55 -62.52
CA LEU B 218 -10.63 -10.74 -61.41
C LEU B 218 -9.68 -9.55 -61.22
N ASN B 219 -10.15 -8.36 -61.53
CA ASN B 219 -9.38 -7.14 -61.35
C ASN B 219 -9.94 -6.35 -60.18
N TRP B 220 -9.04 -5.79 -59.37
CA TRP B 220 -9.39 -4.93 -58.24
C TRP B 220 -8.54 -3.69 -58.32
N VAL B 221 -9.15 -2.57 -58.69
CA VAL B 221 -8.46 -1.31 -58.90
C VAL B 221 -9.01 -0.29 -57.93
N THR B 222 -8.12 0.47 -57.29
CA THR B 222 -8.51 1.47 -56.32
C THR B 222 -7.65 2.71 -56.46
N ARG B 223 -8.23 3.87 -56.12
CA ARG B 223 -7.51 5.13 -56.17
C ARG B 223 -6.62 5.34 -54.95
N SER B 224 -6.93 4.68 -53.84
CA SER B 224 -6.18 4.89 -52.61
C SER B 224 -4.76 4.32 -52.75
N PRO B 225 -3.78 4.95 -52.08
CA PRO B 225 -2.38 4.49 -52.26
C PRO B 225 -2.11 3.14 -51.63
N ARG B 226 -2.83 2.77 -50.58
CA ARG B 226 -2.73 1.46 -49.97
C ARG B 226 -4.12 0.91 -49.72
N PHE B 227 -4.18 -0.39 -49.45
CA PHE B 227 -5.41 -1.02 -48.97
C PHE B 227 -5.48 -0.73 -47.48
N PHE B 228 -6.15 0.37 -47.13
CA PHE B 228 -6.14 0.86 -45.76
C PHE B 228 -6.86 -0.11 -44.83
N PRO B 229 -6.36 -0.29 -43.62
CA PRO B 229 -7.12 -1.06 -42.62
C PRO B 229 -8.11 -0.17 -41.89
N LEU B 230 -9.18 -0.79 -41.42
CA LEU B 230 -10.10 -0.08 -40.54
C LEU B 230 -9.36 0.30 -39.27
N GLU B 231 -9.18 1.60 -39.04
CA GLU B 231 -8.42 2.07 -37.89
C GLU B 231 -9.16 1.73 -36.61
N TYR B 232 -8.95 0.52 -36.10
CA TYR B 232 -9.71 -0.02 -34.98
C TYR B 232 -8.82 -0.41 -33.81
N THR B 233 -7.77 0.36 -33.55
CA THR B 233 -7.00 0.17 -32.33
C THR B 233 -7.55 1.07 -31.23
N LYS B 234 -7.51 0.55 -29.99
CA LYS B 234 -8.41 1.05 -28.95
C LYS B 234 -8.13 2.50 -28.57
N LEU B 235 -6.88 2.97 -28.71
CA LEU B 235 -6.62 4.38 -28.41
C LEU B 235 -7.23 5.29 -29.47
N THR B 236 -7.25 4.85 -30.73
CA THR B 236 -7.94 5.62 -31.77
C THR B 236 -9.45 5.47 -31.66
N LEU B 237 -9.92 4.35 -31.10
CA LEU B 237 -11.35 4.19 -30.86
C LEU B 237 -11.87 5.25 -29.90
N GLU B 238 -11.01 5.77 -29.03
CA GLU B 238 -11.41 6.83 -28.11
C GLU B 238 -11.75 8.12 -28.83
N MET B 239 -11.36 8.27 -30.10
CA MET B 239 -11.79 9.43 -30.87
C MET B 239 -13.29 9.37 -31.19
N THR B 240 -13.91 8.20 -31.03
CA THR B 240 -15.36 8.07 -31.16
C THR B 240 -16.02 8.31 -29.79
N SER B 241 -15.86 9.53 -29.31
CA SER B 241 -16.26 9.93 -27.96
C SER B 241 -17.10 11.19 -28.02
N PRO B 242 -17.78 11.54 -26.92
CA PRO B 242 -18.35 12.90 -26.83
C PRO B 242 -17.28 13.95 -26.64
N GLU B 243 -16.16 13.60 -26.02
CA GLU B 243 -15.08 14.57 -25.81
C GLU B 243 -14.50 15.03 -27.15
N TYR B 244 -14.28 14.09 -28.06
CA TYR B 244 -13.69 14.47 -29.35
C TYR B 244 -14.67 15.26 -30.21
N ILE B 245 -15.96 14.96 -30.13
CA ILE B 245 -16.94 15.68 -30.94
C ILE B 245 -16.93 17.16 -30.59
N ASP B 246 -16.99 17.47 -29.29
CA ASP B 246 -17.00 18.87 -28.87
C ASP B 246 -15.70 19.57 -29.20
N TYR B 247 -14.56 18.89 -29.01
CA TYR B 247 -13.30 19.42 -29.50
C TYR B 247 -13.37 19.65 -31.01
N TYR B 248 -13.75 18.60 -31.76
CA TYR B 248 -13.75 18.70 -33.22
C TYR B 248 -14.70 19.78 -33.71
N ARG B 249 -15.89 19.89 -33.12
CA ARG B 249 -16.89 20.83 -33.61
C ARG B 249 -16.46 22.28 -33.41
N GLU B 250 -15.60 22.54 -32.44
CA GLU B 250 -15.20 23.90 -32.09
C GLU B 250 -14.03 24.41 -32.92
N LEU B 251 -13.55 23.64 -33.87
CA LEU B 251 -12.38 24.04 -34.63
C LEU B 251 -12.78 24.68 -35.95
N PRO B 252 -11.88 25.45 -36.57
CA PRO B 252 -12.25 26.14 -37.81
C PRO B 252 -12.80 25.19 -38.87
N GLU B 253 -13.77 25.71 -39.64
CA GLU B 253 -14.44 24.89 -40.64
C GLU B 253 -13.46 24.40 -41.70
N ALA B 254 -12.48 25.23 -42.06
CA ALA B 254 -11.48 24.81 -43.04
C ALA B 254 -10.66 23.63 -42.54
N THR B 255 -10.33 23.63 -41.24
CA THR B 255 -9.62 22.49 -40.65
C THR B 255 -10.52 21.27 -40.57
N ARG B 256 -11.82 21.49 -40.34
CA ARG B 256 -12.77 20.38 -40.31
C ARG B 256 -12.89 19.71 -41.68
N TYR B 257 -13.01 20.50 -42.74
CA TYR B 257 -13.15 19.92 -44.08
C TYR B 257 -11.87 19.28 -44.55
N ARG B 258 -10.72 19.76 -44.07
CA ARG B 258 -9.47 19.08 -44.35
C ARG B 258 -9.50 17.65 -43.81
N LEU B 259 -9.74 17.52 -42.50
CA LEU B 259 -9.57 16.24 -41.83
C LEU B 259 -10.52 15.16 -42.36
N THR B 260 -11.74 15.54 -42.78
CA THR B 260 -12.64 14.55 -43.38
C THR B 260 -12.16 14.12 -44.75
N ALA B 261 -11.57 15.05 -45.50
CA ALA B 261 -10.95 14.69 -46.77
C ALA B 261 -9.76 13.77 -46.53
N GLU B 262 -8.97 14.04 -45.49
CA GLU B 262 -7.84 13.17 -45.16
C GLU B 262 -8.29 11.84 -44.57
N GLN B 263 -9.58 11.64 -44.30
CA GLN B 263 -10.03 10.43 -43.62
C GLN B 263 -9.80 9.21 -44.52
N LYS B 264 -9.08 8.22 -43.98
CA LYS B 264 -8.72 7.03 -44.74
C LYS B 264 -9.59 5.84 -44.37
N GLY B 265 -9.51 5.39 -43.12
CA GLY B 265 -10.11 4.11 -42.74
C GLY B 265 -11.61 4.11 -42.69
N LEU B 266 -12.25 5.27 -42.49
CA LEU B 266 -13.69 5.28 -42.26
C LEU B 266 -14.46 4.73 -43.45
N PHE B 267 -14.35 5.40 -44.60
CA PHE B 267 -15.10 4.99 -45.78
C PHE B 267 -14.28 4.14 -46.74
N LYS B 268 -12.95 4.20 -46.68
CA LYS B 268 -12.09 3.45 -47.58
C LYS B 268 -11.22 2.42 -46.85
N GLY B 269 -11.63 2.01 -45.66
CA GLY B 269 -10.86 1.06 -44.87
C GLY B 269 -11.43 -0.35 -44.94
N ILE B 270 -10.53 -1.32 -44.86
CA ILE B 270 -10.86 -2.74 -44.93
C ILE B 270 -10.48 -3.39 -43.61
N ASP B 271 -11.34 -4.29 -43.12
CA ASP B 271 -11.01 -5.06 -41.94
C ASP B 271 -9.66 -5.77 -42.12
N GLY B 272 -8.76 -5.57 -41.15
CA GLY B 272 -7.43 -6.13 -41.27
C GLY B 272 -7.43 -7.63 -41.43
N ASP B 273 -8.32 -8.32 -40.70
CA ASP B 273 -8.42 -9.76 -40.84
C ASP B 273 -8.86 -10.16 -42.25
N LEU B 274 -9.72 -9.34 -42.87
CA LEU B 274 -10.14 -9.62 -44.23
C LEU B 274 -9.00 -9.41 -45.22
N ILE B 275 -8.18 -8.38 -45.00
CA ILE B 275 -7.01 -8.18 -45.84
C ILE B 275 -6.10 -9.42 -45.81
N ASN B 276 -5.88 -9.97 -44.62
CA ASN B 276 -4.89 -11.02 -44.46
C ASN B 276 -5.37 -12.38 -44.98
N GLU B 277 -6.67 -12.65 -44.94
CA GLU B 277 -7.17 -13.88 -45.56
C GLU B 277 -7.30 -13.71 -47.07
N ILE B 278 -7.50 -12.50 -47.56
CA ILE B 278 -7.38 -12.26 -48.99
C ILE B 278 -5.98 -12.65 -49.45
N PHE B 279 -4.96 -12.22 -48.71
CA PHE B 279 -3.59 -12.61 -49.04
C PHE B 279 -3.40 -14.12 -48.90
N ASP B 280 -3.91 -14.69 -47.80
CA ASP B 280 -3.78 -16.13 -47.60
C ASP B 280 -4.45 -16.90 -48.74
N LEU B 281 -5.64 -16.46 -49.15
CA LEU B 281 -6.32 -17.10 -50.27
C LEU B 281 -5.48 -17.00 -51.55
N LEU B 282 -4.95 -15.81 -51.83
CA LEU B 282 -4.08 -15.66 -53.00
C LEU B 282 -2.88 -16.61 -52.93
N TYR B 283 -2.27 -16.72 -51.74
CA TYR B 283 -1.19 -17.68 -51.55
C TYR B 283 -1.66 -19.10 -51.82
N GLN B 284 -2.89 -19.41 -51.39
CA GLN B 284 -3.42 -20.76 -51.58
C GLN B 284 -3.66 -21.06 -53.06
N LYS B 285 -4.33 -20.14 -53.76
CA LYS B 285 -4.65 -20.38 -55.17
C LYS B 285 -3.39 -20.42 -56.03
N ASN B 286 -2.36 -19.65 -55.66
CA ASN B 286 -1.16 -19.55 -56.49
C ASN B 286 -0.32 -20.82 -56.48
N LEU B 287 -0.55 -21.74 -55.54
CA LEU B 287 0.23 -22.97 -55.52
C LEU B 287 -0.10 -23.86 -56.71
N ALA B 288 -1.33 -23.82 -57.20
CA ALA B 288 -1.75 -24.63 -58.33
C ALA B 288 -1.38 -24.04 -59.68
N GLY B 289 -0.70 -22.88 -59.69
CA GLY B 289 -0.37 -22.20 -60.91
C GLY B 289 -0.76 -20.74 -60.84
N PRO B 290 -0.36 -19.94 -61.83
CA PRO B 290 -0.69 -18.51 -61.82
C PRO B 290 -2.20 -18.30 -61.85
N VAL B 291 -2.67 -17.38 -61.02
CA VAL B 291 -4.11 -17.09 -60.96
C VAL B 291 -4.38 -15.78 -61.68
N PRO B 292 -5.42 -15.72 -62.50
CA PRO B 292 -5.68 -14.51 -63.32
C PRO B 292 -6.34 -13.40 -62.52
N THR B 293 -5.59 -12.82 -61.59
CA THR B 293 -6.08 -11.71 -60.80
C THR B 293 -5.12 -10.53 -60.94
N ARG B 294 -5.60 -9.36 -60.49
CA ARG B 294 -4.84 -8.12 -60.71
C ARG B 294 -5.26 -7.11 -59.65
N LEU B 295 -4.32 -6.68 -58.81
CA LEU B 295 -4.58 -5.74 -57.73
C LEU B 295 -3.75 -4.49 -57.98
N LEU B 296 -4.41 -3.37 -58.23
CA LEU B 296 -3.75 -2.12 -58.59
C LEU B 296 -4.14 -1.02 -57.61
N THR B 297 -3.18 -0.18 -57.28
CA THR B 297 -3.36 0.93 -56.36
C THR B 297 -3.06 2.24 -57.07
N ASN B 298 -3.43 3.36 -56.42
CA ASN B 298 -3.14 4.70 -56.91
C ASN B 298 -3.73 4.96 -58.28
N SER B 299 -4.87 4.35 -58.60
CA SER B 299 -5.43 4.40 -59.94
C SER B 299 -6.83 5.00 -59.89
N SER B 300 -7.02 6.08 -60.64
CA SER B 300 -8.31 6.75 -60.72
C SER B 300 -9.03 6.35 -62.00
N LEU B 301 -10.33 6.09 -61.88
CA LEU B 301 -11.16 5.82 -63.04
C LEU B 301 -11.58 7.14 -63.67
N ASN B 302 -11.14 7.38 -64.90
CA ASN B 302 -11.37 8.66 -65.56
C ASN B 302 -12.40 8.59 -66.67
N SER B 303 -12.61 7.44 -67.29
CA SER B 303 -13.62 7.31 -68.33
C SER B 303 -13.95 5.83 -68.52
N ALA B 304 -15.13 5.59 -69.08
CA ALA B 304 -15.59 4.22 -69.31
C ALA B 304 -16.65 4.24 -70.40
N ARG B 305 -16.69 3.16 -71.18
CA ARG B 305 -17.63 3.06 -72.28
C ARG B 305 -17.99 1.60 -72.50
N HIS B 306 -19.25 1.39 -72.91
CA HIS B 306 -19.78 0.07 -73.18
C HIS B 306 -19.96 -0.12 -74.67
N GLU B 307 -19.69 -1.35 -75.10
CA GLU B 307 -19.73 -1.83 -76.46
C GLU B 307 -19.44 -3.33 -76.35
N ASN B 308 -20.12 -4.16 -77.16
CA ASN B 308 -19.74 -5.57 -77.29
C ASN B 308 -20.02 -6.34 -76.00
N GLY B 309 -20.87 -5.79 -75.15
CA GLY B 309 -21.18 -6.37 -73.86
C GLY B 309 -19.96 -6.33 -72.95
N THR B 310 -19.00 -5.51 -73.34
CA THR B 310 -17.70 -5.40 -72.67
C THR B 310 -17.43 -3.94 -72.36
N TYR B 311 -16.77 -3.71 -71.23
CA TYR B 311 -16.39 -2.37 -70.83
C TYR B 311 -14.92 -2.12 -71.11
N THR B 312 -14.61 -0.91 -71.57
CA THR B 312 -13.24 -0.42 -71.66
C THR B 312 -13.11 0.75 -70.69
N LEU B 313 -12.35 0.54 -69.63
CA LEU B 313 -12.21 1.50 -68.54
C LEU B 313 -10.82 2.11 -68.57
N ALA B 314 -10.74 3.41 -68.81
CA ALA B 314 -9.47 4.11 -68.85
C ALA B 314 -9.12 4.60 -67.45
N PHE B 315 -7.96 4.15 -66.94
CA PHE B 315 -7.45 4.56 -65.65
C PHE B 315 -6.21 5.42 -65.81
N ARG B 316 -5.86 6.13 -64.74
CA ARG B 316 -4.62 6.87 -64.66
C ARG B 316 -3.97 6.58 -63.33
N GLN B 317 -2.79 5.95 -63.35
CA GLN B 317 -1.96 5.91 -62.16
C GLN B 317 -1.57 7.34 -61.82
N GLU B 318 -2.13 7.88 -60.74
CA GLU B 318 -2.01 9.31 -60.47
C GLU B 318 -0.57 9.69 -60.14
N GLU B 319 0.05 8.98 -59.19
CA GLU B 319 1.36 9.41 -58.72
C GLU B 319 2.51 8.92 -59.59
N GLN B 320 2.31 7.88 -60.39
CA GLN B 320 3.30 7.53 -61.42
C GLN B 320 3.15 8.39 -62.66
N GLY B 321 1.98 8.98 -62.87
CA GLY B 321 1.74 9.84 -64.03
C GLY B 321 1.65 9.10 -65.34
N LYS B 322 0.94 7.97 -65.37
CA LYS B 322 0.83 7.14 -66.56
C LYS B 322 -0.60 6.65 -66.72
N ASP B 323 -1.00 6.40 -67.95
CA ASP B 323 -2.34 5.95 -68.28
C ASP B 323 -2.33 4.49 -68.70
N PHE B 324 -3.45 3.82 -68.45
CA PHE B 324 -3.68 2.44 -68.88
C PHE B 324 -5.19 2.21 -68.83
N GLU B 325 -5.63 1.16 -69.52
CA GLU B 325 -7.06 0.87 -69.51
C GLU B 325 -7.28 -0.64 -69.55
N ILE B 326 -8.42 -1.06 -69.00
CA ILE B 326 -8.75 -2.46 -68.80
C ILE B 326 -10.03 -2.79 -69.55
N GLU B 327 -10.07 -3.98 -70.12
CA GLU B 327 -11.25 -4.49 -70.83
C GLU B 327 -11.88 -5.60 -70.00
N SER B 328 -13.12 -5.40 -69.57
CA SER B 328 -13.79 -6.36 -68.70
C SER B 328 -15.28 -6.41 -69.03
N GLN B 329 -15.84 -7.62 -69.02
CA GLN B 329 -17.26 -7.80 -69.26
C GLN B 329 -18.09 -7.40 -68.05
N GLY B 330 -17.57 -7.62 -66.84
CA GLY B 330 -18.25 -7.25 -65.61
C GLY B 330 -17.63 -6.00 -65.01
N LEU B 331 -18.45 -5.22 -64.33
CA LEU B 331 -17.98 -3.99 -63.70
C LEU B 331 -18.76 -3.79 -62.41
N VAL B 332 -18.04 -3.79 -61.28
CA VAL B 332 -18.63 -3.60 -59.97
C VAL B 332 -18.02 -2.33 -59.37
N LEU B 333 -18.86 -1.33 -59.13
CA LEU B 333 -18.41 -0.04 -58.58
C LEU B 333 -18.68 -0.01 -57.09
N ALA B 334 -17.66 -0.35 -56.30
CA ALA B 334 -17.72 -0.19 -54.85
C ALA B 334 -17.20 1.19 -54.44
N THR B 335 -17.78 2.23 -55.04
CA THR B 335 -17.33 3.60 -54.86
C THR B 335 -18.01 4.30 -53.68
N GLY B 336 -18.69 3.55 -52.82
CA GLY B 336 -19.23 4.12 -51.59
C GLY B 336 -20.56 4.83 -51.78
N TYR B 337 -20.84 5.71 -50.84
CA TYR B 337 -22.09 6.45 -50.80
C TYR B 337 -21.79 7.92 -50.54
N LYS B 338 -22.79 8.76 -50.79
CA LYS B 338 -22.66 10.20 -50.62
C LYS B 338 -24.03 10.78 -50.31
N TYR B 339 -24.08 11.71 -49.35
CA TYR B 339 -25.32 12.36 -49.01
C TYR B 339 -25.64 13.46 -50.02
N ALA B 340 -26.87 13.46 -50.51
CA ALA B 340 -27.40 14.54 -51.33
C ALA B 340 -28.62 15.13 -50.63
N GLU B 341 -28.66 16.45 -50.55
CA GLU B 341 -29.76 17.11 -49.84
C GLU B 341 -31.06 16.87 -50.60
N PRO B 342 -32.04 16.19 -50.00
CA PRO B 342 -33.26 15.85 -50.73
C PRO B 342 -34.07 17.09 -51.08
N GLU B 343 -34.56 17.14 -52.32
CA GLU B 343 -35.28 18.31 -52.80
C GLU B 343 -36.57 18.57 -52.03
N PHE B 344 -37.09 17.58 -51.30
CA PHE B 344 -38.29 17.84 -50.52
C PHE B 344 -38.07 18.86 -49.41
N LEU B 345 -36.81 19.26 -49.18
CA LEU B 345 -36.48 20.36 -48.28
C LEU B 345 -36.45 21.70 -48.98
N ALA B 346 -36.77 21.76 -50.27
CA ALA B 346 -36.70 23.02 -51.00
C ALA B 346 -37.60 24.12 -50.44
N PRO B 347 -38.86 23.87 -50.07
CA PRO B 347 -39.71 24.98 -49.59
C PRO B 347 -39.23 25.61 -48.28
N VAL B 348 -38.29 25.01 -47.57
CA VAL B 348 -37.83 25.59 -46.31
C VAL B 348 -36.31 25.69 -46.31
N LYS B 349 -35.71 25.90 -47.49
CA LYS B 349 -34.27 26.10 -47.56
C LYS B 349 -33.83 27.34 -46.79
N ASP B 350 -34.67 28.38 -46.79
CA ASP B 350 -34.38 29.58 -46.01
C ASP B 350 -34.33 29.31 -44.52
N ARG B 351 -34.94 28.20 -44.07
CA ARG B 351 -34.97 27.82 -42.68
C ARG B 351 -33.76 27.00 -42.25
N LEU B 352 -32.86 26.68 -43.17
CA LEU B 352 -31.76 25.76 -42.91
C LEU B 352 -30.43 26.48 -42.84
N VAL B 353 -29.50 25.90 -42.09
CA VAL B 353 -28.16 26.44 -41.91
C VAL B 353 -27.21 25.78 -42.90
N TYR B 354 -26.40 26.59 -43.58
CA TYR B 354 -25.42 26.10 -44.54
C TYR B 354 -24.05 26.64 -44.18
N ASP B 355 -23.01 25.99 -44.70
CA ASP B 355 -21.65 26.41 -44.46
C ASP B 355 -21.03 26.93 -45.76
N SER B 356 -19.70 26.89 -45.85
CA SER B 356 -19.03 27.55 -46.97
C SER B 356 -19.19 26.76 -48.26
N GLN B 357 -19.10 25.43 -48.20
CA GLN B 357 -19.22 24.60 -49.39
C GLN B 357 -20.64 24.11 -49.64
N GLY B 358 -21.63 24.81 -49.11
CA GLY B 358 -23.02 24.54 -49.40
C GLY B 358 -23.66 23.38 -48.68
N ASN B 359 -23.03 22.87 -47.62
CA ASN B 359 -23.56 21.73 -46.88
C ASN B 359 -24.17 22.19 -45.56
N PHE B 360 -24.87 21.27 -44.91
CA PHE B 360 -25.53 21.58 -43.66
C PHE B 360 -24.49 21.86 -42.57
N ASP B 361 -24.62 23.03 -41.93
CA ASP B 361 -23.76 23.40 -40.80
C ASP B 361 -24.42 22.96 -39.51
N VAL B 362 -24.55 21.64 -39.37
CA VAL B 362 -25.32 21.05 -38.29
C VAL B 362 -24.66 21.31 -36.95
N SER B 363 -25.47 21.62 -35.94
CA SER B 363 -24.98 22.08 -34.64
C SER B 363 -24.34 20.93 -33.86
N ARG B 364 -23.85 21.26 -32.67
CA ARG B 364 -23.42 20.24 -31.73
C ARG B 364 -24.61 19.44 -31.22
N ALA B 365 -25.78 20.07 -31.11
CA ALA B 365 -27.01 19.37 -30.73
C ALA B 365 -27.67 18.66 -31.92
N TYR B 366 -26.94 18.51 -33.03
CA TYR B 366 -27.44 17.81 -34.22
C TYR B 366 -28.65 18.52 -34.82
N ALA B 367 -28.60 19.85 -34.88
CA ALA B 367 -29.67 20.66 -35.44
C ALA B 367 -29.18 21.42 -36.67
N ILE B 368 -30.05 21.55 -37.67
CA ILE B 368 -29.68 22.15 -38.95
C ILE B 368 -30.50 23.39 -39.28
N ASP B 369 -31.35 23.87 -38.38
CA ASP B 369 -32.23 24.98 -38.70
C ASP B 369 -31.88 26.22 -37.88
N VAL B 370 -32.61 27.30 -38.17
CA VAL B 370 -32.34 28.57 -37.51
C VAL B 370 -32.53 28.47 -36.00
N THR B 371 -33.45 27.62 -35.54
CA THR B 371 -33.77 27.55 -34.11
C THR B 371 -32.63 26.91 -33.31
N GLY B 372 -31.78 26.13 -33.97
CA GLY B 372 -30.83 25.29 -33.24
C GLY B 372 -31.48 24.15 -32.50
N ARG B 373 -32.77 23.92 -32.72
CA ARG B 373 -33.49 22.86 -32.00
C ARG B 373 -34.78 22.46 -32.69
N GLY B 374 -34.95 22.74 -33.98
CA GLY B 374 -36.19 22.43 -34.67
C GLY B 374 -36.12 21.23 -35.60
N VAL B 375 -35.06 21.16 -36.41
CA VAL B 375 -34.86 20.07 -37.37
C VAL B 375 -33.54 19.39 -37.08
N PHE B 376 -33.57 18.08 -36.90
CA PHE B 376 -32.39 17.29 -36.56
C PHE B 376 -31.99 16.40 -37.72
N LEU B 377 -30.69 16.10 -37.81
CA LEU B 377 -30.12 15.36 -38.93
C LEU B 377 -29.23 14.25 -38.40
N GLN B 378 -29.56 13.00 -38.76
CA GLN B 378 -28.91 11.84 -38.17
C GLN B 378 -27.53 11.59 -38.78
N ASN B 379 -27.49 11.16 -40.04
CA ASN B 379 -26.24 10.81 -40.69
C ASN B 379 -25.62 12.07 -41.31
N ALA B 380 -24.73 11.90 -42.30
CA ALA B 380 -24.30 12.98 -43.19
C ALA B 380 -23.70 14.17 -42.42
N GLY B 381 -22.89 13.88 -41.40
CA GLY B 381 -22.28 14.95 -40.65
C GLY B 381 -20.83 14.67 -40.29
N VAL B 382 -20.05 14.20 -41.27
CA VAL B 382 -18.64 13.92 -41.01
C VAL B 382 -17.84 15.22 -40.88
N HIS B 383 -18.21 16.25 -41.65
CA HIS B 383 -17.54 17.54 -41.58
C HIS B 383 -17.87 18.30 -40.30
N THR B 384 -18.68 17.73 -39.40
CA THR B 384 -19.09 18.39 -38.17
C THR B 384 -18.87 17.54 -36.93
N HIS B 385 -19.07 16.22 -37.03
CA HIS B 385 -18.88 15.33 -35.90
C HIS B 385 -17.89 14.20 -36.20
N SER B 386 -17.21 14.26 -37.33
CA SER B 386 -16.12 13.34 -37.71
C SER B 386 -16.71 11.93 -37.84
N ILE B 387 -15.97 10.90 -37.41
CA ILE B 387 -16.31 9.51 -37.70
C ILE B 387 -17.50 9.07 -36.84
N THR B 388 -18.01 9.98 -36.01
CA THR B 388 -19.17 9.68 -35.20
C THR B 388 -20.44 9.59 -36.03
N SER B 389 -20.52 10.36 -37.12
CA SER B 389 -21.79 10.55 -37.82
C SER B 389 -22.39 9.25 -38.36
N PRO B 390 -21.66 8.38 -39.08
CA PRO B 390 -22.30 7.17 -39.61
C PRO B 390 -22.02 5.92 -38.79
N ASP B 391 -21.62 6.10 -37.53
CA ASP B 391 -21.23 4.97 -36.69
C ASP B 391 -22.43 4.47 -35.89
N LEU B 392 -22.70 3.17 -36.00
CA LEU B 392 -23.77 2.57 -35.22
C LEU B 392 -23.48 2.65 -33.72
N GLY B 393 -22.20 2.67 -33.35
CA GLY B 393 -21.82 2.77 -31.95
C GLY B 393 -22.13 4.09 -31.30
N MET B 394 -22.49 5.11 -32.08
CA MET B 394 -22.89 6.40 -31.54
C MET B 394 -24.31 6.79 -31.92
N GLY B 395 -25.10 5.86 -32.44
CA GLY B 395 -26.49 6.18 -32.73
C GLY B 395 -27.32 6.36 -31.49
N ALA B 396 -27.01 5.60 -30.43
CA ALA B 396 -27.73 5.77 -29.17
C ALA B 396 -27.32 7.03 -28.45
N TYR B 397 -26.07 7.47 -28.61
CA TYR B 397 -25.63 8.72 -28.01
C TYR B 397 -26.35 9.90 -28.67
N ARG B 398 -26.29 9.97 -30.00
CA ARG B 398 -26.93 11.07 -30.72
C ARG B 398 -28.43 11.10 -30.45
N ASN B 399 -29.09 9.94 -30.50
CA ASN B 399 -30.52 9.88 -30.18
C ASN B 399 -30.78 10.34 -28.76
N SER B 400 -29.83 10.12 -27.85
CA SER B 400 -29.98 10.60 -26.48
C SER B 400 -29.90 12.13 -26.43
N CYS B 401 -29.04 12.72 -27.25
CA CYS B 401 -28.97 14.17 -27.33
C CYS B 401 -30.22 14.74 -27.99
N ILE B 402 -30.73 14.07 -29.01
CA ILE B 402 -31.93 14.56 -29.70
C ILE B 402 -33.14 14.49 -28.77
N ILE B 403 -33.29 13.39 -28.04
CA ILE B 403 -34.35 13.27 -27.05
C ILE B 403 -34.19 14.34 -25.97
N ARG B 404 -32.95 14.70 -25.64
CA ARG B 404 -32.71 15.64 -24.55
C ARG B 404 -33.32 17.01 -24.87
N GLU B 405 -33.28 17.43 -26.13
CA GLU B 405 -33.79 18.74 -26.54
C GLU B 405 -35.24 18.70 -27.03
N LEU B 406 -35.72 17.56 -27.52
CA LEU B 406 -37.16 17.39 -27.73
C LEU B 406 -37.90 17.56 -26.41
N LEU B 407 -37.51 16.78 -25.41
CA LEU B 407 -37.89 17.06 -24.04
C LEU B 407 -37.18 18.32 -23.56
N GLY B 408 -37.39 18.65 -22.30
CA GLY B 408 -36.57 19.62 -21.62
C GLY B 408 -35.57 18.99 -20.68
N THR B 409 -35.43 17.66 -20.72
CA THR B 409 -34.67 16.92 -19.73
C THR B 409 -33.92 15.78 -20.39
N GLU B 410 -32.85 15.33 -19.74
CA GLU B 410 -32.11 14.16 -20.16
C GLU B 410 -32.88 12.91 -19.71
N TYR B 411 -33.62 12.30 -20.63
CA TYR B 411 -34.32 11.06 -20.28
C TYR B 411 -33.32 9.93 -20.09
N TYR B 412 -32.41 9.75 -21.04
CA TYR B 412 -31.33 8.80 -20.91
C TYR B 412 -30.03 9.52 -20.56
N PRO B 413 -29.20 8.94 -19.69
CA PRO B 413 -27.94 9.60 -19.33
C PRO B 413 -27.02 9.72 -20.53
N VAL B 414 -26.43 10.90 -20.69
CA VAL B 414 -25.55 11.22 -21.81
C VAL B 414 -24.19 11.58 -21.23
N GLU B 415 -23.18 10.76 -21.54
CA GLU B 415 -21.88 10.84 -20.89
C GLU B 415 -21.17 12.15 -21.23
N LYS B 416 -20.44 12.68 -20.26
CA LYS B 416 -19.59 13.85 -20.47
C LYS B 416 -18.24 13.45 -21.07
N THR B 417 -17.58 12.46 -20.46
CA THR B 417 -16.29 11.98 -20.91
C THR B 417 -16.25 10.47 -20.78
N ILE B 418 -15.65 9.80 -21.76
CA ILE B 418 -15.53 8.34 -21.74
C ILE B 418 -14.11 7.86 -21.95
N ALA B 419 -13.19 8.68 -22.45
CA ALA B 419 -11.85 8.23 -22.80
C ALA B 419 -10.85 8.59 -21.72
N PHE B 420 -9.66 8.01 -21.84
CA PHE B 420 -8.54 8.37 -20.98
C PHE B 420 -7.71 9.52 -21.55
N GLN B 421 -7.83 9.78 -22.84
CA GLN B 421 -7.11 10.87 -23.47
C GLN B 421 -7.83 12.20 -23.25
N GLU B 422 -7.10 13.29 -23.48
CA GLU B 422 -7.66 14.63 -23.57
C GLU B 422 -7.31 15.19 -24.94
N PHE B 423 -8.33 15.58 -25.71
CA PHE B 423 -8.09 16.05 -27.07
C PHE B 423 -7.99 17.56 -27.16
N SER B 424 -8.67 18.29 -26.27
CA SER B 424 -8.51 19.73 -26.17
C SER B 424 -7.55 20.05 -25.03
N VAL B 425 -7.19 21.32 -24.92
CA VAL B 425 -6.35 21.78 -23.83
C VAL B 425 -7.04 22.93 -23.13
N HIS C 12 42.39 -4.88 -49.50
CA HIS C 12 41.12 -5.61 -49.45
C HIS C 12 40.24 -5.22 -50.62
N ASP C 13 39.13 -5.95 -50.79
CA ASP C 13 38.16 -5.62 -51.84
C ASP C 13 37.11 -4.63 -51.36
N PHE C 14 36.73 -4.70 -50.08
CA PHE C 14 35.85 -3.70 -49.49
C PHE C 14 36.17 -3.59 -48.00
N VAL C 15 35.82 -2.43 -47.44
CA VAL C 15 35.96 -2.17 -46.01
C VAL C 15 34.58 -1.80 -45.49
N GLY C 16 34.09 -2.59 -44.53
CA GLY C 16 32.84 -2.26 -43.88
C GLY C 16 33.06 -1.38 -42.66
N ILE C 17 32.42 -0.22 -42.63
CA ILE C 17 32.53 0.71 -41.51
C ILE C 17 31.26 0.57 -40.67
N GLY C 18 31.44 0.19 -39.41
CA GLY C 18 30.31 -0.05 -38.53
C GLY C 18 29.82 -1.49 -38.61
N LEU C 19 29.41 -2.06 -37.48
CA LEU C 19 28.93 -3.43 -37.44
C LEU C 19 27.55 -3.47 -36.77
N GLY C 20 26.56 -2.93 -37.47
CA GLY C 20 25.19 -3.10 -37.08
C GLY C 20 24.67 -4.42 -37.63
N PRO C 21 23.36 -4.67 -37.51
CA PRO C 21 22.80 -5.89 -38.09
C PRO C 21 23.04 -6.01 -39.59
N PHE C 22 22.98 -4.89 -40.31
CA PHE C 22 23.13 -4.93 -41.76
C PHE C 22 24.54 -5.33 -42.16
N ASN C 23 25.55 -4.66 -41.60
CA ASN C 23 26.93 -4.99 -41.97
C ASN C 23 27.35 -6.33 -41.39
N LEU C 24 26.85 -6.69 -40.21
CA LEU C 24 27.10 -8.03 -39.68
C LEU C 24 26.46 -9.09 -40.57
N GLY C 25 25.27 -8.81 -41.10
CA GLY C 25 24.68 -9.71 -42.08
C GLY C 25 25.55 -9.88 -43.31
N LEU C 26 26.07 -8.77 -43.84
CA LEU C 26 26.98 -8.84 -44.97
C LEU C 26 28.23 -9.64 -44.62
N ALA C 27 28.66 -9.62 -43.36
CA ALA C 27 29.89 -10.31 -42.96
C ALA C 27 29.72 -11.82 -42.97
N CYS C 28 28.53 -12.32 -42.64
CA CYS C 28 28.26 -13.75 -42.68
C CYS C 28 27.87 -14.23 -44.06
N LEU C 29 27.31 -13.34 -44.87
CA LEU C 29 26.99 -13.69 -46.25
C LEU C 29 28.24 -13.76 -47.13
N THR C 30 29.30 -13.04 -46.77
CA THR C 30 30.53 -13.01 -47.56
C THR C 30 31.60 -13.95 -47.03
N GLU C 31 31.46 -14.45 -45.81
CA GLU C 31 32.45 -15.39 -45.27
C GLU C 31 32.67 -16.62 -46.15
N PRO C 32 31.64 -17.28 -46.70
CA PRO C 32 31.91 -18.46 -47.55
C PRO C 32 32.41 -18.12 -48.94
N ILE C 33 32.39 -16.84 -49.34
CA ILE C 33 32.85 -16.41 -50.65
C ILE C 33 34.36 -16.16 -50.59
N ASP C 34 35.13 -17.06 -51.20
CA ASP C 34 36.58 -16.93 -51.16
C ASP C 34 37.08 -15.80 -52.07
N GLU C 35 36.46 -15.64 -53.25
CA GLU C 35 36.83 -14.59 -54.19
C GLU C 35 36.53 -13.19 -53.69
N LEU C 36 36.02 -13.05 -52.46
CA LEU C 36 35.70 -11.76 -51.88
C LEU C 36 36.35 -11.67 -50.51
N ASP C 37 37.28 -10.73 -50.35
CA ASP C 37 38.01 -10.53 -49.10
C ASP C 37 37.68 -9.14 -48.58
N GLY C 38 36.73 -9.05 -47.65
CA GLY C 38 36.40 -7.82 -46.98
C GLY C 38 36.75 -7.90 -45.50
N ILE C 39 36.65 -6.74 -44.85
CA ILE C 39 36.96 -6.64 -43.43
C ILE C 39 36.12 -5.51 -42.83
N PHE C 40 35.81 -5.63 -41.55
CA PHE C 40 34.85 -4.76 -40.89
C PHE C 40 35.45 -4.15 -39.64
N LEU C 41 35.19 -2.86 -39.43
CA LEU C 41 35.75 -2.10 -38.33
C LEU C 41 34.63 -1.57 -37.46
N GLU C 42 34.62 -1.98 -36.19
CA GLU C 42 33.59 -1.56 -35.26
C GLU C 42 34.22 -0.86 -34.05
N SER C 43 33.59 0.23 -33.62
CA SER C 43 34.08 0.99 -32.49
C SER C 43 33.92 0.24 -31.18
N LYS C 44 32.76 -0.39 -30.96
CA LYS C 44 32.51 -1.09 -29.72
C LYS C 44 33.46 -2.29 -29.57
N PRO C 45 33.77 -2.69 -28.34
CA PRO C 45 34.64 -3.85 -28.15
C PRO C 45 33.99 -5.17 -28.52
N ASP C 46 32.67 -5.18 -28.69
CA ASP C 46 31.93 -6.35 -29.18
C ASP C 46 30.60 -5.85 -29.70
N PHE C 47 29.90 -6.74 -30.41
CA PHE C 47 28.59 -6.36 -30.93
C PHE C 47 27.65 -6.02 -29.78
N GLU C 48 26.86 -4.96 -29.99
CA GLU C 48 25.82 -4.58 -29.04
C GLU C 48 24.71 -3.89 -29.81
N TRP C 49 23.50 -4.43 -29.72
CA TRP C 49 22.36 -3.84 -30.42
C TRP C 49 21.82 -2.67 -29.62
N HIS C 50 20.51 -2.43 -29.71
CA HIS C 50 19.87 -1.32 -29.00
C HIS C 50 19.59 -1.69 -27.54
N ALA C 51 20.66 -2.03 -26.83
CA ALA C 51 20.56 -2.14 -25.39
C ALA C 51 20.14 -0.79 -24.82
N GLY C 52 19.49 -0.83 -23.67
CA GLY C 52 18.79 0.34 -23.19
C GLY C 52 17.34 0.40 -23.61
N MET C 53 16.96 -0.42 -24.60
CA MET C 53 15.57 -0.76 -24.85
C MET C 53 15.29 -2.22 -24.55
N PHE C 54 16.19 -2.89 -23.84
CA PHE C 54 16.03 -4.31 -23.50
C PHE C 54 15.11 -4.48 -22.29
N LEU C 55 13.87 -4.02 -22.47
CA LEU C 55 12.85 -4.25 -21.45
C LEU C 55 12.51 -5.73 -21.39
N ASP C 56 12.12 -6.19 -20.19
CA ASP C 56 11.76 -7.59 -20.03
C ASP C 56 10.56 -7.93 -20.90
N GLY C 57 10.72 -8.98 -21.72
CA GLY C 57 9.68 -9.39 -22.64
C GLY C 57 9.67 -8.68 -23.97
N ALA C 58 10.48 -7.64 -24.14
CA ALA C 58 10.52 -6.93 -25.41
C ALA C 58 11.01 -7.85 -26.52
N HIS C 59 10.51 -7.61 -27.73
CA HIS C 59 10.76 -8.51 -28.85
C HIS C 59 10.91 -7.72 -30.13
N LEU C 60 11.35 -8.40 -31.18
CA LEU C 60 11.48 -7.79 -32.50
C LEU C 60 10.11 -7.44 -33.07
N GLN C 61 10.11 -6.56 -34.07
CA GLN C 61 8.91 -6.19 -34.80
C GLN C 61 8.77 -6.93 -36.13
N THR C 62 9.67 -7.86 -36.41
CA THR C 62 9.66 -8.65 -37.63
C THR C 62 9.99 -10.09 -37.30
N PRO C 63 9.47 -11.05 -38.08
CA PRO C 63 9.68 -12.47 -37.78
C PRO C 63 11.16 -12.85 -37.83
N PHE C 64 11.44 -14.07 -37.36
CA PHE C 64 12.83 -14.47 -37.12
C PHE C 64 13.60 -14.76 -38.41
N MET C 65 12.90 -15.01 -39.52
CA MET C 65 13.64 -15.17 -40.77
C MET C 65 14.20 -13.85 -41.30
N SER C 66 13.89 -12.73 -40.63
CA SER C 66 14.56 -11.46 -40.89
C SER C 66 15.89 -11.35 -40.16
N ASP C 67 16.56 -12.48 -39.93
CA ASP C 67 17.85 -12.48 -39.25
C ASP C 67 18.97 -12.01 -40.17
N LEU C 68 20.15 -12.59 -40.04
CA LEU C 68 21.32 -12.09 -40.76
C LEU C 68 21.49 -12.71 -42.15
N VAL C 69 20.83 -13.83 -42.44
CA VAL C 69 21.18 -14.61 -43.62
C VAL C 69 19.98 -15.25 -44.30
N THR C 70 18.99 -15.67 -43.52
CA THR C 70 18.08 -16.73 -43.98
C THR C 70 17.30 -16.32 -45.22
N LEU C 71 16.91 -15.06 -45.33
CA LEU C 71 16.13 -14.64 -46.49
C LEU C 71 16.92 -14.61 -47.78
N ALA C 72 18.25 -14.78 -47.72
CA ALA C 72 19.08 -14.97 -48.90
C ALA C 72 19.63 -16.38 -49.03
N ASP C 73 19.86 -17.06 -47.91
CA ASP C 73 20.41 -18.42 -47.91
C ASP C 73 19.96 -19.11 -46.63
N PRO C 74 18.86 -19.85 -46.67
CA PRO C 74 18.41 -20.57 -45.46
C PRO C 74 19.37 -21.66 -45.02
N THR C 75 20.40 -21.99 -45.81
CA THR C 75 21.33 -23.05 -45.45
C THR C 75 22.58 -22.54 -44.74
N SER C 76 22.76 -21.23 -44.61
CA SER C 76 24.01 -20.71 -44.08
C SER C 76 24.12 -21.01 -42.58
N PRO C 77 25.30 -21.36 -42.09
CA PRO C 77 25.43 -21.76 -40.68
C PRO C 77 25.14 -20.65 -39.69
N TYR C 78 24.96 -19.41 -40.12
CA TYR C 78 24.70 -18.30 -39.22
C TYR C 78 23.20 -17.98 -39.12
N SER C 79 22.34 -18.94 -39.45
CA SER C 79 20.91 -18.75 -39.30
C SER C 79 20.55 -18.58 -37.84
N PHE C 80 19.36 -18.04 -37.59
CA PHE C 80 18.85 -18.01 -36.23
C PHE C 80 18.48 -19.41 -35.76
N LEU C 81 18.03 -20.27 -36.68
CA LEU C 81 17.65 -21.63 -36.30
C LEU C 81 18.87 -22.47 -35.95
N ASN C 82 19.96 -22.31 -36.69
CA ASN C 82 21.19 -23.00 -36.33
C ASN C 82 21.71 -22.52 -34.99
N TYR C 83 21.56 -21.22 -34.70
CA TYR C 83 21.97 -20.68 -33.41
C TYR C 83 21.21 -21.34 -32.27
N LEU C 84 19.90 -21.56 -32.45
CA LEU C 84 19.12 -22.25 -31.43
C LEU C 84 19.52 -23.71 -31.32
N LYS C 85 19.89 -24.33 -32.45
CA LYS C 85 20.30 -25.73 -32.41
C LYS C 85 21.57 -25.90 -31.59
N GLU C 86 22.53 -24.99 -31.75
CA GLU C 86 23.79 -25.11 -31.02
C GLU C 86 23.60 -24.78 -29.55
N LYS C 87 22.75 -23.80 -29.24
CA LYS C 87 22.46 -23.47 -27.84
C LYS C 87 21.62 -24.53 -27.16
N GLY C 88 21.13 -25.53 -27.88
CA GLY C 88 20.24 -26.51 -27.29
C GLY C 88 18.88 -25.92 -26.93
N ARG C 89 18.31 -25.12 -27.83
CA ARG C 89 17.04 -24.44 -27.55
C ARG C 89 16.06 -24.55 -28.72
N LEU C 90 16.35 -25.37 -29.72
CA LEU C 90 15.52 -25.43 -30.92
C LEU C 90 14.15 -26.00 -30.60
N TYR C 91 14.10 -27.17 -29.98
CA TYR C 91 12.81 -27.79 -29.65
C TYR C 91 12.01 -26.92 -28.70
N SER C 92 12.69 -26.27 -27.75
CA SER C 92 12.02 -25.29 -26.90
C SER C 92 11.39 -24.18 -27.74
N PHE C 93 12.16 -23.61 -28.66
CA PHE C 93 11.63 -22.59 -29.57
C PHE C 93 10.52 -23.17 -30.44
N TYR C 94 10.64 -24.45 -30.82
CA TYR C 94 9.62 -25.07 -31.67
C TYR C 94 8.28 -25.13 -30.96
N ILE C 95 8.29 -25.40 -29.65
CA ILE C 95 7.05 -25.46 -28.89
C ILE C 95 6.53 -24.06 -28.57
N ARG C 96 7.44 -23.10 -28.37
CA ARG C 96 7.02 -21.72 -28.10
C ARG C 96 6.15 -21.17 -29.22
N GLU C 97 6.40 -21.60 -30.46
CA GLU C 97 5.58 -21.24 -31.61
C GLU C 97 5.31 -19.74 -31.65
N ASN C 98 6.39 -18.96 -31.56
CA ASN C 98 6.34 -17.52 -31.69
C ASN C 98 7.31 -17.10 -32.79
N PHE C 99 6.82 -16.28 -33.73
CA PHE C 99 7.65 -15.86 -34.85
C PHE C 99 8.69 -14.82 -34.46
N TYR C 100 8.54 -14.17 -33.30
CA TYR C 100 9.34 -13.00 -32.98
C TYR C 100 10.28 -13.30 -31.83
N PRO C 101 11.60 -13.24 -32.06
CA PRO C 101 12.53 -13.50 -30.96
C PRO C 101 12.60 -12.31 -30.01
N LEU C 102 12.96 -12.60 -28.76
CA LEU C 102 13.15 -11.56 -27.77
C LEU C 102 14.38 -10.73 -28.11
N ARG C 103 14.36 -9.47 -27.66
CA ARG C 103 15.44 -8.55 -28.00
C ARG C 103 16.79 -9.06 -27.51
N VAL C 104 16.86 -9.47 -26.24
CA VAL C 104 18.11 -10.00 -25.72
C VAL C 104 18.46 -11.32 -26.43
N GLU C 105 17.45 -12.03 -26.92
CA GLU C 105 17.70 -13.25 -27.67
C GLU C 105 18.33 -12.95 -29.02
N TYR C 106 17.84 -11.91 -29.70
CA TYR C 106 18.43 -11.51 -30.97
C TYR C 106 19.82 -10.92 -30.76
N ASP C 107 19.97 -10.06 -29.75
CA ASP C 107 21.28 -9.48 -29.46
C ASP C 107 22.31 -10.56 -29.14
N ASP C 108 21.91 -11.56 -28.34
CA ASP C 108 22.80 -12.67 -28.05
C ASP C 108 23.13 -13.46 -29.32
N TYR C 109 22.18 -13.57 -30.24
CA TYR C 109 22.42 -14.32 -31.47
C TYR C 109 23.42 -13.61 -32.37
N CYS C 110 23.24 -12.29 -32.57
CA CYS C 110 24.13 -11.55 -33.44
C CYS C 110 25.58 -11.62 -32.93
N ARG C 111 25.76 -11.47 -31.62
CA ARG C 111 27.11 -11.60 -31.05
C ARG C 111 27.67 -12.98 -31.29
N TRP C 112 26.83 -14.02 -31.16
CA TRP C 112 27.27 -15.38 -31.42
C TRP C 112 27.75 -15.54 -32.86
N ALA C 113 27.07 -14.89 -33.81
CA ALA C 113 27.51 -14.94 -35.20
C ALA C 113 28.77 -14.12 -35.40
N ALA C 114 28.85 -12.94 -34.76
CA ALA C 114 30.00 -12.07 -34.95
C ALA C 114 31.30 -12.75 -34.52
N ASN C 115 31.28 -13.37 -33.34
CA ASN C 115 32.50 -13.97 -32.80
C ASN C 115 32.93 -15.21 -33.58
N LYS C 116 32.02 -15.83 -34.33
CA LYS C 116 32.36 -16.98 -35.15
C LYS C 116 33.07 -16.58 -36.45
N LEU C 117 33.16 -15.30 -36.74
CA LEU C 117 33.71 -14.81 -38.00
C LEU C 117 35.18 -14.43 -37.83
N SER C 118 35.85 -14.28 -38.98
CA SER C 118 37.26 -13.94 -39.02
C SER C 118 37.52 -12.50 -39.47
N SER C 119 36.48 -11.76 -39.85
CA SER C 119 36.66 -10.56 -40.67
C SER C 119 36.27 -9.28 -39.95
N ILE C 120 36.15 -9.29 -38.63
CA ILE C 120 35.68 -8.13 -37.87
C ILE C 120 36.75 -7.71 -36.87
N ARG C 121 37.04 -6.42 -36.83
CA ARG C 121 38.04 -5.84 -35.93
C ARG C 121 37.30 -4.91 -34.98
N PHE C 122 37.05 -5.39 -33.76
CA PHE C 122 36.35 -4.58 -32.78
C PHE C 122 37.28 -3.52 -32.19
N GLY C 123 36.68 -2.56 -31.48
CA GLY C 123 37.44 -1.51 -30.84
C GLY C 123 38.25 -0.65 -31.80
N THR C 124 37.66 -0.32 -32.95
CA THR C 124 38.37 0.43 -34.00
C THR C 124 37.41 1.49 -34.55
N THR C 125 37.58 2.73 -34.12
CA THR C 125 36.79 3.84 -34.63
C THR C 125 37.51 4.46 -35.81
N VAL C 126 36.78 4.64 -36.91
CA VAL C 126 37.35 5.19 -38.14
C VAL C 126 37.28 6.70 -38.07
N THR C 127 38.42 7.35 -38.31
CA THR C 127 38.54 8.80 -38.19
C THR C 127 38.52 9.53 -39.53
N GLU C 128 39.05 8.93 -40.60
CA GLU C 128 39.11 9.68 -41.85
C GLU C 128 39.03 8.74 -43.04
N VAL C 129 38.34 9.18 -44.08
CA VAL C 129 38.30 8.48 -45.36
C VAL C 129 38.89 9.36 -46.43
N ARG C 130 39.69 8.76 -47.31
CA ARG C 130 40.26 9.50 -48.42
C ARG C 130 40.43 8.56 -49.61
N TYR C 131 40.71 9.17 -50.75
CA TYR C 131 40.76 8.49 -52.04
C TYR C 131 42.04 8.90 -52.77
N GLU C 132 42.93 7.94 -53.01
CA GLU C 132 44.15 8.21 -53.75
C GLU C 132 44.50 7.01 -54.62
N ASP C 133 44.79 7.29 -55.90
CA ASP C 133 45.15 6.27 -56.88
C ASP C 133 44.11 5.15 -56.93
N ASP C 134 42.85 5.57 -57.02
CA ASP C 134 41.70 4.69 -57.26
C ASP C 134 41.43 3.73 -56.11
N LEU C 135 41.94 4.02 -54.91
CA LEU C 135 41.64 3.24 -53.72
C LEU C 135 41.14 4.16 -52.62
N TYR C 136 40.29 3.63 -51.74
CA TYR C 136 39.79 4.36 -50.59
C TYR C 136 40.64 3.98 -49.38
N VAL C 137 41.23 4.98 -48.74
CA VAL C 137 42.12 4.76 -47.59
C VAL C 137 41.34 5.06 -46.31
N VAL C 138 41.27 4.07 -45.43
CA VAL C 138 40.52 4.17 -44.18
C VAL C 138 41.52 4.12 -43.04
N THR C 139 41.50 5.13 -42.18
CA THR C 139 42.44 5.24 -41.08
C THR C 139 41.73 5.23 -39.74
N THR C 140 42.36 4.61 -38.75
CA THR C 140 41.76 4.41 -37.44
C THR C 140 41.78 5.72 -36.65
N SER C 141 41.40 5.63 -35.38
CA SER C 141 41.84 6.58 -34.37
C SER C 141 43.06 6.06 -33.62
N ALA C 142 43.38 4.77 -33.77
CA ALA C 142 44.61 4.22 -33.23
C ALA C 142 45.82 4.57 -34.08
N GLY C 143 45.62 4.86 -35.36
CA GLY C 143 46.69 5.15 -36.29
C GLY C 143 46.85 4.15 -37.42
N ASP C 144 46.25 2.97 -37.33
CA ASP C 144 46.41 1.97 -38.37
C ASP C 144 45.66 2.37 -39.64
N VAL C 145 46.02 1.72 -40.74
CA VAL C 145 45.53 2.12 -42.07
C VAL C 145 45.07 0.89 -42.83
N TYR C 146 43.84 0.94 -43.33
CA TYR C 146 43.32 -0.03 -44.28
C TYR C 146 42.92 0.71 -45.55
N ARG C 147 43.01 0.01 -46.68
CA ARG C 147 42.50 0.59 -47.92
C ARG C 147 42.01 -0.52 -48.84
N ALA C 148 40.93 -0.23 -49.56
CA ALA C 148 40.30 -1.19 -50.44
C ALA C 148 39.68 -0.44 -51.61
N ARG C 149 39.15 -1.21 -52.57
CA ARG C 149 38.49 -0.62 -53.72
C ARG C 149 37.07 -0.14 -53.41
N HIS C 150 36.42 -0.71 -52.40
CA HIS C 150 35.03 -0.41 -52.10
C HIS C 150 34.84 -0.16 -50.62
N LEU C 151 33.74 0.52 -50.30
CA LEU C 151 33.36 0.82 -48.92
C LEU C 151 31.88 0.50 -48.73
N VAL C 152 31.55 -0.07 -47.58
CA VAL C 152 30.17 -0.35 -47.20
C VAL C 152 29.94 0.29 -45.83
N LEU C 153 29.12 1.34 -45.80
CA LEU C 153 28.96 2.17 -44.60
C LEU C 153 27.72 1.73 -43.84
N GLY C 154 27.93 0.99 -42.76
CA GLY C 154 26.85 0.60 -41.88
C GLY C 154 26.95 1.32 -40.54
N THR C 155 27.05 2.65 -40.60
CA THR C 155 27.19 3.44 -39.38
C THR C 155 25.91 3.46 -38.55
N GLY C 156 24.75 3.23 -39.17
CA GLY C 156 23.50 3.30 -38.44
C GLY C 156 22.94 4.71 -38.43
N THR C 157 22.00 4.99 -37.53
CA THR C 157 21.39 6.32 -37.41
C THR C 157 21.38 6.75 -35.93
N PRO C 158 22.20 7.74 -35.54
CA PRO C 158 22.29 8.11 -34.09
C PRO C 158 21.01 8.74 -33.58
N PRO C 159 20.83 8.86 -32.25
CA PRO C 159 19.60 9.45 -31.71
C PRO C 159 19.41 10.89 -32.15
N TYR C 160 18.14 11.29 -32.23
CA TYR C 160 17.76 12.66 -32.60
C TYR C 160 17.11 13.33 -31.39
N ILE C 161 17.41 14.61 -31.20
CA ILE C 161 16.86 15.39 -30.11
C ILE C 161 16.35 16.71 -30.67
N PRO C 162 15.09 17.11 -30.38
CA PRO C 162 14.44 18.14 -31.20
C PRO C 162 14.97 19.56 -31.07
N GLU C 163 16.26 19.72 -30.81
CA GLU C 163 16.91 21.05 -30.76
C GLU C 163 16.36 21.93 -29.64
N ALA C 164 15.04 21.91 -29.42
CA ALA C 164 14.46 22.61 -28.29
C ALA C 164 14.97 22.07 -26.95
N CYS C 165 15.64 20.92 -26.96
CA CYS C 165 16.31 20.38 -25.79
C CYS C 165 17.83 20.36 -25.94
N GLN C 166 18.36 21.12 -26.89
CA GLN C 166 19.80 21.28 -27.00
C GLN C 166 20.34 21.98 -25.76
N GLY C 167 21.33 21.36 -25.12
CA GLY C 167 22.03 21.99 -24.02
C GLY C 167 21.16 22.33 -22.83
N LEU C 168 20.31 21.39 -22.43
CA LEU C 168 19.57 21.48 -21.18
C LEU C 168 20.24 20.62 -20.12
N ASP C 169 20.16 21.08 -18.87
CA ASP C 169 20.97 20.54 -17.78
C ASP C 169 20.44 19.19 -17.31
N GLY C 170 19.65 19.20 -16.24
CA GLY C 170 18.94 18.05 -15.69
C GLY C 170 19.49 16.65 -15.86
N ASP C 171 18.57 15.69 -15.90
CA ASP C 171 18.88 14.27 -16.03
C ASP C 171 18.08 13.62 -17.15
N PHE C 172 17.39 14.41 -17.98
CA PHE C 172 16.58 13.86 -19.06
C PHE C 172 17.43 12.97 -19.95
N ILE C 173 16.78 11.98 -20.55
CA ILE C 173 17.45 10.99 -21.38
C ILE C 173 16.69 10.83 -22.69
N HIS C 174 17.40 10.29 -23.67
CA HIS C 174 16.77 9.70 -24.84
C HIS C 174 16.40 8.27 -24.51
N ASN C 175 15.37 7.75 -25.18
CA ASN C 175 14.98 6.35 -24.94
C ASN C 175 16.11 5.39 -25.26
N SER C 176 17.18 5.85 -25.91
CA SER C 176 18.38 5.05 -26.12
C SER C 176 19.01 4.58 -24.82
N ARG C 177 18.67 5.21 -23.69
CA ARG C 177 19.33 4.93 -22.42
C ARG C 177 18.32 4.59 -21.32
N TYR C 178 17.18 4.00 -21.68
CA TYR C 178 16.08 3.87 -20.73
C TYR C 178 16.40 2.87 -19.62
N VAL C 179 16.91 1.69 -19.99
CA VAL C 179 17.06 0.61 -19.01
C VAL C 179 18.04 1.02 -17.91
N GLN C 180 19.11 1.72 -18.27
CA GLN C 180 20.13 2.07 -17.29
C GLN C 180 19.68 3.18 -16.35
N HIS C 181 18.66 3.96 -16.73
CA HIS C 181 18.19 5.05 -15.90
C HIS C 181 16.82 4.78 -15.29
N ARG C 182 16.26 3.59 -15.49
CA ARG C 182 14.91 3.32 -15.00
C ARG C 182 14.85 3.36 -13.47
N SER C 183 15.90 2.87 -12.80
CA SER C 183 15.89 2.85 -11.34
C SER C 183 15.84 4.26 -10.76
N GLU C 184 16.37 5.25 -11.48
CA GLU C 184 16.27 6.62 -11.01
C GLU C 184 14.96 7.28 -11.44
N LEU C 185 14.40 6.84 -12.56
CA LEU C 185 13.17 7.45 -13.05
C LEU C 185 11.99 7.16 -12.12
N VAL C 186 11.92 5.94 -11.58
CA VAL C 186 10.80 5.57 -10.72
C VAL C 186 10.82 6.33 -9.40
N LYS C 187 11.97 6.89 -9.01
CA LYS C 187 12.05 7.62 -7.75
C LYS C 187 11.27 8.94 -7.81
N LYS C 188 11.14 9.52 -9.00
CA LYS C 188 10.52 10.83 -9.13
C LYS C 188 9.02 10.74 -8.86
N GLU C 189 8.37 11.91 -8.83
CA GLU C 189 6.93 11.99 -8.67
C GLU C 189 6.23 12.48 -9.93
N SER C 190 6.98 12.73 -11.01
CA SER C 190 6.40 13.17 -12.27
C SER C 190 7.34 12.76 -13.40
N ILE C 191 6.82 11.99 -14.37
CA ILE C 191 7.59 11.56 -15.53
C ILE C 191 6.79 11.91 -16.78
N THR C 192 7.47 12.48 -17.78
CA THR C 192 6.86 12.85 -19.05
C THR C 192 7.65 12.23 -20.19
N ILE C 193 6.91 11.67 -21.15
CA ILE C 193 7.49 11.07 -22.34
C ILE C 193 7.04 11.86 -23.55
N VAL C 194 7.99 12.27 -24.40
CA VAL C 194 7.71 13.06 -25.59
C VAL C 194 7.97 12.21 -26.81
N GLY C 195 7.05 12.29 -27.78
CA GLY C 195 7.14 11.52 -29.00
C GLY C 195 6.42 10.18 -28.88
N SER C 196 5.96 9.69 -30.02
CA SER C 196 5.31 8.39 -30.09
C SER C 196 6.10 7.47 -31.00
N GLY C 197 5.67 6.22 -31.05
CA GLY C 197 6.43 5.14 -31.67
C GLY C 197 6.50 3.96 -30.75
N GLN C 198 7.15 2.90 -31.24
CA GLN C 198 7.14 1.63 -30.53
C GLN C 198 7.72 1.76 -29.13
N SER C 199 8.94 2.27 -29.01
CA SER C 199 9.61 2.34 -27.71
C SER C 199 8.94 3.34 -26.79
N ALA C 200 8.40 4.43 -27.35
CA ALA C 200 7.65 5.37 -26.54
C ALA C 200 6.50 4.66 -25.82
N ALA C 201 5.78 3.82 -26.56
CA ALA C 201 4.71 3.05 -25.94
C ALA C 201 5.25 1.92 -25.07
N GLU C 202 6.38 1.33 -25.46
CA GLU C 202 7.01 0.31 -24.63
C GLU C 202 7.41 0.87 -23.28
N ILE C 203 7.83 2.14 -23.25
CA ILE C 203 8.21 2.77 -21.99
C ILE C 203 6.98 3.20 -21.21
N TYR C 204 5.99 3.79 -21.89
CA TYR C 204 4.77 4.21 -21.21
C TYR C 204 4.08 3.03 -20.54
N GLN C 205 4.04 1.88 -21.22
CA GLN C 205 3.44 0.70 -20.62
C GLN C 205 4.30 0.12 -19.51
N ASP C 206 5.60 0.41 -19.51
CA ASP C 206 6.45 -0.06 -18.41
C ASP C 206 6.27 0.80 -17.17
N LEU C 207 6.23 2.13 -17.35
CA LEU C 207 6.02 3.02 -16.22
C LEU C 207 4.61 2.84 -15.65
N LEU C 208 3.60 2.91 -16.51
CA LEU C 208 2.28 2.42 -16.14
C LEU C 208 2.38 0.95 -15.76
N GLY C 209 1.42 0.47 -14.98
CA GLY C 209 1.50 -0.86 -14.41
C GLY C 209 2.29 -0.95 -13.13
N GLU C 210 3.22 -0.01 -12.90
CA GLU C 210 3.79 0.23 -11.59
C GLU C 210 3.55 1.66 -11.12
N ILE C 211 2.55 2.32 -11.72
CA ILE C 211 2.22 3.68 -11.33
C ILE C 211 1.61 3.75 -9.94
N ASP C 212 1.07 2.64 -9.44
CA ASP C 212 0.46 2.61 -8.12
C ASP C 212 1.40 2.05 -7.06
N VAL C 213 2.57 1.55 -7.44
CA VAL C 213 3.56 1.17 -6.43
C VAL C 213 4.50 2.34 -6.15
N HIS C 214 4.96 3.06 -7.16
CA HIS C 214 5.62 4.34 -6.98
C HIS C 214 4.54 5.43 -6.97
N GLY C 215 4.95 6.68 -6.78
CA GLY C 215 4.00 7.76 -6.65
C GLY C 215 3.92 8.74 -7.80
N TYR C 216 4.52 8.43 -8.95
CA TYR C 216 4.69 9.45 -9.97
C TYR C 216 3.43 9.65 -10.81
N ARG C 217 3.30 10.86 -11.33
CA ARG C 217 2.41 11.12 -12.46
C ARG C 217 3.12 10.76 -13.76
N LEU C 218 2.35 10.34 -14.75
CA LEU C 218 2.88 9.85 -16.01
C LEU C 218 2.25 10.61 -17.16
N ASN C 219 3.07 11.31 -17.93
CA ASN C 219 2.60 12.11 -19.06
C ASN C 219 3.18 11.57 -20.36
N TRP C 220 2.33 11.47 -21.38
CA TRP C 220 2.73 11.03 -22.71
C TRP C 220 2.22 12.07 -23.70
N VAL C 221 3.14 12.77 -24.36
CA VAL C 221 2.81 13.87 -25.25
C VAL C 221 3.48 13.60 -26.60
N THR C 222 2.69 13.65 -27.67
CA THR C 222 3.19 13.41 -29.02
C THR C 222 2.61 14.45 -29.96
N ARG C 223 3.38 14.76 -31.02
CA ARG C 223 2.94 15.72 -32.03
C ARG C 223 1.99 15.08 -33.04
N SER C 224 2.04 13.76 -33.21
CA SER C 224 1.21 13.10 -34.21
C SER C 224 -0.27 13.18 -33.83
N PRO C 225 -1.16 13.22 -34.82
CA PRO C 225 -2.60 13.35 -34.50
C PRO C 225 -3.21 12.09 -33.92
N ARG C 226 -2.65 10.92 -34.21
CA ARG C 226 -3.14 9.66 -33.70
C ARG C 226 -2.01 8.94 -32.95
N PHE C 227 -2.38 7.85 -32.30
CA PHE C 227 -1.40 6.86 -31.84
C PHE C 227 -1.38 5.80 -32.95
N PHE C 228 -0.53 6.04 -33.94
CA PHE C 228 -0.57 5.26 -35.18
C PHE C 228 -0.17 3.81 -34.93
N PRO C 229 -0.90 2.85 -35.48
CA PRO C 229 -0.46 1.46 -35.39
C PRO C 229 0.61 1.16 -36.44
N LEU C 230 1.59 0.35 -36.05
CA LEU C 230 2.43 -0.30 -37.04
C LEU C 230 1.55 -1.20 -37.89
N GLU C 231 1.05 -0.69 -39.00
CA GLU C 231 0.06 -1.40 -39.81
C GLU C 231 0.79 -2.40 -40.70
N TYR C 232 0.85 -3.65 -40.24
CA TYR C 232 1.49 -4.72 -41.01
C TYR C 232 0.43 -5.64 -41.59
N THR C 233 -0.60 -5.09 -42.22
CA THR C 233 -1.52 -5.93 -42.98
C THR C 233 -0.80 -6.41 -44.24
N LYS C 234 -1.05 -7.67 -44.60
CA LYS C 234 -0.17 -8.38 -45.51
C LYS C 234 -0.12 -7.77 -46.91
N LEU C 235 -1.14 -7.01 -47.30
CA LEU C 235 -1.09 -6.41 -48.64
C LEU C 235 -0.25 -5.14 -48.67
N THR C 236 -0.21 -4.39 -47.58
CA THR C 236 0.71 -3.26 -47.50
C THR C 236 2.12 -3.72 -47.17
N LEU C 237 2.26 -4.88 -46.51
CA LEU C 237 3.57 -5.47 -46.32
C LEU C 237 4.22 -5.87 -47.63
N GLU C 238 3.42 -6.04 -48.69
CA GLU C 238 3.96 -6.28 -50.02
C GLU C 238 4.66 -5.07 -50.60
N MET C 239 4.48 -3.89 -50.01
CA MET C 239 5.29 -2.75 -50.39
C MET C 239 6.73 -2.85 -49.90
N THR C 240 7.00 -3.79 -48.99
CA THR C 240 8.36 -4.13 -48.60
C THR C 240 8.86 -5.25 -49.51
N SER C 241 9.07 -4.89 -50.78
CA SER C 241 9.36 -5.86 -51.83
C SER C 241 10.29 -5.22 -52.84
N PRO C 242 11.05 -6.03 -53.59
CA PRO C 242 11.92 -5.46 -54.64
C PRO C 242 11.18 -4.67 -55.70
N GLU C 243 10.00 -5.15 -56.12
CA GLU C 243 9.27 -4.47 -57.19
C GLU C 243 8.74 -3.12 -56.74
N TYR C 244 8.46 -2.94 -55.45
CA TYR C 244 8.07 -1.61 -54.99
C TYR C 244 9.25 -0.66 -54.98
N ILE C 245 10.44 -1.15 -54.61
CA ILE C 245 11.64 -0.34 -54.65
C ILE C 245 11.97 0.07 -56.07
N ASP C 246 11.87 -0.88 -57.01
CA ASP C 246 11.99 -0.53 -58.42
C ASP C 246 10.97 0.51 -58.82
N TYR C 247 9.72 0.34 -58.40
CA TYR C 247 8.72 1.37 -58.65
C TYR C 247 9.12 2.67 -57.95
N TYR C 248 9.25 2.63 -56.63
CA TYR C 248 9.43 3.85 -55.82
C TYR C 248 10.62 4.69 -56.28
N ARG C 249 11.76 4.05 -56.56
CA ARG C 249 12.97 4.81 -56.88
C ARG C 249 12.80 5.64 -58.15
N GLU C 250 12.11 5.10 -59.15
CA GLU C 250 11.93 5.78 -60.42
C GLU C 250 10.85 6.86 -60.38
N LEU C 251 10.43 7.30 -59.18
CA LEU C 251 9.48 8.39 -59.04
C LEU C 251 10.19 9.73 -58.99
N PRO C 252 9.49 10.82 -59.28
CA PRO C 252 10.05 12.15 -59.03
C PRO C 252 10.43 12.28 -57.56
N GLU C 253 11.62 12.83 -57.31
CA GLU C 253 12.12 12.87 -55.95
C GLU C 253 11.34 13.86 -55.08
N ALA C 254 10.70 14.86 -55.68
CA ALA C 254 9.78 15.70 -54.92
C ALA C 254 8.62 14.90 -54.38
N THR C 255 8.10 13.96 -55.18
CA THR C 255 7.02 13.10 -54.72
C THR C 255 7.51 12.11 -53.67
N ARG C 256 8.74 11.60 -53.83
CA ARG C 256 9.29 10.67 -52.85
C ARG C 256 9.57 11.38 -51.52
N TYR C 257 10.00 12.63 -51.58
CA TYR C 257 10.17 13.40 -50.35
C TYR C 257 8.83 13.70 -49.69
N ARG C 258 7.78 13.84 -50.49
CA ARG C 258 6.44 13.98 -49.92
C ARG C 258 5.99 12.68 -49.28
N LEU C 259 6.17 11.56 -50.00
CA LEU C 259 5.81 10.25 -49.44
C LEU C 259 6.56 9.98 -48.14
N THR C 260 7.88 10.24 -48.15
CA THR C 260 8.70 10.00 -46.97
C THR C 260 8.17 10.78 -45.76
N ALA C 261 7.73 12.02 -45.98
CA ALA C 261 7.34 12.88 -44.87
C ALA C 261 5.91 12.63 -44.40
N GLU C 262 5.00 12.27 -45.31
CA GLU C 262 3.58 12.31 -44.98
C GLU C 262 3.06 11.02 -44.36
N GLN C 263 3.49 9.86 -44.84
CA GLN C 263 3.05 8.61 -44.24
C GLN C 263 3.68 8.46 -42.86
N LYS C 264 2.87 8.10 -41.87
CA LYS C 264 3.33 7.89 -40.51
C LYS C 264 3.03 6.47 -40.09
N GLY C 265 3.94 5.91 -39.29
CA GLY C 265 3.84 4.52 -38.89
C GLY C 265 5.18 3.81 -38.98
N LEU C 266 6.00 4.23 -39.95
CA LEU C 266 7.30 3.58 -40.15
C LEU C 266 8.22 3.82 -38.95
N PHE C 267 8.38 5.09 -38.54
CA PHE C 267 9.10 5.43 -37.33
C PHE C 267 8.21 5.91 -36.20
N LYS C 268 6.95 6.23 -36.49
CA LYS C 268 6.02 6.74 -35.49
C LYS C 268 4.87 5.77 -35.22
N GLY C 269 5.03 4.50 -35.60
CA GLY C 269 3.99 3.50 -35.44
C GLY C 269 4.21 2.64 -34.21
N ILE C 270 3.12 2.28 -33.56
CA ILE C 270 3.12 1.41 -32.39
C ILE C 270 2.50 0.08 -32.80
N ASP C 271 3.01 -1.01 -32.23
CA ASP C 271 2.35 -2.30 -32.40
C ASP C 271 0.90 -2.20 -31.91
N GLY C 272 -0.02 -2.60 -32.77
CA GLY C 272 -1.43 -2.46 -32.45
C GLY C 272 -1.82 -3.24 -31.20
N ASP C 273 -1.23 -4.42 -31.00
CA ASP C 273 -1.52 -5.18 -29.79
C ASP C 273 -0.96 -4.49 -28.56
N LEU C 274 0.17 -3.79 -28.71
CA LEU C 274 0.68 -2.98 -27.61
C LEU C 274 -0.27 -1.84 -27.28
N ILE C 275 -0.81 -1.18 -28.31
CA ILE C 275 -1.82 -0.14 -28.08
C ILE C 275 -2.97 -0.71 -27.29
N ASN C 276 -3.40 -1.94 -27.63
CA ASN C 276 -4.61 -2.48 -27.03
C ASN C 276 -4.42 -2.81 -25.56
N GLU C 277 -3.28 -3.43 -25.22
CA GLU C 277 -3.04 -3.71 -23.80
C GLU C 277 -2.74 -2.44 -23.01
N ILE C 278 -2.23 -1.39 -23.66
CA ILE C 278 -2.12 -0.10 -22.99
C ILE C 278 -3.50 0.37 -22.53
N PHE C 279 -4.49 0.28 -23.42
CA PHE C 279 -5.85 0.63 -23.05
C PHE C 279 -6.40 -0.32 -21.99
N ASP C 280 -6.14 -1.62 -22.16
CA ASP C 280 -6.66 -2.60 -21.20
C ASP C 280 -6.06 -2.37 -19.81
N LEU C 281 -4.79 -1.97 -19.76
CA LEU C 281 -4.18 -1.67 -18.48
C LEU C 281 -4.77 -0.40 -17.86
N LEU C 282 -4.98 0.64 -18.68
CA LEU C 282 -5.63 1.85 -18.21
C LEU C 282 -7.00 1.53 -17.63
N TYR C 283 -7.76 0.68 -18.31
CA TYR C 283 -9.06 0.26 -17.81
C TYR C 283 -8.93 -0.45 -16.46
N GLN C 284 -7.92 -1.31 -16.32
CA GLN C 284 -7.75 -2.08 -15.09
C GLN C 284 -7.38 -1.18 -13.92
N LYS C 285 -6.40 -0.28 -14.13
CA LYS C 285 -5.98 0.61 -13.04
C LYS C 285 -7.12 1.54 -12.63
N ASN C 286 -7.91 2.00 -13.59
CA ASN C 286 -8.98 2.95 -13.30
C ASN C 286 -10.06 2.36 -12.40
N LEU C 287 -10.08 1.04 -12.21
CA LEU C 287 -11.06 0.44 -11.31
C LEU C 287 -10.80 0.85 -9.87
N ALA C 288 -9.52 1.01 -9.50
CA ALA C 288 -9.15 1.37 -8.14
C ALA C 288 -9.25 2.87 -7.88
N GLY C 289 -9.66 3.66 -8.85
CA GLY C 289 -9.71 5.10 -8.71
C GLY C 289 -9.06 5.82 -9.87
N PRO C 290 -9.15 7.14 -9.90
CA PRO C 290 -8.56 7.90 -11.01
C PRO C 290 -7.05 7.69 -11.09
N VAL C 291 -6.57 7.49 -12.30
CA VAL C 291 -5.16 7.20 -12.57
C VAL C 291 -4.47 8.52 -12.93
N PRO C 292 -3.37 8.87 -12.28
CA PRO C 292 -2.69 10.15 -12.55
C PRO C 292 -1.85 10.09 -13.82
N THR C 293 -2.52 10.03 -14.97
CA THR C 293 -1.84 9.95 -16.25
C THR C 293 -2.52 10.88 -17.25
N ARG C 294 -1.78 11.25 -18.29
CA ARG C 294 -2.28 12.14 -19.32
C ARG C 294 -1.73 11.72 -20.68
N LEU C 295 -2.62 11.51 -21.64
CA LEU C 295 -2.25 11.18 -23.02
C LEU C 295 -2.69 12.33 -23.91
N LEU C 296 -1.72 13.02 -24.52
CA LEU C 296 -1.99 14.21 -25.31
C LEU C 296 -1.49 14.02 -26.74
N THR C 297 -2.28 14.51 -27.69
CA THR C 297 -1.98 14.40 -29.11
C THR C 297 -1.84 15.78 -29.72
N ASN C 298 -1.28 15.82 -30.94
CA ASN C 298 -1.29 17.02 -31.79
C ASN C 298 -0.48 18.18 -31.22
N SER C 299 0.43 17.92 -30.28
CA SER C 299 1.06 18.97 -29.49
C SER C 299 2.58 18.96 -29.67
N SER C 300 3.12 20.07 -30.16
CA SER C 300 4.56 20.25 -30.38
C SER C 300 5.26 20.65 -29.09
N LEU C 301 6.53 20.23 -28.96
CA LEU C 301 7.39 20.68 -27.88
C LEU C 301 8.27 21.82 -28.41
N ASN C 302 8.01 23.04 -27.93
CA ASN C 302 8.70 24.23 -28.43
C ASN C 302 9.80 24.74 -27.51
N SER C 303 9.64 24.59 -26.19
CA SER C 303 10.59 25.11 -25.23
C SER C 303 10.68 24.16 -24.03
N ALA C 304 11.84 24.20 -23.36
CA ALA C 304 12.06 23.38 -22.18
C ALA C 304 13.16 24.01 -21.34
N ARG C 305 12.97 24.02 -20.03
CA ARG C 305 13.91 24.61 -19.08
C ARG C 305 14.09 23.65 -17.91
N HIS C 306 15.08 23.91 -17.07
CA HIS C 306 15.34 23.05 -15.90
C HIS C 306 15.84 23.91 -14.74
N GLU C 307 14.96 24.21 -13.78
CA GLU C 307 15.36 24.82 -12.53
C GLU C 307 14.72 24.04 -11.39
N ASN C 308 15.49 23.88 -10.31
CA ASN C 308 15.29 22.82 -9.32
C ASN C 308 15.53 21.48 -10.00
N GLY C 309 14.75 20.47 -9.61
CA GLY C 309 14.80 19.17 -10.24
C GLY C 309 13.54 18.94 -11.04
N THR C 310 13.06 19.99 -11.71
CA THR C 310 11.78 19.97 -12.41
C THR C 310 11.94 20.61 -13.78
N TYR C 311 11.40 19.96 -14.80
CA TYR C 311 11.39 20.52 -16.14
C TYR C 311 10.08 21.27 -16.38
N THR C 312 10.19 22.45 -16.98
CA THR C 312 9.04 23.20 -17.47
C THR C 312 9.09 23.16 -19.00
N LEU C 313 8.11 22.49 -19.60
CA LEU C 313 8.09 22.27 -21.04
C LEU C 313 6.88 22.97 -21.64
N ALA C 314 7.13 23.84 -22.61
CA ALA C 314 6.08 24.61 -23.26
C ALA C 314 5.62 23.87 -24.52
N PHE C 315 4.36 23.43 -24.51
CA PHE C 315 3.78 22.70 -25.62
C PHE C 315 2.78 23.57 -26.37
N ARG C 316 2.60 23.27 -27.66
CA ARG C 316 1.59 23.92 -28.49
C ARG C 316 0.84 22.83 -29.25
N GLN C 317 -0.44 22.67 -28.94
CA GLN C 317 -1.31 21.78 -29.71
C GLN C 317 -1.63 22.49 -31.02
N GLU C 318 -0.93 22.11 -32.08
CA GLU C 318 -0.95 22.89 -33.32
C GLU C 318 -2.29 22.83 -34.03
N GLU C 319 -3.06 21.76 -33.81
CA GLU C 319 -4.35 21.64 -34.47
C GLU C 319 -5.35 22.63 -33.89
N GLN C 320 -5.46 22.69 -32.56
CA GLN C 320 -6.39 23.62 -31.92
C GLN C 320 -5.87 25.05 -31.92
N GLY C 321 -4.54 25.22 -31.92
CA GLY C 321 -3.95 26.54 -31.90
C GLY C 321 -3.90 27.15 -30.53
N LYS C 322 -3.42 26.39 -29.55
CA LYS C 322 -3.35 26.87 -28.17
C LYS C 322 -2.10 26.30 -27.51
N ASP C 323 -1.55 27.05 -26.57
CA ASP C 323 -0.36 26.65 -25.84
C ASP C 323 -0.70 26.16 -24.44
N PHE C 324 0.20 25.35 -23.89
CA PHE C 324 0.08 24.86 -22.52
C PHE C 324 1.44 24.34 -22.08
N GLU C 325 1.66 24.33 -20.78
CA GLU C 325 2.91 23.87 -20.21
C GLU C 325 2.68 22.75 -19.21
N ILE C 326 3.72 21.94 -19.01
CA ILE C 326 3.68 20.80 -18.12
C ILE C 326 4.97 20.78 -17.30
N GLU C 327 4.84 20.67 -15.99
CA GLU C 327 5.97 20.60 -15.08
C GLU C 327 6.15 19.16 -14.61
N SER C 328 7.32 18.60 -14.86
CA SER C 328 7.60 17.22 -14.51
C SER C 328 9.08 17.08 -14.17
N GLN C 329 9.37 16.34 -13.11
CA GLN C 329 10.76 16.12 -12.73
C GLN C 329 11.49 15.24 -13.74
N GLY C 330 10.78 14.32 -14.36
CA GLY C 330 11.37 13.37 -15.28
C GLY C 330 11.01 13.70 -16.73
N LEU C 331 11.99 13.53 -17.61
CA LEU C 331 11.80 13.79 -19.03
C LEU C 331 12.48 12.67 -19.81
N VAL C 332 11.70 11.88 -20.52
CA VAL C 332 12.22 10.85 -21.42
C VAL C 332 11.89 11.30 -22.84
N LEU C 333 12.92 11.48 -23.65
CA LEU C 333 12.76 11.93 -25.04
C LEU C 333 12.75 10.69 -25.93
N ALA C 334 11.57 10.13 -26.13
CA ALA C 334 11.37 9.02 -27.06
C ALA C 334 11.24 9.48 -28.51
N THR C 335 11.88 10.59 -28.87
CA THR C 335 11.93 11.04 -30.24
C THR C 335 12.73 10.04 -31.09
N GLY C 336 12.72 10.27 -32.39
CA GLY C 336 13.27 9.29 -33.33
C GLY C 336 14.78 9.26 -33.36
N TYR C 337 15.30 8.67 -34.43
CA TYR C 337 16.70 8.70 -34.77
C TYR C 337 16.86 9.39 -36.11
N LYS C 338 18.02 9.99 -36.34
CA LYS C 338 18.25 10.73 -37.58
C LYS C 338 19.67 10.49 -38.05
N TYR C 339 19.82 10.34 -39.37
CA TYR C 339 21.13 10.14 -39.97
C TYR C 339 21.80 11.47 -40.25
N ALA C 340 23.03 11.62 -39.77
CA ALA C 340 23.88 12.74 -40.11
C ALA C 340 25.12 12.19 -40.81
N GLU C 341 25.49 12.78 -41.93
CA GLU C 341 26.65 12.33 -42.68
C GLU C 341 27.88 12.44 -41.80
N PRO C 342 28.62 11.35 -41.58
CA PRO C 342 29.75 11.40 -40.65
C PRO C 342 30.87 12.30 -41.18
N GLU C 343 31.59 12.90 -40.25
CA GLU C 343 32.68 13.80 -40.62
C GLU C 343 33.85 13.06 -41.26
N PHE C 344 33.99 11.75 -41.01
CA PHE C 344 35.15 11.06 -41.55
C PHE C 344 35.09 10.89 -43.07
N LEU C 345 34.02 11.34 -43.72
CA LEU C 345 33.92 11.31 -45.18
C LEU C 345 34.11 12.69 -45.79
N ALA C 346 34.64 13.65 -45.03
CA ALA C 346 34.86 14.98 -45.59
C ALA C 346 35.92 15.01 -46.70
N PRO C 347 37.07 14.34 -46.60
CA PRO C 347 38.05 14.41 -47.69
C PRO C 347 37.60 13.76 -48.99
N VAL C 348 36.41 13.19 -49.05
CA VAL C 348 35.98 12.41 -50.20
C VAL C 348 34.59 12.92 -50.58
N LYS C 349 34.24 14.09 -50.04
CA LYS C 349 32.88 14.61 -50.20
C LYS C 349 32.53 14.83 -51.67
N ASP C 350 33.51 15.15 -52.50
CA ASP C 350 33.21 15.46 -53.90
C ASP C 350 33.15 14.21 -54.76
N ARG C 351 33.43 13.04 -54.20
CA ARG C 351 33.16 11.76 -54.85
C ARG C 351 31.77 11.22 -54.55
N LEU C 352 30.99 11.93 -53.74
CA LEU C 352 29.67 11.46 -53.33
C LEU C 352 28.58 12.25 -54.04
N VAL C 353 27.46 11.58 -54.29
CA VAL C 353 26.32 12.15 -55.01
C VAL C 353 25.30 12.66 -54.00
N TYR C 354 24.73 13.83 -54.30
CA TYR C 354 23.72 14.44 -53.45
C TYR C 354 22.51 14.84 -54.29
N ASP C 355 21.35 14.94 -53.63
CA ASP C 355 20.11 15.27 -54.31
C ASP C 355 19.76 16.75 -54.07
N SER C 356 18.53 17.12 -54.43
CA SER C 356 18.13 18.52 -54.37
C SER C 356 18.06 19.05 -52.94
N GLN C 357 17.84 18.18 -51.96
CA GLN C 357 17.74 18.61 -50.57
C GLN C 357 19.02 18.39 -49.78
N GLY C 358 20.10 17.94 -50.43
CA GLY C 358 21.40 17.91 -49.81
C GLY C 358 21.79 16.61 -49.13
N ASN C 359 21.06 15.52 -49.36
CA ASN C 359 21.44 14.23 -48.80
C ASN C 359 21.73 13.24 -49.91
N PHE C 360 22.23 12.07 -49.51
CA PHE C 360 22.75 11.09 -50.46
C PHE C 360 21.69 10.67 -51.48
N ASP C 361 22.04 10.79 -52.75
CA ASP C 361 21.19 10.29 -53.84
C ASP C 361 21.54 8.83 -54.10
N VAL C 362 21.10 7.98 -53.18
CA VAL C 362 21.46 6.56 -53.22
C VAL C 362 20.91 5.93 -54.49
N SER C 363 21.75 5.12 -55.15
CA SER C 363 21.34 4.45 -56.36
C SER C 363 20.34 3.33 -56.04
N ARG C 364 19.81 2.72 -57.11
CA ARG C 364 19.03 1.51 -56.94
C ARG C 364 19.89 0.37 -56.42
N ALA C 365 21.17 0.35 -56.78
CA ALA C 365 22.13 -0.63 -56.26
C ALA C 365 22.77 -0.20 -54.95
N TYR C 366 22.19 0.79 -54.26
CA TYR C 366 22.61 1.21 -52.93
C TYR C 366 24.02 1.81 -52.93
N ALA C 367 24.35 2.56 -53.98
CA ALA C 367 25.64 3.24 -54.07
C ALA C 367 25.45 4.75 -53.92
N ILE C 368 26.51 5.42 -53.47
CA ILE C 368 26.40 6.85 -53.16
C ILE C 368 27.53 7.65 -53.79
N ASP C 369 28.35 7.01 -54.63
CA ASP C 369 29.52 7.66 -55.19
C ASP C 369 29.38 7.85 -56.70
N VAL C 370 30.41 8.44 -57.31
CA VAL C 370 30.33 8.79 -58.73
C VAL C 370 30.38 7.54 -59.61
N THR C 371 31.08 6.50 -59.19
CA THR C 371 31.16 5.30 -60.01
C THR C 371 29.85 4.53 -60.05
N GLY C 372 28.96 4.76 -59.08
CA GLY C 372 27.75 4.00 -58.95
C GLY C 372 27.94 2.58 -58.44
N ARG C 373 29.15 2.22 -58.03
CA ARG C 373 29.42 0.87 -57.53
C ARG C 373 30.68 0.85 -56.68
N GLY C 374 31.00 1.97 -56.04
CA GLY C 374 32.22 2.07 -55.25
C GLY C 374 31.99 2.16 -53.75
N VAL C 375 31.05 3.00 -53.33
CA VAL C 375 30.73 3.18 -51.92
C VAL C 375 29.24 2.88 -51.74
N PHE C 376 28.93 1.94 -50.85
CA PHE C 376 27.56 1.52 -50.58
C PHE C 376 27.13 2.00 -49.19
N LEU C 377 25.83 2.24 -49.04
CA LEU C 377 25.28 2.81 -47.81
C LEU C 377 24.13 1.95 -47.32
N GLN C 378 24.33 1.28 -46.18
CA GLN C 378 23.24 0.58 -45.51
C GLN C 378 22.40 1.58 -44.72
N ASN C 379 21.09 1.34 -44.67
CA ASN C 379 20.17 2.21 -43.94
C ASN C 379 20.17 3.62 -44.51
N ALA C 380 19.48 4.54 -43.83
CA ALA C 380 19.50 5.97 -44.15
C ALA C 380 19.16 6.22 -45.62
N GLY C 381 18.18 5.49 -46.14
CA GLY C 381 17.78 5.65 -47.52
C GLY C 381 16.29 5.58 -47.71
N VAL C 382 15.53 6.17 -46.79
CA VAL C 382 14.08 6.11 -46.88
C VAL C 382 13.58 6.91 -48.08
N HIS C 383 14.24 8.02 -48.38
CA HIS C 383 13.85 8.86 -49.51
C HIS C 383 14.16 8.23 -50.85
N THR C 384 14.79 7.06 -50.90
CA THR C 384 15.11 6.41 -52.17
C THR C 384 14.62 4.97 -52.19
N HIS C 385 14.50 4.34 -51.01
CA HIS C 385 14.06 2.97 -50.91
C HIS C 385 12.87 2.77 -49.96
N SER C 386 12.36 3.84 -49.36
CA SER C 386 11.13 3.80 -48.56
C SER C 386 11.24 2.89 -47.34
N ILE C 387 10.20 2.09 -47.12
CA ILE C 387 10.09 1.27 -45.91
C ILE C 387 11.26 0.31 -45.77
N THR C 388 11.90 -0.05 -46.90
CA THR C 388 12.79 -1.21 -46.93
C THR C 388 14.20 -0.94 -46.39
N SER C 389 14.61 0.33 -46.25
CA SER C 389 16.01 0.59 -45.91
C SER C 389 16.33 0.35 -44.43
N PRO C 390 15.48 0.78 -43.47
CA PRO C 390 15.76 0.44 -42.08
C PRO C 390 15.13 -0.87 -41.63
N ASP C 391 14.75 -1.72 -42.60
CA ASP C 391 14.03 -2.95 -42.31
C ASP C 391 15.00 -4.12 -42.22
N LEU C 392 14.93 -4.87 -41.11
CA LEU C 392 15.74 -6.07 -40.97
C LEU C 392 15.35 -7.13 -42.00
N GLY C 393 14.09 -7.14 -42.44
CA GLY C 393 13.66 -8.11 -43.43
C GLY C 393 14.24 -7.89 -44.80
N MET C 394 14.70 -6.68 -45.09
CA MET C 394 15.35 -6.38 -46.36
C MET C 394 16.86 -6.28 -46.25
N GLY C 395 17.43 -6.56 -45.07
CA GLY C 395 18.87 -6.53 -44.92
C GLY C 395 19.55 -7.61 -45.76
N ALA C 396 18.96 -8.80 -45.82
CA ALA C 396 19.52 -9.85 -46.65
C ALA C 396 19.35 -9.55 -48.14
N TYR C 397 18.24 -8.91 -48.51
CA TYR C 397 18.07 -8.55 -49.92
C TYR C 397 19.09 -7.50 -50.34
N ARG C 398 19.22 -6.43 -49.56
CA ARG C 398 20.17 -5.38 -49.91
C ARG C 398 21.61 -5.91 -49.93
N ASN C 399 21.96 -6.76 -48.96
CA ASN C 399 23.33 -7.25 -48.88
C ASN C 399 23.68 -8.09 -50.10
N SER C 400 22.73 -8.86 -50.62
CA SER C 400 23.00 -9.69 -51.79
C SER C 400 23.09 -8.86 -53.06
N CYS C 401 22.42 -7.71 -53.10
CA CYS C 401 22.62 -6.78 -54.21
C CYS C 401 23.96 -6.08 -54.10
N ILE C 402 24.42 -5.82 -52.88
CA ILE C 402 25.77 -5.28 -52.69
C ILE C 402 26.80 -6.32 -53.11
N ILE C 403 26.60 -7.58 -52.71
CA ILE C 403 27.51 -8.65 -53.13
C ILE C 403 27.48 -8.81 -54.64
N ARG C 404 26.31 -8.57 -55.26
CA ARG C 404 26.20 -8.71 -56.71
C ARG C 404 27.07 -7.69 -57.44
N GLU C 405 27.17 -6.48 -56.90
CA GLU C 405 27.95 -5.45 -57.56
C GLU C 405 29.45 -5.60 -57.29
N LEU C 406 29.82 -6.13 -56.13
CA LEU C 406 31.24 -6.31 -55.83
C LEU C 406 31.84 -7.45 -56.63
N LEU C 407 31.12 -8.56 -56.74
CA LEU C 407 31.59 -9.70 -57.52
C LEU C 407 31.21 -9.62 -59.00
N GLY C 408 30.28 -8.73 -59.37
CA GLY C 408 29.75 -8.72 -60.71
C GLY C 408 28.76 -9.82 -61.01
N THR C 409 28.67 -10.84 -60.16
CA THR C 409 27.76 -11.95 -60.33
C THR C 409 26.84 -12.06 -59.12
N GLU C 410 25.69 -12.71 -59.32
CA GLU C 410 24.71 -12.90 -58.25
C GLU C 410 25.02 -14.21 -57.52
N TYR C 411 25.81 -14.10 -56.45
CA TYR C 411 26.13 -15.28 -55.65
C TYR C 411 24.88 -15.83 -54.98
N TYR C 412 24.12 -14.97 -54.29
CA TYR C 412 22.85 -15.36 -53.69
C TYR C 412 21.71 -14.91 -54.58
N PRO C 413 20.74 -15.79 -54.87
CA PRO C 413 19.62 -15.40 -55.74
C PRO C 413 18.92 -14.15 -55.24
N VAL C 414 18.66 -13.24 -56.17
CA VAL C 414 18.00 -11.97 -55.88
C VAL C 414 16.65 -11.99 -56.56
N GLU C 415 15.58 -11.96 -55.77
CA GLU C 415 14.24 -11.97 -56.31
C GLU C 415 13.95 -10.67 -57.06
N LYS C 416 13.24 -10.79 -58.18
CA LYS C 416 12.79 -9.61 -58.91
C LYS C 416 11.38 -9.22 -58.55
N THR C 417 10.52 -10.20 -58.24
CA THR C 417 9.16 -9.93 -57.80
C THR C 417 8.77 -10.94 -56.73
N ILE C 418 7.99 -10.48 -55.76
CA ILE C 418 7.47 -11.36 -54.71
C ILE C 418 5.99 -11.15 -54.44
N ALA C 419 5.41 -10.01 -54.81
CA ALA C 419 4.06 -9.63 -54.42
C ALA C 419 3.03 -10.13 -55.43
N PHE C 420 1.76 -10.14 -54.98
CA PHE C 420 0.65 -10.47 -55.85
C PHE C 420 0.08 -9.26 -56.58
N GLN C 421 0.28 -8.06 -56.05
CA GLN C 421 -0.20 -6.85 -56.68
C GLN C 421 0.90 -6.21 -57.51
N GLU C 422 0.49 -5.28 -58.36
CA GLU C 422 1.41 -4.54 -59.23
C GLU C 422 1.36 -3.07 -58.84
N PHE C 423 2.53 -2.47 -58.60
CA PHE C 423 2.61 -1.07 -58.23
C PHE C 423 2.82 -0.17 -59.44
N SER C 424 3.57 -0.62 -60.42
CA SER C 424 3.75 0.08 -61.68
C SER C 424 2.78 -0.47 -62.72
N VAL C 425 2.48 0.35 -63.72
CA VAL C 425 1.59 -0.07 -64.79
C VAL C 425 2.31 0.02 -66.13
N HIS D 12 -42.78 -16.26 5.09
CA HIS D 12 -42.35 -15.96 3.72
C HIS D 12 -42.66 -17.13 2.79
N ASP D 13 -42.55 -16.89 1.48
CA ASP D 13 -42.67 -17.97 0.52
C ASP D 13 -41.45 -18.87 0.56
N PHE D 14 -40.26 -18.27 0.62
CA PHE D 14 -39.02 -19.02 0.69
C PHE D 14 -37.98 -18.20 1.44
N VAL D 15 -36.97 -18.89 1.95
CA VAL D 15 -35.86 -18.27 2.65
C VAL D 15 -34.57 -18.82 2.06
N GLY D 16 -33.71 -17.92 1.58
CA GLY D 16 -32.44 -18.30 0.98
C GLY D 16 -31.31 -18.17 1.99
N ILE D 17 -30.56 -19.25 2.16
CA ILE D 17 -29.46 -19.32 3.11
C ILE D 17 -28.15 -19.22 2.35
N GLY D 18 -27.34 -18.23 2.69
CA GLY D 18 -26.15 -17.91 1.92
C GLY D 18 -26.52 -17.11 0.69
N LEU D 19 -25.75 -16.06 0.39
CA LEU D 19 -26.09 -15.13 -0.68
C LEU D 19 -24.97 -15.06 -1.69
N GLY D 20 -25.28 -15.41 -2.94
CA GLY D 20 -24.42 -15.10 -4.06
C GLY D 20 -23.30 -16.08 -4.32
N PRO D 21 -22.88 -16.18 -5.59
CA PRO D 21 -23.54 -15.46 -6.69
C PRO D 21 -24.80 -16.14 -7.20
N PHE D 22 -25.09 -17.35 -6.72
CA PHE D 22 -26.28 -18.06 -7.18
C PHE D 22 -27.53 -17.56 -6.46
N ASN D 23 -27.52 -17.54 -5.13
CA ASN D 23 -28.67 -17.03 -4.40
C ASN D 23 -28.86 -15.53 -4.63
N LEU D 24 -27.77 -14.80 -4.86
CA LEU D 24 -27.89 -13.39 -5.22
C LEU D 24 -28.64 -13.23 -6.54
N GLY D 25 -28.29 -14.04 -7.54
CA GLY D 25 -29.03 -13.98 -8.79
C GLY D 25 -30.50 -14.25 -8.60
N LEU D 26 -30.84 -15.24 -7.77
CA LEU D 26 -32.25 -15.45 -7.46
C LEU D 26 -32.86 -14.19 -6.83
N ALA D 27 -32.15 -13.51 -5.92
CA ALA D 27 -32.69 -12.30 -5.31
C ALA D 27 -33.05 -11.27 -6.38
N CYS D 28 -32.17 -11.07 -7.36
CA CYS D 28 -32.43 -10.11 -8.42
C CYS D 28 -33.53 -10.59 -9.36
N LEU D 29 -33.72 -11.91 -9.48
CA LEU D 29 -34.71 -12.43 -10.41
C LEU D 29 -36.12 -12.42 -9.85
N THR D 30 -36.28 -12.42 -8.51
CA THR D 30 -37.60 -12.41 -7.90
C THR D 30 -38.03 -11.04 -7.40
N GLU D 31 -37.11 -10.08 -7.31
CA GLU D 31 -37.50 -8.74 -6.91
C GLU D 31 -38.63 -8.15 -7.73
N PRO D 32 -38.69 -8.29 -9.07
CA PRO D 32 -39.86 -7.81 -9.81
C PRO D 32 -41.09 -8.69 -9.69
N ILE D 33 -40.99 -9.86 -9.05
CA ILE D 33 -42.13 -10.75 -8.86
C ILE D 33 -42.75 -10.43 -7.50
N ASP D 34 -43.93 -9.80 -7.52
CA ASP D 34 -44.64 -9.52 -6.28
C ASP D 34 -45.35 -10.75 -5.74
N GLU D 35 -45.73 -11.69 -6.61
CA GLU D 35 -46.33 -12.94 -6.17
C GLU D 35 -45.39 -13.77 -5.32
N LEU D 36 -44.11 -13.42 -5.26
CA LEU D 36 -43.13 -14.11 -4.42
C LEU D 36 -42.44 -13.10 -3.51
N ASP D 37 -42.49 -13.34 -2.21
CA ASP D 37 -41.71 -12.59 -1.23
C ASP D 37 -40.82 -13.58 -0.49
N GLY D 38 -39.53 -13.58 -0.83
CA GLY D 38 -38.54 -14.33 -0.10
C GLY D 38 -37.50 -13.39 0.48
N ILE D 39 -36.73 -13.90 1.44
CA ILE D 39 -35.68 -13.13 2.08
C ILE D 39 -34.44 -14.00 2.22
N PHE D 40 -33.26 -13.38 2.06
CA PHE D 40 -31.98 -14.07 2.06
C PHE D 40 -31.15 -13.62 3.24
N LEU D 41 -30.46 -14.57 3.88
CA LEU D 41 -29.62 -14.30 5.03
C LEU D 41 -28.19 -14.71 4.72
N GLU D 42 -27.25 -13.78 4.86
CA GLU D 42 -25.85 -14.00 4.58
C GLU D 42 -25.04 -13.73 5.84
N SER D 43 -24.00 -14.54 6.07
CA SER D 43 -23.20 -14.41 7.29
C SER D 43 -22.26 -13.22 7.23
N LYS D 44 -21.70 -12.92 6.06
CA LYS D 44 -20.77 -11.81 5.95
C LYS D 44 -21.49 -10.47 6.11
N PRO D 45 -20.78 -9.42 6.55
CA PRO D 45 -21.42 -8.10 6.65
C PRO D 45 -21.80 -7.51 5.31
N ASP D 46 -21.17 -7.95 4.23
CA ASP D 46 -21.50 -7.50 2.88
C ASP D 46 -21.06 -8.57 1.91
N PHE D 47 -21.55 -8.47 0.67
CA PHE D 47 -21.19 -9.44 -0.35
C PHE D 47 -19.69 -9.37 -0.62
N GLU D 48 -19.07 -10.54 -0.72
CA GLU D 48 -17.66 -10.62 -1.12
C GLU D 48 -17.42 -11.99 -1.75
N TRP D 49 -16.83 -11.99 -2.93
CA TRP D 49 -16.53 -13.21 -3.66
C TRP D 49 -15.25 -13.85 -3.13
N HIS D 50 -14.51 -14.53 -4.01
CA HIS D 50 -13.25 -15.16 -3.62
C HIS D 50 -12.14 -14.11 -3.60
N ALA D 51 -12.23 -13.22 -2.61
CA ALA D 51 -11.32 -12.08 -2.54
C ALA D 51 -9.87 -12.51 -2.34
N GLY D 52 -9.64 -13.74 -1.90
CA GLY D 52 -8.28 -14.21 -1.76
C GLY D 52 -7.59 -14.53 -3.07
N MET D 53 -8.32 -14.54 -4.18
CA MET D 53 -7.76 -14.80 -5.50
C MET D 53 -7.81 -13.56 -6.39
N PHE D 54 -7.85 -12.37 -5.80
CA PHE D 54 -7.95 -11.12 -6.55
C PHE D 54 -6.56 -10.66 -7.01
N LEU D 55 -5.91 -11.51 -7.80
CA LEU D 55 -4.63 -11.15 -8.39
C LEU D 55 -4.82 -10.04 -9.42
N ASP D 56 -3.75 -9.30 -9.67
CA ASP D 56 -3.83 -8.17 -10.60
C ASP D 56 -4.06 -8.69 -12.02
N GLY D 57 -5.14 -8.24 -12.65
CA GLY D 57 -5.48 -8.66 -13.98
C GLY D 57 -6.34 -9.90 -14.08
N ALA D 58 -6.57 -10.59 -12.96
CA ALA D 58 -7.39 -11.79 -12.98
C ALA D 58 -8.81 -11.48 -13.44
N HIS D 59 -9.41 -12.43 -14.14
CA HIS D 59 -10.68 -12.23 -14.82
C HIS D 59 -11.53 -13.48 -14.71
N LEU D 60 -12.82 -13.32 -15.03
CA LEU D 60 -13.73 -14.45 -15.04
C LEU D 60 -13.35 -15.45 -16.12
N GLN D 61 -13.66 -16.72 -15.86
CA GLN D 61 -13.48 -17.76 -16.86
C GLN D 61 -14.70 -17.95 -17.74
N THR D 62 -15.76 -17.17 -17.51
CA THR D 62 -16.97 -17.20 -18.30
C THR D 62 -17.32 -15.78 -18.75
N PRO D 63 -17.90 -15.63 -19.94
CA PRO D 63 -18.24 -14.29 -20.44
C PRO D 63 -19.18 -13.54 -19.51
N PHE D 64 -19.29 -12.23 -19.74
CA PHE D 64 -20.07 -11.38 -18.85
C PHE D 64 -21.56 -11.68 -18.91
N MET D 65 -22.03 -12.35 -19.95
CA MET D 65 -23.44 -12.72 -20.01
C MET D 65 -23.81 -13.77 -18.97
N SER D 66 -22.82 -14.43 -18.36
CA SER D 66 -23.07 -15.30 -17.21
C SER D 66 -23.15 -14.54 -15.90
N ASP D 67 -23.67 -13.31 -15.92
CA ASP D 67 -23.79 -12.52 -14.71
C ASP D 67 -24.90 -13.03 -13.82
N LEU D 68 -25.74 -12.13 -13.29
CA LEU D 68 -26.76 -12.53 -12.35
C LEU D 68 -28.13 -12.75 -12.99
N VAL D 69 -28.40 -12.17 -14.16
CA VAL D 69 -29.78 -12.10 -14.65
C VAL D 69 -29.89 -12.28 -16.15
N THR D 70 -28.86 -11.89 -16.90
CA THR D 70 -29.03 -11.63 -18.33
C THR D 70 -29.47 -12.88 -19.09
N LEU D 71 -28.89 -14.04 -18.76
CA LEU D 71 -29.26 -15.26 -19.48
C LEU D 71 -30.71 -15.67 -19.28
N ALA D 72 -31.36 -15.17 -18.22
CA ALA D 72 -32.78 -15.36 -18.01
C ALA D 72 -33.62 -14.17 -18.45
N ASP D 73 -33.10 -12.96 -18.30
CA ASP D 73 -33.80 -11.73 -18.68
C ASP D 73 -32.79 -10.64 -18.99
N PRO D 74 -32.49 -10.40 -20.28
CA PRO D 74 -31.55 -9.32 -20.63
C PRO D 74 -32.06 -7.92 -20.29
N THR D 75 -33.33 -7.76 -19.95
CA THR D 75 -33.89 -6.46 -19.61
C THR D 75 -33.83 -6.15 -18.12
N SER D 76 -33.32 -7.08 -17.31
CA SER D 76 -33.25 -6.87 -15.87
C SER D 76 -32.41 -5.64 -15.55
N PRO D 77 -32.80 -4.84 -14.55
CA PRO D 77 -31.99 -3.66 -14.18
C PRO D 77 -30.69 -4.02 -13.49
N TYR D 78 -30.46 -5.29 -13.17
CA TYR D 78 -29.27 -5.71 -12.44
C TYR D 78 -28.29 -6.48 -13.34
N SER D 79 -28.30 -6.16 -14.63
CA SER D 79 -27.35 -6.76 -15.57
C SER D 79 -26.01 -6.05 -15.49
N PHE D 80 -24.96 -6.78 -15.90
CA PHE D 80 -23.61 -6.21 -15.87
C PHE D 80 -23.51 -5.00 -16.79
N LEU D 81 -24.26 -5.00 -17.90
CA LEU D 81 -24.23 -3.86 -18.81
C LEU D 81 -24.88 -2.64 -18.17
N ASN D 82 -26.00 -2.82 -17.48
CA ASN D 82 -26.64 -1.70 -16.81
C ASN D 82 -25.76 -1.16 -15.67
N TYR D 83 -25.04 -2.06 -14.99
CA TYR D 83 -24.11 -1.63 -13.96
C TYR D 83 -23.03 -0.72 -14.53
N LEU D 84 -22.47 -1.10 -15.68
CA LEU D 84 -21.46 -0.27 -16.33
C LEU D 84 -22.05 1.07 -16.76
N LYS D 85 -23.30 1.07 -17.21
CA LYS D 85 -23.95 2.32 -17.62
C LYS D 85 -24.11 3.26 -16.44
N GLU D 86 -24.46 2.72 -15.26
CA GLU D 86 -24.61 3.57 -14.09
C GLU D 86 -23.26 4.08 -13.60
N LYS D 87 -22.22 3.23 -13.67
CA LYS D 87 -20.89 3.67 -13.28
C LYS D 87 -20.23 4.58 -14.31
N GLY D 88 -20.89 4.83 -15.44
CA GLY D 88 -20.26 5.61 -16.49
C GLY D 88 -19.06 4.94 -17.11
N ARG D 89 -19.09 3.62 -17.25
CA ARG D 89 -17.96 2.85 -17.76
C ARG D 89 -18.33 2.02 -18.98
N LEU D 90 -19.57 2.14 -19.47
CA LEU D 90 -20.02 1.26 -20.55
C LEU D 90 -19.25 1.49 -21.84
N TYR D 91 -18.98 2.75 -22.19
CA TYR D 91 -18.40 3.02 -23.50
C TYR D 91 -16.96 2.51 -23.60
N SER D 92 -16.16 2.68 -22.54
CA SER D 92 -14.78 2.19 -22.60
C SER D 92 -14.73 0.68 -22.48
N PHE D 93 -15.70 0.08 -21.78
CA PHE D 93 -15.83 -1.37 -21.85
C PHE D 93 -16.20 -1.81 -23.26
N TYR D 94 -17.06 -1.04 -23.93
CA TYR D 94 -17.33 -1.28 -25.34
C TYR D 94 -16.06 -1.21 -26.17
N ILE D 95 -15.16 -0.28 -25.83
CA ILE D 95 -13.90 -0.19 -26.56
C ILE D 95 -12.95 -1.29 -26.15
N ARG D 96 -12.96 -1.68 -24.87
CA ARG D 96 -12.08 -2.75 -24.42
C ARG D 96 -12.31 -4.02 -25.21
N GLU D 97 -13.58 -4.30 -25.53
CA GLU D 97 -13.95 -5.45 -26.38
C GLU D 97 -13.39 -6.75 -25.81
N ASN D 98 -13.76 -7.03 -24.57
CA ASN D 98 -13.35 -8.25 -23.87
C ASN D 98 -14.57 -8.85 -23.18
N PHE D 99 -14.88 -10.11 -23.52
CA PHE D 99 -16.06 -10.77 -22.97
C PHE D 99 -15.96 -11.00 -21.47
N TYR D 100 -14.76 -10.96 -20.90
CA TYR D 100 -14.54 -11.44 -19.54
C TYR D 100 -14.26 -10.29 -18.59
N PRO D 101 -15.11 -10.06 -17.59
CA PRO D 101 -14.82 -9.03 -16.61
C PRO D 101 -13.70 -9.44 -15.69
N LEU D 102 -13.00 -8.45 -15.14
CA LEU D 102 -11.98 -8.73 -14.15
C LEU D 102 -12.64 -9.07 -12.81
N ARG D 103 -11.88 -9.77 -11.97
CA ARG D 103 -12.48 -10.38 -10.78
C ARG D 103 -13.01 -9.33 -9.81
N VAL D 104 -12.22 -8.28 -9.55
CA VAL D 104 -12.72 -7.23 -8.66
C VAL D 104 -13.81 -6.41 -9.34
N GLU D 105 -13.83 -6.37 -10.67
CA GLU D 105 -14.93 -5.74 -11.38
C GLU D 105 -16.24 -6.53 -11.18
N TYR D 106 -16.15 -7.86 -11.22
CA TYR D 106 -17.33 -8.68 -10.97
C TYR D 106 -17.76 -8.60 -9.51
N ASP D 107 -16.78 -8.62 -8.60
CA ASP D 107 -17.09 -8.51 -7.17
C ASP D 107 -17.74 -7.17 -6.86
N ASP D 108 -17.26 -6.10 -7.49
CA ASP D 108 -17.89 -4.79 -7.32
C ASP D 108 -19.29 -4.76 -7.91
N TYR D 109 -19.53 -5.53 -8.97
CA TYR D 109 -20.82 -5.49 -9.65
C TYR D 109 -21.91 -6.16 -8.82
N CYS D 110 -21.61 -7.33 -8.25
CA CYS D 110 -22.59 -8.04 -7.44
C CYS D 110 -22.87 -7.33 -6.13
N ARG D 111 -21.86 -6.69 -5.54
CA ARG D 111 -22.10 -5.86 -4.36
C ARG D 111 -23.00 -4.68 -4.69
N TRP D 112 -22.81 -4.08 -5.87
CA TRP D 112 -23.70 -3.02 -6.32
C TRP D 112 -25.13 -3.53 -6.47
N ALA D 113 -25.29 -4.80 -6.86
CA ALA D 113 -26.62 -5.36 -7.04
C ALA D 113 -27.25 -5.74 -5.70
N ALA D 114 -26.44 -6.27 -4.78
CA ALA D 114 -26.98 -6.68 -3.48
C ALA D 114 -27.46 -5.49 -2.67
N ASN D 115 -26.75 -4.36 -2.77
CA ASN D 115 -27.14 -3.18 -2.01
C ASN D 115 -28.37 -2.49 -2.62
N LYS D 116 -28.69 -2.78 -3.88
CA LYS D 116 -29.90 -2.23 -4.49
C LYS D 116 -31.15 -3.02 -4.17
N LEU D 117 -31.01 -4.16 -3.49
CA LEU D 117 -32.14 -4.99 -3.11
C LEU D 117 -32.52 -4.74 -1.65
N SER D 118 -33.76 -5.08 -1.32
CA SER D 118 -34.31 -4.85 0.00
C SER D 118 -34.52 -6.14 0.79
N SER D 119 -34.24 -7.29 0.19
CA SER D 119 -34.60 -8.57 0.76
C SER D 119 -33.40 -9.36 1.28
N ILE D 120 -32.30 -8.66 1.62
CA ILE D 120 -31.09 -9.31 2.09
C ILE D 120 -30.78 -8.81 3.49
N ARG D 121 -30.43 -9.74 4.38
CA ARG D 121 -30.04 -9.42 5.76
C ARG D 121 -28.63 -9.95 5.96
N PHE D 122 -27.65 -9.05 5.94
CA PHE D 122 -26.26 -9.44 6.14
C PHE D 122 -25.99 -9.68 7.62
N GLY D 123 -24.79 -10.20 7.90
CA GLY D 123 -24.40 -10.50 9.28
C GLY D 123 -25.34 -11.46 9.97
N THR D 124 -25.77 -12.50 9.26
CA THR D 124 -26.81 -13.41 9.75
C THR D 124 -26.40 -14.84 9.39
N THR D 125 -25.86 -15.57 10.37
CA THR D 125 -25.43 -16.95 10.19
C THR D 125 -26.52 -17.88 10.73
N VAL D 126 -27.03 -18.76 9.86
CA VAL D 126 -28.10 -19.66 10.28
C VAL D 126 -27.51 -20.74 11.18
N THR D 127 -28.18 -21.00 12.30
CA THR D 127 -27.64 -21.94 13.27
C THR D 127 -28.16 -23.36 13.07
N GLU D 128 -29.49 -23.53 13.00
CA GLU D 128 -30.10 -24.83 12.73
C GLU D 128 -31.52 -24.66 12.21
N VAL D 129 -31.98 -25.69 11.49
CA VAL D 129 -33.27 -25.72 10.79
C VAL D 129 -34.02 -26.98 11.21
N ARG D 130 -35.35 -26.88 11.33
CA ARG D 130 -36.21 -28.05 11.42
C ARG D 130 -37.59 -27.71 10.86
N TYR D 131 -38.53 -28.63 11.07
CA TYR D 131 -39.78 -28.67 10.31
C TYR D 131 -40.95 -28.85 11.27
N GLU D 132 -41.70 -27.78 11.46
CA GLU D 132 -42.89 -27.76 12.31
C GLU D 132 -44.04 -27.14 11.53
N ASP D 133 -45.22 -27.74 11.63
CA ASP D 133 -46.43 -27.28 11.00
C ASP D 133 -46.26 -27.10 9.49
N ASP D 134 -45.64 -28.11 8.90
CA ASP D 134 -45.45 -28.14 7.45
C ASP D 134 -44.77 -26.87 6.92
N LEU D 135 -44.10 -26.13 7.80
CA LEU D 135 -43.25 -25.01 7.44
C LEU D 135 -41.84 -25.31 7.94
N TYR D 136 -40.87 -24.60 7.38
CA TYR D 136 -39.48 -24.74 7.78
C TYR D 136 -39.10 -23.58 8.68
N VAL D 137 -38.49 -23.90 9.83
CA VAL D 137 -38.02 -22.90 10.78
C VAL D 137 -36.50 -22.82 10.70
N VAL D 138 -35.97 -21.58 10.64
CA VAL D 138 -34.54 -21.34 10.54
C VAL D 138 -34.11 -20.43 11.69
N THR D 139 -33.07 -20.85 12.41
CA THR D 139 -32.58 -20.15 13.59
C THR D 139 -31.26 -19.46 13.28
N THR D 140 -31.12 -18.22 13.76
CA THR D 140 -29.94 -17.39 13.54
C THR D 140 -29.00 -17.44 14.74
N SER D 141 -27.74 -17.04 14.50
CA SER D 141 -26.78 -16.88 15.59
C SER D 141 -27.29 -15.88 16.63
N ALA D 142 -27.89 -14.77 16.17
CA ALA D 142 -28.42 -13.78 17.11
C ALA D 142 -29.65 -14.27 17.85
N GLY D 143 -30.36 -15.25 17.30
CA GLY D 143 -31.58 -15.75 17.90
C GLY D 143 -32.83 -15.52 17.07
N ASP D 144 -32.79 -14.56 16.15
CA ASP D 144 -33.92 -14.34 15.24
C ASP D 144 -34.28 -15.63 14.52
N VAL D 145 -35.57 -15.77 14.21
CA VAL D 145 -36.08 -16.96 13.54
C VAL D 145 -37.06 -16.53 12.44
N TYR D 146 -36.79 -16.96 11.21
CA TYR D 146 -37.67 -16.79 10.07
C TYR D 146 -38.35 -18.10 9.77
N ARG D 147 -39.46 -18.05 9.02
CA ARG D 147 -40.16 -19.25 8.65
C ARG D 147 -40.73 -19.09 7.24
N ALA D 148 -40.77 -20.21 6.52
CA ALA D 148 -41.28 -20.23 5.16
C ALA D 148 -41.58 -21.67 4.80
N ARG D 149 -42.28 -21.84 3.68
CA ARG D 149 -42.60 -23.17 3.17
C ARG D 149 -41.47 -23.77 2.34
N HIS D 150 -40.62 -22.94 1.75
CA HIS D 150 -39.51 -23.41 0.93
C HIS D 150 -38.22 -22.75 1.40
N LEU D 151 -37.09 -23.45 1.17
CA LEU D 151 -35.77 -22.91 1.43
C LEU D 151 -34.85 -23.20 0.24
N VAL D 152 -33.95 -22.27 -0.02
CA VAL D 152 -32.96 -22.40 -1.09
C VAL D 152 -31.58 -22.34 -0.46
N LEU D 153 -30.82 -23.43 -0.58
CA LEU D 153 -29.52 -23.58 0.08
C LEU D 153 -28.41 -23.17 -0.90
N GLY D 154 -27.85 -21.98 -0.69
CA GLY D 154 -26.71 -21.54 -1.45
C GLY D 154 -25.50 -21.25 -0.58
N THR D 155 -25.16 -22.22 0.28
CA THR D 155 -24.08 -22.02 1.24
C THR D 155 -22.70 -22.16 0.63
N GLY D 156 -22.60 -22.54 -0.65
CA GLY D 156 -21.31 -22.58 -1.29
C GLY D 156 -20.55 -23.87 -1.03
N THR D 157 -19.23 -23.76 -1.17
CA THR D 157 -18.34 -24.93 -1.13
C THR D 157 -17.08 -24.55 -0.36
N PRO D 158 -16.96 -25.00 0.88
CA PRO D 158 -15.79 -24.63 1.70
C PRO D 158 -14.50 -25.20 1.11
N PRO D 159 -13.35 -24.61 1.43
CA PRO D 159 -12.08 -25.13 0.91
C PRO D 159 -11.82 -26.55 1.37
N TYR D 160 -11.19 -27.33 0.49
CA TYR D 160 -10.84 -28.70 0.80
C TYR D 160 -9.36 -28.81 1.16
N ILE D 161 -9.07 -29.56 2.21
CA ILE D 161 -7.71 -29.79 2.67
C ILE D 161 -7.47 -31.29 2.65
N PRO D 162 -6.37 -31.77 2.07
CA PRO D 162 -6.07 -33.21 2.13
C PRO D 162 -5.79 -33.63 3.57
N GLU D 163 -6.04 -34.91 3.84
CA GLU D 163 -5.81 -35.44 5.17
C GLU D 163 -4.34 -35.45 5.54
N ALA D 164 -3.44 -35.44 4.56
CA ALA D 164 -2.02 -35.32 4.84
C ALA D 164 -1.64 -33.95 5.40
N CYS D 165 -2.55 -32.98 5.35
CA CYS D 165 -2.34 -31.67 5.94
C CYS D 165 -3.33 -31.38 7.06
N GLN D 166 -4.11 -32.37 7.49
CA GLN D 166 -4.97 -32.21 8.66
C GLN D 166 -4.11 -32.06 9.90
N GLY D 167 -4.44 -31.11 10.76
CA GLY D 167 -3.61 -30.91 11.94
C GLY D 167 -2.21 -30.44 11.59
N LEU D 168 -2.06 -29.77 10.46
CA LEU D 168 -0.80 -29.15 10.07
C LEU D 168 -0.69 -27.77 10.69
N ASP D 169 0.53 -27.37 11.02
CA ASP D 169 0.77 -26.02 11.52
C ASP D 169 2.09 -25.48 11.00
N GLY D 170 2.30 -24.20 11.23
CA GLY D 170 3.06 -23.36 10.35
C GLY D 170 2.12 -22.38 9.67
N ASP D 171 2.63 -21.69 8.66
CA ASP D 171 1.87 -20.64 7.99
C ASP D 171 1.29 -21.08 6.65
N PHE D 172 1.19 -22.39 6.41
CA PHE D 172 0.67 -22.88 5.14
C PHE D 172 -0.75 -22.38 4.90
N ILE D 173 -1.08 -22.17 3.64
CA ILE D 173 -2.34 -21.56 3.26
C ILE D 173 -3.03 -22.40 2.19
N HIS D 174 -4.35 -22.37 2.21
CA HIS D 174 -5.15 -22.72 1.05
C HIS D 174 -5.16 -21.52 0.11
N ASN D 175 -5.33 -21.79 -1.19
CA ASN D 175 -5.30 -20.69 -2.15
C ASN D 175 -6.48 -19.75 -1.92
N SER D 176 -7.35 -20.10 -0.98
CA SER D 176 -8.46 -19.22 -0.62
C SER D 176 -7.97 -17.89 -0.07
N ARG D 177 -6.79 -17.86 0.55
CA ARG D 177 -6.27 -16.67 1.23
C ARG D 177 -4.89 -16.31 0.72
N TYR D 178 -4.71 -16.33 -0.60
CA TYR D 178 -3.39 -16.09 -1.17
C TYR D 178 -2.99 -14.63 -1.11
N VAL D 179 -3.90 -13.73 -1.51
CA VAL D 179 -3.55 -12.31 -1.61
C VAL D 179 -3.15 -11.76 -0.24
N GLN D 180 -3.83 -12.20 0.81
CA GLN D 180 -3.53 -11.70 2.15
C GLN D 180 -2.16 -12.16 2.63
N HIS D 181 -1.68 -13.30 2.14
CA HIS D 181 -0.44 -13.90 2.63
C HIS D 181 0.69 -13.88 1.62
N ARG D 182 0.46 -13.33 0.42
CA ARG D 182 1.59 -13.09 -0.48
C ARG D 182 2.59 -12.14 0.17
N SER D 183 2.11 -11.27 1.05
CA SER D 183 2.95 -10.47 1.92
C SER D 183 4.14 -11.28 2.47
N GLU D 184 3.84 -12.45 3.05
CA GLU D 184 4.86 -13.25 3.74
C GLU D 184 5.51 -14.28 2.83
N LEU D 185 4.83 -14.73 1.78
CA LEU D 185 5.35 -15.81 0.95
C LEU D 185 6.61 -15.36 0.20
N VAL D 186 6.55 -14.18 -0.43
CA VAL D 186 7.69 -13.72 -1.23
C VAL D 186 8.92 -13.47 -0.36
N LYS D 187 8.76 -13.35 0.95
CA LYS D 187 9.89 -13.16 1.85
C LYS D 187 10.58 -14.47 2.21
N LYS D 188 10.10 -15.60 1.70
CA LYS D 188 10.67 -16.89 2.03
C LYS D 188 11.76 -17.28 1.03
N GLU D 189 12.42 -18.41 1.33
CA GLU D 189 13.46 -18.94 0.46
C GLU D 189 12.92 -19.96 -0.54
N SER D 190 11.79 -20.60 -0.23
CA SER D 190 11.24 -21.63 -1.12
C SER D 190 9.73 -21.69 -0.94
N ILE D 191 9.00 -21.75 -2.06
CA ILE D 191 7.55 -21.85 -2.07
C ILE D 191 7.15 -23.05 -2.92
N THR D 192 6.15 -23.79 -2.45
CA THR D 192 5.67 -24.97 -3.16
C THR D 192 4.16 -24.92 -3.25
N ILE D 193 3.63 -25.16 -4.45
CA ILE D 193 2.19 -25.17 -4.71
C ILE D 193 1.76 -26.60 -4.97
N VAL D 194 0.71 -27.03 -4.28
CA VAL D 194 0.19 -28.40 -4.39
C VAL D 194 -1.14 -28.35 -5.12
N GLY D 195 -1.24 -29.12 -6.20
CA GLY D 195 -2.47 -29.27 -6.94
C GLY D 195 -2.43 -28.52 -8.28
N SER D 196 -3.38 -28.87 -9.14
CA SER D 196 -3.58 -28.23 -10.43
C SER D 196 -4.88 -27.42 -10.40
N GLY D 197 -5.16 -26.76 -11.52
CA GLY D 197 -6.33 -25.91 -11.64
C GLY D 197 -5.95 -24.47 -11.95
N GLN D 198 -6.98 -23.69 -12.22
CA GLN D 198 -6.77 -22.30 -12.61
C GLN D 198 -6.06 -21.52 -11.52
N SER D 199 -6.49 -21.69 -10.27
CA SER D 199 -5.88 -20.96 -9.16
C SER D 199 -4.41 -21.32 -9.00
N ALA D 200 -4.08 -22.61 -9.07
CA ALA D 200 -2.69 -23.03 -8.95
C ALA D 200 -1.82 -22.35 -9.99
N ALA D 201 -2.29 -22.29 -11.23
CA ALA D 201 -1.47 -21.73 -12.30
C ALA D 201 -1.40 -20.20 -12.21
N GLU D 202 -2.52 -19.56 -11.85
CA GLU D 202 -2.49 -18.11 -11.64
C GLU D 202 -1.47 -17.74 -10.58
N ILE D 203 -1.40 -18.52 -9.50
CA ILE D 203 -0.43 -18.26 -8.45
C ILE D 203 0.98 -18.57 -8.94
N TYR D 204 1.14 -19.68 -9.65
CA TYR D 204 2.46 -20.02 -10.16
C TYR D 204 3.00 -18.95 -11.09
N GLN D 205 2.15 -18.44 -11.99
CA GLN D 205 2.60 -17.38 -12.89
C GLN D 205 2.93 -16.11 -12.10
N ASP D 206 2.16 -15.83 -11.04
CA ASP D 206 2.42 -14.62 -10.27
C ASP D 206 3.76 -14.69 -9.56
N LEU D 207 4.08 -15.84 -8.96
CA LEU D 207 5.36 -15.99 -8.28
C LEU D 207 6.52 -16.05 -9.27
N LEU D 208 6.34 -16.82 -10.35
CA LEU D 208 7.40 -16.95 -11.34
C LEU D 208 7.75 -15.61 -11.97
N GLY D 209 6.78 -14.71 -12.07
CA GLY D 209 7.03 -13.39 -12.64
C GLY D 209 8.00 -12.55 -11.85
N GLU D 210 8.20 -12.86 -10.57
CA GLU D 210 9.12 -12.11 -9.72
C GLU D 210 10.13 -13.04 -9.07
N ILE D 211 10.45 -14.16 -9.72
CA ILE D 211 11.34 -15.14 -9.09
C ILE D 211 12.76 -14.63 -9.02
N ASP D 212 13.16 -13.74 -9.94
CA ASP D 212 14.51 -13.20 -9.95
C ASP D 212 14.63 -11.88 -9.20
N VAL D 213 13.62 -11.49 -8.45
CA VAL D 213 13.67 -10.33 -7.59
C VAL D 213 13.69 -10.71 -6.11
N HIS D 214 12.88 -11.69 -5.72
CA HIS D 214 12.92 -12.21 -4.36
C HIS D 214 13.90 -13.37 -4.22
N GLY D 215 14.13 -14.13 -5.28
CA GLY D 215 15.17 -15.15 -5.28
C GLY D 215 14.79 -16.47 -4.67
N TYR D 216 13.51 -16.79 -4.56
CA TYR D 216 13.10 -18.04 -3.94
C TYR D 216 13.10 -19.16 -4.97
N ARG D 217 13.06 -20.39 -4.47
CA ARG D 217 12.79 -21.56 -5.30
C ARG D 217 11.28 -21.75 -5.40
N LEU D 218 10.82 -22.19 -6.57
CA LEU D 218 9.39 -22.27 -6.86
C LEU D 218 9.06 -23.68 -7.33
N ASN D 219 8.24 -24.39 -6.56
CA ASN D 219 7.87 -25.76 -6.85
C ASN D 219 6.37 -25.84 -7.10
N TRP D 220 5.98 -26.54 -8.18
CA TRP D 220 4.58 -26.76 -8.52
C TRP D 220 4.39 -28.26 -8.71
N VAL D 221 3.74 -28.89 -7.73
CA VAL D 221 3.55 -30.34 -7.72
C VAL D 221 2.07 -30.63 -7.83
N THR D 222 1.73 -31.66 -8.60
CA THR D 222 0.35 -32.08 -8.77
C THR D 222 0.33 -33.57 -9.07
N ARG D 223 -0.78 -34.22 -8.72
CA ARG D 223 -1.00 -35.61 -9.09
C ARG D 223 -1.61 -35.76 -10.48
N SER D 224 -2.06 -34.67 -11.08
CA SER D 224 -2.58 -34.74 -12.45
C SER D 224 -1.51 -35.29 -13.38
N PRO D 225 -1.86 -36.16 -14.33
CA PRO D 225 -0.85 -36.64 -15.28
C PRO D 225 -0.43 -35.57 -16.28
N ARG D 226 -1.29 -34.60 -16.55
CA ARG D 226 -0.98 -33.48 -17.42
C ARG D 226 -1.48 -32.19 -16.78
N PHE D 227 -1.05 -31.06 -17.34
CA PHE D 227 -1.60 -29.75 -16.96
C PHE D 227 -2.81 -29.51 -17.86
N PHE D 228 -3.98 -29.97 -17.42
CA PHE D 228 -5.13 -30.02 -18.29
C PHE D 228 -5.58 -28.61 -18.68
N PRO D 229 -5.92 -28.40 -19.95
CA PRO D 229 -6.56 -27.14 -20.34
C PRO D 229 -8.05 -27.17 -20.06
N LEU D 230 -8.61 -25.97 -19.84
CA LEU D 230 -10.04 -25.85 -19.65
C LEU D 230 -10.78 -26.24 -20.92
N GLU D 231 -11.77 -27.13 -20.79
CA GLU D 231 -12.49 -27.68 -21.93
C GLU D 231 -13.47 -26.61 -22.45
N TYR D 232 -12.95 -25.70 -23.27
CA TYR D 232 -13.71 -24.53 -23.68
C TYR D 232 -13.85 -24.43 -25.21
N THR D 233 -13.80 -25.55 -25.92
CA THR D 233 -14.19 -25.52 -27.32
C THR D 233 -15.70 -25.66 -27.42
N LYS D 234 -16.26 -25.04 -28.47
CA LYS D 234 -17.69 -24.72 -28.45
C LYS D 234 -18.57 -25.97 -28.51
N LEU D 235 -18.13 -27.04 -29.17
CA LEU D 235 -18.95 -28.24 -29.21
C LEU D 235 -19.05 -28.88 -27.83
N THR D 236 -17.96 -28.84 -27.05
CA THR D 236 -18.00 -29.34 -25.68
C THR D 236 -18.77 -28.40 -24.77
N LEU D 237 -18.67 -27.08 -25.00
CA LEU D 237 -19.45 -26.13 -24.22
C LEU D 237 -20.95 -26.35 -24.36
N GLU D 238 -21.39 -27.03 -25.42
CA GLU D 238 -22.79 -27.41 -25.57
C GLU D 238 -23.22 -28.49 -24.59
N MET D 239 -22.29 -29.08 -23.84
CA MET D 239 -22.68 -29.95 -22.75
C MET D 239 -23.18 -29.15 -21.54
N THR D 240 -22.89 -27.86 -21.49
CA THR D 240 -23.46 -26.95 -20.50
C THR D 240 -24.82 -26.47 -21.03
N SER D 241 -25.76 -27.40 -21.03
CA SER D 241 -27.01 -27.27 -21.77
C SER D 241 -28.15 -27.88 -20.98
N PRO D 242 -29.37 -27.35 -21.14
CA PRO D 242 -30.54 -28.02 -20.53
C PRO D 242 -30.69 -29.46 -20.98
N GLU D 243 -30.54 -29.73 -22.27
CA GLU D 243 -30.74 -31.08 -22.78
C GLU D 243 -29.62 -32.04 -22.38
N TYR D 244 -28.46 -31.51 -21.98
CA TYR D 244 -27.45 -32.43 -21.45
C TYR D 244 -27.74 -32.80 -20.01
N ILE D 245 -28.28 -31.87 -19.22
CA ILE D 245 -28.67 -32.20 -17.86
C ILE D 245 -29.83 -33.19 -17.87
N ASP D 246 -30.80 -33.00 -18.78
CA ASP D 246 -31.88 -33.96 -18.93
C ASP D 246 -31.32 -35.35 -19.22
N TYR D 247 -30.40 -35.45 -20.18
CA TYR D 247 -29.71 -36.70 -20.44
C TYR D 247 -28.97 -37.17 -19.19
N TYR D 248 -28.00 -36.39 -18.73
CA TYR D 248 -27.08 -36.80 -17.67
C TYR D 248 -27.81 -37.26 -16.41
N ARG D 249 -28.90 -36.59 -16.04
CA ARG D 249 -29.53 -36.84 -14.75
C ARG D 249 -30.19 -38.22 -14.70
N GLU D 250 -30.71 -38.72 -15.82
CA GLU D 250 -31.36 -40.03 -15.86
C GLU D 250 -30.39 -41.15 -16.18
N LEU D 251 -29.09 -40.93 -16.05
CA LEU D 251 -28.13 -42.01 -16.20
C LEU D 251 -28.00 -42.79 -14.91
N PRO D 252 -27.52 -44.03 -14.98
CA PRO D 252 -27.19 -44.77 -13.76
C PRO D 252 -26.26 -43.96 -12.87
N GLU D 253 -26.56 -43.94 -11.57
CA GLU D 253 -25.86 -43.03 -10.67
C GLU D 253 -24.38 -43.39 -10.54
N ALA D 254 -24.01 -44.65 -10.74
CA ALA D 254 -22.60 -45.02 -10.66
C ALA D 254 -21.84 -44.52 -11.88
N THR D 255 -22.47 -44.57 -13.06
CA THR D 255 -21.85 -43.97 -14.23
C THR D 255 -21.76 -42.45 -14.09
N ARG D 256 -22.69 -41.84 -13.34
CA ARG D 256 -22.59 -40.41 -13.07
C ARG D 256 -21.47 -40.10 -12.09
N TYR D 257 -21.35 -40.89 -11.03
CA TYR D 257 -20.27 -40.71 -10.09
C TYR D 257 -18.92 -41.01 -10.70
N ARG D 258 -18.89 -41.83 -11.74
CA ARG D 258 -17.67 -42.05 -12.51
C ARG D 258 -17.35 -40.87 -13.43
N LEU D 259 -18.35 -40.27 -14.08
CA LEU D 259 -18.11 -39.06 -14.86
C LEU D 259 -17.69 -37.89 -13.98
N THR D 260 -18.17 -37.84 -12.73
CA THR D 260 -17.74 -36.81 -11.81
C THR D 260 -16.27 -36.99 -11.45
N ALA D 261 -15.86 -38.21 -11.12
CA ALA D 261 -14.50 -38.46 -10.70
C ALA D 261 -13.51 -38.30 -11.85
N GLU D 262 -13.91 -38.70 -13.06
CA GLU D 262 -13.01 -38.63 -14.20
C GLU D 262 -12.83 -37.22 -14.75
N GLN D 263 -13.74 -36.30 -14.42
CA GLN D 263 -13.74 -34.99 -15.07
C GLN D 263 -12.47 -34.22 -14.76
N LYS D 264 -11.83 -33.72 -15.81
CA LYS D 264 -10.50 -33.12 -15.72
C LYS D 264 -10.55 -31.59 -15.69
N GLY D 265 -11.16 -30.98 -16.72
CA GLY D 265 -11.05 -29.53 -16.89
C GLY D 265 -11.88 -28.71 -15.91
N LEU D 266 -12.94 -29.27 -15.33
CA LEU D 266 -13.86 -28.49 -14.54
C LEU D 266 -13.18 -27.84 -13.33
N PHE D 267 -12.62 -28.67 -12.44
CA PHE D 267 -11.94 -28.17 -11.25
C PHE D 267 -10.42 -28.26 -11.31
N LYS D 268 -9.86 -29.07 -12.20
CA LYS D 268 -8.42 -29.24 -12.31
C LYS D 268 -7.87 -28.65 -13.61
N GLY D 269 -8.65 -27.82 -14.30
CA GLY D 269 -8.29 -27.33 -15.62
C GLY D 269 -7.77 -25.90 -15.58
N ILE D 270 -6.74 -25.65 -16.40
CA ILE D 270 -6.13 -24.34 -16.52
C ILE D 270 -6.54 -23.74 -17.85
N ASP D 271 -6.70 -22.41 -17.88
CA ASP D 271 -6.93 -21.72 -19.14
C ASP D 271 -5.75 -21.96 -20.07
N GLY D 272 -6.06 -22.40 -21.30
CA GLY D 272 -5.02 -22.75 -22.24
C GLY D 272 -4.06 -21.60 -22.50
N ASP D 273 -4.60 -20.38 -22.58
CA ASP D 273 -3.74 -19.20 -22.74
C ASP D 273 -2.78 -19.05 -21.57
N LEU D 274 -3.28 -19.25 -20.34
CA LEU D 274 -2.41 -19.17 -19.17
C LEU D 274 -1.32 -20.22 -19.22
N ILE D 275 -1.65 -21.43 -19.69
CA ILE D 275 -0.65 -22.48 -19.81
C ILE D 275 0.49 -22.03 -20.72
N ASN D 276 0.13 -21.44 -21.87
CA ASN D 276 1.15 -21.02 -22.82
C ASN D 276 1.92 -19.81 -22.31
N GLU D 277 1.24 -18.89 -21.60
CA GLU D 277 1.95 -17.75 -21.02
C GLU D 277 2.97 -18.22 -19.98
N ILE D 278 2.64 -19.27 -19.23
CA ILE D 278 3.60 -19.82 -18.27
C ILE D 278 4.82 -20.37 -18.99
N PHE D 279 4.62 -21.04 -20.12
CA PHE D 279 5.74 -21.55 -20.90
C PHE D 279 6.55 -20.40 -21.50
N ASP D 280 5.88 -19.36 -21.99
CA ASP D 280 6.60 -18.22 -22.53
C ASP D 280 7.42 -17.53 -21.45
N LEU D 281 6.87 -17.42 -20.24
CA LEU D 281 7.60 -16.80 -19.15
C LEU D 281 8.77 -17.68 -18.71
N LEU D 282 8.59 -19.00 -18.69
CA LEU D 282 9.71 -19.90 -18.40
C LEU D 282 10.80 -19.77 -19.45
N TYR D 283 10.40 -19.60 -20.71
CA TYR D 283 11.37 -19.41 -21.77
C TYR D 283 12.12 -18.10 -21.61
N GLN D 284 11.40 -17.02 -21.28
CA GLN D 284 12.03 -15.71 -21.15
C GLN D 284 13.04 -15.68 -20.00
N LYS D 285 12.64 -16.18 -18.83
CA LYS D 285 13.54 -16.18 -17.69
C LYS D 285 14.76 -17.06 -17.93
N ASN D 286 14.57 -18.17 -18.65
CA ASN D 286 15.66 -19.12 -18.85
C ASN D 286 16.75 -18.60 -19.77
N LEU D 287 16.53 -17.47 -20.44
CA LEU D 287 17.59 -16.87 -21.24
C LEU D 287 18.71 -16.33 -20.36
N ALA D 288 18.34 -15.70 -19.23
CA ALA D 288 19.33 -15.11 -18.33
C ALA D 288 20.12 -16.17 -17.55
N GLY D 289 19.69 -17.42 -17.57
CA GLY D 289 20.35 -18.48 -16.84
C GLY D 289 19.36 -19.47 -16.28
N PRO D 290 19.87 -20.49 -15.57
CA PRO D 290 18.96 -21.51 -15.01
C PRO D 290 18.00 -20.91 -14.00
N VAL D 291 16.73 -21.28 -14.13
CA VAL D 291 15.66 -20.79 -13.26
C VAL D 291 15.42 -21.83 -12.17
N PRO D 292 15.46 -21.45 -10.90
CA PRO D 292 15.21 -22.42 -9.81
C PRO D 292 13.72 -22.73 -9.64
N THR D 293 13.19 -23.50 -10.58
CA THR D 293 11.78 -23.89 -10.56
C THR D 293 11.66 -25.36 -10.92
N ARG D 294 10.55 -25.96 -10.49
CA ARG D 294 10.27 -27.37 -10.72
C ARG D 294 8.77 -27.55 -10.97
N LEU D 295 8.43 -28.26 -12.03
CA LEU D 295 7.04 -28.59 -12.36
C LEU D 295 6.91 -30.10 -12.45
N LEU D 296 6.23 -30.71 -11.49
CA LEU D 296 6.12 -32.15 -11.41
C LEU D 296 4.67 -32.59 -11.57
N THR D 297 4.46 -33.70 -12.27
CA THR D 297 3.15 -34.27 -12.49
C THR D 297 3.14 -35.72 -12.01
N ASN D 298 1.94 -36.29 -11.90
CA ASN D 298 1.75 -37.67 -11.46
C ASN D 298 2.33 -37.90 -10.07
N SER D 299 2.11 -36.96 -9.17
CA SER D 299 2.77 -36.97 -7.86
C SER D 299 1.74 -36.81 -6.75
N SER D 300 1.63 -37.82 -5.90
CA SER D 300 0.78 -37.79 -4.73
C SER D 300 1.42 -36.98 -3.62
N LEU D 301 0.59 -36.41 -2.75
CA LEU D 301 1.04 -35.82 -1.49
C LEU D 301 0.59 -36.74 -0.35
N ASN D 302 1.53 -37.48 0.22
CA ASN D 302 1.22 -38.48 1.24
C ASN D 302 1.49 -38.00 2.66
N SER D 303 2.59 -37.30 2.89
CA SER D 303 2.95 -36.86 4.23
C SER D 303 3.31 -35.39 4.21
N ALA D 304 3.26 -34.78 5.40
CA ALA D 304 3.56 -33.37 5.56
C ALA D 304 3.83 -33.09 7.03
N ARG D 305 4.98 -32.46 7.30
CA ARG D 305 5.37 -32.13 8.67
C ARG D 305 6.06 -30.78 8.67
N HIS D 306 5.98 -30.10 9.82
CA HIS D 306 6.58 -28.79 10.00
C HIS D 306 7.72 -28.88 11.00
N GLU D 307 8.89 -28.38 10.59
CA GLU D 307 10.06 -28.30 11.44
C GLU D 307 10.65 -26.91 11.29
N ASN D 308 11.21 -26.38 12.38
CA ASN D 308 11.78 -25.04 12.47
C ASN D 308 10.83 -23.98 11.90
N GLY D 309 10.92 -23.74 10.59
CA GLY D 309 9.96 -22.92 9.87
C GLY D 309 9.95 -23.38 8.43
N THR D 310 10.24 -24.66 8.23
CA THR D 310 10.24 -25.29 6.93
C THR D 310 9.37 -26.54 6.95
N TYR D 311 8.81 -26.88 5.80
CA TYR D 311 7.96 -28.04 5.64
C TYR D 311 8.72 -29.17 4.94
N THR D 312 8.47 -30.41 5.37
CA THR D 312 8.96 -31.60 4.69
C THR D 312 7.75 -32.34 4.13
N LEU D 313 7.65 -32.37 2.81
CA LEU D 313 6.52 -32.98 2.12
C LEU D 313 6.99 -34.25 1.42
N ALA D 314 6.27 -35.34 1.65
CA ALA D 314 6.59 -36.63 1.07
C ALA D 314 5.65 -36.89 -0.10
N PHE D 315 6.20 -36.92 -1.31
CA PHE D 315 5.45 -37.19 -2.52
C PHE D 315 5.78 -38.59 -3.03
N ARG D 316 4.86 -39.16 -3.81
CA ARG D 316 5.08 -40.44 -4.48
C ARG D 316 4.62 -40.31 -5.91
N GLN D 317 5.53 -40.53 -6.85
CA GLN D 317 5.20 -40.57 -8.28
C GLN D 317 4.42 -41.84 -8.55
N GLU D 318 3.09 -41.73 -8.63
CA GLU D 318 2.24 -42.91 -8.71
C GLU D 318 2.50 -43.70 -9.98
N GLU D 319 2.63 -43.02 -11.12
CA GLU D 319 2.82 -43.70 -12.39
C GLU D 319 4.17 -44.41 -12.44
N GLN D 320 5.23 -43.71 -12.02
CA GLN D 320 6.56 -44.31 -12.04
C GLN D 320 6.73 -45.33 -10.91
N GLY D 321 6.03 -45.13 -9.79
CA GLY D 321 6.17 -46.01 -8.66
C GLY D 321 7.43 -45.74 -7.87
N LYS D 322 7.65 -44.47 -7.52
CA LYS D 322 8.82 -44.08 -6.73
C LYS D 322 8.45 -42.88 -5.87
N ASP D 323 9.06 -42.81 -4.70
CA ASP D 323 8.84 -41.73 -3.75
C ASP D 323 9.92 -40.67 -3.88
N PHE D 324 9.60 -39.47 -3.39
CA PHE D 324 10.57 -38.39 -3.27
C PHE D 324 10.01 -37.37 -2.31
N GLU D 325 10.91 -36.63 -1.66
CA GLU D 325 10.53 -35.61 -0.70
C GLU D 325 11.14 -34.27 -1.10
N ILE D 326 10.38 -33.21 -0.88
CA ILE D 326 10.86 -31.84 -1.09
C ILE D 326 10.67 -31.08 0.21
N GLU D 327 11.53 -30.09 0.41
CA GLU D 327 11.47 -29.24 1.59
C GLU D 327 11.27 -27.79 1.16
N SER D 328 10.38 -27.09 1.85
CA SER D 328 9.99 -25.74 1.45
C SER D 328 9.43 -25.01 2.66
N GLN D 329 9.81 -23.75 2.81
CA GLN D 329 9.32 -22.95 3.93
C GLN D 329 7.90 -22.45 3.68
N GLY D 330 7.51 -22.27 2.43
CA GLY D 330 6.16 -21.86 2.07
C GLY D 330 5.39 -23.01 1.46
N LEU D 331 4.09 -23.04 1.75
CA LEU D 331 3.23 -24.14 1.32
C LEU D 331 1.88 -23.56 0.92
N VAL D 332 1.56 -23.64 -0.38
CA VAL D 332 0.30 -23.15 -0.91
C VAL D 332 -0.49 -24.37 -1.38
N LEU D 333 -1.62 -24.63 -0.72
CA LEU D 333 -2.46 -25.77 -1.07
C LEU D 333 -3.53 -25.27 -2.03
N ALA D 334 -3.24 -25.40 -3.33
CA ALA D 334 -4.21 -25.10 -4.37
C ALA D 334 -5.21 -26.23 -4.58
N THR D 335 -5.37 -27.11 -3.59
CA THR D 335 -6.42 -28.11 -3.62
C THR D 335 -7.77 -27.42 -3.73
N GLY D 336 -8.76 -28.17 -4.21
CA GLY D 336 -10.05 -27.60 -4.58
C GLY D 336 -10.93 -27.27 -3.39
N TYR D 337 -12.24 -27.37 -3.63
CA TYR D 337 -13.25 -27.14 -2.62
C TYR D 337 -14.14 -28.38 -2.55
N LYS D 338 -14.80 -28.57 -1.42
CA LYS D 338 -15.66 -29.74 -1.25
C LYS D 338 -16.85 -29.40 -0.39
N TYR D 339 -18.04 -29.77 -0.86
CA TYR D 339 -19.27 -29.49 -0.13
C TYR D 339 -19.41 -30.48 1.02
N ALA D 340 -19.78 -29.96 2.19
CA ALA D 340 -20.05 -30.78 3.36
C ALA D 340 -21.44 -30.46 3.87
N GLU D 341 -22.21 -31.52 4.17
CA GLU D 341 -23.42 -31.46 4.95
C GLU D 341 -23.31 -30.38 6.02
N PRO D 342 -24.08 -29.29 5.89
CA PRO D 342 -24.07 -28.27 6.92
C PRO D 342 -24.66 -28.79 8.22
N GLU D 343 -24.06 -28.36 9.32
CA GLU D 343 -24.51 -28.79 10.64
C GLU D 343 -25.96 -28.40 10.89
N PHE D 344 -26.43 -27.33 10.26
CA PHE D 344 -27.72 -26.75 10.63
C PHE D 344 -28.91 -27.50 10.05
N LEU D 345 -28.69 -28.58 9.31
CA LEU D 345 -29.80 -29.36 8.77
C LEU D 345 -29.92 -30.72 9.45
N ALA D 346 -29.28 -30.89 10.61
CA ALA D 346 -29.44 -32.12 11.38
C ALA D 346 -30.89 -32.38 11.78
N PRO D 347 -31.64 -31.41 12.32
CA PRO D 347 -33.00 -31.73 12.82
C PRO D 347 -34.03 -32.03 11.75
N VAL D 348 -33.68 -31.98 10.46
CA VAL D 348 -34.64 -32.24 9.40
C VAL D 348 -33.93 -33.10 8.35
N LYS D 349 -33.06 -34.00 8.82
CA LYS D 349 -32.35 -34.89 7.91
C LYS D 349 -33.31 -35.90 7.28
N ASP D 350 -34.24 -36.45 8.06
CA ASP D 350 -35.19 -37.42 7.50
C ASP D 350 -36.16 -36.79 6.51
N ARG D 351 -36.18 -35.47 6.35
CA ARG D 351 -36.91 -34.94 5.21
C ARG D 351 -36.06 -34.87 3.96
N LEU D 352 -34.75 -35.04 4.07
CA LEU D 352 -33.83 -34.98 2.94
C LEU D 352 -33.56 -36.38 2.39
N VAL D 353 -33.49 -36.48 1.07
CA VAL D 353 -33.27 -37.75 0.38
C VAL D 353 -31.81 -37.82 -0.04
N TYR D 354 -31.20 -39.00 0.15
CA TYR D 354 -29.79 -39.21 -0.13
C TYR D 354 -29.63 -40.30 -1.19
N ASP D 355 -28.45 -40.30 -1.84
CA ASP D 355 -28.14 -41.35 -2.79
C ASP D 355 -27.43 -42.50 -2.07
N SER D 356 -26.90 -43.46 -2.83
CA SER D 356 -26.28 -44.64 -2.25
C SER D 356 -24.87 -44.38 -1.72
N GLN D 357 -24.28 -43.22 -1.99
CA GLN D 357 -22.91 -42.95 -1.59
C GLN D 357 -22.78 -41.97 -0.43
N GLY D 358 -23.85 -41.24 -0.09
CA GLY D 358 -23.85 -40.44 1.11
C GLY D 358 -24.06 -38.95 0.91
N ASN D 359 -24.51 -38.55 -0.27
CA ASN D 359 -24.77 -37.15 -0.57
C ASN D 359 -26.21 -36.98 -1.02
N PHE D 360 -26.63 -35.72 -1.14
CA PHE D 360 -27.97 -35.42 -1.61
C PHE D 360 -28.16 -35.92 -3.04
N ASP D 361 -29.24 -36.65 -3.27
CA ASP D 361 -29.66 -37.00 -4.62
C ASP D 361 -30.59 -35.89 -5.11
N VAL D 362 -29.98 -34.82 -5.62
CA VAL D 362 -30.73 -33.66 -6.08
C VAL D 362 -31.55 -34.05 -7.31
N SER D 363 -32.82 -33.65 -7.31
CA SER D 363 -33.71 -33.98 -8.42
C SER D 363 -33.46 -33.05 -9.60
N ARG D 364 -34.01 -33.45 -10.76
CA ARG D 364 -33.86 -32.67 -11.98
C ARG D 364 -34.30 -31.22 -11.78
N ALA D 365 -35.25 -31.00 -10.88
CA ALA D 365 -35.71 -29.66 -10.54
C ALA D 365 -34.98 -29.08 -9.34
N TYR D 366 -33.82 -29.64 -8.99
CA TYR D 366 -32.91 -29.09 -7.99
C TYR D 366 -33.50 -29.12 -6.58
N ALA D 367 -34.30 -30.15 -6.27
CA ALA D 367 -34.86 -30.36 -4.95
C ALA D 367 -34.14 -31.50 -4.25
N ILE D 368 -34.18 -31.50 -2.92
CA ILE D 368 -33.41 -32.48 -2.15
C ILE D 368 -34.21 -33.06 -0.99
N ASP D 369 -35.54 -32.90 -1.00
CA ASP D 369 -36.31 -33.44 0.12
C ASP D 369 -37.49 -34.30 -0.32
N VAL D 370 -38.33 -34.72 0.64
CA VAL D 370 -39.35 -35.74 0.36
C VAL D 370 -40.38 -35.21 -0.64
N THR D 371 -40.70 -33.94 -0.57
CA THR D 371 -41.48 -33.32 -1.64
C THR D 371 -40.52 -32.92 -2.75
N GLY D 372 -41.01 -33.01 -3.99
CA GLY D 372 -40.16 -32.69 -5.12
C GLY D 372 -39.99 -31.20 -5.31
N ARG D 373 -40.35 -30.42 -4.29
CA ARG D 373 -40.41 -28.96 -4.41
C ARG D 373 -40.38 -28.29 -3.05
N GLY D 374 -39.58 -28.81 -2.12
CA GLY D 374 -39.51 -28.26 -0.77
C GLY D 374 -38.29 -27.40 -0.52
N VAL D 375 -37.12 -28.05 -0.39
CA VAL D 375 -35.86 -27.35 -0.22
C VAL D 375 -35.04 -27.55 -1.48
N PHE D 376 -34.52 -26.44 -2.02
CA PHE D 376 -33.72 -26.46 -3.24
C PHE D 376 -32.24 -26.32 -2.90
N LEU D 377 -31.41 -26.80 -3.81
CA LEU D 377 -29.96 -26.84 -3.61
C LEU D 377 -29.27 -26.13 -4.76
N GLN D 378 -28.58 -25.03 -4.45
CA GLN D 378 -27.70 -24.37 -5.41
C GLN D 378 -26.29 -24.91 -5.22
N ASN D 379 -25.61 -25.15 -6.35
CA ASN D 379 -24.26 -25.71 -6.35
C ASN D 379 -24.24 -27.11 -5.75
N ALA D 380 -23.05 -27.68 -5.58
CA ALA D 380 -22.86 -28.96 -4.89
C ALA D 380 -23.65 -30.10 -5.54
N GLY D 381 -23.84 -30.04 -6.85
CA GLY D 381 -24.60 -31.08 -7.54
C GLY D 381 -23.94 -31.55 -8.82
N VAL D 382 -22.64 -31.82 -8.76
CA VAL D 382 -21.92 -32.31 -9.94
C VAL D 382 -22.35 -33.75 -10.24
N HIS D 383 -22.59 -34.56 -9.21
CA HIS D 383 -23.07 -35.91 -9.42
C HIS D 383 -24.52 -35.98 -9.89
N THR D 384 -25.19 -34.83 -10.05
CA THR D 384 -26.57 -34.78 -10.53
C THR D 384 -26.76 -33.91 -11.77
N HIS D 385 -25.97 -32.84 -11.94
CA HIS D 385 -26.10 -31.94 -13.07
C HIS D 385 -24.75 -31.67 -13.75
N SER D 386 -23.69 -32.33 -13.30
CA SER D 386 -22.34 -32.28 -13.91
C SER D 386 -21.88 -30.82 -13.92
N ILE D 387 -21.14 -30.41 -14.95
CA ILE D 387 -20.41 -29.14 -14.95
C ILE D 387 -21.31 -27.91 -14.85
N THR D 388 -22.62 -28.09 -14.96
CA THR D 388 -23.54 -26.95 -14.86
C THR D 388 -23.79 -26.52 -13.42
N SER D 389 -23.48 -27.38 -12.44
CA SER D 389 -23.83 -27.05 -11.06
C SER D 389 -23.04 -25.84 -10.53
N PRO D 390 -21.71 -25.76 -10.65
CA PRO D 390 -21.01 -24.59 -10.13
C PRO D 390 -20.70 -23.56 -11.21
N ASP D 391 -21.46 -23.57 -12.30
CA ASP D 391 -21.19 -22.70 -13.43
C ASP D 391 -22.01 -21.42 -13.33
N LEU D 392 -21.32 -20.28 -13.43
CA LEU D 392 -22.01 -18.99 -13.48
C LEU D 392 -22.95 -18.90 -14.66
N GLY D 393 -22.62 -19.59 -15.76
CA GLY D 393 -23.46 -19.55 -16.95
C GLY D 393 -24.76 -20.28 -16.81
N MET D 394 -24.89 -21.16 -15.81
CA MET D 394 -26.13 -21.87 -15.55
C MET D 394 -26.80 -21.42 -14.27
N GLY D 395 -26.35 -20.33 -13.66
CA GLY D 395 -27.03 -19.81 -12.49
C GLY D 395 -28.39 -19.26 -12.81
N ALA D 396 -28.51 -18.52 -13.92
CA ALA D 396 -29.80 -17.97 -14.31
C ALA D 396 -30.77 -19.07 -14.74
N TYR D 397 -30.27 -20.15 -15.32
CA TYR D 397 -31.15 -21.25 -15.74
C TYR D 397 -31.70 -21.98 -14.52
N ARG D 398 -30.83 -22.32 -13.57
CA ARG D 398 -31.29 -23.05 -12.38
C ARG D 398 -32.25 -22.21 -11.56
N ASN D 399 -31.98 -20.91 -11.43
CA ASN D 399 -32.85 -20.05 -10.64
C ASN D 399 -34.23 -19.92 -11.28
N SER D 400 -34.29 -19.90 -12.62
CA SER D 400 -35.58 -19.75 -13.30
C SER D 400 -36.45 -20.99 -13.13
N CYS D 401 -35.84 -22.17 -13.00
CA CYS D 401 -36.58 -23.40 -12.72
C CYS D 401 -36.99 -23.50 -11.26
N ILE D 402 -36.17 -22.98 -10.35
CA ILE D 402 -36.60 -22.86 -8.96
C ILE D 402 -37.77 -21.89 -8.84
N ILE D 403 -37.71 -20.78 -9.58
CA ILE D 403 -38.86 -19.87 -9.63
C ILE D 403 -40.09 -20.59 -10.17
N ARG D 404 -39.92 -21.37 -11.24
CA ARG D 404 -41.04 -22.01 -11.91
C ARG D 404 -41.73 -23.04 -11.02
N GLU D 405 -41.07 -23.47 -9.95
CA GLU D 405 -41.68 -24.37 -8.99
C GLU D 405 -42.27 -23.65 -7.78
N LEU D 406 -41.82 -22.42 -7.51
CA LEU D 406 -42.37 -21.68 -6.38
C LEU D 406 -43.73 -21.09 -6.74
N LEU D 407 -43.83 -20.43 -7.89
CA LEU D 407 -45.11 -20.31 -8.56
C LEU D 407 -45.40 -21.61 -9.32
N GLY D 408 -46.63 -21.73 -9.81
CA GLY D 408 -46.91 -22.79 -10.75
C GLY D 408 -46.65 -22.40 -12.19
N THR D 409 -45.97 -21.28 -12.41
CA THR D 409 -45.84 -20.66 -13.72
C THR D 409 -44.39 -20.53 -14.13
N GLU D 410 -44.17 -20.39 -15.44
CA GLU D 410 -42.87 -20.04 -15.99
C GLU D 410 -42.84 -18.53 -16.13
N TYR D 411 -42.26 -17.84 -15.14
CA TYR D 411 -42.15 -16.39 -15.24
C TYR D 411 -41.07 -16.00 -16.25
N TYR D 412 -39.88 -16.57 -16.10
CA TYR D 412 -38.81 -16.39 -17.08
C TYR D 412 -38.74 -17.61 -17.98
N PRO D 413 -38.78 -17.42 -19.30
CA PRO D 413 -38.79 -18.58 -20.21
C PRO D 413 -37.59 -19.49 -19.97
N VAL D 414 -37.86 -20.79 -19.97
CA VAL D 414 -36.85 -21.81 -19.72
C VAL D 414 -36.66 -22.59 -21.01
N GLU D 415 -35.52 -22.39 -21.65
CA GLU D 415 -35.21 -23.12 -22.87
C GLU D 415 -35.06 -24.60 -22.57
N LYS D 416 -35.54 -25.44 -23.48
CA LYS D 416 -35.41 -26.88 -23.36
C LYS D 416 -34.41 -27.48 -24.33
N THR D 417 -34.06 -26.77 -25.40
CA THR D 417 -32.97 -27.15 -26.29
C THR D 417 -32.19 -25.90 -26.71
N ILE D 418 -30.88 -25.94 -26.51
CA ILE D 418 -30.00 -24.86 -26.96
C ILE D 418 -28.94 -25.32 -27.95
N ALA D 419 -28.63 -26.62 -27.99
CA ALA D 419 -27.49 -27.13 -28.73
C ALA D 419 -27.90 -27.64 -30.11
N PHE D 420 -26.90 -27.79 -30.99
CA PHE D 420 -27.11 -28.39 -32.29
C PHE D 420 -27.00 -29.90 -32.28
N GLN D 421 -26.36 -30.48 -31.27
CA GLN D 421 -26.13 -31.91 -31.21
C GLN D 421 -27.11 -32.58 -30.26
N GLU D 422 -27.34 -33.87 -30.50
CA GLU D 422 -28.22 -34.69 -29.68
C GLU D 422 -27.39 -35.53 -28.73
N PHE D 423 -27.70 -35.45 -27.44
CA PHE D 423 -27.01 -36.27 -26.46
C PHE D 423 -27.77 -37.55 -26.15
N SER D 424 -29.10 -37.50 -26.18
CA SER D 424 -29.94 -38.68 -25.96
C SER D 424 -30.32 -39.30 -27.30
N VAL D 425 -31.00 -40.43 -27.22
CA VAL D 425 -31.57 -41.06 -28.40
C VAL D 425 -32.95 -41.61 -28.06
N THR E 10 37.57 -27.36 6.42
CA THR E 10 37.91 -26.12 7.10
C THR E 10 36.98 -25.89 8.29
N VAL E 11 37.55 -25.55 9.44
CA VAL E 11 36.84 -25.50 10.71
C VAL E 11 36.92 -24.09 11.27
N HIS E 12 35.78 -23.54 11.67
CA HIS E 12 35.69 -22.21 12.24
C HIS E 12 35.93 -22.27 13.75
N ASP E 13 35.98 -21.08 14.38
CA ASP E 13 36.05 -21.02 15.83
C ASP E 13 34.69 -21.33 16.46
N PHE E 14 33.63 -20.73 15.92
CA PHE E 14 32.28 -21.01 16.38
C PHE E 14 31.31 -20.86 15.22
N VAL E 15 30.14 -21.47 15.36
CA VAL E 15 29.05 -21.35 14.42
C VAL E 15 27.84 -20.83 15.17
N GLY E 16 27.31 -19.69 14.73
CA GLY E 16 26.11 -19.14 15.32
C GLY E 16 24.87 -19.59 14.58
N ILE E 17 23.96 -20.27 15.28
CA ILE E 17 22.71 -20.74 14.71
C ILE E 17 21.62 -19.73 15.06
N GLY E 18 20.94 -19.23 14.02
CA GLY E 18 19.94 -18.20 14.20
C GLY E 18 20.56 -16.81 14.21
N LEU E 19 19.89 -15.85 13.58
CA LEU E 19 20.35 -14.46 13.53
C LEU E 19 19.20 -13.56 13.97
N GLY E 20 18.96 -13.52 15.28
CA GLY E 20 18.11 -12.53 15.87
C GLY E 20 18.97 -11.40 16.41
N PRO E 21 18.36 -10.47 17.16
CA PRO E 21 19.16 -9.35 17.70
C PRO E 21 20.35 -9.79 18.55
N PHE E 22 20.27 -10.94 19.22
CA PHE E 22 21.36 -11.34 20.11
C PHE E 22 22.54 -11.91 19.33
N ASN E 23 22.27 -12.80 18.37
CA ASN E 23 23.37 -13.35 17.58
C ASN E 23 23.88 -12.34 16.57
N LEU E 24 23.00 -11.46 16.07
CA LEU E 24 23.46 -10.37 15.21
C LEU E 24 24.38 -9.43 15.98
N GLY E 25 24.01 -9.09 17.21
CA GLY E 25 24.91 -8.32 18.05
C GLY E 25 26.25 -9.01 18.25
N LEU E 26 26.23 -10.33 18.40
CA LEU E 26 27.49 -11.07 18.51
C LEU E 26 28.29 -10.97 17.23
N ALA E 27 27.60 -10.97 16.09
CA ALA E 27 28.29 -10.83 14.80
C ALA E 27 28.95 -9.46 14.66
N CYS E 28 28.32 -8.42 15.19
CA CYS E 28 28.92 -7.08 15.10
C CYS E 28 30.05 -6.89 16.09
N LEU E 29 29.98 -7.56 17.23
CA LEU E 29 31.03 -7.43 18.23
C LEU E 29 32.25 -8.27 17.90
N THR E 30 32.09 -9.33 17.11
CA THR E 30 33.20 -10.20 16.76
C THR E 30 33.87 -9.84 15.44
N GLU E 31 33.22 -9.03 14.60
CA GLU E 31 33.81 -8.66 13.31
C GLU E 31 35.18 -8.01 13.45
N PRO E 32 35.40 -7.02 14.34
CA PRO E 32 36.75 -6.44 14.46
C PRO E 32 37.74 -7.32 15.19
N ILE E 33 37.36 -8.52 15.61
CA ILE E 33 38.26 -9.43 16.32
C ILE E 33 38.85 -10.39 15.29
N ASP E 34 40.11 -10.16 14.93
CA ASP E 34 40.77 -11.01 13.94
C ASP E 34 41.04 -12.41 14.49
N GLU E 35 41.33 -12.52 15.80
CA GLU E 35 41.62 -13.81 16.41
C GLU E 35 40.39 -14.71 16.51
N LEU E 36 39.22 -14.21 16.15
CA LEU E 36 37.98 -14.99 16.18
C LEU E 36 37.43 -15.09 14.77
N ASP E 37 37.22 -16.33 14.30
CA ASP E 37 36.66 -16.59 12.98
C ASP E 37 35.32 -17.29 13.17
N GLY E 38 34.23 -16.54 13.07
CA GLY E 38 32.91 -17.09 13.27
C GLY E 38 32.00 -16.96 12.08
N ILE E 39 30.99 -17.83 12.00
CA ILE E 39 30.04 -17.81 10.90
C ILE E 39 28.63 -17.99 11.48
N PHE E 40 27.66 -17.35 10.83
CA PHE E 40 26.29 -17.31 11.32
C PHE E 40 25.35 -17.87 10.27
N LEU E 41 24.45 -18.75 10.68
CA LEU E 41 23.48 -19.37 9.79
C LEU E 41 22.08 -18.91 10.18
N GLU E 42 21.33 -18.42 9.18
CA GLU E 42 19.97 -17.95 9.41
C GLU E 42 19.06 -18.45 8.29
N SER E 43 17.89 -18.96 8.68
CA SER E 43 16.98 -19.56 7.71
C SER E 43 16.34 -18.51 6.81
N LYS E 44 15.99 -17.35 7.37
CA LYS E 44 15.36 -16.33 6.56
C LYS E 44 16.35 -15.81 5.52
N PRO E 45 15.86 -15.34 4.37
CA PRO E 45 16.76 -14.74 3.36
C PRO E 45 17.36 -13.43 3.82
N ASP E 46 16.79 -12.79 4.83
CA ASP E 46 17.28 -11.52 5.36
C ASP E 46 16.78 -11.38 6.79
N PHE E 47 17.43 -10.48 7.53
CA PHE E 47 16.98 -10.20 8.89
C PHE E 47 15.57 -9.62 8.87
N GLU E 48 14.71 -10.17 9.71
CA GLU E 48 13.40 -9.58 9.98
C GLU E 48 13.09 -9.81 11.45
N TRP E 49 12.60 -8.77 12.11
CA TRP E 49 12.25 -8.85 13.52
C TRP E 49 10.78 -9.28 13.64
N HIS E 50 10.16 -9.03 14.78
CA HIS E 50 8.75 -9.35 14.96
C HIS E 50 7.89 -8.41 14.12
N ALA E 51 7.93 -8.58 12.80
CA ALA E 51 7.20 -7.70 11.89
C ALA E 51 5.69 -7.80 12.07
N GLY E 52 5.20 -8.91 12.64
CA GLY E 52 3.78 -9.05 12.90
C GLY E 52 3.24 -8.12 13.96
N MET E 53 4.12 -7.37 14.65
CA MET E 53 3.70 -6.42 15.67
C MET E 53 4.09 -4.99 15.31
N PHE E 54 4.33 -4.73 14.02
CA PHE E 54 4.74 -3.39 13.55
C PHE E 54 3.51 -2.51 13.38
N LEU E 55 2.86 -2.22 14.50
CA LEU E 55 1.76 -1.27 14.47
C LEU E 55 2.31 0.15 14.31
N ASP E 56 1.51 1.03 13.71
CA ASP E 56 1.97 2.39 13.45
C ASP E 56 2.18 3.12 14.76
N GLY E 57 3.39 3.67 14.95
CA GLY E 57 3.76 4.34 16.17
C GLY E 57 4.41 3.46 17.21
N ALA E 58 4.45 2.14 16.99
CA ALA E 58 5.02 1.23 17.97
C ALA E 58 6.53 1.44 18.07
N HIS E 59 7.05 1.30 19.29
CA HIS E 59 8.45 1.58 19.58
C HIS E 59 8.99 0.52 20.52
N LEU E 60 10.30 0.57 20.75
CA LEU E 60 10.94 -0.36 21.66
C LEU E 60 10.50 -0.09 23.10
N GLN E 61 10.67 -1.11 23.95
CA GLN E 61 10.46 -0.95 25.39
C GLN E 61 11.75 -0.64 26.13
N THR E 62 12.87 -0.47 25.42
CA THR E 62 14.15 -0.16 26.02
C THR E 62 14.82 0.96 25.22
N PRO E 63 15.60 1.81 25.88
CA PRO E 63 16.24 2.94 25.18
C PRO E 63 17.17 2.46 24.07
N PHE E 64 17.56 3.42 23.22
CA PHE E 64 18.30 3.08 22.01
C PHE E 64 19.70 2.57 22.31
N MET E 65 20.26 2.89 23.47
CA MET E 65 21.55 2.31 23.82
C MET E 65 21.48 0.80 24.03
N SER E 66 20.27 0.22 24.04
CA SER E 66 20.08 -1.22 24.02
C SER E 66 20.18 -1.79 22.62
N ASP E 67 20.97 -1.17 21.74
CA ASP E 67 21.13 -1.67 20.39
C ASP E 67 22.06 -2.87 20.36
N LEU E 68 22.78 -3.05 19.26
CA LEU E 68 23.54 -4.28 19.07
C LEU E 68 24.90 -4.26 19.76
N VAL E 69 25.47 -3.10 20.05
CA VAL E 69 26.88 -3.02 20.41
C VAL E 69 27.20 -1.96 21.46
N THR E 70 26.33 -0.95 21.59
CA THR E 70 26.72 0.28 22.27
C THR E 70 27.17 0.03 23.71
N LEU E 71 26.40 -0.75 24.46
CA LEU E 71 26.74 -0.96 25.87
C LEU E 71 28.02 -1.76 26.06
N ALA E 72 28.56 -2.36 25.00
CA ALA E 72 29.87 -2.99 25.04
C ALA E 72 30.95 -2.14 24.40
N ASP E 73 30.60 -1.33 23.41
CA ASP E 73 31.55 -0.49 22.69
C ASP E 73 30.82 0.65 22.00
N PRO E 74 30.73 1.82 22.65
CA PRO E 74 30.03 2.95 22.02
C PRO E 74 30.73 3.52 20.80
N THR E 75 31.91 3.03 20.44
CA THR E 75 32.61 3.48 19.24
C THR E 75 32.34 2.57 18.04
N SER E 76 31.58 1.50 18.23
CA SER E 76 31.37 0.53 17.15
C SER E 76 30.75 1.20 15.94
N PRO E 77 31.14 0.79 14.72
CA PRO E 77 30.52 1.34 13.52
C PRO E 77 29.11 0.84 13.27
N TYR E 78 28.59 -0.04 14.13
CA TYR E 78 27.25 -0.60 13.97
C TYR E 78 26.29 -0.11 15.05
N SER E 79 26.60 1.02 15.69
CA SER E 79 25.72 1.59 16.69
C SER E 79 24.51 2.24 16.02
N PHE E 80 23.46 2.44 16.82
CA PHE E 80 22.25 3.06 16.31
C PHE E 80 22.49 4.51 15.91
N LEU E 81 23.34 5.22 16.66
CA LEU E 81 23.63 6.60 16.32
C LEU E 81 24.40 6.70 15.00
N ASN E 82 25.38 5.81 14.79
CA ASN E 82 26.09 5.81 13.53
C ASN E 82 25.15 5.47 12.37
N TYR E 83 24.24 4.51 12.60
CA TYR E 83 23.23 4.20 11.59
C TYR E 83 22.44 5.45 11.21
N LEU E 84 22.01 6.22 12.22
CA LEU E 84 21.26 7.44 11.94
C LEU E 84 22.12 8.46 11.22
N LYS E 85 23.41 8.56 11.58
CA LYS E 85 24.30 9.49 10.90
C LYS E 85 24.39 9.17 9.41
N GLU E 86 24.53 7.89 9.07
CA GLU E 86 24.69 7.52 7.66
C GLU E 86 23.41 7.75 6.88
N LYS E 87 22.25 7.53 7.52
CA LYS E 87 20.97 7.72 6.85
C LYS E 87 20.55 9.18 6.76
N GLY E 88 21.37 10.11 7.24
CA GLY E 88 20.98 11.51 7.25
C GLY E 88 19.78 11.78 8.13
N ARG E 89 19.74 11.18 9.33
CA ARG E 89 18.62 11.34 10.24
C ARG E 89 19.05 11.67 11.66
N LEU E 90 20.34 11.85 11.93
CA LEU E 90 20.81 12.01 13.29
C LEU E 90 20.30 13.29 13.92
N TYR E 91 20.28 14.40 13.16
CA TYR E 91 19.84 15.68 13.71
C TYR E 91 18.34 15.68 13.97
N SER E 92 17.57 15.07 13.08
CA SER E 92 16.14 14.96 13.29
C SER E 92 15.81 14.07 14.49
N PHE E 93 16.58 13.01 14.69
CA PHE E 93 16.46 12.21 15.91
C PHE E 93 16.93 13.00 17.13
N TYR E 94 17.93 13.85 16.96
CA TYR E 94 18.38 14.71 18.05
C TYR E 94 17.26 15.63 18.51
N ILE E 95 16.49 16.18 17.56
CA ILE E 95 15.40 17.07 17.92
C ILE E 95 14.19 16.30 18.45
N ARG E 96 13.93 15.11 17.88
CA ARG E 96 12.82 14.29 18.37
C ARG E 96 12.95 14.01 19.86
N GLU E 97 14.18 13.85 20.34
CA GLU E 97 14.48 13.72 21.76
C GLU E 97 13.63 12.63 22.41
N ASN E 98 13.76 11.42 21.86
CA ASN E 98 13.05 10.25 22.35
C ASN E 98 14.03 9.10 22.48
N PHE E 99 14.08 8.49 23.66
CA PHE E 99 15.02 7.40 23.90
C PHE E 99 14.63 6.13 23.16
N TYR E 100 13.42 6.04 22.62
CA TYR E 100 12.90 4.77 22.14
C TYR E 100 12.74 4.77 20.63
N PRO E 101 13.53 3.97 19.91
CA PRO E 101 13.36 3.91 18.46
C PRO E 101 12.05 3.23 18.10
N LEU E 102 11.49 3.64 16.97
CA LEU E 102 10.31 2.97 16.44
C LEU E 102 10.68 1.53 16.06
N ARG E 103 9.68 0.65 16.10
CA ARG E 103 9.92 -0.76 15.80
C ARG E 103 10.45 -0.94 14.38
N VAL E 104 9.77 -0.34 13.39
CA VAL E 104 10.24 -0.43 12.01
C VAL E 104 11.59 0.27 11.87
N GLU E 105 11.83 1.31 12.68
CA GLU E 105 13.14 1.95 12.69
C GLU E 105 14.21 0.99 13.20
N TYR E 106 13.94 0.29 14.30
CA TYR E 106 14.91 -0.67 14.83
C TYR E 106 15.08 -1.86 13.89
N ASP E 107 14.02 -2.23 13.17
CA ASP E 107 14.09 -3.37 12.27
C ASP E 107 15.01 -3.09 11.08
N ASP E 108 14.87 -1.91 10.48
CA ASP E 108 15.74 -1.54 9.37
C ASP E 108 17.19 -1.34 9.83
N TYR E 109 17.38 -0.85 11.05
CA TYR E 109 18.73 -0.59 11.56
C TYR E 109 19.55 -1.88 11.60
N CYS E 110 18.94 -2.97 12.09
CA CYS E 110 19.64 -4.26 12.18
C CYS E 110 19.79 -4.92 10.83
N ARG E 111 18.80 -4.75 9.95
CA ARG E 111 18.99 -5.18 8.57
C ARG E 111 20.14 -4.43 7.91
N TRP E 112 20.25 -3.14 8.20
CA TRP E 112 21.38 -2.36 7.71
C TRP E 112 22.68 -2.86 8.30
N ALA E 113 22.67 -3.23 9.58
CA ALA E 113 23.89 -3.75 10.19
C ALA E 113 24.23 -5.14 9.65
N ALA E 114 23.21 -5.97 9.43
CA ALA E 114 23.45 -7.33 8.96
C ALA E 114 24.04 -7.34 7.56
N ASN E 115 23.58 -6.42 6.70
CA ASN E 115 24.09 -6.37 5.33
C ASN E 115 25.53 -5.90 5.27
N LYS E 116 25.98 -5.10 6.23
CA LYS E 116 27.37 -4.62 6.25
C LYS E 116 28.36 -5.71 6.63
N LEU E 117 27.90 -6.83 7.17
CA LEU E 117 28.75 -7.91 7.61
C LEU E 117 28.93 -8.95 6.51
N SER E 118 29.95 -9.79 6.68
CA SER E 118 30.31 -10.84 5.73
C SER E 118 30.32 -12.23 6.35
N SER E 119 29.95 -12.36 7.62
CA SER E 119 30.01 -13.64 8.33
C SER E 119 28.65 -14.34 8.41
N ILE E 120 27.65 -13.85 7.69
CA ILE E 120 26.29 -14.36 7.78
C ILE E 120 25.94 -15.08 6.49
N ARG E 121 25.29 -16.23 6.61
CA ARG E 121 24.76 -16.97 5.47
C ARG E 121 23.24 -17.07 5.65
N PHE E 122 22.50 -16.22 4.95
CA PHE E 122 21.06 -16.26 5.01
C PHE E 122 20.52 -17.46 4.23
N GLY E 123 19.23 -17.74 4.42
CA GLY E 123 18.59 -18.78 3.66
C GLY E 123 19.10 -20.18 3.91
N THR E 124 19.70 -20.42 5.07
CA THR E 124 20.21 -21.75 5.43
C THR E 124 19.57 -22.19 6.74
N THR E 125 18.80 -23.27 6.69
CA THR E 125 18.15 -23.84 7.88
C THR E 125 18.99 -24.99 8.40
N VAL E 126 19.31 -24.94 9.69
CA VAL E 126 20.09 -26.00 10.34
C VAL E 126 19.18 -27.18 10.65
N THR E 127 19.54 -28.36 10.16
CA THR E 127 18.73 -29.57 10.34
C THR E 127 19.29 -30.53 11.37
N GLU E 128 20.62 -30.59 11.54
CA GLU E 128 21.18 -31.59 12.42
C GLU E 128 22.52 -31.12 12.95
N VAL E 129 22.79 -31.44 14.22
CA VAL E 129 24.07 -31.17 14.87
C VAL E 129 24.51 -32.45 15.56
N ARG E 130 25.77 -32.83 15.35
CA ARG E 130 26.36 -33.98 16.03
C ARG E 130 27.71 -33.56 16.61
N TYR E 131 28.33 -34.48 17.37
CA TYR E 131 29.64 -34.24 17.99
C TYR E 131 30.62 -35.32 17.56
N GLU E 132 31.53 -34.97 16.67
CA GLU E 132 32.64 -35.84 16.27
C GLU E 132 33.87 -34.97 16.09
N ASP E 133 35.03 -35.62 15.96
CA ASP E 133 36.32 -34.96 15.73
C ASP E 133 36.69 -33.99 16.85
N ASP E 134 36.10 -34.16 18.04
CA ASP E 134 36.14 -33.16 19.12
C ASP E 134 35.52 -31.83 18.69
N LEU E 135 34.67 -31.86 17.66
CA LEU E 135 34.05 -30.69 17.07
C LEU E 135 32.55 -30.89 16.96
N TYR E 136 31.85 -29.82 16.56
CA TYR E 136 30.43 -29.85 16.32
C TYR E 136 30.19 -29.75 14.82
N VAL E 137 29.46 -30.71 14.26
CA VAL E 137 29.13 -30.75 12.84
C VAL E 137 27.72 -30.19 12.66
N VAL E 138 27.58 -29.16 11.83
CA VAL E 138 26.30 -28.52 11.60
C VAL E 138 25.92 -28.77 10.15
N THR E 139 24.82 -29.51 9.95
CA THR E 139 24.32 -29.83 8.62
C THR E 139 23.08 -28.99 8.34
N THR E 140 23.10 -28.28 7.21
CA THR E 140 21.97 -27.47 6.81
C THR E 140 21.02 -28.26 5.91
N SER E 141 19.89 -27.64 5.59
CA SER E 141 18.86 -28.30 4.79
C SER E 141 19.34 -28.57 3.38
N ALA E 142 20.14 -27.67 2.81
CA ALA E 142 20.68 -27.88 1.48
C ALA E 142 21.72 -29.01 1.45
N GLY E 143 22.25 -29.39 2.60
CA GLY E 143 23.27 -30.42 2.68
C GLY E 143 24.65 -29.90 3.00
N ASP E 144 24.85 -28.57 3.01
CA ASP E 144 26.15 -28.01 3.35
C ASP E 144 26.49 -28.31 4.81
N VAL E 145 27.76 -28.56 5.07
CA VAL E 145 28.24 -28.91 6.40
C VAL E 145 29.26 -27.88 6.84
N TYR E 146 29.00 -27.26 7.99
CA TYR E 146 29.96 -26.41 8.68
C TYR E 146 30.36 -27.08 9.99
N ARG E 147 31.61 -26.87 10.39
CA ARG E 147 32.12 -27.46 11.63
C ARG E 147 32.94 -26.44 12.39
N ALA E 148 32.79 -26.45 13.72
CA ALA E 148 33.55 -25.56 14.59
C ALA E 148 33.65 -26.19 15.97
N ARG E 149 34.46 -25.57 16.83
CA ARG E 149 34.65 -26.06 18.18
C ARG E 149 33.58 -25.58 19.15
N HIS E 150 32.90 -24.48 18.82
CA HIS E 150 31.91 -23.88 19.69
C HIS E 150 30.63 -23.62 18.93
N LEU E 151 29.53 -23.51 19.67
CA LEU E 151 28.22 -23.21 19.12
C LEU E 151 27.55 -22.12 19.93
N VAL E 152 26.88 -21.20 19.24
CA VAL E 152 26.11 -20.14 19.89
C VAL E 152 24.67 -20.25 19.40
N LEU E 153 23.78 -20.68 20.29
CA LEU E 153 22.39 -20.94 19.93
C LEU E 153 21.57 -19.67 20.16
N GLY E 154 21.17 -19.02 19.07
CA GLY E 154 20.31 -17.86 19.17
C GLY E 154 19.03 -18.03 18.37
N THR E 155 18.32 -19.14 18.61
CA THR E 155 17.12 -19.47 17.85
C THR E 155 15.87 -18.77 18.37
N GLY E 156 15.99 -17.94 19.40
CA GLY E 156 14.83 -17.23 19.89
C GLY E 156 13.84 -18.15 20.57
N THR E 157 12.61 -17.64 20.70
CA THR E 157 11.53 -18.35 21.39
C THR E 157 10.29 -18.36 20.51
N PRO E 158 9.85 -19.52 20.03
CA PRO E 158 8.67 -19.58 19.15
C PRO E 158 7.41 -19.19 19.91
N PRO E 159 6.32 -18.90 19.19
CA PRO E 159 5.08 -18.51 19.87
C PRO E 159 4.51 -19.66 20.69
N TYR E 160 3.90 -19.31 21.81
CA TYR E 160 3.27 -20.28 22.70
C TYR E 160 1.77 -20.29 22.48
N ILE E 161 1.20 -21.48 22.32
CA ILE E 161 -0.23 -21.66 22.17
C ILE E 161 -0.71 -22.50 23.35
N PRO E 162 -1.71 -22.06 24.10
CA PRO E 162 -2.22 -22.87 25.21
C PRO E 162 -2.78 -24.19 24.73
N GLU E 163 -2.84 -25.16 25.65
CA GLU E 163 -3.36 -26.47 25.32
C GLU E 163 -4.83 -26.40 24.88
N ALA E 164 -5.57 -25.41 25.39
CA ALA E 164 -6.99 -25.28 25.06
C ALA E 164 -7.24 -24.92 23.60
N CYS E 165 -6.19 -24.52 22.86
CA CYS E 165 -6.32 -24.07 21.47
C CYS E 165 -5.50 -24.88 20.48
N GLN E 166 -4.82 -25.94 20.93
CA GLN E 166 -4.08 -26.79 20.01
C GLN E 166 -5.05 -27.69 19.26
N GLY E 167 -4.89 -27.75 17.94
CA GLY E 167 -5.85 -28.46 17.12
C GLY E 167 -7.16 -27.71 16.98
N LEU E 168 -7.13 -26.39 17.04
CA LEU E 168 -8.33 -25.59 16.95
C LEU E 168 -8.58 -25.16 15.51
N ASP E 169 -9.84 -25.13 15.11
CA ASP E 169 -10.21 -24.75 13.75
C ASP E 169 -10.40 -23.24 13.66
N GLY E 170 -10.73 -22.77 12.46
CA GLY E 170 -11.00 -21.37 12.25
C GLY E 170 -9.78 -20.56 11.87
N ASP E 171 -9.94 -19.24 11.89
CA ASP E 171 -8.92 -18.29 11.46
C ASP E 171 -8.25 -17.58 12.64
N PHE E 172 -8.24 -18.20 13.80
CA PHE E 172 -7.62 -17.57 14.97
C PHE E 172 -6.12 -17.44 14.78
N ILE E 173 -5.55 -16.41 15.40
CA ILE E 173 -4.14 -16.06 15.21
C ILE E 173 -3.46 -15.86 16.55
N HIS E 174 -2.15 -16.05 16.54
CA HIS E 174 -1.29 -15.54 17.59
C HIS E 174 -0.90 -14.11 17.25
N ASN E 175 -0.67 -13.29 18.28
CA ASN E 175 -0.39 -11.87 18.04
C ASN E 175 0.85 -11.65 17.19
N SER E 176 1.69 -12.66 17.01
CA SER E 176 2.88 -12.51 16.18
C SER E 176 2.56 -12.29 14.71
N ARG E 177 1.29 -12.40 14.32
CA ARG E 177 0.88 -12.23 12.93
C ARG E 177 -0.31 -11.29 12.85
N TYR E 178 -0.36 -10.32 13.75
CA TYR E 178 -1.54 -9.46 13.84
C TYR E 178 -1.63 -8.50 12.66
N VAL E 179 -0.49 -7.98 12.20
CA VAL E 179 -0.51 -7.00 11.11
C VAL E 179 -1.08 -7.61 9.85
N GLN E 180 -0.75 -8.88 9.60
CA GLN E 180 -1.16 -9.52 8.35
C GLN E 180 -2.65 -9.81 8.32
N HIS E 181 -3.27 -10.00 9.48
CA HIS E 181 -4.68 -10.38 9.57
C HIS E 181 -5.58 -9.28 10.07
N ARG E 182 -5.06 -8.07 10.31
CA ARG E 182 -5.91 -6.98 10.78
C ARG E 182 -6.94 -6.60 9.73
N SER E 183 -6.61 -6.79 8.45
CA SER E 183 -7.54 -6.47 7.37
C SER E 183 -8.88 -7.17 7.56
N GLU E 184 -8.84 -8.47 7.88
CA GLU E 184 -10.05 -9.25 8.04
C GLU E 184 -10.58 -9.27 9.46
N LEU E 185 -9.72 -8.98 10.45
CA LEU E 185 -10.17 -8.95 11.84
C LEU E 185 -11.24 -7.88 12.04
N VAL E 186 -11.04 -6.69 11.45
CA VAL E 186 -11.95 -5.58 11.67
C VAL E 186 -13.27 -5.73 10.91
N LYS E 187 -13.39 -6.73 10.04
CA LYS E 187 -14.64 -6.99 9.33
C LYS E 187 -15.60 -7.87 10.11
N LYS E 188 -15.13 -8.52 11.18
CA LYS E 188 -16.00 -9.31 12.04
C LYS E 188 -16.82 -8.41 12.95
N GLU E 189 -17.78 -9.02 13.65
CA GLU E 189 -18.64 -8.29 14.57
C GLU E 189 -18.28 -8.53 16.03
N SER E 190 -17.27 -9.33 16.31
CA SER E 190 -16.82 -9.56 17.69
C SER E 190 -15.40 -10.10 17.67
N ILE E 191 -14.52 -9.48 18.47
CA ILE E 191 -13.13 -9.88 18.56
C ILE E 191 -12.76 -10.04 20.03
N THR E 192 -12.03 -11.11 20.34
CA THR E 192 -11.62 -11.40 21.70
C THR E 192 -10.10 -11.57 21.76
N ILE E 193 -9.46 -10.85 22.67
CA ILE E 193 -8.02 -10.93 22.90
C ILE E 193 -7.80 -11.66 24.22
N VAL E 194 -7.03 -12.75 24.18
CA VAL E 194 -6.75 -13.56 25.35
C VAL E 194 -5.32 -13.29 25.79
N GLY E 195 -5.15 -13.06 27.09
CA GLY E 195 -3.85 -12.76 27.65
C GLY E 195 -3.63 -11.28 27.84
N SER E 196 -2.64 -10.95 28.65
CA SER E 196 -2.21 -9.58 28.91
C SER E 196 -0.79 -9.40 28.38
N GLY E 197 -0.16 -8.30 28.75
CA GLY E 197 1.16 -7.97 28.27
C GLY E 197 1.12 -6.86 27.22
N GLN E 198 2.32 -6.44 26.83
CA GLN E 198 2.44 -5.30 25.92
C GLN E 198 1.72 -5.56 24.61
N SER E 199 1.96 -6.72 24.00
CA SER E 199 1.35 -7.02 22.70
C SER E 199 -0.17 -6.93 22.77
N ALA E 200 -0.77 -7.53 23.79
CA ALA E 200 -2.23 -7.53 23.88
C ALA E 200 -2.77 -6.12 24.05
N ALA E 201 -2.12 -5.30 24.87
CA ALA E 201 -2.61 -3.94 25.09
C ALA E 201 -2.45 -3.08 23.84
N GLU E 202 -1.33 -3.23 23.13
CA GLU E 202 -1.16 -2.50 21.88
C GLU E 202 -2.26 -2.85 20.89
N ILE E 203 -2.65 -4.12 20.84
CA ILE E 203 -3.69 -4.56 19.91
C ILE E 203 -5.06 -4.07 20.38
N TYR E 204 -5.33 -4.19 21.69
CA TYR E 204 -6.62 -3.72 22.21
C TYR E 204 -6.79 -2.22 21.97
N GLN E 205 -5.71 -1.45 22.10
CA GLN E 205 -5.80 -0.01 21.85
C GLN E 205 -6.02 0.27 20.36
N ASP E 206 -5.43 -0.54 19.49
CA ASP E 206 -5.58 -0.31 18.06
C ASP E 206 -7.02 -0.58 17.62
N LEU E 207 -7.61 -1.67 18.11
CA LEU E 207 -8.99 -2.00 17.74
C LEU E 207 -9.98 -1.05 18.40
N LEU E 208 -9.75 -0.70 19.67
CA LEU E 208 -10.65 0.23 20.37
C LEU E 208 -10.67 1.58 19.70
N GLY E 209 -9.57 1.99 19.06
CA GLY E 209 -9.55 3.26 18.37
C GLY E 209 -10.49 3.32 17.18
N GLU E 210 -10.83 2.17 16.61
CA GLU E 210 -11.73 2.09 15.46
C GLU E 210 -12.96 1.24 15.78
N ILE E 211 -13.45 1.30 17.03
CA ILE E 211 -14.60 0.47 17.40
C ILE E 211 -15.89 1.08 16.88
N ASP E 212 -15.96 2.40 16.73
CA ASP E 212 -17.14 3.05 16.20
C ASP E 212 -17.08 3.23 14.69
N VAL E 213 -16.06 2.68 14.04
CA VAL E 213 -15.98 2.67 12.58
C VAL E 213 -16.44 1.32 12.01
N HIS E 214 -16.04 0.22 12.66
CA HIS E 214 -16.42 -1.12 12.21
C HIS E 214 -17.54 -1.74 13.02
N GLY E 215 -17.80 -1.23 14.23
CA GLY E 215 -18.96 -1.66 15.00
C GLY E 215 -18.89 -3.07 15.55
N TYR E 216 -17.70 -3.58 15.84
CA TYR E 216 -17.57 -4.90 16.45
C TYR E 216 -17.58 -4.78 17.96
N ARG E 217 -17.79 -5.92 18.61
CA ARG E 217 -17.59 -6.03 20.05
C ARG E 217 -16.12 -6.38 20.31
N LEU E 218 -15.58 -5.84 21.39
CA LEU E 218 -14.16 -6.00 21.71
C LEU E 218 -14.02 -6.54 23.12
N ASN E 219 -13.41 -7.71 23.24
CA ASN E 219 -13.22 -8.35 24.54
C ASN E 219 -11.74 -8.55 24.81
N TRP E 220 -11.35 -8.30 26.06
CA TRP E 220 -9.97 -8.50 26.51
C TRP E 220 -10.03 -9.32 27.80
N VAL E 221 -9.58 -10.57 27.72
CA VAL E 221 -9.65 -11.50 28.83
C VAL E 221 -8.23 -11.96 29.17
N THR E 222 -7.87 -11.88 30.44
CA THR E 222 -6.54 -12.26 30.89
C THR E 222 -6.65 -13.01 32.20
N ARG E 223 -5.75 -13.99 32.38
CA ARG E 223 -5.66 -14.66 33.66
C ARG E 223 -5.04 -13.78 34.73
N SER E 224 -4.45 -12.64 34.34
CA SER E 224 -3.80 -11.76 35.30
C SER E 224 -4.83 -11.25 36.30
N PRO E 225 -4.45 -11.07 37.56
CA PRO E 225 -5.36 -10.39 38.51
C PRO E 225 -5.45 -8.90 38.25
N ARG E 226 -4.38 -8.29 37.77
CA ARG E 226 -4.36 -6.88 37.41
C ARG E 226 -3.70 -6.72 36.04
N PHE E 227 -3.91 -5.55 35.43
CA PHE E 227 -3.14 -5.17 34.25
C PHE E 227 -1.82 -4.60 34.75
N PHE E 228 -0.82 -5.47 34.86
CA PHE E 228 0.44 -5.10 35.48
C PHE E 228 1.17 -4.06 34.62
N PRO E 229 1.73 -3.02 35.24
CA PRO E 229 2.65 -2.15 34.51
C PRO E 229 4.04 -2.75 34.43
N LEU E 230 4.78 -2.36 33.40
CA LEU E 230 6.17 -2.79 33.27
C LEU E 230 6.99 -2.21 34.40
N GLU E 231 7.73 -3.08 35.11
CA GLU E 231 8.48 -2.69 36.30
C GLU E 231 9.71 -1.91 35.87
N TYR E 232 9.50 -0.63 35.51
CA TYR E 232 10.55 0.21 34.96
C TYR E 232 10.86 1.41 35.85
N THR E 233 10.68 1.28 37.17
CA THR E 233 11.19 2.28 38.09
C THR E 233 12.67 2.02 38.32
N LYS E 234 13.43 3.10 38.50
CA LYS E 234 14.88 3.02 38.33
C LYS E 234 15.55 2.13 39.37
N LEU E 235 15.04 2.08 40.59
CA LEU E 235 15.64 1.19 41.58
C LEU E 235 15.38 -0.27 41.23
N THR E 236 14.20 -0.57 40.72
CA THR E 236 13.91 -1.90 40.22
C THR E 236 14.72 -2.27 39.00
N LEU E 237 15.03 -1.30 38.12
CA LEU E 237 15.80 -1.61 36.91
C LEU E 237 17.23 -2.03 37.24
N GLU E 238 17.73 -1.65 38.42
CA GLU E 238 19.06 -2.06 38.85
C GLU E 238 19.19 -3.56 39.05
N MET E 239 18.07 -4.29 39.09
CA MET E 239 18.17 -5.73 39.10
C MET E 239 18.70 -6.25 37.77
N THR E 240 18.49 -5.51 36.68
CA THR E 240 19.04 -5.89 35.37
C THR E 240 20.52 -5.51 35.33
N SER E 241 21.29 -6.21 36.15
CA SER E 241 22.68 -5.89 36.41
C SER E 241 23.48 -7.18 36.44
N PRO E 242 24.79 -7.11 36.25
CA PRO E 242 25.63 -8.30 36.44
C PRO E 242 25.60 -8.82 37.86
N GLU E 243 25.60 -7.92 38.85
CA GLU E 243 25.68 -8.34 40.25
C GLU E 243 24.41 -9.06 40.69
N TYR E 244 23.26 -8.73 40.11
CA TYR E 244 22.05 -9.46 40.47
C TYR E 244 22.07 -10.86 39.89
N ILE E 245 22.54 -11.02 38.65
CA ILE E 245 22.67 -12.35 38.07
C ILE E 245 23.63 -13.20 38.88
N ASP E 246 24.72 -12.60 39.36
CA ASP E 246 25.62 -13.31 40.27
C ASP E 246 24.87 -13.79 41.49
N TYR E 247 24.09 -12.92 42.12
CA TYR E 247 23.29 -13.30 43.27
C TYR E 247 22.21 -14.31 42.89
N TYR E 248 21.53 -14.07 41.77
CA TYR E 248 20.37 -14.87 41.40
C TYR E 248 20.77 -16.30 41.06
N ARG E 249 21.80 -16.47 40.23
CA ARG E 249 22.15 -17.79 39.71
C ARG E 249 22.58 -18.73 40.83
N GLU E 250 23.17 -18.21 41.91
CA GLU E 250 23.66 -19.02 43.01
C GLU E 250 22.58 -19.32 44.05
N LEU E 251 21.32 -19.03 43.76
CA LEU E 251 20.24 -19.37 44.65
C LEU E 251 19.80 -20.82 44.42
N PRO E 252 19.08 -21.41 45.37
CA PRO E 252 18.52 -22.74 45.13
C PRO E 252 17.62 -22.76 43.90
N GLU E 253 17.66 -23.89 43.18
CA GLU E 253 16.88 -24.01 41.94
C GLU E 253 15.39 -23.87 42.20
N ALA E 254 14.91 -24.36 43.34
CA ALA E 254 13.48 -24.25 43.65
C ALA E 254 13.06 -22.81 43.87
N THR E 255 13.91 -22.01 44.52
CA THR E 255 13.58 -20.62 44.75
C THR E 255 13.67 -19.80 43.47
N ARG E 256 14.61 -20.15 42.58
CA ARG E 256 14.70 -19.45 41.30
C ARG E 256 13.49 -19.73 40.43
N TYR E 257 13.06 -20.99 40.35
CA TYR E 257 11.87 -21.31 39.58
C TYR E 257 10.62 -20.71 40.19
N ARG E 258 10.61 -20.53 41.51
CA ARG E 258 9.51 -19.78 42.14
C ARG E 258 9.54 -18.32 41.68
N LEU E 259 10.72 -17.71 41.66
CA LEU E 259 10.82 -16.29 41.32
C LEU E 259 10.36 -16.01 39.89
N THR E 260 10.79 -16.85 38.94
CA THR E 260 10.38 -16.64 37.55
C THR E 260 8.89 -16.88 37.36
N ALA E 261 8.33 -17.89 38.04
CA ALA E 261 6.89 -18.12 37.93
C ALA E 261 6.10 -16.92 38.47
N GLU E 262 6.56 -16.34 39.58
CA GLU E 262 5.97 -15.15 40.17
C GLU E 262 6.47 -13.87 39.53
N GLN E 263 6.73 -13.88 38.22
CA GLN E 263 7.20 -12.70 37.50
C GLN E 263 6.05 -12.11 36.70
N LYS E 264 5.71 -10.85 36.99
CA LYS E 264 4.67 -10.12 36.29
C LYS E 264 5.21 -9.19 35.20
N GLY E 265 6.13 -8.30 35.54
CA GLY E 265 6.55 -7.26 34.61
C GLY E 265 7.19 -7.79 33.35
N LEU E 266 7.90 -8.91 33.43
CA LEU E 266 8.76 -9.34 32.33
C LEU E 266 7.94 -9.62 31.06
N PHE E 267 6.97 -10.52 31.14
CA PHE E 267 6.25 -10.96 29.94
C PHE E 267 4.77 -10.60 29.92
N LYS E 268 4.18 -10.27 31.07
CA LYS E 268 2.77 -9.89 31.14
C LYS E 268 2.60 -8.45 31.64
N GLY E 269 3.66 -7.65 31.56
CA GLY E 269 3.59 -6.27 31.95
C GLY E 269 3.30 -5.36 30.77
N ILE E 270 2.48 -4.35 30.99
CA ILE E 270 2.14 -3.34 30.00
C ILE E 270 2.85 -2.06 30.36
N ASP E 271 3.23 -1.28 29.34
CA ASP E 271 3.73 0.06 29.59
C ASP E 271 2.67 0.88 30.33
N GLY E 272 3.08 1.48 31.45
CA GLY E 272 2.14 2.25 32.24
C GLY E 272 1.51 3.40 31.47
N ASP E 273 2.27 4.01 30.56
CA ASP E 273 1.70 5.04 29.70
C ASP E 273 0.61 4.47 28.81
N LEU E 274 0.81 3.27 28.28
CA LEU E 274 -0.18 2.65 27.41
C LEU E 274 -1.46 2.30 28.17
N ILE E 275 -1.32 1.83 29.41
CA ILE E 275 -2.50 1.59 30.24
C ILE E 275 -3.31 2.85 30.37
N ASN E 276 -2.65 3.98 30.63
CA ASN E 276 -3.37 5.23 30.87
C ASN E 276 -4.00 5.76 29.58
N GLU E 277 -3.31 5.59 28.44
CA GLU E 277 -3.92 5.98 27.17
C GLU E 277 -5.15 5.15 26.86
N ILE E 278 -5.13 3.87 27.24
CA ILE E 278 -6.31 3.03 27.06
C ILE E 278 -7.48 3.54 27.89
N PHE E 279 -7.21 3.89 29.16
CA PHE E 279 -8.26 4.42 30.01
C PHE E 279 -8.81 5.73 29.47
N ASP E 280 -7.93 6.61 28.99
CA ASP E 280 -8.38 7.88 28.44
C ASP E 280 -9.23 7.65 27.19
N LEU E 281 -8.85 6.66 26.36
CA LEU E 281 -9.63 6.39 25.16
C LEU E 281 -11.00 5.84 25.50
N LEU E 282 -11.08 4.92 26.47
CA LEU E 282 -12.36 4.44 26.94
C LEU E 282 -13.23 5.58 27.45
N TYR E 283 -12.62 6.52 28.19
CA TYR E 283 -13.34 7.69 28.68
C TYR E 283 -13.83 8.56 27.52
N GLN E 284 -13.04 8.67 26.47
CA GLN E 284 -13.41 9.52 25.34
C GLN E 284 -14.60 8.94 24.59
N LYS E 285 -14.51 7.66 24.22
CA LYS E 285 -15.58 7.04 23.44
C LYS E 285 -16.85 6.87 24.25
N ASN E 286 -16.72 6.71 25.57
CA ASN E 286 -17.87 6.52 26.43
C ASN E 286 -18.76 7.76 26.50
N LEU E 287 -18.24 8.93 26.14
CA LEU E 287 -19.07 10.14 26.12
C LEU E 287 -20.13 10.07 25.03
N ALA E 288 -19.83 9.39 23.93
CA ALA E 288 -20.78 9.24 22.82
C ALA E 288 -21.83 8.16 23.07
N GLY E 289 -21.77 7.48 24.21
CA GLY E 289 -22.66 6.38 24.48
C GLY E 289 -21.89 5.15 24.91
N PRO E 290 -22.60 4.11 25.34
CA PRO E 290 -21.92 2.89 25.80
C PRO E 290 -21.04 2.29 24.72
N VAL E 291 -19.87 1.82 25.13
CA VAL E 291 -18.88 1.23 24.22
C VAL E 291 -18.95 -0.27 24.35
N PRO E 292 -19.18 -1.01 23.25
CA PRO E 292 -19.29 -2.47 23.36
C PRO E 292 -17.95 -3.15 23.61
N THR E 293 -17.45 -3.04 24.83
CA THR E 293 -16.15 -3.60 25.17
C THR E 293 -16.20 -4.19 26.59
N ARG E 294 -15.31 -5.15 26.83
CA ARG E 294 -15.25 -5.85 28.11
C ARG E 294 -13.80 -6.11 28.49
N LEU E 295 -13.45 -5.78 29.73
CA LEU E 295 -12.12 -6.01 30.28
C LEU E 295 -12.27 -6.93 31.49
N LEU E 296 -11.80 -8.16 31.38
CA LEU E 296 -11.98 -9.16 32.42
C LEU E 296 -10.63 -9.65 32.93
N THR E 297 -10.51 -9.77 34.24
CA THR E 297 -9.30 -10.23 34.90
C THR E 297 -9.59 -11.51 35.67
N ASN E 298 -8.52 -12.13 36.17
CA ASN E 298 -8.59 -13.36 36.95
C ASN E 298 -9.30 -14.48 36.19
N SER E 299 -9.25 -14.45 34.87
CA SER E 299 -10.01 -15.36 34.03
C SER E 299 -9.05 -16.19 33.18
N SER E 300 -9.09 -17.50 33.36
CA SER E 300 -8.28 -18.43 32.59
C SER E 300 -9.12 -19.08 31.50
N LEU E 301 -8.51 -19.30 30.35
CA LEU E 301 -9.16 -19.96 29.22
C LEU E 301 -8.87 -21.46 29.30
N ASN E 302 -9.92 -22.28 29.39
CA ASN E 302 -9.75 -23.70 29.58
C ASN E 302 -10.23 -24.56 28.43
N SER E 303 -11.03 -24.02 27.52
CA SER E 303 -11.45 -24.76 26.33
C SER E 303 -12.00 -23.80 25.29
N ALA E 304 -11.79 -24.15 24.02
CA ALA E 304 -12.26 -23.33 22.90
C ALA E 304 -12.65 -24.24 21.75
N ARG E 305 -13.71 -23.85 21.05
CA ARG E 305 -14.25 -24.64 19.95
C ARG E 305 -14.70 -23.71 18.83
N HIS E 306 -14.67 -24.23 17.60
CA HIS E 306 -15.11 -23.50 16.42
C HIS E 306 -16.32 -24.17 15.81
N GLU E 307 -17.33 -23.37 15.45
CA GLU E 307 -18.56 -23.90 14.88
C GLU E 307 -19.04 -23.03 13.71
N ASN E 308 -20.02 -22.17 13.97
CA ASN E 308 -20.64 -21.35 12.93
C ASN E 308 -19.74 -20.18 12.52
N GLY E 309 -18.47 -20.46 12.27
CA GLY E 309 -17.51 -19.40 11.98
C GLY E 309 -17.26 -18.54 13.20
N THR E 310 -17.68 -19.01 14.37
CA THR E 310 -17.56 -18.28 15.62
C THR E 310 -16.99 -19.20 16.70
N TYR E 311 -16.21 -18.64 17.60
CA TYR E 311 -15.58 -19.40 18.67
C TYR E 311 -16.42 -19.35 19.94
N THR E 312 -16.61 -20.49 20.56
CA THR E 312 -17.14 -20.57 21.92
C THR E 312 -15.96 -20.86 22.84
N LEU E 313 -15.72 -19.96 23.79
CA LEU E 313 -14.59 -20.08 24.70
C LEU E 313 -15.10 -20.16 26.12
N ALA E 314 -14.66 -21.18 26.85
CA ALA E 314 -15.05 -21.41 28.23
C ALA E 314 -13.97 -20.86 29.15
N PHE E 315 -14.30 -19.84 29.92
CA PHE E 315 -13.40 -19.24 30.89
C PHE E 315 -13.85 -19.58 32.30
N ARG E 316 -12.90 -19.49 33.23
CA ARG E 316 -13.18 -19.63 34.65
C ARG E 316 -12.48 -18.51 35.40
N GLN E 317 -13.25 -17.64 36.05
CA GLN E 317 -12.67 -16.68 36.99
C GLN E 317 -12.22 -17.46 38.22
N GLU E 318 -10.91 -17.68 38.34
CA GLU E 318 -10.44 -18.69 39.28
C GLU E 318 -10.48 -18.23 40.72
N GLU E 319 -10.41 -16.93 40.98
CA GLU E 319 -10.45 -16.49 42.37
C GLU E 319 -11.89 -16.33 42.86
N GLN E 320 -12.80 -15.89 41.98
CA GLN E 320 -14.21 -15.89 42.36
C GLN E 320 -14.78 -17.29 42.34
N GLY E 321 -14.19 -18.18 41.54
CA GLY E 321 -14.66 -19.55 41.44
C GLY E 321 -15.95 -19.68 40.66
N LYS E 322 -16.03 -19.01 39.51
CA LYS E 322 -17.22 -19.06 38.68
C LYS E 322 -16.83 -19.19 37.21
N ASP E 323 -17.64 -19.93 36.46
CA ASP E 323 -17.41 -20.15 35.04
C ASP E 323 -18.29 -19.22 34.21
N PHE E 324 -17.82 -18.92 33.00
CA PHE E 324 -18.62 -18.11 32.07
C PHE E 324 -18.12 -18.37 30.65
N GLU E 325 -19.00 -18.06 29.69
CA GLU E 325 -18.78 -18.37 28.29
C GLU E 325 -18.80 -17.08 27.47
N ILE E 326 -17.99 -17.06 26.41
CA ILE E 326 -17.92 -15.92 25.50
C ILE E 326 -17.92 -16.43 24.06
N GLU E 327 -18.79 -15.88 23.23
CA GLU E 327 -18.87 -16.20 21.81
C GLU E 327 -18.34 -15.03 21.00
N SER E 328 -17.38 -15.31 20.11
CA SER E 328 -16.82 -14.26 19.26
C SER E 328 -16.23 -14.89 18.00
N GLN E 329 -16.39 -14.19 16.87
CA GLN E 329 -15.89 -14.70 15.60
C GLN E 329 -14.37 -14.59 15.49
N GLY E 330 -13.77 -13.56 16.06
CA GLY E 330 -12.34 -13.32 15.96
C GLY E 330 -11.65 -13.65 17.28
N LEU E 331 -10.54 -14.36 17.18
CA LEU E 331 -9.77 -14.78 18.35
C LEU E 331 -8.31 -14.41 18.15
N VAL E 332 -7.77 -13.64 19.08
CA VAL E 332 -6.37 -13.22 19.05
C VAL E 332 -5.70 -13.75 20.30
N LEU E 333 -4.70 -14.61 20.11
CA LEU E 333 -3.99 -15.26 21.22
C LEU E 333 -2.71 -14.48 21.50
N ALA E 334 -2.79 -13.53 22.43
CA ALA E 334 -1.60 -12.82 22.89
C ALA E 334 -0.98 -13.51 24.09
N THR E 335 -0.73 -14.81 23.94
CA THR E 335 -0.30 -15.66 25.03
C THR E 335 1.21 -15.81 25.12
N GLY E 336 1.96 -14.93 24.47
CA GLY E 336 3.39 -14.90 24.67
C GLY E 336 4.14 -15.99 23.90
N TYR E 337 5.38 -16.20 24.34
CA TYR E 337 6.30 -17.12 23.68
C TYR E 337 7.02 -17.94 24.74
N LYS E 338 7.59 -19.07 24.33
CA LYS E 338 8.38 -19.88 25.24
C LYS E 338 9.30 -20.80 24.45
N TYR E 339 10.51 -20.99 24.97
CA TYR E 339 11.53 -21.76 24.27
C TYR E 339 11.22 -23.25 24.27
N ALA E 340 11.37 -23.87 23.10
CA ALA E 340 11.31 -25.32 22.96
C ALA E 340 12.63 -25.79 22.36
N GLU E 341 13.24 -26.80 22.98
CA GLU E 341 14.51 -27.32 22.50
C GLU E 341 14.38 -27.75 21.05
N PRO E 342 15.11 -27.14 20.12
CA PRO E 342 15.01 -27.57 18.71
C PRO E 342 15.60 -28.96 18.55
N GLU E 343 14.94 -29.77 17.72
CA GLU E 343 15.33 -31.17 17.61
C GLU E 343 16.67 -31.35 16.91
N PHE E 344 17.16 -30.35 16.16
CA PHE E 344 18.46 -30.52 15.52
C PHE E 344 19.57 -30.70 16.54
N LEU E 345 19.28 -30.57 17.83
CA LEU E 345 20.22 -30.85 18.90
C LEU E 345 20.13 -32.29 19.40
N ALA E 346 19.30 -33.13 18.76
CA ALA E 346 19.09 -34.48 19.25
C ALA E 346 20.37 -35.31 19.34
N PRO E 347 21.21 -35.41 18.30
CA PRO E 347 22.41 -36.24 18.42
C PRO E 347 23.44 -35.72 19.41
N VAL E 348 23.18 -34.58 20.07
CA VAL E 348 24.14 -33.97 20.99
C VAL E 348 23.61 -33.90 22.42
N LYS E 349 22.33 -34.21 22.65
CA LYS E 349 21.75 -34.21 23.99
C LYS E 349 22.64 -34.92 25.02
N ASP E 350 23.49 -35.85 24.57
CA ASP E 350 24.36 -36.57 25.49
C ASP E 350 25.28 -35.64 26.28
N ARG E 351 25.66 -34.49 25.70
CA ARG E 351 26.59 -33.58 26.36
C ARG E 351 25.94 -32.23 26.66
N LEU E 352 24.61 -32.21 26.85
CA LEU E 352 23.89 -31.03 27.28
C LEU E 352 23.42 -31.21 28.71
N VAL E 353 23.56 -30.16 29.52
CA VAL E 353 23.22 -30.21 30.93
C VAL E 353 21.79 -29.75 31.14
N TYR E 354 21.03 -30.53 31.91
CA TYR E 354 19.63 -30.25 32.19
C TYR E 354 19.42 -30.14 33.70
N ASP E 355 18.43 -29.33 34.10
CA ASP E 355 18.06 -29.23 35.50
C ASP E 355 16.92 -30.19 35.81
N SER E 356 16.49 -30.21 37.08
CA SER E 356 15.45 -31.15 37.49
C SER E 356 14.11 -30.87 36.83
N GLN E 357 13.92 -29.70 36.24
CA GLN E 357 12.70 -29.38 35.53
C GLN E 357 12.76 -29.75 34.05
N GLY E 358 13.90 -30.27 33.59
CA GLY E 358 14.03 -30.68 32.20
C GLY E 358 14.42 -29.57 31.24
N ASN E 359 14.95 -28.45 31.74
CA ASN E 359 15.41 -27.35 30.90
C ASN E 359 16.91 -27.21 31.02
N PHE E 360 17.49 -26.43 30.10
CA PHE E 360 18.93 -26.22 30.08
C PHE E 360 19.38 -25.54 31.38
N ASP E 361 20.28 -26.20 32.11
CA ASP E 361 20.86 -25.59 33.31
C ASP E 361 21.97 -24.65 32.87
N VAL E 362 21.56 -23.47 32.38
CA VAL E 362 22.48 -22.54 31.76
C VAL E 362 23.53 -22.07 32.76
N SER E 363 24.79 -22.14 32.36
CA SER E 363 25.90 -21.71 33.18
C SER E 363 25.82 -20.21 33.50
N ARG E 364 26.68 -19.78 34.41
CA ARG E 364 26.86 -18.34 34.62
C ARG E 364 27.51 -17.70 33.38
N ALA E 365 28.37 -18.46 32.69
CA ALA E 365 28.97 -18.02 31.43
C ALA E 365 28.11 -18.37 30.23
N TYR E 366 26.81 -18.66 30.44
CA TYR E 366 25.84 -18.88 29.37
C TYR E 366 26.15 -20.14 28.56
N ALA E 367 26.73 -21.15 29.19
CA ALA E 367 27.02 -22.41 28.53
C ALA E 367 26.03 -23.48 28.98
N ILE E 368 25.74 -24.43 28.10
CA ILE E 368 24.78 -25.47 28.40
C ILE E 368 25.34 -26.86 28.08
N ASP E 369 26.66 -26.97 27.94
CA ASP E 369 27.29 -28.23 27.60
C ASP E 369 28.22 -28.68 28.73
N VAL E 370 28.65 -29.94 28.64
CA VAL E 370 29.41 -30.56 29.72
C VAL E 370 30.75 -29.88 29.93
N THR E 371 31.33 -29.31 28.87
CA THR E 371 32.59 -28.61 29.02
C THR E 371 32.42 -27.27 29.72
N GLY E 372 31.18 -26.77 29.80
CA GLY E 372 30.95 -25.46 30.39
C GLY E 372 31.49 -24.30 29.58
N ARG E 373 31.91 -24.55 28.34
CA ARG E 373 32.43 -23.50 27.47
C ARG E 373 32.43 -23.98 26.03
N GLY E 374 31.49 -24.87 25.68
CA GLY E 374 31.44 -25.44 24.36
C GLY E 374 30.24 -25.01 23.55
N VAL E 375 29.07 -24.93 24.19
CA VAL E 375 27.84 -24.53 23.53
C VAL E 375 27.19 -23.43 24.36
N PHE E 376 26.94 -22.28 23.74
CA PHE E 376 26.43 -21.10 24.42
C PHE E 376 25.00 -20.82 24.00
N LEU E 377 24.19 -20.36 24.95
CA LEU E 377 22.75 -20.17 24.74
C LEU E 377 22.40 -18.70 24.95
N GLN E 378 21.85 -18.08 23.90
CA GLN E 378 21.28 -16.74 23.99
C GLN E 378 19.78 -16.86 24.24
N ASN E 379 19.26 -15.99 25.12
CA ASN E 379 17.86 -16.00 25.51
C ASN E 379 17.49 -17.30 26.22
N ALA E 380 16.19 -17.50 26.46
CA ALA E 380 15.66 -18.74 27.02
C ALA E 380 16.32 -19.11 28.34
N GLY E 381 16.73 -18.12 29.12
CA GLY E 381 17.41 -18.39 30.36
C GLY E 381 16.90 -17.58 31.54
N VAL E 382 15.58 -17.48 31.67
CA VAL E 382 15.00 -16.73 32.78
C VAL E 382 15.22 -17.47 34.10
N HIS E 383 15.17 -18.80 34.06
CA HIS E 383 15.39 -19.58 35.27
C HIS E 383 16.86 -19.63 35.67
N THR E 384 17.74 -18.93 34.96
CA THR E 384 19.16 -18.91 35.30
C THR E 384 19.67 -17.49 35.43
N HIS E 385 19.11 -16.56 34.65
CA HIS E 385 19.55 -15.17 34.65
C HIS E 385 18.40 -14.18 34.80
N SER E 386 17.15 -14.64 34.88
CA SER E 386 15.97 -13.83 35.23
C SER E 386 15.77 -12.76 34.14
N ILE E 387 15.45 -11.54 34.54
CA ILE E 387 15.11 -10.38 33.71
C ILE E 387 16.02 -10.19 32.50
N THR E 388 17.29 -10.58 32.63
CA THR E 388 18.32 -10.17 31.68
C THR E 388 18.38 -11.01 30.41
N SER E 389 17.88 -12.25 30.42
CA SER E 389 18.10 -13.12 29.28
C SER E 389 17.37 -12.66 28.02
N PRO E 390 16.08 -12.33 28.04
CA PRO E 390 15.44 -11.77 26.84
C PRO E 390 15.59 -10.25 26.67
N ASP E 391 16.47 -9.62 27.45
CA ASP E 391 16.55 -8.16 27.52
C ASP E 391 17.57 -7.64 26.51
N LEU E 392 17.14 -6.74 25.63
CA LEU E 392 18.06 -6.11 24.70
C LEU E 392 19.07 -5.22 25.43
N GLY E 393 18.71 -4.72 26.61
CA GLY E 393 19.66 -3.95 27.40
C GLY E 393 20.85 -4.78 27.82
N MET E 394 20.65 -6.08 28.03
CA MET E 394 21.78 -6.98 28.15
C MET E 394 22.08 -7.54 26.78
N GLY E 395 22.58 -8.78 26.71
CA GLY E 395 22.87 -9.32 25.40
C GLY E 395 24.18 -8.76 24.86
N ALA E 396 24.32 -7.44 24.86
CA ALA E 396 25.64 -6.86 24.68
C ALA E 396 26.56 -7.24 25.83
N TYR E 397 26.05 -7.23 27.06
CA TYR E 397 26.80 -7.78 28.19
C TYR E 397 27.02 -9.27 28.01
N ARG E 398 25.97 -9.99 27.61
CA ARG E 398 26.07 -11.44 27.44
C ARG E 398 27.06 -11.78 26.33
N ASN E 399 26.98 -11.08 25.19
CA ASN E 399 27.91 -11.36 24.11
C ASN E 399 29.34 -11.07 24.52
N SER E 400 29.55 -10.06 25.37
CA SER E 400 30.90 -9.77 25.85
C SER E 400 31.46 -10.91 26.67
N CYS E 401 30.62 -11.60 27.45
CA CYS E 401 31.06 -12.75 28.21
C CYS E 401 31.23 -13.98 27.34
N ILE E 402 30.38 -14.15 26.32
CA ILE E 402 30.57 -15.22 25.35
C ILE E 402 31.90 -15.05 24.63
N ILE E 403 32.18 -13.83 24.17
CA ILE E 403 33.46 -13.53 23.53
C ILE E 403 34.60 -13.77 24.52
N ARG E 404 34.36 -13.52 25.80
CA ARG E 404 35.42 -13.68 26.79
C ARG E 404 35.86 -15.13 26.90
N GLU E 405 34.90 -16.07 26.88
CA GLU E 405 35.25 -17.47 27.02
C GLU E 405 35.77 -18.08 25.73
N LEU E 406 35.38 -17.52 24.58
CA LEU E 406 35.93 -17.98 23.31
C LEU E 406 37.40 -17.56 23.16
N LEU E 407 37.69 -16.27 23.37
CA LEU E 407 39.06 -15.79 23.27
C LEU E 407 39.90 -16.22 24.46
N GLY E 408 39.28 -16.42 25.62
CA GLY E 408 40.01 -16.62 26.85
C GLY E 408 40.40 -15.34 27.58
N THR E 409 40.34 -14.20 26.90
CA THR E 409 40.66 -12.91 27.50
C THR E 409 39.53 -11.92 27.24
N GLU E 410 39.50 -10.85 28.03
CA GLU E 410 38.40 -9.89 28.05
C GLU E 410 38.64 -8.84 26.97
N TYR E 411 38.09 -9.07 25.78
CA TYR E 411 38.19 -8.09 24.71
C TYR E 411 37.39 -6.85 25.04
N TYR E 412 36.06 -6.97 25.13
CA TYR E 412 35.30 -5.82 25.60
C TYR E 412 35.22 -5.83 27.12
N PRO E 413 35.34 -4.67 27.76
CA PRO E 413 35.23 -4.63 29.23
C PRO E 413 33.91 -5.16 29.71
N VAL E 414 33.95 -5.91 30.80
CA VAL E 414 32.78 -6.57 31.37
C VAL E 414 32.59 -6.02 32.78
N GLU E 415 31.54 -5.22 32.97
CA GLU E 415 31.28 -4.64 34.28
C GLU E 415 30.95 -5.73 35.30
N LYS E 416 31.49 -5.57 36.50
CA LYS E 416 31.16 -6.47 37.60
C LYS E 416 30.08 -5.89 38.52
N THR E 417 30.00 -4.56 38.62
CA THR E 417 28.99 -3.88 39.42
C THR E 417 28.53 -2.63 38.68
N ILE E 418 27.22 -2.44 38.59
CA ILE E 418 26.66 -1.21 38.02
C ILE E 418 25.67 -0.52 38.94
N ALA E 419 25.14 -1.17 39.96
CA ALA E 419 24.04 -0.64 40.76
C ALA E 419 24.56 0.03 42.03
N PHE E 420 23.65 0.79 42.66
CA PHE E 420 23.94 1.39 43.95
C PHE E 420 23.56 0.48 45.11
N GLN E 421 22.61 -0.42 44.92
CA GLN E 421 22.12 -1.29 45.98
C GLN E 421 22.82 -2.64 45.93
N GLU E 422 22.80 -3.32 47.07
CA GLU E 422 23.41 -4.63 47.21
C GLU E 422 22.31 -5.68 47.29
N PHE E 423 22.44 -6.75 46.50
CA PHE E 423 21.48 -7.85 46.52
C PHE E 423 21.97 -9.04 47.31
N SER E 424 23.29 -9.20 47.47
CA SER E 424 23.88 -10.26 48.27
C SER E 424 24.37 -9.71 49.61
N VAL E 425 24.58 -10.62 50.55
CA VAL E 425 25.02 -10.23 51.88
C VAL E 425 26.54 -10.14 51.96
N VAL F 11 -40.25 45.22 32.91
CA VAL F 11 -38.93 45.78 32.68
C VAL F 11 -37.91 45.13 33.61
N HIS F 12 -36.86 44.56 33.03
CA HIS F 12 -35.86 43.81 33.78
C HIS F 12 -34.74 44.73 34.25
N ASP F 13 -33.81 44.15 35.01
CA ASP F 13 -32.60 44.88 35.39
C ASP F 13 -31.61 44.92 34.24
N PHE F 14 -31.46 43.81 33.53
CA PHE F 14 -30.59 43.71 32.37
C PHE F 14 -31.11 42.63 31.45
N VAL F 15 -30.86 42.78 30.16
CA VAL F 15 -31.12 41.74 29.18
C VAL F 15 -29.78 41.29 28.61
N GLY F 16 -29.66 39.99 28.37
CA GLY F 16 -28.42 39.43 27.85
C GLY F 16 -28.55 38.99 26.41
N ILE F 17 -27.81 39.65 25.52
CA ILE F 17 -27.84 39.34 24.10
C ILE F 17 -26.71 38.38 23.80
N GLY F 18 -27.06 37.16 23.38
CA GLY F 18 -26.09 36.11 23.14
C GLY F 18 -25.89 35.24 24.37
N LEU F 19 -25.76 33.92 24.17
CA LEU F 19 -25.52 32.97 25.26
C LEU F 19 -24.33 32.08 24.89
N GLY F 20 -23.14 32.68 24.87
CA GLY F 20 -21.92 31.92 24.84
C GLY F 20 -21.49 31.60 26.26
N PRO F 21 -20.28 31.08 26.43
CA PRO F 21 -19.83 30.75 27.79
C PRO F 21 -19.83 31.91 28.74
N PHE F 22 -19.59 33.13 28.26
CA PHE F 22 -19.47 34.28 29.16
C PHE F 22 -20.83 34.71 29.69
N ASN F 23 -21.81 34.87 28.81
CA ASN F 23 -23.14 35.22 29.27
C ASN F 23 -23.83 34.06 29.97
N LEU F 24 -23.54 32.82 29.55
CA LEU F 24 -24.06 31.67 30.28
C LEU F 24 -23.47 31.61 31.69
N GLY F 25 -22.20 31.95 31.85
CA GLY F 25 -21.64 32.07 33.18
C GLY F 25 -22.34 33.14 34.00
N LEU F 26 -22.66 34.27 33.37
CA LEU F 26 -23.39 35.33 34.06
C LEU F 26 -24.79 34.86 34.45
N ALA F 27 -25.38 33.97 33.65
CA ALA F 27 -26.72 33.48 33.94
C ALA F 27 -26.74 32.62 35.20
N CYS F 28 -25.78 31.72 35.34
CA CYS F 28 -25.69 30.87 36.54
C CYS F 28 -25.18 31.63 37.75
N LEU F 29 -24.41 32.69 37.54
CA LEU F 29 -23.91 33.49 38.65
C LEU F 29 -24.97 34.46 39.17
N THR F 30 -25.92 34.86 38.34
CA THR F 30 -26.99 35.76 38.74
C THR F 30 -28.25 35.04 39.19
N GLU F 31 -28.40 33.76 38.86
CA GLU F 31 -29.59 33.00 39.24
C GLU F 31 -29.89 33.01 40.72
N PRO F 32 -28.93 32.83 41.63
CA PRO F 32 -29.25 32.85 43.06
C PRO F 32 -29.32 34.24 43.67
N ILE F 33 -29.30 35.31 42.89
CA ILE F 33 -29.33 36.67 43.39
C ILE F 33 -30.76 37.20 43.26
N ASP F 34 -31.45 37.33 44.40
CA ASP F 34 -32.83 37.82 44.40
C ASP F 34 -32.91 39.23 43.83
N GLU F 35 -32.02 40.12 44.28
CA GLU F 35 -32.05 41.53 43.95
C GLU F 35 -31.72 41.82 42.49
N LEU F 36 -31.46 40.81 41.67
CA LEU F 36 -31.15 41.00 40.26
C LEU F 36 -32.08 40.15 39.42
N ASP F 37 -32.81 40.79 38.51
CA ASP F 37 -33.75 40.13 37.60
C ASP F 37 -33.26 40.36 36.18
N GLY F 38 -32.69 39.32 35.57
CA GLY F 38 -32.14 39.40 34.24
C GLY F 38 -32.79 38.41 33.28
N ILE F 39 -32.55 38.63 31.99
CA ILE F 39 -33.06 37.77 30.93
C ILE F 39 -31.98 37.64 29.87
N PHE F 40 -31.93 36.49 29.22
CA PHE F 40 -30.92 36.19 28.22
C PHE F 40 -31.58 35.71 26.92
N LEU F 41 -31.08 36.21 25.79
CA LEU F 41 -31.63 35.92 24.47
C LEU F 41 -30.54 35.30 23.59
N GLU F 42 -30.84 34.16 22.98
CA GLU F 42 -29.89 33.42 22.15
C GLU F 42 -30.53 33.03 20.84
N SER F 43 -29.78 33.18 19.75
CA SER F 43 -30.29 32.85 18.41
C SER F 43 -30.54 31.35 18.27
N LYS F 44 -29.62 30.53 18.76
CA LYS F 44 -29.68 29.10 18.56
C LYS F 44 -30.84 28.49 19.36
N PRO F 45 -31.33 27.31 18.93
CA PRO F 45 -32.43 26.68 19.68
C PRO F 45 -31.98 26.07 20.99
N ASP F 46 -30.69 25.79 21.12
CA ASP F 46 -30.09 25.30 22.35
C ASP F 46 -28.65 25.76 22.35
N PHE F 47 -27.98 25.59 23.48
CA PHE F 47 -26.57 25.95 23.54
C PHE F 47 -25.75 25.02 22.65
N GLU F 48 -24.91 25.60 21.81
CA GLU F 48 -23.86 24.84 21.13
C GLU F 48 -22.62 25.72 21.03
N TRP F 49 -21.46 25.09 21.23
CA TRP F 49 -20.18 25.79 21.19
C TRP F 49 -19.61 25.75 19.79
N HIS F 50 -18.27 25.79 19.67
CA HIS F 50 -17.59 25.71 18.38
C HIS F 50 -17.59 24.26 17.91
N ALA F 51 -18.78 23.80 17.50
CA ALA F 51 -18.95 22.41 17.11
C ALA F 51 -18.14 22.05 15.86
N GLY F 52 -17.76 23.05 15.05
CA GLY F 52 -16.97 22.80 13.87
C GLY F 52 -15.55 22.37 14.15
N MET F 53 -15.10 22.44 15.41
CA MET F 53 -13.77 22.01 15.82
C MET F 53 -13.85 20.89 16.85
N PHE F 54 -14.87 20.04 16.76
CA PHE F 54 -15.02 18.92 17.69
C PHE F 54 -14.29 17.68 17.18
N LEU F 55 -13.03 17.86 16.80
CA LEU F 55 -12.20 16.73 16.42
C LEU F 55 -12.07 15.76 17.59
N ASP F 56 -12.01 14.47 17.28
CA ASP F 56 -12.03 13.46 18.32
C ASP F 56 -10.74 13.53 19.14
N GLY F 57 -10.89 13.70 20.45
CA GLY F 57 -9.77 13.89 21.35
C GLY F 57 -9.50 15.34 21.72
N ALA F 58 -10.02 16.29 20.94
CA ALA F 58 -9.77 17.70 21.20
C ALA F 58 -10.29 18.10 22.56
N HIS F 59 -9.57 19.02 23.20
CA HIS F 59 -9.82 19.38 24.58
C HIS F 59 -9.67 20.88 24.75
N LEU F 60 -10.09 21.37 25.92
CA LEU F 60 -9.90 22.76 26.26
C LEU F 60 -8.41 23.08 26.39
N GLN F 61 -8.08 24.35 26.22
CA GLN F 61 -6.72 24.83 26.45
C GLN F 61 -6.53 25.34 27.87
N THR F 62 -7.59 25.38 28.67
CA THR F 62 -7.55 25.84 30.05
C THR F 62 -8.15 24.79 30.96
N PRO F 63 -7.68 24.70 32.21
CA PRO F 63 -8.17 23.65 33.12
C PRO F 63 -9.66 23.78 33.39
N PHE F 64 -10.22 22.72 33.97
CA PHE F 64 -11.67 22.66 34.16
C PHE F 64 -12.16 23.73 35.12
N MET F 65 -11.31 24.26 35.98
CA MET F 65 -11.73 25.33 36.88
C MET F 65 -12.07 26.61 36.14
N SER F 66 -11.81 26.66 34.84
CA SER F 66 -12.20 27.80 34.03
C SER F 66 -13.60 27.59 33.49
N ASP F 67 -14.46 26.93 34.29
CA ASP F 67 -15.83 26.74 33.87
C ASP F 67 -16.64 28.01 34.13
N LEU F 68 -17.94 27.86 34.37
CA LEU F 68 -18.83 29.00 34.41
C LEU F 68 -18.92 29.65 35.77
N VAL F 69 -18.49 28.99 36.83
CA VAL F 69 -18.87 29.41 38.16
C VAL F 69 -17.70 29.35 39.15
N THR F 70 -16.82 28.35 38.99
CA THR F 70 -15.99 27.92 40.11
C THR F 70 -15.01 28.99 40.55
N LEU F 71 -14.42 29.73 39.60
CA LEU F 71 -13.45 30.75 39.99
C LEU F 71 -14.10 31.90 40.74
N ALA F 72 -15.41 32.10 40.60
CA ALA F 72 -16.13 33.05 41.43
C ALA F 72 -16.76 32.39 42.64
N ASP F 73 -17.26 31.17 42.49
CA ASP F 73 -17.95 30.48 43.57
C ASP F 73 -17.81 28.96 43.40
N PRO F 74 -16.91 28.31 44.14
CA PRO F 74 -16.82 26.84 44.05
C PRO F 74 -18.03 26.11 44.62
N THR F 75 -18.92 26.82 45.33
CA THR F 75 -20.12 26.21 45.89
C THR F 75 -21.29 26.17 44.92
N SER F 76 -21.20 26.86 43.79
CA SER F 76 -22.32 26.97 42.88
C SER F 76 -22.76 25.59 42.38
N PRO F 77 -24.06 25.35 42.24
CA PRO F 77 -24.52 24.05 41.73
C PRO F 77 -24.29 23.84 40.24
N TYR F 78 -23.77 24.85 39.52
CA TYR F 78 -23.51 24.73 38.10
C TYR F 78 -22.03 24.52 37.79
N SER F 79 -21.27 24.02 38.75
CA SER F 79 -19.85 23.73 38.54
C SER F 79 -19.67 22.49 37.69
N PHE F 80 -18.51 22.40 37.04
CA PHE F 80 -18.20 21.23 36.23
C PHE F 80 -18.12 19.97 37.09
N LEU F 81 -17.58 20.08 38.30
CA LEU F 81 -17.51 18.92 39.18
C LEU F 81 -18.90 18.46 39.63
N ASN F 82 -19.80 19.40 39.91
CA ASN F 82 -21.16 19.04 40.22
C ASN F 82 -21.88 18.46 39.01
N TYR F 83 -21.55 18.94 37.82
CA TYR F 83 -22.08 18.35 36.60
C TYR F 83 -21.66 16.89 36.47
N LEU F 84 -20.39 16.60 36.72
CA LEU F 84 -19.90 15.22 36.66
C LEU F 84 -20.57 14.36 37.73
N LYS F 85 -20.77 14.91 38.92
CA LYS F 85 -21.40 14.16 40.00
C LYS F 85 -22.80 13.70 39.61
N GLU F 86 -23.56 14.58 38.94
CA GLU F 86 -24.93 14.25 38.57
C GLU F 86 -24.97 13.18 37.48
N LYS F 87 -24.10 13.29 36.49
CA LYS F 87 -24.06 12.29 35.43
C LYS F 87 -23.36 11.00 35.81
N GLY F 88 -22.93 10.86 37.06
CA GLY F 88 -22.25 9.65 37.49
C GLY F 88 -20.90 9.43 36.84
N ARG F 89 -20.10 10.47 36.70
CA ARG F 89 -18.79 10.38 36.06
C ARG F 89 -17.67 11.01 36.88
N LEU F 90 -17.97 11.53 38.07
CA LEU F 90 -16.97 12.23 38.86
C LEU F 90 -15.83 11.30 39.26
N TYR F 91 -16.14 10.08 39.68
CA TYR F 91 -15.10 9.15 40.07
C TYR F 91 -14.27 8.70 38.87
N SER F 92 -14.90 8.58 37.70
CA SER F 92 -14.12 8.29 36.50
C SER F 92 -13.20 9.46 36.15
N PHE F 93 -13.72 10.68 36.25
CA PHE F 93 -12.89 11.86 36.02
C PHE F 93 -11.77 11.98 37.05
N TYR F 94 -12.05 11.55 38.29
CA TYR F 94 -11.03 11.54 39.33
C TYR F 94 -9.89 10.59 38.98
N ILE F 95 -10.21 9.46 38.34
CA ILE F 95 -9.17 8.53 37.91
C ILE F 95 -8.46 9.06 36.67
N ARG F 96 -9.19 9.69 35.76
CA ARG F 96 -8.58 10.21 34.54
C ARG F 96 -7.45 11.19 34.86
N GLU F 97 -7.61 11.98 35.92
CA GLU F 97 -6.56 12.88 36.41
C GLU F 97 -6.00 13.74 35.29
N ASN F 98 -6.91 14.45 34.61
CA ASN F 98 -6.55 15.38 33.56
C ASN F 98 -7.28 16.70 33.82
N PHE F 99 -6.54 17.81 33.78
CA PHE F 99 -7.13 19.11 34.07
C PHE F 99 -8.05 19.60 32.97
N TYR F 100 -7.96 19.03 31.77
CA TYR F 100 -8.57 19.62 30.60
C TYR F 100 -9.74 18.79 30.11
N PRO F 101 -10.96 19.32 30.15
CA PRO F 101 -12.10 18.57 29.63
C PRO F 101 -12.06 18.51 28.11
N LEU F 102 -12.65 17.46 27.56
CA LEU F 102 -12.81 17.35 26.12
C LEU F 102 -13.80 18.39 25.62
N ARG F 103 -13.61 18.81 24.37
CA ARG F 103 -14.51 19.81 23.79
C ARG F 103 -15.95 19.32 23.78
N VAL F 104 -16.16 18.05 23.41
CA VAL F 104 -17.50 17.48 23.46
C VAL F 104 -18.02 17.49 24.90
N GLU F 105 -17.13 17.33 25.88
CA GLU F 105 -17.54 17.25 27.27
C GLU F 105 -17.93 18.62 27.83
N TYR F 106 -17.18 19.65 27.44
CA TYR F 106 -17.50 21.01 27.87
C TYR F 106 -18.79 21.50 27.21
N ASP F 107 -18.99 21.16 25.93
CA ASP F 107 -20.21 21.57 25.24
C ASP F 107 -21.43 20.94 25.89
N ASP F 108 -21.34 19.66 26.28
CA ASP F 108 -22.44 19.02 26.99
C ASP F 108 -22.67 19.69 28.33
N TYR F 109 -21.59 20.00 29.06
CA TYR F 109 -21.72 20.61 30.38
C TYR F 109 -22.46 21.93 30.30
N CYS F 110 -22.11 22.77 29.31
CA CYS F 110 -22.75 24.08 29.20
C CYS F 110 -24.22 23.95 28.82
N ARG F 111 -24.54 22.99 27.96
CA ARG F 111 -25.95 22.71 27.65
C ARG F 111 -26.70 22.23 28.87
N TRP F 112 -26.02 21.44 29.72
CA TRP F 112 -26.65 20.96 30.95
C TRP F 112 -26.89 22.11 31.94
N ALA F 113 -26.00 23.09 31.96
CA ALA F 113 -26.18 24.23 32.86
C ALA F 113 -27.24 25.19 32.34
N ALA F 114 -27.30 25.42 31.02
CA ALA F 114 -28.31 26.31 30.46
C ALA F 114 -29.71 25.73 30.59
N ASN F 115 -29.83 24.40 30.48
CA ASN F 115 -31.15 23.76 30.55
C ASN F 115 -31.76 23.84 31.94
N LYS F 116 -30.94 24.05 32.98
CA LYS F 116 -31.42 24.11 34.35
C LYS F 116 -31.72 25.53 34.81
N LEU F 117 -31.67 26.50 33.91
CA LEU F 117 -31.86 27.90 34.27
C LEU F 117 -33.24 28.39 33.86
N SER F 118 -33.68 29.44 34.53
CA SER F 118 -34.97 30.08 34.28
C SER F 118 -34.86 31.31 33.39
N SER F 119 -33.66 31.70 33.00
CA SER F 119 -33.42 33.05 32.55
C SER F 119 -33.16 33.17 31.05
N ILE F 120 -33.29 32.07 30.32
CA ILE F 120 -32.81 31.97 28.94
C ILE F 120 -34.00 31.82 28.00
N ARG F 121 -33.95 32.55 26.87
CA ARG F 121 -34.92 32.46 25.79
C ARG F 121 -34.16 32.04 24.54
N PHE F 122 -34.21 30.75 24.20
CA PHE F 122 -33.54 30.25 23.02
C PHE F 122 -34.36 30.57 21.76
N GLY F 123 -33.68 30.48 20.61
CA GLY F 123 -34.34 30.73 19.34
C GLY F 123 -34.81 32.16 19.15
N THR F 124 -34.12 33.13 19.74
CA THR F 124 -34.49 34.54 19.62
C THR F 124 -33.28 35.31 19.09
N THR F 125 -33.40 35.86 17.89
CA THR F 125 -32.35 36.67 17.28
C THR F 125 -32.69 38.14 17.44
N VAL F 126 -31.82 38.89 18.12
CA VAL F 126 -32.07 40.30 18.38
C VAL F 126 -31.81 41.10 17.10
N THR F 127 -32.78 41.94 16.74
CA THR F 127 -32.71 42.69 15.48
C THR F 127 -32.39 44.16 15.66
N GLU F 128 -32.89 44.79 16.72
CA GLU F 128 -32.68 46.22 16.92
C GLU F 128 -32.63 46.53 18.41
N VAL F 129 -31.86 47.54 18.76
CA VAL F 129 -31.85 48.12 20.10
C VAL F 129 -31.93 49.64 19.96
N ARG F 130 -32.75 50.26 20.81
CA ARG F 130 -32.83 51.72 20.87
C ARG F 130 -33.00 52.14 22.32
N TYR F 131 -32.83 53.44 22.56
CA TYR F 131 -32.84 54.00 23.91
C TYR F 131 -33.99 55.00 24.00
N GLU F 132 -35.02 54.65 24.77
CA GLU F 132 -36.18 55.50 24.98
C GLU F 132 -36.61 55.41 26.44
N ASP F 133 -37.03 56.55 26.99
CA ASP F 133 -37.64 56.62 28.32
C ASP F 133 -36.73 56.00 29.39
N ASP F 134 -35.47 56.44 29.39
CA ASP F 134 -34.46 56.05 30.37
C ASP F 134 -34.08 54.57 30.30
N LEU F 135 -34.52 53.84 29.27
CA LEU F 135 -34.33 52.40 29.23
C LEU F 135 -33.87 51.96 27.86
N TYR F 136 -33.37 50.72 27.79
CA TYR F 136 -32.96 50.11 26.54
C TYR F 136 -34.03 49.11 26.10
N VAL F 137 -34.54 49.30 24.90
CA VAL F 137 -35.57 48.43 24.33
C VAL F 137 -34.91 47.59 23.22
N VAL F 138 -34.86 46.29 23.44
CA VAL F 138 -34.40 45.35 22.41
C VAL F 138 -35.61 44.55 21.93
N THR F 139 -35.69 44.32 20.62
CA THR F 139 -36.76 43.48 20.09
C THR F 139 -36.19 42.57 19.01
N THR F 140 -36.55 41.29 19.10
CA THR F 140 -36.13 40.22 18.22
C THR F 140 -36.84 40.32 16.86
N SER F 141 -36.53 39.37 15.94
CA SER F 141 -37.16 39.37 14.62
C SER F 141 -38.54 38.76 14.64
N ALA F 142 -38.82 37.92 15.63
CA ALA F 142 -40.18 37.48 15.85
C ALA F 142 -41.09 38.64 16.20
N GLY F 143 -40.52 39.73 16.71
CA GLY F 143 -41.26 40.93 17.04
C GLY F 143 -41.38 41.19 18.52
N ASP F 144 -41.02 40.23 19.38
CA ASP F 144 -41.11 40.42 20.82
C ASP F 144 -40.13 41.49 21.28
N VAL F 145 -40.56 42.29 22.25
CA VAL F 145 -39.76 43.39 22.77
C VAL F 145 -39.49 43.16 24.24
N TYR F 146 -38.22 43.23 24.62
CA TYR F 146 -37.78 43.25 26.01
C TYR F 146 -37.12 44.58 26.29
N ARG F 147 -37.13 45.00 27.55
CA ARG F 147 -36.47 46.25 27.92
C ARG F 147 -36.00 46.20 29.36
N ALA F 148 -34.83 46.79 29.60
CA ALA F 148 -34.22 46.81 30.91
C ALA F 148 -33.36 48.07 31.02
N ARG F 149 -32.86 48.32 32.24
CA ARG F 149 -31.97 49.45 32.47
C ARG F 149 -30.58 49.23 31.91
N HIS F 150 -30.15 47.99 31.73
CA HIS F 150 -28.80 47.66 31.33
C HIS F 150 -28.80 46.60 30.24
N LEU F 151 -27.69 46.53 29.50
CA LEU F 151 -27.45 45.49 28.50
C LEU F 151 -26.11 44.84 28.77
N VAL F 152 -26.03 43.53 28.50
CA VAL F 152 -24.78 42.79 28.54
C VAL F 152 -24.63 42.09 27.19
N LEU F 153 -23.69 42.54 26.37
CA LEU F 153 -23.52 42.04 25.00
C LEU F 153 -22.51 40.90 25.01
N GLY F 154 -22.97 39.70 24.68
CA GLY F 154 -22.09 38.55 24.60
C GLY F 154 -22.29 37.76 23.31
N THR F 155 -22.23 38.46 22.19
CA THR F 155 -22.47 37.84 20.90
C THR F 155 -21.25 37.13 20.33
N GLY F 156 -20.10 37.24 20.98
CA GLY F 156 -18.90 36.57 20.50
C GLY F 156 -18.21 37.35 19.39
N THR F 157 -17.30 36.66 18.73
CA THR F 157 -16.52 37.23 17.63
C THR F 157 -16.68 36.33 16.41
N PRO F 158 -17.35 36.80 15.35
CA PRO F 158 -17.56 35.97 14.17
C PRO F 158 -16.25 35.64 13.48
N PRO F 159 -16.22 34.63 12.61
CA PRO F 159 -14.98 34.28 11.91
C PRO F 159 -14.47 35.44 11.07
N TYR F 160 -13.14 35.56 11.01
CA TYR F 160 -12.50 36.55 10.16
C TYR F 160 -12.04 35.89 8.87
N ILE F 161 -12.31 36.56 7.75
CA ILE F 161 -11.87 36.11 6.43
C ILE F 161 -10.94 37.17 5.87
N PRO F 162 -9.72 36.84 5.47
CA PRO F 162 -8.85 37.84 4.84
C PRO F 162 -9.48 38.39 3.57
N GLU F 163 -9.18 39.66 3.29
CA GLU F 163 -9.79 40.30 2.13
C GLU F 163 -9.28 39.74 0.81
N ALA F 164 -8.19 38.99 0.82
CA ALA F 164 -7.74 38.30 -0.39
C ALA F 164 -8.69 37.19 -0.81
N CYS F 165 -9.63 36.79 0.05
CA CYS F 165 -10.59 35.75 -0.27
C CYS F 165 -12.04 36.24 -0.18
N GLN F 166 -12.26 37.56 -0.21
CA GLN F 166 -13.61 38.08 -0.30
C GLN F 166 -14.23 37.68 -1.63
N GLY F 167 -15.49 37.25 -1.58
CA GLY F 167 -16.17 36.80 -2.78
C GLY F 167 -15.46 35.68 -3.50
N LEU F 168 -14.77 34.82 -2.76
CA LEU F 168 -14.09 33.69 -3.37
C LEU F 168 -15.07 32.54 -3.56
N ASP F 169 -15.06 31.95 -4.75
CA ASP F 169 -15.95 30.84 -5.06
C ASP F 169 -15.24 29.50 -4.81
N GLY F 170 -16.03 28.44 -4.85
CA GLY F 170 -15.54 27.11 -4.55
C GLY F 170 -16.05 26.60 -3.23
N ASP F 171 -15.38 25.56 -2.72
CA ASP F 171 -15.79 24.90 -1.48
C ASP F 171 -14.84 25.18 -0.32
N PHE F 172 -14.10 26.28 -0.37
CA PHE F 172 -13.20 26.62 0.74
C PHE F 172 -14.01 26.88 2.01
N ILE F 173 -13.41 26.54 3.15
CA ILE F 173 -14.08 26.66 4.44
C ILE F 173 -13.18 27.40 5.42
N HIS F 174 -13.81 28.08 6.37
CA HIS F 174 -13.14 28.53 7.57
C HIS F 174 -13.04 27.35 8.54
N ASN F 175 -12.01 27.38 9.39
CA ASN F 175 -11.81 26.26 10.30
C ASN F 175 -13.00 26.02 11.22
N SER F 176 -13.91 26.99 11.34
CA SER F 176 -15.05 26.88 12.23
C SER F 176 -16.10 25.88 11.74
N ARG F 177 -15.96 25.38 10.51
CA ARG F 177 -16.84 24.35 9.95
C ARG F 177 -16.04 23.20 9.36
N TYR F 178 -14.95 22.82 10.01
CA TYR F 178 -14.05 21.82 9.45
C TYR F 178 -14.66 20.42 9.53
N VAL F 179 -15.21 20.06 10.70
CA VAL F 179 -15.70 18.71 10.91
C VAL F 179 -16.79 18.37 9.89
N GLN F 180 -17.62 19.34 9.55
CA GLN F 180 -18.70 19.10 8.60
C GLN F 180 -18.21 18.91 7.17
N HIS F 181 -17.04 19.44 6.83
CA HIS F 181 -16.49 19.34 5.48
C HIS F 181 -15.27 18.44 5.40
N ARG F 182 -14.94 17.73 6.48
CA ARG F 182 -13.82 16.80 6.44
C ARG F 182 -14.09 15.64 5.49
N SER F 183 -15.34 15.20 5.39
CA SER F 183 -15.69 14.09 4.50
C SER F 183 -15.28 14.39 3.07
N GLU F 184 -15.44 15.64 2.64
CA GLU F 184 -15.12 16.03 1.27
C GLU F 184 -13.68 16.47 1.09
N LEU F 185 -13.05 17.01 2.14
CA LEU F 185 -11.68 17.47 2.04
C LEU F 185 -10.72 16.32 1.75
N VAL F 186 -10.88 15.20 2.46
CA VAL F 186 -9.97 14.09 2.31
C VAL F 186 -10.04 13.46 0.92
N LYS F 187 -11.15 13.66 0.20
CA LYS F 187 -11.26 13.12 -1.15
C LYS F 187 -10.35 13.85 -2.14
N LYS F 188 -9.91 15.05 -1.82
CA LYS F 188 -9.14 15.85 -2.76
C LYS F 188 -7.71 15.33 -2.89
N GLU F 189 -7.00 15.85 -3.90
CA GLU F 189 -5.63 15.47 -4.18
C GLU F 189 -4.61 16.41 -3.56
N SER F 190 -5.04 17.55 -3.01
CA SER F 190 -4.17 18.46 -2.30
C SER F 190 -4.94 19.47 -1.46
N ILE F 191 -4.55 19.64 -0.20
CA ILE F 191 -5.22 20.52 0.75
C ILE F 191 -4.22 21.54 1.28
N THR F 192 -4.67 22.77 1.50
CA THR F 192 -3.82 23.84 2.00
C THR F 192 -4.49 24.51 3.19
N ILE F 193 -3.73 24.70 4.27
CA ILE F 193 -4.19 25.37 5.46
C ILE F 193 -3.45 26.69 5.58
N VAL F 194 -4.20 27.77 5.78
CA VAL F 194 -3.65 29.12 5.85
C VAL F 194 -3.84 29.64 7.27
N GLY F 195 -2.77 30.20 7.83
CA GLY F 195 -2.78 30.72 9.18
C GLY F 195 -2.23 29.72 10.18
N SER F 196 -1.75 30.24 11.31
CA SER F 196 -1.25 29.42 12.40
C SER F 196 -2.19 29.56 13.61
N GLY F 197 -1.89 28.79 14.63
CA GLY F 197 -2.72 28.74 15.83
C GLY F 197 -3.15 27.33 16.15
N GLN F 198 -3.86 27.21 17.28
CA GLN F 198 -4.27 25.90 17.77
C GLN F 198 -5.13 25.18 16.76
N SER F 199 -6.15 25.85 16.23
CA SER F 199 -7.06 25.22 15.27
C SER F 199 -6.33 24.78 14.01
N ALA F 200 -5.40 25.61 13.54
CA ALA F 200 -4.64 25.24 12.35
C ALA F 200 -3.81 23.98 12.60
N ALA F 201 -3.16 23.91 13.77
CA ALA F 201 -2.31 22.76 14.07
C ALA F 201 -3.14 21.50 14.33
N GLU F 202 -4.29 21.66 14.99
CA GLU F 202 -5.18 20.51 15.21
C GLU F 202 -5.65 19.94 13.88
N ILE F 203 -5.88 20.80 12.88
CA ILE F 203 -6.33 20.32 11.58
C ILE F 203 -5.18 19.71 10.79
N TYR F 204 -3.98 20.29 10.91
CA TYR F 204 -2.83 19.74 10.19
C TYR F 204 -2.46 18.36 10.71
N GLN F 205 -2.52 18.17 12.03
CA GLN F 205 -2.24 16.84 12.58
C GLN F 205 -3.30 15.84 12.18
N ASP F 206 -4.56 16.26 12.15
CA ASP F 206 -5.65 15.36 11.78
C ASP F 206 -5.49 14.89 10.34
N LEU F 207 -5.17 15.81 9.43
CA LEU F 207 -5.00 15.43 8.03
C LEU F 207 -3.71 14.64 7.82
N LEU F 208 -2.62 15.07 8.47
CA LEU F 208 -1.35 14.36 8.33
C LEU F 208 -1.44 12.94 8.83
N GLY F 209 -2.31 12.67 9.81
CA GLY F 209 -2.44 11.34 10.35
C GLY F 209 -2.97 10.33 9.35
N GLU F 210 -3.64 10.79 8.30
CA GLU F 210 -4.18 9.92 7.28
C GLU F 210 -3.68 10.30 5.89
N ILE F 211 -2.45 10.81 5.81
CA ILE F 211 -1.95 11.31 4.54
C ILE F 211 -1.58 10.15 3.61
N ASP F 212 -1.23 9.00 4.16
CA ASP F 212 -0.84 7.86 3.35
C ASP F 212 -1.99 6.91 3.07
N VAL F 213 -3.20 7.25 3.52
CA VAL F 213 -4.40 6.49 3.17
C VAL F 213 -5.17 7.17 2.05
N HIS F 214 -5.18 8.50 2.01
CA HIS F 214 -5.86 9.27 0.98
C HIS F 214 -4.92 9.75 -0.11
N GLY F 215 -3.66 10.02 0.21
CA GLY F 215 -2.66 10.37 -0.79
C GLY F 215 -2.67 11.80 -1.27
N TYR F 216 -3.26 12.72 -0.51
CA TYR F 216 -3.27 14.12 -0.92
C TYR F 216 -1.97 14.81 -0.54
N ARG F 217 -1.74 15.96 -1.15
CA ARG F 217 -0.69 16.87 -0.71
C ARG F 217 -1.23 17.79 0.37
N LEU F 218 -0.39 18.11 1.34
CA LEU F 218 -0.81 18.87 2.52
C LEU F 218 0.08 20.08 2.66
N ASN F 219 -0.50 21.27 2.67
CA ASN F 219 0.26 22.50 2.77
C ASN F 219 -0.21 23.31 3.98
N TRP F 220 0.74 23.77 4.77
CA TRP F 220 0.47 24.60 5.95
C TRP F 220 1.27 25.88 5.79
N VAL F 221 0.59 26.96 5.45
CA VAL F 221 1.21 28.26 5.21
C VAL F 221 0.73 29.21 6.30
N THR F 222 1.66 29.94 6.90
CA THR F 222 1.35 30.91 7.95
C THR F 222 2.20 32.16 7.75
N ARG F 223 1.66 33.30 8.18
CA ARG F 223 2.39 34.56 8.07
C ARG F 223 3.34 34.78 9.24
N SER F 224 3.19 34.04 10.33
CA SER F 224 4.03 34.25 11.49
C SER F 224 5.45 33.74 11.23
N PRO F 225 6.46 34.35 11.85
CA PRO F 225 7.85 33.92 11.60
C PRO F 225 8.18 32.53 12.12
N ARG F 226 7.47 32.04 13.14
CA ARG F 226 7.69 30.70 13.66
C ARG F 226 6.35 30.16 14.15
N PHE F 227 6.32 28.86 14.41
CA PHE F 227 5.13 28.22 14.96
C PHE F 227 5.12 28.46 16.46
N PHE F 228 4.46 29.53 16.87
CA PHE F 228 4.53 29.98 18.25
C PHE F 228 3.90 28.96 19.20
N PRO F 229 4.50 28.70 20.34
CA PRO F 229 3.82 27.94 21.39
C PRO F 229 2.93 28.84 22.23
N LEU F 230 1.84 28.26 22.73
CA LEU F 230 1.01 28.98 23.69
C LEU F 230 1.84 29.31 24.91
N GLU F 231 2.00 30.61 25.18
CA GLU F 231 2.82 31.06 26.29
C GLU F 231 2.17 30.66 27.61
N TYR F 232 2.43 29.43 28.06
CA TYR F 232 1.75 28.87 29.24
C TYR F 232 2.74 28.49 30.34
N THR F 233 3.86 29.19 30.45
CA THR F 233 4.69 29.06 31.63
C THR F 233 4.14 29.94 32.74
N LYS F 234 4.30 29.47 33.98
CA LYS F 234 3.46 29.97 35.08
C LYS F 234 3.72 31.44 35.40
N LEU F 235 4.94 31.93 35.16
CA LEU F 235 5.21 33.35 35.44
C LEU F 235 4.49 34.25 34.43
N THR F 236 4.41 33.83 33.17
CA THR F 236 3.62 34.55 32.18
C THR F 236 2.12 34.34 32.39
N LEU F 237 1.73 33.20 32.95
CA LEU F 237 0.33 32.99 33.29
C LEU F 237 -0.18 34.04 34.28
N GLU F 238 0.72 34.61 35.08
CA GLU F 238 0.34 35.65 36.02
C GLU F 238 -0.04 36.96 35.33
N MET F 239 0.17 37.07 34.02
CA MET F 239 -0.32 38.26 33.33
C MET F 239 -1.83 38.22 33.14
N THR F 240 -2.43 37.04 33.23
CA THR F 240 -3.89 36.90 33.28
C THR F 240 -4.32 37.12 34.73
N SER F 241 -4.11 38.35 35.19
CA SER F 241 -4.32 38.75 36.57
C SER F 241 -5.26 39.94 36.59
N PRO F 242 -5.90 40.19 37.73
CA PRO F 242 -6.59 41.47 37.90
C PRO F 242 -5.62 42.64 37.99
N GLU F 243 -4.47 42.48 38.65
CA GLU F 243 -3.54 43.58 38.79
C GLU F 243 -2.91 43.95 37.44
N TYR F 244 -2.82 43.00 36.51
CA TYR F 244 -2.33 43.36 35.18
C TYR F 244 -3.38 44.10 34.39
N ILE F 245 -4.66 43.76 34.56
CA ILE F 245 -5.72 44.54 33.92
C ILE F 245 -5.69 45.98 34.42
N ASP F 246 -5.38 46.17 35.71
CA ASP F 246 -5.24 47.53 36.24
C ASP F 246 -4.04 48.23 35.62
N TYR F 247 -2.93 47.52 35.45
CA TYR F 247 -1.73 48.14 34.88
C TYR F 247 -1.88 48.37 33.38
N TYR F 248 -2.49 47.42 32.67
CA TYR F 248 -2.56 47.51 31.22
C TYR F 248 -3.56 48.57 30.78
N ARG F 249 -4.69 48.68 31.48
CA ARG F 249 -5.75 49.60 31.06
C ARG F 249 -5.31 51.05 31.18
N GLU F 250 -4.48 51.36 32.18
CA GLU F 250 -4.04 52.73 32.42
C GLU F 250 -2.83 53.12 31.59
N LEU F 251 -2.42 52.29 30.64
CA LEU F 251 -1.34 52.67 29.73
C LEU F 251 -1.90 53.53 28.60
N PRO F 252 -1.04 54.29 27.92
CA PRO F 252 -1.48 54.97 26.68
C PRO F 252 -2.01 53.95 25.69
N GLU F 253 -3.09 54.31 25.01
CA GLU F 253 -3.74 53.34 24.13
C GLU F 253 -3.00 53.15 22.81
N ALA F 254 -2.07 54.04 22.47
CA ALA F 254 -1.14 53.75 21.40
C ALA F 254 -0.22 52.60 21.79
N THR F 255 0.21 52.58 23.06
CA THR F 255 1.01 51.47 23.56
C THR F 255 0.17 50.20 23.68
N ARG F 256 -1.11 50.35 24.03
CA ARG F 256 -1.99 49.19 24.16
C ARG F 256 -2.23 48.53 22.81
N TYR F 257 -2.62 49.31 21.80
CA TYR F 257 -2.85 48.76 20.48
C TYR F 257 -1.56 48.17 19.89
N ARG F 258 -0.42 48.67 20.34
CA ARG F 258 0.86 48.15 19.86
C ARG F 258 1.12 46.75 20.41
N LEU F 259 0.79 46.52 21.69
CA LEU F 259 1.08 45.23 22.31
C LEU F 259 0.09 44.15 21.90
N THR F 260 -1.16 44.52 21.58
CA THR F 260 -2.07 43.52 21.03
C THR F 260 -1.64 43.07 19.64
N ALA F 261 -1.04 43.97 18.86
CA ALA F 261 -0.58 43.62 17.52
C ALA F 261 0.59 42.65 17.57
N GLU F 262 1.53 42.86 18.51
CA GLU F 262 2.68 41.97 18.61
C GLU F 262 2.37 40.68 19.35
N GLN F 263 1.21 40.58 19.99
CA GLN F 263 0.90 39.38 20.77
C GLN F 263 0.86 38.14 19.88
N LYS F 264 1.73 37.18 20.17
CA LYS F 264 1.92 35.99 19.34
C LYS F 264 1.27 34.75 19.94
N GLY F 265 1.46 34.51 21.24
CA GLY F 265 0.87 33.32 21.85
C GLY F 265 -0.63 33.36 21.88
N LEU F 266 -1.23 34.55 21.98
CA LEU F 266 -2.66 34.74 22.13
C LEU F 266 -3.49 33.96 21.10
N PHE F 267 -3.46 34.41 19.85
CA PHE F 267 -4.34 33.90 18.81
C PHE F 267 -3.62 33.13 17.70
N LYS F 268 -2.29 33.24 17.62
CA LYS F 268 -1.51 32.44 16.67
C LYS F 268 -0.59 31.46 17.39
N GLY F 269 -0.92 31.09 18.62
CA GLY F 269 -0.10 30.19 19.42
C GLY F 269 -0.68 28.78 19.44
N ILE F 270 0.22 27.80 19.40
CA ILE F 270 -0.14 26.39 19.40
C ILE F 270 0.33 25.76 20.70
N ASP F 271 -0.45 24.80 21.21
CA ASP F 271 -0.01 24.01 22.36
C ASP F 271 1.32 23.34 22.04
N GLY F 272 2.30 23.55 22.92
CA GLY F 272 3.63 23.00 22.68
C GLY F 272 3.65 21.49 22.55
N ASP F 273 2.81 20.80 23.31
CA ASP F 273 2.71 19.34 23.17
C ASP F 273 2.22 18.96 21.78
N LEU F 274 1.30 19.76 21.22
CA LEU F 274 0.82 19.50 19.87
C LEU F 274 1.91 19.72 18.84
N ILE F 275 2.73 20.75 19.05
CA ILE F 275 3.86 20.99 18.14
C ILE F 275 4.80 19.80 18.14
N ASN F 276 5.04 19.23 19.32
CA ASN F 276 5.97 18.10 19.41
C ASN F 276 5.39 16.83 18.82
N GLU F 277 4.07 16.61 18.95
CA GLU F 277 3.48 15.43 18.34
C GLU F 277 3.36 15.58 16.84
N ILE F 278 3.27 16.81 16.33
CA ILE F 278 3.33 17.01 14.89
C ILE F 278 4.69 16.63 14.35
N PHE F 279 5.76 17.05 15.03
CA PHE F 279 7.10 16.66 14.62
C PHE F 279 7.28 15.15 14.72
N ASP F 280 6.82 14.55 15.81
CA ASP F 280 6.99 13.10 15.98
C ASP F 280 6.26 12.34 14.88
N LEU F 281 5.08 12.82 14.48
CA LEU F 281 4.33 12.18 13.40
C LEU F 281 5.04 12.35 12.07
N LEU F 282 5.57 13.54 11.80
CA LEU F 282 6.36 13.74 10.58
C LEU F 282 7.57 12.82 10.56
N TYR F 283 8.26 12.69 11.70
CA TYR F 283 9.37 11.75 11.81
C TYR F 283 8.89 10.33 11.54
N GLN F 284 7.73 9.95 12.07
CA GLN F 284 7.22 8.60 11.88
C GLN F 284 6.85 8.34 10.43
N LYS F 285 6.10 9.27 9.83
CA LYS F 285 5.69 9.09 8.44
C LYS F 285 6.88 9.09 7.48
N ASN F 286 7.94 9.84 7.82
CA ASN F 286 9.08 9.97 6.91
C ASN F 286 9.93 8.72 6.83
N LEU F 287 9.71 7.74 7.71
CA LEU F 287 10.48 6.51 7.64
C LEU F 287 10.07 5.63 6.47
N ALA F 288 8.81 5.73 6.03
CA ALA F 288 8.31 4.96 4.90
C ALA F 288 8.58 5.63 3.57
N GLY F 289 9.23 6.79 3.56
CA GLY F 289 9.50 7.52 2.34
C GLY F 289 9.15 8.98 2.48
N PRO F 290 9.51 9.79 1.49
CA PRO F 290 9.21 11.23 1.56
C PRO F 290 7.71 11.47 1.58
N VAL F 291 7.29 12.39 2.43
CA VAL F 291 5.87 12.70 2.62
C VAL F 291 5.54 13.97 1.85
N PRO F 292 4.48 13.99 1.05
CA PRO F 292 4.16 15.19 0.24
C PRO F 292 3.45 16.26 1.06
N THR F 293 4.20 16.93 1.93
CA THR F 293 3.64 18.05 2.68
C THR F 293 4.74 19.06 2.95
N ARG F 294 4.33 20.33 3.06
CA ARG F 294 5.25 21.44 3.25
C ARG F 294 4.74 22.35 4.36
N LEU F 295 5.67 22.89 5.13
CA LEU F 295 5.38 23.84 6.20
C LEU F 295 6.16 25.12 5.91
N LEU F 296 5.43 26.23 5.73
CA LEU F 296 6.03 27.50 5.35
C LEU F 296 5.68 28.57 6.37
N THR F 297 6.65 29.43 6.66
CA THR F 297 6.49 30.54 7.58
C THR F 297 6.81 31.85 6.86
N ASN F 298 6.50 32.96 7.53
CA ASN F 298 6.86 34.29 7.07
C ASN F 298 6.25 34.62 5.71
N SER F 299 5.09 34.06 5.38
CA SER F 299 4.51 34.20 4.06
C SER F 299 3.05 34.59 4.17
N SER F 300 2.70 35.74 3.59
CA SER F 300 1.35 36.29 3.64
C SER F 300 0.59 35.96 2.37
N LEU F 301 -0.72 35.74 2.53
CA LEU F 301 -1.62 35.45 1.41
C LEU F 301 -2.13 36.77 0.83
N ASN F 302 -1.80 37.04 -0.44
CA ASN F 302 -2.12 38.30 -1.06
C ASN F 302 -3.30 38.22 -2.03
N SER F 303 -3.50 37.09 -2.70
CA SER F 303 -4.61 36.97 -3.62
C SER F 303 -5.01 35.50 -3.75
N ALA F 304 -6.24 35.28 -4.19
CA ALA F 304 -6.78 33.93 -4.31
C ALA F 304 -7.79 33.89 -5.45
N ARG F 305 -7.78 32.81 -6.22
CA ARG F 305 -8.70 32.63 -7.34
C ARG F 305 -9.04 31.15 -7.48
N HIS F 306 -10.21 30.89 -8.07
CA HIS F 306 -10.73 29.53 -8.23
C HIS F 306 -10.96 29.23 -9.70
N GLU F 307 -10.41 28.11 -10.17
CA GLU F 307 -10.64 27.66 -11.54
C GLU F 307 -10.48 26.15 -11.63
N ASN F 308 -11.44 25.50 -12.29
CA ASN F 308 -11.41 24.06 -12.54
C ASN F 308 -11.30 23.26 -11.24
N GLY F 309 -12.02 23.69 -10.21
CA GLY F 309 -11.98 23.02 -8.93
C GLY F 309 -10.67 23.13 -8.18
N THR F 310 -9.75 23.97 -8.64
CA THR F 310 -8.45 24.16 -8.01
C THR F 310 -8.28 25.63 -7.63
N TYR F 311 -7.62 25.86 -6.50
CA TYR F 311 -7.30 27.21 -6.06
C TYR F 311 -5.86 27.54 -6.42
N THR F 312 -5.63 28.76 -6.89
CA THR F 312 -4.29 29.28 -7.11
C THR F 312 -4.10 30.46 -6.17
N LEU F 313 -3.24 30.29 -5.17
CA LEU F 313 -3.02 31.28 -4.13
C LEU F 313 -1.66 31.94 -4.33
N ALA F 314 -1.63 33.26 -4.25
CA ALA F 314 -0.41 34.04 -4.41
C ALA F 314 0.08 34.46 -3.03
N PHE F 315 1.22 33.93 -2.62
CA PHE F 315 1.84 34.24 -1.34
C PHE F 315 3.07 35.11 -1.53
N ARG F 316 3.42 35.82 -0.46
CA ARG F 316 4.63 36.63 -0.42
C ARG F 316 5.41 36.31 0.86
N GLN F 317 6.59 35.71 0.70
CA GLN F 317 7.53 35.62 1.82
C GLN F 317 8.03 37.02 2.14
N GLU F 318 7.55 37.59 3.23
CA GLU F 318 7.72 39.02 3.45
C GLU F 318 9.13 39.39 3.86
N GLU F 319 9.80 38.53 4.62
CA GLU F 319 11.14 38.84 5.10
C GLU F 319 12.22 38.55 4.07
N GLN F 320 12.09 37.47 3.29
CA GLN F 320 13.01 37.23 2.20
C GLN F 320 12.74 38.17 1.02
N GLY F 321 11.50 38.65 0.91
CA GLY F 321 11.10 39.53 -0.18
C GLY F 321 10.98 38.80 -1.50
N LYS F 322 10.23 37.70 -1.52
CA LYS F 322 10.10 36.88 -2.72
C LYS F 322 8.69 36.30 -2.76
N ASP F 323 8.16 36.16 -3.97
CA ASP F 323 6.81 35.67 -4.19
C ASP F 323 6.84 34.21 -4.62
N PHE F 324 5.73 33.51 -4.37
CA PHE F 324 5.53 32.15 -4.83
C PHE F 324 4.04 31.86 -4.86
N GLU F 325 3.68 30.82 -5.61
CA GLU F 325 2.29 30.44 -5.81
C GLU F 325 2.08 28.99 -5.42
N ILE F 326 0.86 28.68 -4.99
CA ILE F 326 0.47 27.34 -4.57
C ILE F 326 -0.83 26.97 -5.27
N GLU F 327 -0.89 25.76 -5.82
CA GLU F 327 -2.10 25.23 -6.44
C GLU F 327 -2.67 24.15 -5.53
N SER F 328 -3.91 24.33 -5.09
CA SER F 328 -4.53 23.45 -4.11
C SER F 328 -6.02 23.29 -4.41
N GLN F 329 -6.47 22.04 -4.48
CA GLN F 329 -7.90 21.80 -4.67
C GLN F 329 -8.70 22.18 -3.42
N GLY F 330 -8.12 22.01 -2.25
CA GLY F 330 -8.78 22.34 -1.00
C GLY F 330 -8.13 23.54 -0.35
N LEU F 331 -8.94 24.29 0.43
CA LEU F 331 -8.45 25.49 1.10
C LEU F 331 -9.18 25.62 2.42
N VAL F 332 -8.43 25.63 3.51
CA VAL F 332 -8.99 25.83 4.85
C VAL F 332 -8.40 27.11 5.40
N LEU F 333 -9.26 28.02 5.81
CA LEU F 333 -8.85 29.33 6.33
C LEU F 333 -8.89 29.27 7.85
N ALA F 334 -7.74 29.02 8.46
CA ALA F 334 -7.62 29.06 9.92
C ALA F 334 -7.12 30.45 10.34
N THR F 335 -7.86 31.46 9.90
CA THR F 335 -7.46 32.86 10.06
C THR F 335 -8.11 33.53 11.26
N GLY F 336 -8.56 32.75 12.24
CA GLY F 336 -9.03 33.32 13.49
C GLY F 336 -10.39 33.97 13.40
N TYR F 337 -10.67 34.81 14.40
CA TYR F 337 -11.94 35.49 14.55
C TYR F 337 -11.69 36.97 14.83
N LYS F 338 -12.74 37.78 14.66
CA LYS F 338 -12.63 39.21 14.80
C LYS F 338 -13.99 39.78 15.16
N TYR F 339 -14.00 40.78 16.05
CA TYR F 339 -15.24 41.43 16.44
C TYR F 339 -15.59 42.56 15.47
N ALA F 340 -16.82 42.52 14.97
CA ALA F 340 -17.40 43.60 14.18
C ALA F 340 -18.64 44.10 14.90
N GLU F 341 -18.80 45.42 14.95
CA GLU F 341 -19.94 46.00 15.65
C GLU F 341 -21.24 45.52 15.03
N PRO F 342 -22.10 44.83 15.77
CA PRO F 342 -23.37 44.37 15.19
C PRO F 342 -24.27 45.57 14.91
N GLU F 343 -24.86 45.57 13.71
CA GLU F 343 -25.62 46.73 13.28
C GLU F 343 -27.00 46.81 13.93
N PHE F 344 -27.35 45.89 14.85
CA PHE F 344 -28.54 46.13 15.63
C PHE F 344 -28.31 47.24 16.66
N LEU F 345 -27.05 47.55 16.97
CA LEU F 345 -26.69 48.65 17.85
C LEU F 345 -26.73 50.01 17.16
N ALA F 346 -27.19 50.07 15.92
CA ALA F 346 -27.16 51.33 15.18
C ALA F 346 -27.97 52.44 15.84
N PRO F 347 -29.20 52.22 16.33
CA PRO F 347 -29.97 53.33 16.92
C PRO F 347 -29.42 53.89 18.23
N VAL F 348 -28.35 53.31 18.79
CA VAL F 348 -27.77 53.77 20.04
C VAL F 348 -26.28 54.07 19.91
N LYS F 349 -25.79 54.23 18.67
CA LYS F 349 -24.35 54.49 18.49
C LYS F 349 -23.94 55.80 19.15
N ASP F 350 -24.86 56.75 19.29
CA ASP F 350 -24.55 58.01 19.93
C ASP F 350 -24.32 57.86 21.43
N ARG F 351 -24.73 56.76 22.02
CA ARG F 351 -24.53 56.51 23.44
C ARG F 351 -23.31 55.64 23.73
N LEU F 352 -22.57 55.24 22.70
CA LEU F 352 -21.46 54.29 22.84
C LEU F 352 -20.13 55.02 22.74
N VAL F 353 -19.15 54.55 23.53
CA VAL F 353 -17.82 55.13 23.56
C VAL F 353 -16.97 54.49 22.47
N TYR F 354 -16.21 55.31 21.76
CA TYR F 354 -15.29 54.84 20.73
C TYR F 354 -13.91 55.44 20.97
N ASP F 355 -12.88 54.72 20.56
CA ASP F 355 -11.51 55.14 20.80
C ASP F 355 -10.88 55.64 19.50
N SER F 356 -9.55 55.75 19.46
CA SER F 356 -8.87 56.32 18.31
C SER F 356 -9.07 55.47 17.05
N GLN F 357 -9.17 54.15 17.20
CA GLN F 357 -9.23 53.24 16.06
C GLN F 357 -10.65 52.85 15.68
N GLY F 358 -11.65 53.58 16.17
CA GLY F 358 -13.03 53.29 15.83
C GLY F 358 -13.61 52.08 16.51
N ASN F 359 -12.99 51.63 17.60
CA ASN F 359 -13.47 50.48 18.36
C ASN F 359 -13.97 50.94 19.74
N PHE F 360 -14.68 50.05 20.42
CA PHE F 360 -15.22 50.35 21.73
C PHE F 360 -14.09 50.65 22.71
N ASP F 361 -14.19 51.78 23.39
CA ASP F 361 -13.24 52.11 24.46
C ASP F 361 -13.78 51.52 25.75
N VAL F 362 -13.55 50.21 25.91
CA VAL F 362 -14.14 49.47 27.01
C VAL F 362 -13.61 50.00 28.34
N SER F 363 -14.52 50.16 29.30
CA SER F 363 -14.17 50.63 30.62
C SER F 363 -13.30 49.59 31.34
N ARG F 364 -12.79 50.00 32.52
CA ARG F 364 -12.19 49.02 33.41
C ARG F 364 -13.26 48.10 34.00
N ALA F 365 -14.46 48.62 34.22
CA ALA F 365 -15.61 47.83 34.66
C ALA F 365 -16.38 47.22 33.50
N TYR F 366 -15.77 47.17 32.31
CA TYR F 366 -16.33 46.47 31.13
C TYR F 366 -17.59 47.15 30.61
N ALA F 367 -17.63 48.47 30.66
CA ALA F 367 -18.74 49.26 30.12
C ALA F 367 -18.30 50.02 28.88
N ILE F 368 -19.25 50.27 27.98
CA ILE F 368 -18.91 50.87 26.70
C ILE F 368 -19.82 52.05 26.37
N ASP F 369 -20.55 52.57 27.35
CA ASP F 369 -21.44 53.70 27.11
C ASP F 369 -21.03 54.90 27.96
N VAL F 370 -21.75 56.00 27.77
CA VAL F 370 -21.41 57.26 28.41
C VAL F 370 -21.68 57.22 29.91
N THR F 371 -22.60 56.34 30.35
CA THR F 371 -22.88 56.24 31.77
C THR F 371 -21.77 55.53 32.53
N GLY F 372 -20.87 54.84 31.83
CA GLY F 372 -19.88 54.01 32.49
C GLY F 372 -20.43 52.83 33.23
N ARG F 373 -21.75 52.59 33.15
CA ARG F 373 -22.35 51.45 33.84
C ARG F 373 -23.65 51.00 33.19
N GLY F 374 -23.90 51.33 31.92
CA GLY F 374 -25.16 51.03 31.27
C GLY F 374 -25.14 49.76 30.44
N VAL F 375 -24.30 49.72 29.42
CA VAL F 375 -24.13 48.55 28.55
C VAL F 375 -22.76 47.96 28.82
N PHE F 376 -22.71 46.64 29.00
CA PHE F 376 -21.48 45.92 29.28
C PHE F 376 -21.11 45.01 28.10
N LEU F 377 -19.83 44.66 28.04
CA LEU F 377 -19.24 44.09 26.82
C LEU F 377 -18.38 42.90 27.20
N GLN F 378 -18.80 41.70 26.82
CA GLN F 378 -18.03 40.48 27.03
C GLN F 378 -17.19 40.17 25.79
N ASN F 379 -15.99 39.64 26.02
CA ASN F 379 -15.04 39.33 24.94
C ASN F 379 -14.70 40.60 24.16
N ALA F 380 -14.01 40.45 23.03
CA ALA F 380 -13.80 41.55 22.08
C ALA F 380 -13.18 42.78 22.76
N GLY F 381 -12.28 42.53 23.71
CA GLY F 381 -11.66 43.63 24.42
C GLY F 381 -10.19 43.43 24.71
N VAL F 382 -9.44 42.97 23.71
CA VAL F 382 -8.01 42.73 23.91
C VAL F 382 -7.25 44.04 23.99
N HIS F 383 -7.66 45.03 23.21
CA HIS F 383 -7.05 46.36 23.27
C HIS F 383 -7.37 47.11 24.57
N THR F 384 -8.18 46.52 25.46
CA THR F 384 -8.51 47.13 26.75
C THR F 384 -8.17 46.25 27.94
N HIS F 385 -8.23 44.92 27.79
CA HIS F 385 -8.00 44.00 28.89
C HIS F 385 -7.01 42.88 28.55
N SER F 386 -6.29 43.01 27.44
CA SER F 386 -5.15 42.13 27.07
C SER F 386 -5.68 40.71 26.84
N ILE F 387 -4.91 39.68 27.21
CA ILE F 387 -5.28 38.30 26.95
C ILE F 387 -6.47 37.81 27.78
N THR F 388 -6.96 38.61 28.72
CA THR F 388 -8.01 38.18 29.63
C THR F 388 -9.40 38.21 29.01
N SER F 389 -9.61 38.99 27.95
CA SER F 389 -10.94 39.20 27.41
C SER F 389 -11.52 37.95 26.73
N PRO F 390 -10.73 37.18 25.93
CA PRO F 390 -11.30 35.94 25.36
C PRO F 390 -10.97 34.70 26.18
N ASP F 391 -10.54 34.89 27.43
CA ASP F 391 -10.10 33.77 28.26
C ASP F 391 -11.25 33.23 29.10
N LEU F 392 -11.47 31.92 29.01
CA LEU F 392 -12.47 31.28 29.88
C LEU F 392 -12.08 31.37 31.35
N GLY F 393 -10.78 31.35 31.65
CA GLY F 393 -10.32 31.48 33.02
C GLY F 393 -10.53 32.85 33.62
N MET F 394 -11.05 33.80 32.83
CA MET F 394 -11.37 35.13 33.32
C MET F 394 -12.85 35.45 33.21
N GLY F 395 -13.67 34.53 32.71
CA GLY F 395 -15.09 34.81 32.57
C GLY F 395 -15.78 35.03 33.91
N ALA F 396 -15.40 34.26 34.92
CA ALA F 396 -16.02 34.42 36.24
C ALA F 396 -15.57 35.72 36.92
N TYR F 397 -14.34 36.16 36.65
CA TYR F 397 -13.88 37.43 37.20
C TYR F 397 -14.65 38.60 36.59
N ARG F 398 -14.69 38.67 35.26
CA ARG F 398 -15.38 39.76 34.59
C ARG F 398 -16.87 39.78 34.93
N ASN F 399 -17.50 38.60 35.00
CA ASN F 399 -18.92 38.55 35.33
C ASN F 399 -19.20 39.09 36.72
N SER F 400 -18.29 38.85 37.67
CA SER F 400 -18.44 39.35 39.04
C SER F 400 -18.24 40.85 39.12
N CYS F 401 -17.41 41.41 38.26
CA CYS F 401 -17.28 42.86 38.17
C CYS F 401 -18.54 43.47 37.58
N ILE F 402 -19.12 42.82 36.57
CA ILE F 402 -20.37 43.30 35.99
C ILE F 402 -21.49 43.22 37.03
N ILE F 403 -21.60 42.07 37.70
CA ILE F 403 -22.59 41.91 38.78
C ILE F 403 -22.41 43.00 39.83
N ARG F 404 -21.16 43.34 40.13
CA ARG F 404 -20.90 44.38 41.13
C ARG F 404 -21.45 45.73 40.68
N GLU F 405 -21.36 46.03 39.39
CA GLU F 405 -21.87 47.30 38.90
C GLU F 405 -23.40 47.31 38.87
N LEU F 406 -24.01 46.17 38.53
CA LEU F 406 -25.47 46.11 38.47
C LEU F 406 -26.08 46.17 39.87
N LEU F 407 -25.53 45.40 40.81
CA LEU F 407 -26.06 45.33 42.15
C LEU F 407 -25.66 46.52 43.01
N GLY F 408 -24.61 47.24 42.65
CA GLY F 408 -23.98 48.14 43.59
C GLY F 408 -23.31 47.45 44.76
N THR F 409 -23.36 46.12 44.81
CA THR F 409 -22.80 45.30 45.87
C THR F 409 -21.84 44.30 45.26
N GLU F 410 -20.74 44.01 45.96
CA GLU F 410 -19.85 42.94 45.56
C GLU F 410 -20.44 41.64 46.11
N TYR F 411 -21.31 41.01 45.32
CA TYR F 411 -21.93 39.75 45.73
C TYR F 411 -20.87 38.67 45.90
N TYR F 412 -20.13 38.37 44.83
CA TYR F 412 -19.03 37.42 44.85
C TYR F 412 -17.71 38.14 45.09
N PRO F 413 -16.82 37.58 45.92
CA PRO F 413 -15.53 38.22 46.16
C PRO F 413 -14.72 38.32 44.87
N VAL F 414 -14.15 39.50 44.65
CA VAL F 414 -13.37 39.80 43.45
C VAL F 414 -11.96 40.12 43.89
N GLU F 415 -11.01 39.25 43.55
CA GLU F 415 -9.63 39.43 43.98
C GLU F 415 -9.05 40.73 43.42
N LYS F 416 -8.22 41.39 44.23
CA LYS F 416 -7.48 42.56 43.78
C LYS F 416 -6.06 42.22 43.34
N THR F 417 -5.43 41.23 43.99
CA THR F 417 -4.13 40.72 43.57
C THR F 417 -4.15 39.20 43.65
N ILE F 418 -3.53 38.55 42.67
CA ILE F 418 -3.37 37.10 42.69
C ILE F 418 -1.94 36.66 42.44
N ALA F 419 -1.08 37.52 41.90
CA ALA F 419 0.24 37.12 41.42
C ALA F 419 1.32 37.43 42.45
N PHE F 420 2.48 36.80 42.26
CA PHE F 420 3.64 37.05 43.11
C PHE F 420 4.45 38.26 42.63
N GLN F 421 4.38 38.58 41.34
CA GLN F 421 5.17 39.66 40.77
C GLN F 421 4.36 40.95 40.70
N GLU F 422 5.07 42.06 40.50
CA GLU F 422 4.48 43.38 40.35
C GLU F 422 4.65 43.84 38.91
N PHE F 423 3.57 44.38 38.34
CA PHE F 423 3.58 44.85 36.95
C PHE F 423 3.78 46.36 36.83
N SER F 424 3.17 47.13 37.72
CA SER F 424 3.37 48.57 37.77
C SER F 424 4.21 48.94 38.99
N VAL F 425 4.81 50.11 38.93
CA VAL F 425 5.64 50.59 40.03
C VAL F 425 4.95 51.77 40.70
N PRO G 8 61.10 25.20 15.90
CA PRO G 8 62.25 25.62 15.10
C PRO G 8 61.85 26.49 13.90
N SER G 9 61.69 25.85 12.74
CA SER G 9 61.13 26.49 11.55
C SER G 9 59.84 25.80 11.13
N THR G 10 59.15 25.19 12.10
CA THR G 10 57.93 24.46 11.85
C THR G 10 56.82 25.39 11.36
N VAL G 11 55.93 24.84 10.53
CA VAL G 11 54.72 25.53 10.12
C VAL G 11 53.56 24.55 10.24
N HIS G 12 52.48 24.98 10.87
CA HIS G 12 51.30 24.14 11.06
C HIS G 12 50.25 24.49 10.03
N ASP G 13 49.22 23.65 9.96
CA ASP G 13 48.10 23.94 9.08
C ASP G 13 47.18 24.99 9.69
N PHE G 14 46.98 24.94 11.01
CA PHE G 14 46.18 25.94 11.69
C PHE G 14 46.58 26.02 13.15
N VAL G 15 46.36 27.19 13.74
CA VAL G 15 46.55 27.40 15.17
C VAL G 15 45.19 27.78 15.76
N GLY G 16 44.71 26.97 16.70
CA GLY G 16 43.48 27.27 17.39
C GLY G 16 43.76 27.99 18.70
N ILE G 17 43.19 29.19 18.85
CA ILE G 17 43.44 30.02 20.02
C ILE G 17 42.23 29.93 20.94
N GLY G 18 42.45 29.48 22.17
CA GLY G 18 41.35 29.24 23.09
C GLY G 18 40.88 27.80 23.02
N LEU G 19 40.59 27.19 24.17
CA LEU G 19 40.12 25.80 24.22
C LEU G 19 38.84 25.74 25.06
N GLY G 20 37.77 26.30 24.51
CA GLY G 20 36.44 26.06 25.02
C GLY G 20 35.86 24.83 24.36
N PRO G 21 34.56 24.58 24.55
CA PRO G 21 33.95 23.40 23.93
C PRO G 21 34.05 23.39 22.42
N PHE G 22 34.10 24.56 21.77
CA PHE G 22 34.09 24.59 20.31
C PHE G 22 35.44 24.20 19.73
N ASN G 23 36.52 24.85 20.20
CA ASN G 23 37.84 24.50 19.71
C ASN G 23 38.28 23.13 20.21
N LEU G 24 37.90 22.75 21.43
CA LEU G 24 38.19 21.40 21.89
C LEU G 24 37.49 20.36 21.02
N GLY G 25 36.26 20.65 20.62
CA GLY G 25 35.58 19.78 19.67
C GLY G 25 36.34 19.68 18.36
N LEU G 26 36.87 20.80 17.88
CA LEU G 26 37.69 20.77 16.67
C LEU G 26 38.96 19.95 16.89
N ALA G 27 39.53 19.99 18.10
CA ALA G 27 40.71 19.18 18.38
C ALA G 27 40.39 17.69 18.36
N CYS G 28 39.22 17.32 18.89
CA CYS G 28 38.83 15.92 18.91
C CYS G 28 38.50 15.39 17.52
N LEU G 29 38.01 16.25 16.63
CA LEU G 29 37.62 15.83 15.29
C LEU G 29 38.80 15.76 14.33
N THR G 30 39.86 16.52 14.58
CA THR G 30 41.02 16.54 13.69
C THR G 30 42.15 15.61 14.14
N GLU G 31 42.12 15.14 15.39
CA GLU G 31 43.14 14.20 15.85
C GLU G 31 43.28 12.97 14.96
N PRO G 32 42.21 12.31 14.49
CA PRO G 32 42.39 11.16 13.60
C PRO G 32 42.71 11.51 12.16
N ILE G 33 42.80 12.80 11.82
CA ILE G 33 43.14 13.24 10.47
C ILE G 33 44.61 13.67 10.49
N ASP G 34 45.49 12.79 10.01
CA ASP G 34 46.91 13.11 10.08
C ASP G 34 47.39 14.01 8.96
N GLU G 35 46.62 14.20 7.89
CA GLU G 35 46.98 15.22 6.91
C GLU G 35 46.64 16.62 7.39
N LEU G 36 45.98 16.75 8.54
CA LEU G 36 45.78 18.04 9.20
C LEU G 36 46.70 18.11 10.41
N ASP G 37 47.58 19.10 10.43
CA ASP G 37 48.52 19.32 11.51
C ASP G 37 48.09 20.60 12.22
N GLY G 38 47.34 20.45 13.32
CA GLY G 38 46.84 21.58 14.06
C GLY G 38 47.43 21.69 15.45
N ILE G 39 47.33 22.87 16.04
CA ILE G 39 47.86 23.14 17.37
C ILE G 39 46.92 24.11 18.08
N PHE G 40 46.78 23.93 19.39
CA PHE G 40 45.80 24.68 20.18
C PHE G 40 46.49 25.30 21.39
N LEU G 41 46.22 26.58 21.62
CA LEU G 41 46.80 27.32 22.74
C LEU G 41 45.69 27.81 23.65
N GLU G 42 45.81 27.49 24.95
CA GLU G 42 44.79 27.83 25.95
C GLU G 42 45.44 28.50 27.15
N SER G 43 44.80 29.57 27.63
CA SER G 43 45.34 30.31 28.78
C SER G 43 45.38 29.44 30.03
N LYS G 44 44.33 28.68 30.29
CA LYS G 44 44.20 27.94 31.55
C LYS G 44 45.21 26.80 31.62
N PRO G 45 45.56 26.37 32.84
CA PRO G 45 46.43 25.18 32.97
C PRO G 45 45.72 23.88 32.65
N ASP G 46 44.40 23.89 32.54
CA ASP G 46 43.62 22.71 32.18
C ASP G 46 42.23 23.21 31.74
N PHE G 47 41.45 22.32 31.15
CA PHE G 47 40.12 22.71 30.71
C PHE G 47 39.25 23.05 31.91
N GLU G 48 38.54 24.17 31.80
CA GLU G 48 37.60 24.58 32.84
C GLU G 48 36.45 25.31 32.14
N TRP G 49 35.24 24.80 32.32
CA TRP G 49 34.05 25.42 31.75
C TRP G 49 33.59 26.57 32.64
N HIS G 50 32.30 26.88 32.60
CA HIS G 50 31.74 27.95 33.44
C HIS G 50 31.54 27.41 34.86
N ALA G 51 32.67 27.26 35.56
CA ALA G 51 32.64 26.66 36.89
C ALA G 51 31.91 27.53 37.92
N GLY G 52 31.76 28.83 37.65
CA GLY G 52 31.04 29.69 38.56
C GLY G 52 29.55 29.42 38.67
N MET G 53 29.00 28.64 37.75
CA MET G 53 27.59 28.27 37.75
C MET G 53 27.40 26.78 38.02
N PHE G 54 28.31 26.16 38.75
CA PHE G 54 28.24 24.74 39.04
C PHE G 54 27.39 24.48 40.30
N LEU G 55 26.13 24.89 40.21
CA LEU G 55 25.20 24.65 41.30
C LEU G 55 24.82 23.18 41.35
N ASP G 56 24.44 22.72 42.54
CA ASP G 56 24.13 21.31 42.74
C ASP G 56 22.89 20.93 41.94
N GLY G 57 23.05 19.94 41.05
CA GLY G 57 21.97 19.50 40.20
C GLY G 57 21.86 20.20 38.87
N ALA G 58 22.68 21.21 38.62
CA ALA G 58 22.64 21.93 37.35
C ALA G 58 23.03 21.01 36.20
N HIS G 59 22.42 21.24 35.05
CA HIS G 59 22.64 20.41 33.88
C HIS G 59 22.70 21.27 32.63
N LEU G 60 23.09 20.66 31.52
CA LEU G 60 23.12 21.35 30.25
C LEU G 60 21.71 21.69 29.78
N GLN G 61 21.62 22.64 28.85
CA GLN G 61 20.36 22.95 28.21
C GLN G 61 20.16 22.21 26.90
N THR G 62 21.11 21.38 26.51
CA THR G 62 21.02 20.58 25.29
C THR G 62 21.36 19.12 25.60
N PRO G 63 20.79 18.18 24.85
CA PRO G 63 21.03 16.76 25.12
C PRO G 63 22.50 16.38 24.97
N PHE G 64 22.81 15.16 25.41
CA PHE G 64 24.20 14.71 25.45
C PHE G 64 24.78 14.47 24.07
N MET G 65 23.94 14.34 23.04
CA MET G 65 24.48 14.25 21.69
C MET G 65 25.13 15.54 21.23
N SER G 66 24.92 16.64 21.95
CA SER G 66 25.55 17.90 21.63
C SER G 66 26.92 17.98 22.29
N ASP G 67 27.59 16.83 22.41
CA ASP G 67 28.91 16.82 23.02
C ASP G 67 29.96 17.31 22.02
N LEU G 68 31.14 16.71 22.04
CA LEU G 68 32.25 17.23 21.25
C LEU G 68 32.32 16.65 19.84
N VAL G 69 31.68 15.50 19.59
CA VAL G 69 32.01 14.73 18.39
C VAL G 69 30.79 14.05 17.77
N THR G 70 29.81 13.66 18.60
CA THR G 70 28.83 12.67 18.17
C THR G 70 28.02 13.15 16.97
N LEU G 71 27.62 14.42 16.95
CA LEU G 71 26.80 14.89 15.84
C LEU G 71 27.55 14.92 14.51
N ALA G 72 28.87 14.71 14.52
CA ALA G 72 29.65 14.54 13.31
C ALA G 72 30.19 13.13 13.13
N ASP G 73 30.51 12.44 14.23
CA ASP G 73 31.02 11.08 14.17
C ASP G 73 30.68 10.34 15.46
N PRO G 74 29.61 9.53 15.47
CA PRO G 74 29.27 8.77 16.68
C PRO G 74 30.30 7.71 17.04
N THR G 75 31.12 7.26 16.08
CA THR G 75 32.17 6.29 16.38
C THR G 75 33.39 6.92 17.04
N SER G 76 33.39 8.24 17.23
CA SER G 76 34.50 8.93 17.85
C SER G 76 34.86 8.29 19.19
N PRO G 77 36.14 8.19 19.53
CA PRO G 77 36.53 7.71 20.87
C PRO G 77 36.34 8.75 21.96
N TYR G 78 36.03 10.00 21.60
CA TYR G 78 35.83 11.07 22.56
C TYR G 78 34.36 11.43 22.71
N SER G 79 33.45 10.51 22.37
CA SER G 79 32.04 10.74 22.61
C SER G 79 31.73 10.63 24.10
N PHE G 80 30.62 11.25 24.49
CA PHE G 80 30.19 11.18 25.88
C PHE G 80 29.87 9.75 26.29
N LEU G 81 29.25 8.98 25.39
CA LEU G 81 28.92 7.60 25.71
C LEU G 81 30.18 6.77 25.92
N ASN G 82 31.22 7.01 25.11
CA ASN G 82 32.48 6.30 25.32
C ASN G 82 33.15 6.74 26.63
N TYR G 83 33.04 8.03 26.96
CA TYR G 83 33.58 8.52 28.22
C TYR G 83 32.96 7.77 29.40
N LEU G 84 31.63 7.57 29.36
CA LEU G 84 30.94 6.87 30.44
C LEU G 84 31.37 5.40 30.50
N LYS G 85 31.54 4.77 29.33
CA LYS G 85 31.93 3.36 29.33
C LYS G 85 33.30 3.16 29.97
N GLU G 86 34.23 4.09 29.74
CA GLU G 86 35.55 3.98 30.36
C GLU G 86 35.45 4.12 31.88
N LYS G 87 34.69 5.10 32.35
CA LYS G 87 34.58 5.34 33.78
C LYS G 87 33.73 4.30 34.51
N GLY G 88 33.15 3.35 33.79
CA GLY G 88 32.31 2.35 34.44
C GLY G 88 31.00 2.90 34.95
N ARG G 89 30.34 3.74 34.15
CA ARG G 89 29.11 4.41 34.55
C ARG G 89 28.01 4.30 33.50
N LEU G 90 28.28 3.67 32.36
CA LEU G 90 27.36 3.73 31.23
C LEU G 90 26.02 3.09 31.57
N TYR G 91 26.04 1.91 32.20
CA TYR G 91 24.78 1.25 32.54
C TYR G 91 23.98 2.08 33.53
N SER G 92 24.67 2.72 34.48
CA SER G 92 23.98 3.63 35.39
C SER G 92 23.33 4.78 34.63
N PHE G 93 24.04 5.34 33.64
CA PHE G 93 23.47 6.40 32.83
C PHE G 93 22.32 5.88 31.97
N TYR G 94 22.41 4.62 31.53
CA TYR G 94 21.32 4.00 30.79
C TYR G 94 20.06 3.93 31.63
N ILE G 95 20.19 3.60 32.92
CA ILE G 95 19.03 3.52 33.79
C ILE G 95 18.51 4.92 34.12
N ARG G 96 19.42 5.87 34.34
CA ARG G 96 19.02 7.25 34.64
C ARG G 96 18.10 7.79 33.56
N GLU G 97 18.32 7.38 32.31
CA GLU G 97 17.44 7.73 31.19
C GLU G 97 17.14 9.23 31.16
N ASN G 98 18.21 10.02 31.21
CA ASN G 98 18.12 11.47 31.15
C ASN G 98 18.99 11.96 29.99
N PHE G 99 18.40 12.80 29.13
CA PHE G 99 19.12 13.31 27.97
C PHE G 99 20.17 14.36 28.33
N TYR G 100 20.13 14.92 29.54
CA TYR G 100 20.97 16.06 29.85
C TYR G 100 22.00 15.70 30.90
N PRO G 101 23.29 15.84 30.61
CA PRO G 101 24.32 15.59 31.62
C PRO G 101 24.42 16.74 32.60
N LEU G 102 24.85 16.42 33.81
CA LEU G 102 25.08 17.45 34.81
C LEU G 102 26.27 18.32 34.42
N ARG G 103 26.25 19.57 34.87
CA ARG G 103 27.31 20.51 34.51
C ARG G 103 28.68 20.00 34.97
N VAL G 104 28.76 19.53 36.22
CA VAL G 104 30.02 18.96 36.70
C VAL G 104 30.39 17.73 35.89
N GLU G 105 29.39 17.04 35.33
CA GLU G 105 29.65 15.85 34.52
C GLU G 105 30.21 16.23 33.15
N TYR G 106 29.63 17.27 32.52
CA TYR G 106 30.13 17.71 31.23
C TYR G 106 31.52 18.32 31.34
N ASP G 107 31.76 19.06 32.42
CA ASP G 107 33.08 19.65 32.64
C ASP G 107 34.13 18.57 32.82
N ASP G 108 33.81 17.54 33.60
CA ASP G 108 34.74 16.44 33.78
C ASP G 108 34.99 15.69 32.48
N TYR G 109 33.97 15.60 31.62
CA TYR G 109 34.09 14.78 30.40
C TYR G 109 35.08 15.40 29.42
N CYS G 110 34.97 16.71 29.19
CA CYS G 110 35.86 17.39 28.25
C CYS G 110 37.28 17.48 28.78
N ARG G 111 37.43 17.67 30.09
CA ARG G 111 38.77 17.57 30.68
C ARG G 111 39.36 16.19 30.43
N TRP G 112 38.52 15.15 30.47
CA TRP G 112 38.98 13.82 30.12
C TRP G 112 39.36 13.73 28.64
N ALA G 113 38.60 14.41 27.77
CA ALA G 113 38.91 14.37 26.35
C ALA G 113 40.16 15.18 26.03
N ALA G 114 40.29 16.37 26.62
CA ALA G 114 41.46 17.20 26.33
C ALA G 114 42.74 16.52 26.78
N ASN G 115 42.71 15.82 27.91
CA ASN G 115 43.89 15.12 28.39
C ASN G 115 44.29 13.97 27.49
N LYS G 116 43.34 13.41 26.72
CA LYS G 116 43.63 12.31 25.81
C LYS G 116 44.26 12.77 24.50
N LEU G 117 44.25 14.07 24.22
CA LEU G 117 44.87 14.59 23.01
C LEU G 117 46.29 15.07 23.31
N SER G 118 47.06 15.29 22.25
CA SER G 118 48.42 15.78 22.36
C SER G 118 48.66 17.04 21.53
N SER G 119 47.60 17.67 21.02
CA SER G 119 47.70 18.87 20.19
C SER G 119 47.39 20.14 20.96
N ILE G 120 47.43 20.10 22.29
CA ILE G 120 46.98 21.21 23.13
C ILE G 120 48.15 21.68 23.98
N ARG G 121 48.31 23.00 24.04
CA ARG G 121 49.29 23.64 24.93
C ARG G 121 48.52 24.45 25.94
N PHE G 122 48.45 23.95 27.17
CA PHE G 122 47.83 24.70 28.24
C PHE G 122 48.82 25.72 28.81
N GLY G 123 48.30 26.59 29.68
CA GLY G 123 49.14 27.63 30.28
C GLY G 123 49.81 28.52 29.26
N THR G 124 49.09 28.90 28.20
CA THR G 124 49.67 29.58 27.06
C THR G 124 48.69 30.66 26.60
N THR G 125 49.02 31.92 26.89
CA THR G 125 48.16 33.04 26.52
C THR G 125 48.74 33.75 25.30
N VAL G 126 47.92 33.92 24.28
CA VAL G 126 48.33 34.57 23.04
C VAL G 126 48.28 36.08 23.23
N THR G 127 49.38 36.75 22.92
CA THR G 127 49.49 38.19 23.13
C THR G 127 49.39 39.01 21.85
N GLU G 128 49.87 38.49 20.72
CA GLU G 128 49.82 39.25 19.48
C GLU G 128 49.80 38.31 18.29
N VAL G 129 49.11 38.74 17.23
CA VAL G 129 49.00 37.99 15.98
C VAL G 129 49.37 38.91 14.84
N ARG G 130 50.32 38.49 14.01
CA ARG G 130 50.77 39.24 12.84
C ARG G 130 50.66 38.37 11.60
N TYR G 131 50.81 39.01 10.44
CA TYR G 131 50.78 38.34 9.14
C TYR G 131 52.13 38.53 8.46
N GLU G 132 53.04 37.59 8.67
CA GLU G 132 54.32 37.53 7.98
C GLU G 132 54.32 36.32 7.06
N ASP G 133 55.43 36.16 6.33
CA ASP G 133 55.50 35.22 5.20
C ASP G 133 54.23 35.49 4.39
N ASP G 134 53.43 34.47 4.08
CA ASP G 134 51.99 34.60 3.90
C ASP G 134 51.29 33.74 4.95
N LEU G 135 51.87 33.73 6.15
CA LEU G 135 51.43 32.94 7.29
C LEU G 135 50.91 33.85 8.39
N TYR G 136 50.34 33.23 9.41
CA TYR G 136 49.93 33.94 10.61
C TYR G 136 50.89 33.61 11.73
N VAL G 137 51.39 34.65 12.40
CA VAL G 137 52.43 34.53 13.40
C VAL G 137 51.84 34.87 14.75
N VAL G 138 51.76 33.87 15.63
CA VAL G 138 51.16 34.03 16.95
C VAL G 138 52.26 33.99 18.00
N THR G 139 52.18 34.91 18.95
CA THR G 139 53.20 35.10 19.98
C THR G 139 52.59 34.87 21.36
N THR G 140 53.33 34.19 22.22
CA THR G 140 52.90 33.81 23.56
C THR G 140 53.20 34.93 24.55
N SER G 141 52.61 34.79 25.75
CA SER G 141 53.07 35.58 26.90
C SER G 141 54.48 35.15 27.30
N ALA G 142 54.76 33.85 27.26
CA ALA G 142 56.10 33.36 27.57
C ALA G 142 57.11 33.72 26.48
N GLY G 143 56.65 34.11 25.30
CA GLY G 143 57.52 34.48 24.20
C GLY G 143 57.59 33.47 23.07
N ASP G 144 57.06 32.27 23.26
CA ASP G 144 57.09 31.27 22.21
C ASP G 144 56.25 31.73 21.02
N VAL G 145 56.63 31.28 19.83
CA VAL G 145 56.03 31.75 18.58
C VAL G 145 55.66 30.54 17.74
N TYR G 146 54.41 30.51 17.28
CA TYR G 146 53.93 29.48 16.37
C TYR G 146 53.52 30.12 15.05
N ARG G 147 53.62 29.33 13.98
CA ARG G 147 53.28 29.80 12.64
C ARG G 147 52.39 28.77 11.95
N ALA G 148 51.37 29.26 11.24
CA ALA G 148 50.48 28.38 10.51
C ALA G 148 49.79 29.17 9.41
N ARG G 149 49.23 28.45 8.45
CA ARG G 149 48.53 29.08 7.34
C ARG G 149 47.13 29.55 7.72
N HIS G 150 46.50 28.91 8.71
CA HIS G 150 45.14 29.24 9.11
C HIS G 150 45.08 29.48 10.61
N LEU G 151 44.04 30.19 11.03
CA LEU G 151 43.73 30.38 12.44
C LEU G 151 42.27 30.05 12.68
N VAL G 152 41.99 29.45 13.84
CA VAL G 152 40.64 29.18 14.27
C VAL G 152 40.48 29.85 15.64
N LEU G 153 39.66 30.89 15.70
CA LEU G 153 39.51 31.70 16.90
C LEU G 153 38.34 31.16 17.73
N GLY G 154 38.64 30.67 18.92
CA GLY G 154 37.61 30.20 19.83
C GLY G 154 37.81 30.72 21.24
N THR G 155 37.86 32.04 21.37
CA THR G 155 38.13 32.69 22.64
C THR G 155 36.88 32.89 23.49
N GLY G 156 35.72 32.44 23.03
CA GLY G 156 34.53 32.58 23.83
C GLY G 156 34.06 34.03 23.93
N THR G 157 33.22 34.27 24.92
CA THR G 157 32.62 35.60 25.14
C THR G 157 32.80 35.98 26.61
N PRO G 158 33.61 36.98 26.91
CA PRO G 158 33.81 37.40 28.30
C PRO G 158 32.52 37.94 28.91
N PRO G 159 32.45 38.07 30.23
CA PRO G 159 31.25 38.60 30.86
C PRO G 159 30.97 40.04 30.45
N TYR G 160 29.68 40.38 30.38
CA TYR G 160 29.24 41.73 30.06
C TYR G 160 28.76 42.43 31.31
N ILE G 161 29.14 43.69 31.46
CA ILE G 161 28.72 44.50 32.59
C ILE G 161 28.19 45.82 32.05
N PRO G 162 26.96 46.22 32.41
CA PRO G 162 26.38 47.43 31.83
C PRO G 162 27.16 48.68 32.20
N GLU G 163 26.87 49.76 31.48
CA GLU G 163 27.56 51.03 31.71
C GLU G 163 27.26 51.57 33.10
N ALA G 164 26.08 51.30 33.64
CA ALA G 164 25.67 51.83 34.94
C ALA G 164 26.48 51.26 36.09
N CYS G 165 27.24 50.19 35.87
CA CYS G 165 28.01 49.54 36.93
C CYS G 165 29.50 49.51 36.64
N GLN G 166 29.96 50.20 35.60
CA GLN G 166 31.39 50.27 35.33
C GLN G 166 32.07 51.13 36.39
N GLY G 167 33.09 50.56 37.04
CA GLY G 167 33.80 51.26 38.09
C GLY G 167 32.97 51.50 39.34
N LEU G 168 32.24 50.48 39.79
CA LEU G 168 31.40 50.58 40.96
C LEU G 168 32.04 49.82 42.12
N ASP G 169 31.97 50.40 43.31
CA ASP G 169 32.61 49.85 44.49
C ASP G 169 31.81 48.67 45.05
N GLY G 170 32.33 48.08 46.12
CA GLY G 170 31.62 47.02 46.82
C GLY G 170 31.99 45.62 46.34
N ASP G 171 31.21 44.66 46.84
CA ASP G 171 31.46 43.24 46.61
C ASP G 171 30.53 42.64 45.55
N PHE G 172 29.99 43.47 44.66
CA PHE G 172 29.04 42.97 43.67
C PHE G 172 29.73 42.01 42.70
N ILE G 173 28.94 41.09 42.15
CA ILE G 173 29.45 39.98 41.36
C ILE G 173 28.65 39.86 40.07
N HIS G 174 29.32 39.36 39.03
CA HIS G 174 28.65 38.83 37.86
C HIS G 174 28.37 37.35 38.08
N ASN G 175 27.29 36.86 37.45
CA ASN G 175 26.84 35.49 37.71
C ASN G 175 27.93 34.46 37.42
N SER G 176 28.94 34.82 36.63
CA SER G 176 30.00 33.89 36.26
C SER G 176 30.84 33.45 37.46
N ARG G 177 30.67 34.06 38.62
CA ARG G 177 31.44 33.74 39.82
C ARG G 177 30.50 33.60 41.03
N TYR G 178 29.36 32.95 40.84
CA TYR G 178 28.32 32.93 41.87
C TYR G 178 28.65 31.96 43.00
N VAL G 179 29.05 30.73 42.66
CA VAL G 179 29.29 29.71 43.68
C VAL G 179 30.42 30.11 44.61
N GLN G 180 31.41 30.83 44.10
CA GLN G 180 32.52 31.27 44.94
C GLN G 180 32.07 32.26 46.00
N HIS G 181 31.06 33.08 45.70
CA HIS G 181 30.61 34.13 46.59
C HIS G 181 29.27 33.83 47.25
N ARG G 182 28.75 32.62 47.11
CA ARG G 182 27.44 32.31 47.68
C ARG G 182 27.47 32.31 49.20
N SER G 183 28.60 31.92 49.80
CA SER G 183 28.67 31.84 51.25
C SER G 183 28.56 33.22 51.90
N GLU G 184 29.04 34.26 51.22
CA GLU G 184 28.92 35.62 51.75
C GLU G 184 27.62 36.28 51.34
N LEU G 185 27.05 35.89 50.21
CA LEU G 185 25.79 36.47 49.76
C LEU G 185 24.65 36.13 50.73
N VAL G 186 24.65 34.91 51.27
CA VAL G 186 23.56 34.48 52.13
C VAL G 186 23.57 35.17 53.49
N LYS G 187 24.72 35.74 53.89
CA LYS G 187 24.78 36.42 55.18
C LYS G 187 24.14 37.80 55.14
N LYS G 188 23.83 38.30 53.95
CA LYS G 188 23.36 39.66 53.81
C LYS G 188 21.88 39.76 54.15
N GLU G 189 21.41 40.99 54.08
CA GLU G 189 20.08 41.35 54.48
C GLU G 189 19.12 41.36 53.30
N SER G 190 19.65 41.55 52.11
CA SER G 190 18.88 41.84 50.91
C SER G 190 19.78 41.56 49.73
N ILE G 191 19.28 40.79 48.79
CA ILE G 191 20.01 40.45 47.57
C ILE G 191 19.13 40.82 46.38
N THR G 192 19.77 41.36 45.33
CA THR G 192 19.07 41.77 44.12
C THR G 192 19.76 41.17 42.91
N ILE G 193 18.98 40.52 42.05
CA ILE G 193 19.44 39.95 40.79
C ILE G 193 18.93 40.85 39.67
N VAL G 194 19.82 41.23 38.76
CA VAL G 194 19.49 42.10 37.65
C VAL G 194 19.66 41.31 36.36
N GLY G 195 18.68 41.43 35.46
CA GLY G 195 18.69 40.70 34.23
C GLY G 195 18.10 39.31 34.39
N SER G 196 17.64 38.75 33.26
CA SER G 196 17.03 37.43 33.27
C SER G 196 17.77 36.53 32.28
N GLY G 197 17.31 35.29 32.19
CA GLY G 197 18.00 34.22 31.52
C GLY G 197 18.16 33.03 32.44
N GLN G 198 18.73 31.97 31.89
CA GLN G 198 18.83 30.72 32.63
C GLN G 198 19.58 30.91 33.94
N SER G 199 20.77 31.54 33.89
CA SER G 199 21.60 31.67 35.09
C SER G 199 20.94 32.54 36.14
N ALA G 200 20.27 33.60 35.70
CA ALA G 200 19.54 34.46 36.64
C ALA G 200 18.49 33.66 37.41
N ALA G 201 17.71 32.85 36.69
CA ALA G 201 16.67 32.06 37.35
C ALA G 201 17.28 30.94 38.19
N GLU G 202 18.36 30.33 37.71
CA GLU G 202 19.03 29.31 38.50
C GLU G 202 19.50 29.86 39.83
N ILE G 203 20.05 31.08 39.82
CA ILE G 203 20.49 31.70 41.07
C ILE G 203 19.31 32.08 41.93
N TYR G 204 18.27 32.65 41.33
CA TYR G 204 17.08 33.05 42.08
C TYR G 204 16.43 31.86 42.75
N GLN G 205 16.35 30.73 42.04
CA GLN G 205 15.78 29.53 42.64
C GLN G 205 16.65 28.97 43.75
N ASP G 206 17.97 29.11 43.63
CA ASP G 206 18.86 28.66 44.69
C ASP G 206 18.68 29.51 45.94
N LEU G 207 18.61 30.83 45.78
CA LEU G 207 18.45 31.72 46.93
C LEU G 207 17.06 31.58 47.54
N LEU G 208 16.03 31.49 46.70
CA LEU G 208 14.66 31.40 47.21
C LEU G 208 14.45 30.12 48.03
N GLY G 209 15.14 29.05 47.67
CA GLY G 209 14.99 27.80 48.40
C GLY G 209 15.49 27.84 49.83
N GLU G 210 16.23 28.87 50.20
CA GLU G 210 16.74 29.03 51.56
C GLU G 210 16.42 30.42 52.10
N ILE G 211 15.34 31.03 51.61
CA ILE G 211 15.01 32.39 52.04
C ILE G 211 14.53 32.41 53.48
N ASP G 212 13.93 31.31 53.95
CA ASP G 212 13.46 31.23 55.32
C ASP G 212 14.50 30.67 56.27
N VAL G 213 15.70 30.39 55.78
CA VAL G 213 16.81 29.96 56.63
C VAL G 213 17.71 31.14 57.00
N HIS G 214 18.04 31.99 56.03
CA HIS G 214 18.91 33.15 56.27
C HIS G 214 18.13 34.43 56.51
N GLY G 215 16.94 34.56 55.92
CA GLY G 215 16.10 35.71 56.21
C GLY G 215 16.40 36.97 55.44
N TYR G 216 17.01 36.86 54.26
CA TYR G 216 17.26 38.04 53.45
C TYR G 216 16.03 38.37 52.61
N ARG G 217 16.07 39.55 51.98
CA ARG G 217 15.10 39.92 50.97
C ARG G 217 15.69 39.62 49.59
N LEU G 218 14.85 39.09 48.72
CA LEU G 218 15.28 38.63 47.39
C LEU G 218 14.57 39.47 46.33
N ASN G 219 15.34 40.16 45.51
CA ASN G 219 14.79 40.96 44.42
C ASN G 219 15.34 40.45 43.09
N TRP G 220 14.44 40.30 42.13
CA TRP G 220 14.79 39.87 40.78
C TRP G 220 14.19 40.86 39.81
N VAL G 221 15.03 41.57 39.06
CA VAL G 221 14.62 42.69 38.24
C VAL G 221 15.24 42.53 36.85
N THR G 222 14.39 42.47 35.82
CA THR G 222 14.82 42.34 34.45
C THR G 222 14.11 43.35 33.57
N ARG G 223 14.79 43.80 32.51
CA ARG G 223 14.20 44.77 31.60
C ARG G 223 13.35 44.12 30.50
N SER G 224 13.37 42.80 30.39
CA SER G 224 12.55 42.13 29.40
C SER G 224 11.10 42.08 29.87
N PRO G 225 10.13 42.24 28.96
CA PRO G 225 8.73 42.34 29.39
C PRO G 225 8.21 41.06 30.02
N ARG G 226 8.74 39.91 29.64
CA ARG G 226 8.31 38.63 30.20
C ARG G 226 9.51 37.91 30.80
N PHE G 227 9.20 36.85 31.54
CA PHE G 227 10.20 35.83 31.88
C PHE G 227 10.12 34.80 30.76
N PHE G 228 10.92 35.02 29.72
CA PHE G 228 10.78 34.25 28.49
C PHE G 228 11.23 32.81 28.69
N PRO G 229 10.46 31.84 28.20
CA PRO G 229 10.94 30.46 28.18
C PRO G 229 11.91 30.24 27.04
N LEU G 230 12.86 29.33 27.26
CA LEU G 230 13.72 28.88 26.18
C LEU G 230 12.85 28.23 25.10
N GLU G 231 12.80 28.86 23.92
CA GLU G 231 11.93 28.35 22.86
C GLU G 231 12.47 27.01 22.35
N TYR G 232 12.03 25.91 22.96
CA TYR G 232 12.52 24.58 22.64
C TYR G 232 11.41 23.67 22.12
N THR G 233 10.43 24.22 21.43
CA THR G 233 9.46 23.39 20.72
C THR G 233 10.07 22.87 19.43
N LYS G 234 9.75 21.63 19.08
CA LYS G 234 10.52 20.91 18.07
C LYS G 234 10.47 21.58 16.70
N LEU G 235 9.37 22.24 16.37
CA LEU G 235 9.31 22.94 15.09
C LEU G 235 10.25 24.14 15.07
N THR G 236 10.35 24.86 16.20
CA THR G 236 11.30 25.97 16.29
C THR G 236 12.73 25.46 16.35
N LEU G 237 12.96 24.29 16.95
CA LEU G 237 14.31 23.73 17.01
C LEU G 237 14.84 23.41 15.63
N GLU G 238 13.97 23.29 14.62
CA GLU G 238 14.42 23.13 13.25
C GLU G 238 15.06 24.39 12.69
N MET G 239 14.91 25.53 13.37
CA MET G 239 15.64 26.73 12.94
C MET G 239 17.11 26.63 13.29
N THR G 240 17.49 25.70 14.16
CA THR G 240 18.90 25.38 14.40
C THR G 240 19.32 24.26 13.43
N SER G 241 19.43 24.65 12.17
CA SER G 241 19.64 23.74 11.06
C SER G 241 20.63 24.35 10.09
N PRO G 242 21.21 23.54 9.19
CA PRO G 242 22.04 24.13 8.13
C PRO G 242 21.25 24.99 7.16
N GLU G 243 20.04 24.54 6.79
CA GLU G 243 19.27 25.24 5.78
C GLU G 243 18.74 26.58 6.27
N TYR G 244 18.53 26.72 7.59
CA TYR G 244 18.19 28.04 8.11
C TYR G 244 19.39 28.96 8.12
N ILE G 245 20.58 28.42 8.42
CA ILE G 245 21.80 29.22 8.34
C ILE G 245 21.99 29.75 6.93
N ASP G 246 21.78 28.89 5.94
CA ASP G 246 21.78 29.36 4.55
C ASP G 246 20.78 30.49 4.37
N TYR G 247 19.51 30.22 4.65
CA TYR G 247 18.47 31.22 4.48
C TYR G 247 18.77 32.49 5.27
N TYR G 248 19.27 32.36 6.50
CA TYR G 248 19.52 33.53 7.34
C TYR G 248 20.70 34.35 6.83
N ARG G 249 21.77 33.68 6.38
CA ARG G 249 23.00 34.40 6.02
C ARG G 249 22.79 35.32 4.82
N GLU G 250 21.96 34.89 3.85
CA GLU G 250 21.78 35.65 2.62
C GLU G 250 20.63 36.65 2.70
N LEU G 251 20.21 37.01 3.90
CA LEU G 251 19.24 38.07 4.09
C LEU G 251 19.95 39.40 4.28
N PRO G 252 19.26 40.52 4.07
CA PRO G 252 19.87 41.84 4.32
C PRO G 252 20.42 41.93 5.74
N GLU G 253 21.58 42.60 5.86
CA GLU G 253 22.24 42.72 7.17
C GLU G 253 21.41 43.53 8.15
N ALA G 254 20.61 44.48 7.66
CA ALA G 254 19.72 45.21 8.54
C ALA G 254 18.64 44.29 9.09
N THR G 255 18.15 43.35 8.27
CA THR G 255 17.18 42.37 8.74
C THR G 255 17.80 41.42 9.77
N ARG G 256 19.06 41.04 9.57
CA ARG G 256 19.72 40.12 10.49
C ARG G 256 19.94 40.76 11.85
N TYR G 257 20.42 42.00 11.87
CA TYR G 257 20.58 42.71 13.14
C TYR G 257 19.22 42.98 13.79
N ARG G 258 18.17 43.18 12.97
CA ARG G 258 16.83 43.25 13.53
C ARG G 258 16.47 41.94 14.24
N LEU G 259 16.68 40.79 13.59
CA LEU G 259 16.30 39.52 14.22
C LEU G 259 17.20 39.18 15.41
N THR G 260 18.46 39.59 15.36
CA THR G 260 19.38 39.33 16.47
C THR G 260 18.94 40.10 17.72
N ALA G 261 18.61 41.38 17.57
CA ALA G 261 18.15 42.16 18.71
C ALA G 261 16.77 41.71 19.17
N GLU G 262 15.91 41.31 18.24
CA GLU G 262 14.56 40.88 18.59
C GLU G 262 14.56 39.54 19.32
N GLN G 263 15.58 38.72 19.09
CA GLN G 263 15.57 37.34 19.57
C GLN G 263 15.45 37.28 21.10
N LYS G 264 14.55 36.43 21.58
CA LYS G 264 14.23 36.33 23.00
C LYS G 264 14.78 35.06 23.64
N GLY G 265 14.37 33.88 23.16
CA GLY G 265 14.80 32.62 23.76
C GLY G 265 16.30 32.50 23.94
N LEU G 266 17.08 33.11 23.05
CA LEU G 266 18.53 32.95 22.93
C LEU G 266 19.26 33.07 24.25
N PHE G 267 19.48 34.30 24.69
CA PHE G 267 20.05 34.56 26.01
C PHE G 267 19.03 35.04 27.03
N LYS G 268 17.89 35.60 26.60
CA LYS G 268 16.88 36.04 27.54
C LYS G 268 16.03 34.90 28.08
N GLY G 269 16.28 33.66 27.66
CA GLY G 269 15.34 32.59 27.89
C GLY G 269 15.69 31.76 29.11
N ILE G 270 14.64 31.33 29.81
CA ILE G 270 14.75 30.42 30.95
C ILE G 270 14.13 29.10 30.55
N ASP G 271 14.69 28.00 31.07
CA ASP G 271 14.05 26.70 30.95
C ASP G 271 12.63 26.77 31.51
N GLY G 272 11.65 26.41 30.69
CA GLY G 272 10.26 26.49 31.12
C GLY G 272 9.98 25.69 32.37
N ASP G 273 10.62 24.52 32.50
CA ASP G 273 10.45 23.73 33.71
C ASP G 273 10.98 24.47 34.92
N LEU G 274 12.06 25.23 34.76
CA LEU G 274 12.61 26.01 35.86
C LEU G 274 11.68 27.16 36.24
N ILE G 275 11.02 27.77 35.26
CA ILE G 275 10.04 28.81 35.56
C ILE G 275 8.92 28.25 36.43
N ASN G 276 8.43 27.06 36.09
CA ASN G 276 7.33 26.47 36.84
C ASN G 276 7.76 26.01 38.22
N GLU G 277 9.01 25.57 38.37
CA GLU G 277 9.49 25.22 39.70
C GLU G 277 9.63 26.46 40.58
N ILE G 278 9.95 27.60 39.98
CA ILE G 278 10.04 28.85 40.75
C ILE G 278 8.66 29.24 41.25
N PHE G 279 7.65 29.19 40.37
CA PHE G 279 6.29 29.48 40.80
C PHE G 279 5.84 28.52 41.89
N ASP G 280 6.04 27.23 41.67
CA ASP G 280 5.68 26.24 42.68
C ASP G 280 6.38 26.54 44.00
N LEU G 281 7.66 26.93 43.93
CA LEU G 281 8.40 27.24 45.15
C LEU G 281 7.83 28.46 45.85
N LEU G 282 7.52 29.52 45.09
CA LEU G 282 6.87 30.68 45.67
C LEU G 282 5.56 30.29 46.32
N TYR G 283 4.76 29.46 45.65
CA TYR G 283 3.51 28.98 46.22
C TYR G 283 3.75 28.24 47.53
N GLN G 284 4.81 27.42 47.58
CA GLN G 284 5.09 26.66 48.80
C GLN G 284 5.49 27.59 49.94
N LYS G 285 6.44 28.49 49.70
CA LYS G 285 6.90 29.38 50.74
C LYS G 285 5.79 30.30 51.23
N ASN G 286 4.88 30.69 50.33
CA ASN G 286 3.81 31.61 50.69
C ASN G 286 2.80 31.00 51.66
N LEU G 287 2.81 29.68 51.84
CA LEU G 287 1.89 29.07 52.80
C LEU G 287 2.22 29.46 54.23
N ALA G 288 3.49 29.67 54.54
CA ALA G 288 3.92 30.01 55.89
C ALA G 288 3.87 31.51 56.18
N GLY G 289 3.36 32.31 55.25
CA GLY G 289 3.33 33.75 55.42
C GLY G 289 3.90 34.45 54.21
N PRO G 290 3.71 35.76 54.13
CA PRO G 290 4.20 36.51 52.96
C PRO G 290 5.71 36.42 52.84
N VAL G 291 6.18 36.18 51.62
CA VAL G 291 7.61 35.98 51.36
C VAL G 291 8.22 37.31 50.97
N PRO G 292 9.35 37.70 51.58
CA PRO G 292 9.98 38.98 51.20
C PRO G 292 10.69 38.89 49.86
N THR G 293 9.94 38.91 48.77
CA THR G 293 10.52 38.77 47.44
C THR G 293 9.88 39.81 46.51
N ARG G 294 10.54 40.04 45.39
CA ARG G 294 10.07 41.02 44.41
C ARG G 294 10.54 40.61 43.03
N LEU G 295 9.59 40.46 42.10
CA LEU G 295 9.88 40.09 40.72
C LEU G 295 9.37 41.22 39.83
N LEU G 296 10.27 41.94 39.19
CA LEU G 296 9.92 43.11 38.40
C LEU G 296 10.37 42.92 36.95
N THR G 297 9.49 43.28 36.02
CA THR G 297 9.77 43.21 34.60
C THR G 297 9.75 44.62 34.00
N ASN G 298 10.12 44.70 32.72
CA ASN G 298 10.11 45.96 31.97
C ASN G 298 10.95 47.04 32.65
N SER G 299 12.01 46.66 33.34
CA SER G 299 12.72 47.57 34.23
C SER G 299 14.16 47.76 33.78
N SER G 300 14.50 48.99 33.42
CA SER G 300 15.87 49.35 33.07
C SER G 300 16.69 49.62 34.31
N LEU G 301 17.96 49.21 34.29
CA LEU G 301 18.92 49.61 35.32
C LEU G 301 19.77 50.74 34.73
N ASN G 302 19.67 51.92 35.33
CA ASN G 302 20.31 53.11 34.77
C ASN G 302 21.41 53.69 35.64
N SER G 303 21.37 53.49 36.96
CA SER G 303 22.39 54.03 37.85
C SER G 303 22.56 53.14 39.06
N ALA G 304 23.78 53.10 39.59
CA ALA G 304 24.08 52.29 40.76
C ALA G 304 25.21 52.93 41.56
N ARG G 305 25.03 53.02 42.88
CA ARG G 305 26.04 53.57 43.77
C ARG G 305 26.22 52.63 44.96
N HIS G 306 27.38 52.78 45.64
CA HIS G 306 27.69 52.01 46.82
C HIS G 306 28.05 52.95 47.97
N GLU G 307 27.87 52.46 49.20
CA GLU G 307 28.11 53.30 50.37
C GLU G 307 28.37 52.47 51.62
N ASN G 308 27.35 52.32 52.46
CA ASN G 308 27.48 51.63 53.75
C ASN G 308 27.39 50.13 53.57
N GLY G 309 28.15 49.57 52.63
CA GLY G 309 27.96 48.19 52.27
C GLY G 309 26.64 47.90 51.60
N THR G 310 25.92 48.92 51.15
CA THR G 310 24.60 48.80 50.55
C THR G 310 24.60 49.52 49.21
N TYR G 311 23.94 48.92 48.22
CA TYR G 311 23.82 49.49 46.89
C TYR G 311 22.48 50.21 46.75
N THR G 312 22.49 51.32 46.01
CA THR G 312 21.27 52.03 45.64
C THR G 312 21.15 52.00 44.12
N LEU G 313 20.16 51.25 43.63
CA LEU G 313 20.00 51.02 42.20
C LEU G 313 18.81 51.82 41.69
N ALA G 314 19.05 52.62 40.65
CA ALA G 314 18.02 53.46 40.05
C ALA G 314 17.48 52.74 38.81
N PHE G 315 16.22 52.31 38.89
CA PHE G 315 15.55 51.64 37.79
C PHE G 315 14.50 52.56 37.17
N ARG G 316 14.11 52.23 35.94
CA ARG G 316 12.94 52.85 35.32
C ARG G 316 12.13 51.77 34.62
N GLN G 317 10.88 51.60 35.03
CA GLN G 317 9.91 50.82 34.27
C GLN G 317 9.62 51.57 32.98
N GLU G 318 10.22 51.12 31.87
CA GLU G 318 10.19 51.88 30.64
C GLU G 318 8.83 51.84 29.95
N GLU G 319 8.07 50.77 30.12
CA GLU G 319 6.76 50.68 29.48
C GLU G 319 5.75 51.58 30.18
N GLN G 320 5.73 51.55 31.52
CA GLN G 320 4.86 52.43 32.28
C GLN G 320 5.38 53.87 32.29
N GLY G 321 6.69 54.05 32.21
CA GLY G 321 7.28 55.37 32.17
C GLY G 321 7.41 56.02 33.53
N LYS G 322 8.08 55.34 34.46
CA LYS G 322 8.26 55.88 35.81
C LYS G 322 9.48 55.22 36.43
N ASP G 323 10.22 55.99 37.23
CA ASP G 323 11.44 55.53 37.88
C ASP G 323 11.16 55.06 39.31
N PHE G 324 12.06 54.24 39.83
CA PHE G 324 11.98 53.76 41.20
C PHE G 324 13.36 53.30 41.65
N GLU G 325 13.54 53.20 42.96
CA GLU G 325 14.82 52.87 43.56
C GLU G 325 14.70 51.60 44.40
N ILE G 326 15.83 50.92 44.55
CA ILE G 326 15.94 49.71 45.36
C ILE G 326 17.27 49.73 46.09
N GLU G 327 17.24 49.53 47.41
CA GLU G 327 18.45 49.43 48.21
C GLU G 327 18.72 47.99 48.59
N SER G 328 19.95 47.53 48.37
CA SER G 328 20.29 46.13 48.62
C SER G 328 21.78 45.99 48.89
N GLN G 329 22.11 45.19 49.90
CA GLN G 329 23.52 44.91 50.17
C GLN G 329 24.10 43.98 49.11
N GLY G 330 23.30 43.02 48.64
CA GLY G 330 23.75 42.05 47.67
C GLY G 330 23.40 42.48 46.26
N LEU G 331 24.35 42.28 45.35
CA LEU G 331 24.18 42.69 43.96
C LEU G 331 24.74 41.57 43.08
N VAL G 332 23.86 40.96 42.29
CA VAL G 332 24.24 39.88 41.38
C VAL G 332 23.76 40.28 39.99
N LEU G 333 24.70 40.49 39.07
CA LEU G 333 24.38 40.87 37.70
C LEU G 333 24.47 39.64 36.82
N ALA G 334 23.32 39.07 36.49
CA ALA G 334 23.25 38.01 35.48
C ALA G 334 22.93 38.61 34.12
N THR G 335 23.81 39.53 33.69
CA THR G 335 23.59 40.32 32.49
C THR G 335 24.21 39.69 31.25
N GLY G 336 24.58 38.41 31.31
CA GLY G 336 25.02 37.72 30.11
C GLY G 336 26.48 37.97 29.77
N TYR G 337 26.79 37.77 28.49
CA TYR G 337 28.15 37.86 28.00
C TYR G 337 28.15 38.61 26.67
N LYS G 338 29.33 39.12 26.30
CA LYS G 338 29.49 39.89 25.08
C LYS G 338 30.85 39.58 24.45
N TYR G 339 30.90 39.60 23.13
CA TYR G 339 32.14 39.41 22.40
C TYR G 339 32.80 40.76 22.15
N ALA G 340 34.04 40.90 22.59
CA ALA G 340 34.86 42.06 22.28
C ALA G 340 36.07 41.59 21.51
N GLU G 341 36.39 42.28 20.41
CA GLU G 341 37.52 41.90 19.59
C GLU G 341 38.79 41.88 20.42
N PRO G 342 39.54 40.78 20.43
CA PRO G 342 40.63 40.64 21.40
C PRO G 342 41.82 41.53 21.10
N GLU G 343 42.64 41.71 22.14
CA GLU G 343 43.83 42.56 22.06
C GLU G 343 44.74 42.16 20.90
N PHE G 344 44.88 40.85 20.65
CA PHE G 344 46.00 40.35 19.86
C PHE G 344 45.77 40.42 18.36
N LEU G 345 44.58 40.78 17.92
CA LEU G 345 44.28 40.87 16.49
C LEU G 345 44.60 42.23 15.90
N ALA G 346 45.15 43.14 16.70
CA ALA G 346 45.47 44.48 16.20
C ALA G 346 46.48 44.47 15.05
N PRO G 347 47.63 43.78 15.14
CA PRO G 347 48.61 43.87 14.05
C PRO G 347 48.13 43.31 12.72
N VAL G 348 46.98 42.64 12.69
CA VAL G 348 46.49 42.07 11.44
C VAL G 348 44.98 42.24 11.36
N LYS G 349 44.51 43.44 11.74
CA LYS G 349 43.16 43.87 11.38
C LYS G 349 43.05 44.27 9.93
N ASP G 350 44.19 44.58 9.32
CA ASP G 350 44.38 44.79 7.88
C ASP G 350 43.55 43.85 7.03
N ARG G 351 43.49 42.59 7.46
CA ARG G 351 42.95 41.50 6.65
C ARG G 351 41.59 41.00 7.13
N LEU G 352 41.05 41.55 8.22
CA LEU G 352 39.75 41.12 8.73
C LEU G 352 38.64 41.94 8.11
N VAL G 353 37.51 41.30 7.84
CA VAL G 353 36.37 41.93 7.18
C VAL G 353 35.35 42.34 8.23
N TYR G 354 34.83 43.56 8.11
CA TYR G 354 33.84 44.10 9.03
C TYR G 354 32.59 44.49 8.26
N ASP G 355 31.49 44.65 8.99
CA ASP G 355 30.19 44.93 8.38
C ASP G 355 29.76 46.37 8.67
N SER G 356 28.45 46.62 8.55
CA SER G 356 27.94 47.99 8.67
C SER G 356 28.17 48.58 10.05
N GLN G 357 28.11 47.77 11.11
CA GLN G 357 28.19 48.26 12.47
C GLN G 357 29.51 47.90 13.15
N GLY G 358 30.53 47.54 12.37
CA GLY G 358 31.87 47.37 12.89
C GLY G 358 32.18 46.02 13.50
N ASN G 359 31.37 45.01 13.24
CA ASN G 359 31.60 43.66 13.73
C ASN G 359 32.06 42.75 12.60
N PHE G 360 32.59 41.60 12.97
CA PHE G 360 33.12 40.65 11.99
C PHE G 360 32.04 40.21 11.02
N ASP G 361 32.30 40.36 9.71
CA ASP G 361 31.38 39.91 8.67
C ASP G 361 31.66 38.43 8.40
N VAL G 362 31.20 37.59 9.31
CA VAL G 362 31.44 36.16 9.22
C VAL G 362 30.80 35.61 7.96
N SER G 363 31.58 34.86 7.18
CA SER G 363 31.07 34.26 5.96
C SER G 363 30.28 32.99 6.28
N ARG G 364 29.64 32.45 5.23
CA ARG G 364 28.93 31.18 5.39
C ARG G 364 29.87 30.05 5.77
N ALA G 365 31.14 30.14 5.38
CA ALA G 365 32.16 29.18 5.77
C ALA G 365 32.85 29.56 7.07
N TYR G 366 32.26 30.49 7.84
CA TYR G 366 32.75 30.87 9.17
C TYR G 366 34.13 31.52 9.13
N ALA G 367 34.46 32.22 8.06
CA ALA G 367 35.71 32.95 7.95
C ALA G 367 35.46 34.45 8.13
N ILE G 368 36.52 35.15 8.54
CA ILE G 368 36.39 36.58 8.85
C ILE G 368 37.48 37.42 8.19
N ASP G 369 38.28 36.81 7.31
CA ASP G 369 39.31 37.57 6.61
C ASP G 369 39.02 37.62 5.11
N VAL G 370 39.86 38.38 4.41
CA VAL G 370 39.68 38.62 2.98
C VAL G 370 39.97 37.37 2.15
N THR G 371 40.70 36.40 2.68
CA THR G 371 40.92 35.16 1.94
C THR G 371 39.60 34.40 1.76
N GLY G 372 38.66 34.57 2.68
CA GLY G 372 37.47 33.76 2.71
C GLY G 372 37.67 32.37 3.27
N ARG G 373 38.90 32.02 3.66
CA ARG G 373 39.23 30.69 4.16
C ARG G 373 40.55 30.71 4.92
N GLY G 374 40.85 31.83 5.57
CA GLY G 374 42.12 32.00 6.26
C GLY G 374 42.04 31.92 7.76
N VAL G 375 41.20 32.75 8.38
CA VAL G 375 41.01 32.74 9.83
C VAL G 375 39.53 32.50 10.11
N PHE G 376 39.24 31.46 10.89
CA PHE G 376 37.87 31.09 11.22
C PHE G 376 37.52 31.53 12.64
N LEU G 377 36.24 31.78 12.87
CA LEU G 377 35.76 32.31 14.14
C LEU G 377 34.67 31.40 14.69
N GLN G 378 34.94 30.81 15.86
CA GLN G 378 33.92 30.06 16.58
C GLN G 378 33.17 31.01 17.50
N ASN G 379 31.85 30.82 17.59
CA ASN G 379 30.99 31.68 18.39
C ASN G 379 30.96 33.09 17.83
N ALA G 380 30.28 34.00 18.54
CA ALA G 380 30.35 35.44 18.27
C ALA G 380 29.89 35.78 16.85
N GLY G 381 29.04 34.95 16.26
CA GLY G 381 28.57 35.19 14.92
C GLY G 381 27.07 35.03 14.75
N VAL G 382 26.29 35.56 15.71
CA VAL G 382 24.84 35.37 15.68
C VAL G 382 24.21 36.24 14.60
N HIS G 383 24.75 37.44 14.37
CA HIS G 383 24.27 38.33 13.32
C HIS G 383 24.55 37.73 11.94
N THR G 384 25.24 36.59 11.92
CA THR G 384 25.56 35.87 10.70
C THR G 384 24.99 34.46 10.64
N HIS G 385 24.83 33.78 11.79
CA HIS G 385 24.32 32.42 11.83
C HIS G 385 23.21 32.20 12.84
N SER G 386 22.85 33.22 13.61
CA SER G 386 21.66 33.24 14.49
C SER G 386 21.84 32.19 15.59
N ILE G 387 20.79 31.42 15.90
CA ILE G 387 20.75 30.54 17.07
C ILE G 387 21.94 29.61 17.14
N THR G 388 22.52 29.25 15.98
CA THR G 388 23.51 28.18 15.92
C THR G 388 24.89 28.60 16.41
N SER G 389 25.17 29.90 16.49
CA SER G 389 26.54 30.36 16.74
C SER G 389 27.05 30.02 18.14
N PRO G 390 26.26 30.17 19.22
CA PRO G 390 26.74 29.75 20.54
C PRO G 390 26.20 28.40 21.01
N ASP G 391 25.57 27.62 20.14
CA ASP G 391 24.92 26.38 20.54
C ASP G 391 25.89 25.21 20.39
N LEU G 392 26.09 24.46 21.48
CA LEU G 392 26.92 23.26 21.40
C LEU G 392 26.35 22.22 20.45
N GLY G 393 25.04 22.29 20.17
CA GLY G 393 24.42 21.36 19.24
C GLY G 393 24.81 21.56 17.79
N MET G 394 25.45 22.69 17.47
CA MET G 394 25.98 22.92 16.14
C MET G 394 27.49 23.12 16.16
N GLY G 395 28.16 22.81 17.28
CA GLY G 395 29.60 22.91 17.31
C GLY G 395 30.27 21.90 16.39
N ALA G 396 29.77 20.67 16.38
CA ALA G 396 30.32 19.67 15.47
C ALA G 396 30.03 20.02 14.01
N TYR G 397 28.89 20.64 13.73
CA TYR G 397 28.58 21.03 12.35
C TYR G 397 29.53 22.11 11.87
N ARG G 398 29.72 23.16 12.67
CA ARG G 398 30.62 24.24 12.28
C ARG G 398 32.06 23.75 12.20
N ASN G 399 32.48 22.87 13.11
CA ASN G 399 33.82 22.31 13.04
C ASN G 399 34.01 21.51 11.76
N SER G 400 33.00 20.74 11.36
CA SER G 400 33.10 19.99 10.11
C SER G 400 33.09 20.91 8.90
N CYS G 401 32.41 22.05 9.00
CA CYS G 401 32.52 23.07 7.96
C CYS G 401 33.93 23.62 7.90
N ILE G 402 34.57 23.83 9.06
CA ILE G 402 35.94 24.32 9.08
C ILE G 402 36.90 23.26 8.58
N ILE G 403 36.71 22.00 9.03
CA ILE G 403 37.56 20.92 8.53
C ILE G 403 37.42 20.77 7.02
N ARG G 404 36.20 20.98 6.50
CA ARG G 404 35.98 20.83 5.07
C ARG G 404 36.83 21.80 4.25
N GLU G 405 36.89 23.07 4.67
CA GLU G 405 37.67 24.05 3.92
C GLU G 405 39.17 23.88 4.14
N LEU G 406 39.58 23.41 5.32
CA LEU G 406 41.00 23.14 5.54
C LEU G 406 41.46 21.94 4.72
N LEU G 407 40.66 20.88 4.70
CA LEU G 407 41.03 19.65 4.02
C LEU G 407 40.64 19.62 2.55
N GLY G 408 39.78 20.53 2.11
CA GLY G 408 39.33 20.58 0.74
C GLY G 408 38.14 19.70 0.41
N THR G 409 37.73 18.84 1.33
CA THR G 409 36.56 17.98 1.13
C THR G 409 35.93 17.69 2.47
N GLU G 410 34.71 17.15 2.43
CA GLU G 410 34.02 16.75 3.65
C GLU G 410 34.65 15.47 4.18
N TYR G 411 35.43 15.59 5.27
CA TYR G 411 35.83 14.40 6.01
C TYR G 411 34.62 13.81 6.74
N TYR G 412 34.08 14.56 7.67
CA TYR G 412 32.82 14.16 8.28
C TYR G 412 31.66 14.71 7.45
N PRO G 413 30.66 13.89 7.12
CA PRO G 413 29.54 14.37 6.31
C PRO G 413 28.87 15.59 6.94
N VAL G 414 28.50 16.53 6.09
CA VAL G 414 27.86 17.78 6.50
C VAL G 414 26.49 17.82 5.86
N GLU G 415 25.44 17.80 6.68
CA GLU G 415 24.08 17.74 6.17
C GLU G 415 23.69 19.06 5.52
N LYS G 416 23.03 18.96 4.36
CA LYS G 416 22.51 20.15 3.69
C LYS G 416 21.10 20.49 4.15
N THR G 417 20.28 19.48 4.44
CA THR G 417 18.94 19.68 4.98
C THR G 417 18.70 18.69 6.11
N ILE G 418 18.15 19.19 7.21
CA ILE G 418 17.74 18.32 8.31
C ILE G 418 16.26 18.47 8.67
N ALA G 419 15.62 19.57 8.28
CA ALA G 419 14.28 19.90 8.76
C ALA G 419 13.22 19.36 7.79
N PHE G 420 11.98 19.39 8.27
CA PHE G 420 10.82 19.07 7.45
C PHE G 420 10.22 20.30 6.79
N GLN G 421 10.42 21.47 7.36
CA GLN G 421 9.87 22.72 6.84
C GLN G 421 10.88 23.42 5.95
N GLU G 422 10.38 24.33 5.12
CA GLU G 422 11.20 25.13 4.23
C GLU G 422 11.21 26.57 4.73
N PHE G 423 12.41 27.14 4.84
CA PHE G 423 12.56 28.52 5.28
C PHE G 423 12.66 29.50 4.13
N SER G 424 13.25 29.11 3.01
CA SER G 424 13.31 29.93 1.80
C SER G 424 12.40 29.34 0.74
N VAL G 425 11.79 30.22 -0.05
CA VAL G 425 10.92 29.78 -1.15
C VAL G 425 11.53 30.21 -2.49
N THR H 10 -29.94 14.95 77.25
CA THR H 10 -29.95 14.88 75.79
C THR H 10 -29.38 13.54 75.29
N VAL H 11 -29.98 13.01 74.23
CA VAL H 11 -29.50 11.81 73.57
C VAL H 11 -29.33 12.11 72.09
N HIS H 12 -28.11 11.94 71.58
CA HIS H 12 -27.80 12.25 70.20
C HIS H 12 -28.11 11.06 69.30
N ASP H 13 -28.09 11.30 67.99
CA ASP H 13 -28.24 10.21 67.04
C ASP H 13 -27.01 9.33 67.02
N PHE H 14 -25.83 9.95 66.94
CA PHE H 14 -24.57 9.23 66.90
C PHE H 14 -23.48 10.08 67.54
N VAL H 15 -22.48 9.41 68.09
CA VAL H 15 -21.28 10.08 68.60
C VAL H 15 -20.10 9.55 67.80
N GLY H 16 -19.36 10.46 67.15
CA GLY H 16 -18.15 10.10 66.47
C GLY H 16 -16.93 10.23 67.36
N ILE H 17 -16.22 9.13 67.58
CA ILE H 17 -15.05 9.11 68.44
C ILE H 17 -13.82 9.25 67.57
N GLY H 18 -12.98 10.26 67.87
CA GLY H 18 -11.85 10.59 67.03
C GLY H 18 -12.22 11.52 65.91
N LEU H 19 -11.35 12.50 65.62
CA LEU H 19 -11.60 13.48 64.55
C LEU H 19 -10.38 13.53 63.63
N GLY H 20 -10.23 12.52 62.79
CA GLY H 20 -9.27 12.56 61.71
C GLY H 20 -9.96 12.96 60.43
N PRO H 21 -9.29 12.79 59.29
CA PRO H 21 -9.90 13.19 58.01
C PRO H 21 -11.21 12.47 57.72
N PHE H 22 -11.39 11.25 58.23
CA PHE H 22 -12.59 10.50 57.91
C PHE H 22 -13.78 10.97 58.74
N ASN H 23 -13.61 11.04 60.06
CA ASN H 23 -14.71 11.51 60.91
C ASN H 23 -14.96 13.00 60.72
N LEU H 24 -13.91 13.78 60.47
CA LEU H 24 -14.11 15.19 60.15
C LEU H 24 -14.90 15.34 58.87
N GLY H 25 -14.66 14.47 57.88
CA GLY H 25 -15.46 14.48 56.68
C GLY H 25 -16.92 14.16 56.98
N LEU H 26 -17.14 13.22 57.90
CA LEU H 26 -18.51 12.90 58.30
C LEU H 26 -19.18 14.10 58.96
N ALA H 27 -18.43 14.85 59.78
CA ALA H 27 -18.98 16.06 60.37
C ALA H 27 -19.28 17.10 59.31
N CYS H 28 -18.47 17.17 58.26
CA CYS H 28 -18.71 18.14 57.20
C CYS H 28 -19.93 17.77 56.37
N LEU H 29 -20.22 16.47 56.24
CA LEU H 29 -21.35 16.05 55.42
C LEU H 29 -22.66 16.06 56.18
N THR H 30 -22.62 15.96 57.52
CA THR H 30 -23.84 15.89 58.31
C THR H 30 -24.31 17.26 58.79
N GLU H 31 -23.43 18.26 58.80
CA GLU H 31 -23.83 19.61 59.24
C GLU H 31 -25.05 20.16 58.52
N PRO H 32 -25.20 20.06 57.19
CA PRO H 32 -26.42 20.55 56.55
C PRO H 32 -27.62 19.65 56.71
N ILE H 33 -27.51 18.53 57.43
CA ILE H 33 -28.61 17.60 57.64
C ILE H 33 -29.19 17.88 59.01
N ASP H 34 -30.30 18.64 59.05
CA ASP H 34 -30.92 18.95 60.32
C ASP H 34 -31.52 17.70 60.97
N GLU H 35 -31.92 16.72 60.17
CA GLU H 35 -32.46 15.47 60.67
C GLU H 35 -31.41 14.61 61.36
N LEU H 36 -30.16 15.07 61.41
CA LEU H 36 -29.05 14.33 62.00
C LEU H 36 -28.49 15.14 63.16
N ASP H 37 -28.43 14.52 64.34
CA ASP H 37 -27.90 15.15 65.53
C ASP H 37 -26.61 14.42 65.91
N GLY H 38 -25.49 14.98 65.50
CA GLY H 38 -24.20 14.32 65.66
C GLY H 38 -23.25 15.12 66.53
N ILE H 39 -22.31 14.42 67.16
CA ILE H 39 -21.35 15.03 68.06
C ILE H 39 -20.05 14.24 67.95
N PHE H 40 -18.92 14.95 67.97
CA PHE H 40 -17.62 14.36 67.74
C PHE H 40 -16.66 14.72 68.87
N LEU H 41 -15.92 13.74 69.36
CA LEU H 41 -14.99 13.91 70.48
C LEU H 41 -13.58 13.61 70.01
N GLU H 42 -12.68 14.56 70.20
CA GLU H 42 -11.30 14.45 69.75
C GLU H 42 -10.36 14.69 70.94
N SER H 43 -9.31 13.86 71.01
CA SER H 43 -8.35 13.99 72.13
C SER H 43 -7.54 15.27 72.02
N LYS H 44 -7.10 15.62 70.81
CA LYS H 44 -6.21 16.77 70.64
C LYS H 44 -6.98 18.08 70.85
N PRO H 45 -6.30 19.14 71.31
CA PRO H 45 -6.97 20.45 71.45
C PRO H 45 -7.40 21.05 70.13
N ASP H 46 -6.87 20.56 69.02
CA ASP H 46 -7.26 21.02 67.69
C ASP H 46 -6.90 19.91 66.71
N PHE H 47 -7.40 20.04 65.48
CA PHE H 47 -7.08 19.06 64.46
C PHE H 47 -5.60 19.13 64.12
N GLU H 48 -4.99 17.95 63.95
CA GLU H 48 -3.64 17.88 63.41
C GLU H 48 -3.46 16.54 62.72
N TRP H 49 -2.95 16.58 61.49
CA TRP H 49 -2.71 15.38 60.71
C TRP H 49 -1.36 14.78 61.06
N HIS H 50 -0.72 14.11 60.11
CA HIS H 50 0.58 13.47 60.35
C HIS H 50 1.68 14.53 60.28
N ALA H 51 1.74 15.34 61.34
CA ALA H 51 2.68 16.46 61.36
C ALA H 51 4.13 16.00 61.32
N GLY H 52 4.40 14.79 61.82
CA GLY H 52 5.76 14.28 61.82
C GLY H 52 6.33 14.02 60.45
N MET H 53 5.50 14.09 59.41
CA MET H 53 5.94 13.86 58.04
C MET H 53 5.83 15.12 57.18
N PHE H 54 5.79 16.30 57.82
CA PHE H 54 5.66 17.56 57.08
C PHE H 54 7.04 18.00 56.58
N LEU H 55 7.57 17.21 55.66
CA LEU H 55 8.82 17.57 55.00
C LEU H 55 8.54 18.63 53.94
N ASP H 56 9.54 19.47 53.68
CA ASP H 56 9.36 20.56 52.73
C ASP H 56 9.04 20.00 51.35
N GLY H 57 7.98 20.53 50.75
CA GLY H 57 7.53 20.09 49.44
C GLY H 57 6.63 18.87 49.45
N ALA H 58 6.47 18.20 50.58
CA ALA H 58 5.67 16.99 50.62
C ALA H 58 4.21 17.29 50.28
N HIS H 59 3.57 16.34 49.60
CA HIS H 59 2.23 16.52 49.10
C HIS H 59 1.43 15.24 49.34
N LEU H 60 0.12 15.34 49.11
CA LEU H 60 -0.74 14.18 49.19
C LEU H 60 -0.39 13.16 48.11
N GLN H 61 -0.76 11.91 48.36
CA GLN H 61 -0.70 10.86 47.35
C GLN H 61 -2.02 10.72 46.60
N THR H 62 -2.96 11.64 46.84
CA THR H 62 -4.29 11.64 46.26
C THR H 62 -4.59 13.02 45.69
N PRO H 63 -5.33 13.10 44.59
CA PRO H 63 -5.71 14.41 44.05
C PRO H 63 -6.61 15.17 45.02
N PHE H 64 -6.78 16.47 44.76
CA PHE H 64 -7.46 17.32 45.74
C PHE H 64 -8.94 17.00 45.88
N MET H 65 -9.55 16.32 44.90
CA MET H 65 -10.92 15.84 45.09
C MET H 65 -11.03 14.78 46.18
N SER H 66 -9.91 14.33 46.74
CA SER H 66 -9.89 13.49 47.92
C SER H 66 -10.12 14.26 49.20
N ASP H 67 -10.76 15.43 49.11
CA ASP H 67 -10.93 16.23 50.33
C ASP H 67 -12.05 15.64 51.19
N LEU H 68 -12.67 16.49 52.01
CA LEU H 68 -13.64 15.99 52.97
C LEU H 68 -15.04 15.81 52.39
N VAL H 69 -15.31 16.40 51.23
CA VAL H 69 -16.70 16.56 50.80
C VAL H 69 -16.91 16.26 49.31
N THR H 70 -15.92 16.60 48.48
CA THR H 70 -16.20 16.88 47.06
C THR H 70 -16.75 15.66 46.33
N LEU H 71 -16.19 14.47 46.60
CA LEU H 71 -16.64 13.26 45.89
C LEU H 71 -18.06 12.87 46.26
N ALA H 72 -18.66 13.49 47.27
CA ALA H 72 -20.06 13.29 47.61
C ALA H 72 -20.94 14.49 47.27
N ASP H 73 -20.40 15.71 47.36
CA ASP H 73 -21.15 16.93 47.10
C ASP H 73 -20.19 18.04 46.72
N PRO H 74 -19.96 18.27 45.43
CA PRO H 74 -19.03 19.36 45.04
C PRO H 74 -19.50 20.75 45.45
N THR H 75 -20.78 20.92 45.79
CA THR H 75 -21.30 22.22 46.20
C THR H 75 -21.06 22.52 47.67
N SER H 76 -20.49 21.58 48.43
CA SER H 76 -20.31 21.76 49.86
C SER H 76 -19.48 23.00 50.13
N PRO H 77 -19.82 23.79 51.15
CA PRO H 77 -18.98 24.92 51.54
C PRO H 77 -17.65 24.52 52.15
N TYR H 78 -17.42 23.21 52.38
CA TYR H 78 -16.20 22.72 52.99
C TYR H 78 -15.29 22.03 51.98
N SER H 79 -15.40 22.40 50.70
CA SER H 79 -14.52 21.83 49.69
C SER H 79 -13.15 22.49 49.75
N PHE H 80 -12.16 21.79 49.20
CA PHE H 80 -10.81 22.36 49.15
C PHE H 80 -10.75 23.57 48.24
N LEU H 81 -11.61 23.64 47.22
CA LEU H 81 -11.61 24.81 46.35
C LEU H 81 -12.24 26.02 47.04
N ASN H 82 -13.32 25.79 47.80
CA ASN H 82 -13.91 26.88 48.56
C ASN H 82 -12.93 27.39 49.61
N TYR H 83 -12.17 26.49 50.22
CA TYR H 83 -11.13 26.90 51.16
C TYR H 83 -10.11 27.80 50.47
N LEU H 84 -9.66 27.43 49.27
CA LEU H 84 -8.73 28.29 48.53
C LEU H 84 -9.36 29.62 48.17
N LYS H 85 -10.64 29.61 47.79
CA LYS H 85 -11.31 30.85 47.41
C LYS H 85 -11.35 31.84 48.58
N GLU H 86 -11.72 31.36 49.76
CA GLU H 86 -11.80 32.24 50.92
C GLU H 86 -10.43 32.77 51.31
N LYS H 87 -9.40 31.92 51.23
CA LYS H 87 -8.04 32.37 51.56
C LYS H 87 -7.42 33.21 50.45
N GLY H 88 -8.15 33.48 49.37
CA GLY H 88 -7.60 34.28 48.29
C GLY H 88 -6.44 33.62 47.59
N ARG H 89 -6.50 32.30 47.44
CA ARG H 89 -5.44 31.54 46.80
C ARG H 89 -5.93 30.72 45.61
N LEU H 90 -7.21 30.82 45.26
CA LEU H 90 -7.77 29.96 44.21
C LEU H 90 -7.09 30.20 42.88
N TYR H 91 -6.92 31.47 42.49
CA TYR H 91 -6.29 31.77 41.21
C TYR H 91 -4.84 31.31 41.19
N SER H 92 -4.13 31.49 42.30
CA SER H 92 -2.76 30.99 42.39
C SER H 92 -2.72 29.48 42.22
N PHE H 93 -3.66 28.77 42.87
CA PHE H 93 -3.73 27.32 42.74
C PHE H 93 -4.09 26.92 41.32
N TYR H 94 -4.95 27.70 40.66
CA TYR H 94 -5.30 27.45 39.27
C TYR H 94 -4.06 27.50 38.38
N ILE H 95 -3.19 28.47 38.60
CA ILE H 95 -1.98 28.58 37.80
C ILE H 95 -1.01 27.46 38.14
N ARG H 96 -0.96 27.06 39.42
CA ARG H 96 -0.05 26.00 39.84
C ARG H 96 -0.31 24.71 39.07
N GLU H 97 -1.58 24.42 38.79
CA GLU H 97 -1.99 23.28 37.96
C GLU H 97 -1.36 21.98 38.46
N ASN H 98 -1.63 21.67 39.72
CA ASN H 98 -1.12 20.46 40.36
C ASN H 98 -2.26 19.83 41.15
N PHE H 99 -2.60 18.58 40.81
CA PHE H 99 -3.73 17.91 41.46
C PHE H 99 -3.49 17.66 42.95
N TYR H 100 -2.26 17.74 43.42
CA TYR H 100 -1.92 17.26 44.75
C TYR H 100 -1.59 18.42 45.68
N PRO H 101 -2.39 18.64 46.73
CA PRO H 101 -2.06 19.69 47.69
C PRO H 101 -0.85 19.33 48.53
N LEU H 102 -0.17 20.36 49.03
CA LEU H 102 0.91 20.14 49.97
C LEU H 102 0.36 19.63 51.29
N ARG H 103 1.21 18.93 52.06
CA ARG H 103 0.73 18.28 53.26
C ARG H 103 0.40 19.29 54.36
N VAL H 104 1.21 20.33 54.50
CA VAL H 104 0.86 21.39 55.44
C VAL H 104 -0.32 22.20 54.93
N GLU H 105 -0.57 22.20 53.61
CA GLU H 105 -1.73 22.87 53.06
C GLU H 105 -3.00 22.10 53.38
N TYR H 106 -2.98 20.78 53.18
CA TYR H 106 -4.12 19.94 53.54
C TYR H 106 -4.37 19.97 55.04
N ASP H 107 -3.30 20.02 55.84
CA ASP H 107 -3.47 20.10 57.28
C ASP H 107 -4.13 21.41 57.68
N ASP H 108 -3.75 22.51 57.03
CA ASP H 108 -4.39 23.79 57.31
C ASP H 108 -5.85 23.80 56.85
N TYR H 109 -6.15 23.10 55.75
CA TYR H 109 -7.52 23.06 55.24
C TYR H 109 -8.45 22.32 56.17
N CYS H 110 -7.96 21.21 56.76
CA CYS H 110 -8.80 20.43 57.67
C CYS H 110 -9.07 21.19 58.96
N ARG H 111 -8.06 21.89 59.48
CA ARG H 111 -8.29 22.75 60.63
C ARG H 111 -9.27 23.87 60.28
N TRP H 112 -9.19 24.41 59.06
CA TRP H 112 -10.12 25.46 58.68
C TRP H 112 -11.55 24.94 58.64
N ALA H 113 -11.74 23.69 58.21
CA ALA H 113 -13.08 23.12 58.17
C ALA H 113 -13.57 22.76 59.58
N ALA H 114 -12.67 22.27 60.43
CA ALA H 114 -13.06 21.82 61.75
C ALA H 114 -13.54 22.98 62.62
N ASN H 115 -12.87 24.13 62.54
CA ASN H 115 -13.26 25.28 63.34
C ASN H 115 -14.49 25.99 62.79
N LYS H 116 -14.86 25.71 61.54
CA LYS H 116 -16.12 26.19 60.99
C LYS H 116 -17.32 25.42 61.50
N LEU H 117 -17.12 24.28 62.13
CA LEU H 117 -18.21 23.45 62.64
C LEU H 117 -18.42 23.69 64.13
N SER H 118 -19.59 23.27 64.60
CA SER H 118 -19.98 23.40 65.99
C SER H 118 -20.15 22.07 66.71
N SER H 119 -20.04 20.95 65.99
CA SER H 119 -20.34 19.63 66.54
C SER H 119 -19.14 18.95 67.15
N ILE H 120 -18.02 19.64 67.31
CA ILE H 120 -16.76 19.01 67.68
C ILE H 120 -16.36 19.47 69.07
N ARG H 121 -16.03 18.51 69.93
CA ARG H 121 -15.55 18.78 71.29
C ARG H 121 -14.10 18.33 71.36
N PHE H 122 -13.18 19.28 71.20
CA PHE H 122 -11.76 18.98 71.26
C PHE H 122 -11.33 18.73 72.71
N GLY H 123 -10.08 18.31 72.86
CA GLY H 123 -9.51 18.04 74.18
C GLY H 123 -10.31 17.07 75.02
N THR H 124 -10.93 16.07 74.38
CA THR H 124 -11.81 15.13 75.06
C THR H 124 -11.42 13.70 74.68
N THR H 125 -10.86 12.97 75.64
CA THR H 125 -10.45 11.58 75.44
C THR H 125 -11.56 10.66 75.96
N VAL H 126 -11.96 9.70 75.14
CA VAL H 126 -12.98 8.72 75.51
C VAL H 126 -12.31 7.56 76.23
N THR H 127 -12.81 7.24 77.42
CA THR H 127 -12.21 6.22 78.28
C THR H 127 -12.99 4.92 78.35
N GLU H 128 -14.32 4.96 78.23
CA GLU H 128 -15.11 3.74 78.29
C GLU H 128 -16.42 3.91 77.54
N VAL H 129 -16.86 2.83 76.90
CA VAL H 129 -18.14 2.77 76.21
C VAL H 129 -18.91 1.55 76.71
N ARG H 130 -20.18 1.74 77.06
CA ARG H 130 -21.03 0.64 77.49
C ARG H 130 -22.42 0.80 76.90
N TYR H 131 -23.19 -0.29 76.93
CA TYR H 131 -24.52 -0.36 76.32
C TYR H 131 -25.56 -0.48 77.44
N GLU H 132 -26.40 0.54 77.58
CA GLU H 132 -27.48 0.53 78.54
C GLU H 132 -28.72 1.13 77.88
N ASP H 133 -29.89 0.72 78.35
CA ASP H 133 -31.17 1.07 77.70
C ASP H 133 -31.05 0.56 76.25
N ASP H 134 -31.52 1.33 75.26
CA ASP H 134 -31.23 1.08 73.87
C ASP H 134 -30.06 1.94 73.38
N LEU H 135 -29.14 2.31 74.26
CA LEU H 135 -28.20 3.39 74.02
C LEU H 135 -26.77 2.93 74.24
N TYR H 136 -25.85 3.66 73.63
CA TYR H 136 -24.43 3.55 73.92
C TYR H 136 -24.02 4.74 74.78
N VAL H 137 -23.30 4.46 75.86
CA VAL H 137 -22.94 5.46 76.86
C VAL H 137 -21.43 5.69 76.78
N VAL H 138 -21.04 6.93 76.49
CA VAL H 138 -19.64 7.28 76.25
C VAL H 138 -19.17 8.19 77.37
N THR H 139 -18.16 7.75 78.11
CA THR H 139 -17.59 8.50 79.22
C THR H 139 -16.20 9.01 78.85
N THR H 140 -15.92 10.26 79.21
CA THR H 140 -14.64 10.88 78.89
C THR H 140 -13.72 10.87 80.11
N SER H 141 -12.46 11.30 79.88
CA SER H 141 -11.50 11.37 80.98
C SER H 141 -11.86 12.48 81.97
N ALA H 142 -12.48 13.56 81.49
CA ALA H 142 -12.94 14.62 82.37
C ALA H 142 -14.11 14.18 83.23
N GLY H 143 -14.87 13.18 82.78
CA GLY H 143 -16.01 12.68 83.52
C GLY H 143 -17.35 13.02 82.89
N ASP H 144 -17.38 13.81 81.83
CA ASP H 144 -18.62 14.08 81.14
C ASP H 144 -19.06 12.85 80.35
N VAL H 145 -20.38 12.69 80.23
CA VAL H 145 -20.96 11.49 79.65
C VAL H 145 -21.93 11.90 78.55
N TYR H 146 -21.79 11.29 77.37
CA TYR H 146 -22.69 11.50 76.25
C TYR H 146 -23.41 10.20 75.93
N ARG H 147 -24.59 10.33 75.33
CA ARG H 147 -25.43 9.18 75.00
C ARG H 147 -25.94 9.30 73.57
N ALA H 148 -25.99 8.17 72.86
CA ALA H 148 -26.45 8.16 71.48
C ALA H 148 -26.86 6.76 71.09
N ARG H 149 -27.63 6.68 70.00
CA ARG H 149 -28.06 5.39 69.48
C ARG H 149 -26.99 4.72 68.63
N HIS H 150 -26.09 5.51 68.03
CA HIS H 150 -25.08 4.99 67.12
C HIS H 150 -23.70 5.50 67.50
N LEU H 151 -22.68 4.78 67.02
CA LEU H 151 -21.28 5.13 67.21
C LEU H 151 -20.55 5.05 65.89
N VAL H 152 -19.68 6.02 65.64
CA VAL H 152 -18.82 6.03 64.47
C VAL H 152 -17.38 6.14 64.97
N LEU H 153 -16.61 5.07 64.80
CA LEU H 153 -15.27 4.96 65.36
C LEU H 153 -14.26 5.36 64.29
N GLY H 154 -13.58 6.50 64.51
CA GLY H 154 -12.56 6.94 63.61
C GLY H 154 -11.26 7.24 64.33
N THR H 155 -10.80 6.30 65.16
CA THR H 155 -9.61 6.49 65.95
C THR H 155 -8.32 6.26 65.17
N GLY H 156 -8.41 6.03 63.86
CA GLY H 156 -7.22 5.85 63.06
C GLY H 156 -6.46 4.58 63.42
N THR H 157 -5.19 4.57 63.03
CA THR H 157 -4.30 3.43 63.26
C THR H 157 -3.03 3.94 63.93
N PRO H 158 -2.74 3.53 65.17
CA PRO H 158 -1.52 3.98 65.83
C PRO H 158 -0.28 3.42 65.15
N PRO H 159 0.88 4.05 65.35
CA PRO H 159 2.11 3.53 64.73
C PRO H 159 2.42 2.11 65.17
N TYR H 160 2.92 1.32 64.23
CA TYR H 160 3.32 -0.05 64.50
C TYR H 160 4.82 -0.11 64.78
N ILE H 161 5.19 -0.89 65.78
CA ILE H 161 6.58 -1.14 66.12
C ILE H 161 6.81 -2.65 66.07
N PRO H 162 7.86 -3.12 65.39
CA PRO H 162 8.11 -4.57 65.35
C PRO H 162 8.49 -5.12 66.72
N GLU H 163 8.36 -6.44 66.84
CA GLU H 163 8.70 -7.10 68.11
C GLU H 163 10.16 -6.89 68.47
N ALA H 164 11.03 -6.77 67.46
CA ALA H 164 12.46 -6.64 67.73
C ALA H 164 12.80 -5.32 68.40
N CYS H 165 11.88 -4.35 68.41
CA CYS H 165 12.17 -3.03 68.95
C CYS H 165 11.35 -2.68 70.18
N GLN H 166 10.50 -3.58 70.67
CA GLN H 166 9.73 -3.27 71.87
C GLN H 166 10.65 -3.31 73.09
N GLY H 167 10.52 -2.30 73.95
CA GLY H 167 11.42 -2.19 75.08
C GLY H 167 12.84 -1.88 74.65
N LEU H 168 13.01 -1.08 73.61
CA LEU H 168 14.31 -0.69 73.11
C LEU H 168 14.71 0.65 73.70
N ASP H 169 15.98 0.77 74.09
CA ASP H 169 16.49 2.00 74.67
C ASP H 169 17.04 2.91 73.58
N GLY H 170 17.39 4.12 73.97
CA GLY H 170 17.95 5.09 73.05
C GLY H 170 16.92 6.03 72.47
N ASP H 171 17.35 6.80 71.47
CA ASP H 171 16.55 7.86 70.88
C ASP H 171 15.90 7.47 69.57
N PHE H 172 15.74 6.17 69.32
CA PHE H 172 15.11 5.74 68.07
C PHE H 172 13.68 6.25 67.99
N ILE H 173 13.25 6.52 66.76
CA ILE H 173 11.93 7.11 66.51
C ILE H 173 11.22 6.32 65.43
N HIS H 174 9.89 6.31 65.53
CA HIS H 174 9.05 5.95 64.39
C HIS H 174 9.01 7.12 63.43
N ASN H 175 8.74 6.83 62.15
CA ASN H 175 8.70 7.88 61.16
C ASN H 175 7.60 8.90 61.45
N SER H 176 6.67 8.60 62.35
CA SER H 176 5.59 9.50 62.69
C SER H 176 6.06 10.77 63.39
N ARG H 177 7.32 10.83 63.84
CA ARG H 177 7.85 12.01 64.53
C ARG H 177 9.18 12.45 63.93
N TYR H 178 9.34 12.30 62.62
CA TYR H 178 10.63 12.52 61.99
C TYR H 178 11.04 13.98 62.04
N VAL H 179 10.13 14.90 61.69
CA VAL H 179 10.50 16.31 61.54
C VAL H 179 10.98 16.88 62.87
N GLN H 180 10.38 16.43 63.97
CA GLN H 180 10.75 16.97 65.27
C GLN H 180 12.16 16.55 65.69
N HIS H 181 12.63 15.41 65.19
CA HIS H 181 13.90 14.86 65.61
C HIS H 181 14.96 14.91 64.52
N ARG H 182 14.75 15.70 63.46
CA ARG H 182 15.69 15.70 62.35
C ARG H 182 17.02 16.33 62.73
N SER H 183 16.97 17.48 63.42
CA SER H 183 18.18 18.26 63.65
C SER H 183 19.20 17.54 64.53
N GLU H 184 18.77 16.55 65.31
CA GLU H 184 19.70 15.73 66.07
C GLU H 184 20.07 14.44 65.37
N LEU H 185 19.16 13.87 64.57
CA LEU H 185 19.52 12.73 63.72
C LEU H 185 20.70 13.09 62.82
N VAL H 186 20.72 14.32 62.30
CA VAL H 186 21.74 14.73 61.36
C VAL H 186 23.09 14.96 62.05
N LYS H 187 23.09 15.16 63.36
CA LYS H 187 24.35 15.29 64.09
C LYS H 187 25.12 13.98 64.13
N LYS H 188 24.42 12.85 64.05
CA LYS H 188 25.06 11.55 64.12
C LYS H 188 25.92 11.32 62.87
N GLU H 189 26.59 10.17 62.83
CA GLU H 189 27.41 9.81 61.68
C GLU H 189 27.00 8.46 61.10
N SER H 190 25.91 7.88 61.59
CA SER H 190 25.32 6.69 60.97
C SER H 190 23.83 6.68 61.29
N ILE H 191 23.01 6.59 60.25
CA ILE H 191 21.56 6.52 60.38
C ILE H 191 21.05 5.37 59.54
N THR H 192 20.09 4.62 60.10
CA THR H 192 19.51 3.46 59.44
C THR H 192 17.99 3.59 59.40
N ILE H 193 17.41 3.43 58.22
CA ILE H 193 15.98 3.43 58.02
C ILE H 193 15.52 2.01 57.77
N VAL H 194 14.51 1.57 58.51
CA VAL H 194 13.98 0.22 58.41
C VAL H 194 12.58 0.29 57.82
N GLY H 195 12.35 -0.49 56.78
CA GLY H 195 11.06 -0.59 56.12
C GLY H 195 11.06 0.13 54.79
N SER H 196 10.07 -0.23 53.97
CA SER H 196 9.80 0.44 52.71
C SER H 196 8.47 1.17 52.79
N GLY H 197 8.18 1.94 51.76
CA GLY H 197 6.97 2.75 51.72
C GLY H 197 7.29 4.21 51.43
N GLN H 198 6.20 4.98 51.27
CA GLN H 198 6.34 6.39 50.91
C GLN H 198 7.14 7.14 51.97
N SER H 199 6.77 6.97 53.23
CA SER H 199 7.45 7.68 54.31
C SER H 199 8.94 7.31 54.35
N ALA H 200 9.26 6.02 54.27
CA ALA H 200 10.66 5.61 54.30
C ALA H 200 11.45 6.26 53.18
N ALA H 201 10.87 6.30 51.97
CA ALA H 201 11.60 6.84 50.84
C ALA H 201 11.74 8.36 50.94
N GLU H 202 10.68 9.05 51.39
CA GLU H 202 10.76 10.50 51.56
C GLU H 202 11.85 10.86 52.56
N ILE H 203 12.01 10.06 53.61
CA ILE H 203 13.04 10.32 54.61
C ILE H 203 14.41 10.03 54.04
N TYR H 204 14.56 8.91 53.31
CA TYR H 204 15.83 8.59 52.69
C TYR H 204 16.26 9.66 51.69
N GLN H 205 15.30 10.20 50.93
CA GLN H 205 15.63 11.28 50.00
C GLN H 205 16.02 12.54 50.75
N ASP H 206 15.44 12.78 51.94
CA ASP H 206 15.78 13.97 52.71
C ASP H 206 17.20 13.88 53.24
N LEU H 207 17.56 12.74 53.83
CA LEU H 207 18.88 12.60 54.42
C LEU H 207 19.97 12.50 53.36
N LEU H 208 19.71 11.78 52.28
CA LEU H 208 20.70 11.65 51.22
C LEU H 208 21.00 13.01 50.57
N GLY H 209 20.00 13.88 50.49
CA GLY H 209 20.20 15.18 49.86
C GLY H 209 21.21 16.06 50.56
N GLU H 210 21.51 15.78 51.82
CA GLU H 210 22.50 16.53 52.58
C GLU H 210 23.49 15.58 53.24
N ILE H 211 23.93 14.58 52.49
CA ILE H 211 24.96 13.66 52.99
C ILE H 211 26.37 14.18 52.72
N ASP H 212 26.53 15.12 51.80
CA ASP H 212 27.86 15.63 51.49
C ASP H 212 28.36 16.61 52.55
N VAL H 213 27.46 17.29 53.24
CA VAL H 213 27.76 17.92 54.51
C VAL H 213 27.17 17.03 55.60
N HIS H 214 27.45 17.38 56.87
CA HIS H 214 27.14 16.52 58.02
C HIS H 214 27.97 15.24 57.99
N GLY H 215 27.87 14.47 56.91
CA GLY H 215 28.82 13.40 56.64
C GLY H 215 28.50 12.05 57.25
N TYR H 216 27.25 11.77 57.58
CA TYR H 216 26.90 10.46 58.10
C TYR H 216 26.93 9.42 56.99
N ARG H 217 26.76 8.16 57.38
CA ARG H 217 26.49 7.08 56.43
C ARG H 217 25.05 6.62 56.61
N LEU H 218 24.38 6.38 55.49
CA LEU H 218 22.92 6.26 55.44
C LEU H 218 22.52 4.87 54.96
N ASN H 219 21.81 4.14 55.80
CA ASN H 219 21.37 2.79 55.47
C ASN H 219 19.84 2.75 55.33
N TRP H 220 19.38 2.06 54.30
CA TRP H 220 17.96 1.84 54.07
C TRP H 220 17.76 0.34 53.86
N VAL H 221 17.08 -0.30 54.82
CA VAL H 221 16.92 -1.75 54.85
C VAL H 221 15.44 -2.07 54.92
N THR H 222 14.97 -2.93 54.02
CA THR H 222 13.57 -3.31 53.94
C THR H 222 13.47 -4.80 53.69
N ARG H 223 12.39 -5.40 54.21
CA ARG H 223 12.16 -6.83 53.98
C ARG H 223 11.55 -7.09 52.61
N SER H 224 11.06 -6.06 51.93
CA SER H 224 10.45 -6.24 50.63
C SER H 224 11.46 -6.78 49.63
N PRO H 225 11.03 -7.60 48.67
CA PRO H 225 11.95 -8.03 47.62
C PRO H 225 12.31 -6.91 46.66
N ARG H 226 11.41 -5.95 46.48
CA ARG H 226 11.63 -4.81 45.60
C ARG H 226 11.23 -3.53 46.32
N PHE H 227 11.72 -2.40 45.81
CA PHE H 227 11.19 -1.09 46.19
C PHE H 227 9.95 -0.84 45.34
N PHE H 228 8.81 -1.33 45.84
CA PHE H 228 7.60 -1.34 45.03
C PHE H 228 7.15 0.09 44.70
N PRO H 229 6.73 0.34 43.48
CA PRO H 229 6.05 1.61 43.18
C PRO H 229 4.57 1.53 43.58
N LEU H 230 4.04 2.69 43.95
CA LEU H 230 2.60 2.80 44.16
C LEU H 230 1.88 2.49 42.86
N GLU H 231 1.00 1.50 42.89
CA GLU H 231 0.29 1.05 41.69
C GLU H 231 -0.81 2.07 41.38
N TYR H 232 -0.44 3.11 40.62
CA TYR H 232 -1.35 4.19 40.28
C TYR H 232 -1.59 4.31 38.78
N THR H 233 -1.59 3.19 38.04
CA THR H 233 -2.04 3.21 36.66
C THR H 233 -3.56 3.09 36.63
N LYS H 234 -4.19 3.78 35.68
CA LYS H 234 -5.62 4.09 35.80
C LYS H 234 -6.49 2.84 35.80
N LEU H 235 -6.08 1.78 35.11
CA LEU H 235 -6.88 0.56 35.13
C LEU H 235 -6.90 -0.08 36.52
N THR H 236 -5.77 -0.03 37.22
CA THR H 236 -5.74 -0.56 38.58
C THR H 236 -6.45 0.38 39.56
N LEU H 237 -6.43 1.68 39.29
CA LEU H 237 -7.16 2.62 40.14
C LEU H 237 -8.66 2.36 40.12
N GLU H 238 -9.17 1.70 39.08
CA GLU H 238 -10.58 1.31 39.04
C GLU H 238 -10.94 0.26 40.07
N MET H 239 -9.94 -0.40 40.68
CA MET H 239 -10.24 -1.31 41.79
C MET H 239 -10.62 -0.55 43.06
N THR H 240 -10.32 0.75 43.11
CA THR H 240 -10.79 1.62 44.19
C THR H 240 -12.16 2.19 43.81
N SER H 241 -13.14 1.30 43.82
CA SER H 241 -14.47 1.59 43.30
C SER H 241 -15.49 0.85 44.14
N PRO H 242 -16.75 1.29 44.13
CA PRO H 242 -17.78 0.55 44.89
C PRO H 242 -17.98 -0.87 44.39
N GLU H 243 -17.96 -1.08 43.08
CA GLU H 243 -18.23 -2.42 42.54
C GLU H 243 -17.14 -3.41 42.92
N TYR H 244 -15.90 -2.94 43.11
CA TYR H 244 -14.85 -3.87 43.53
C TYR H 244 -15.02 -4.26 44.99
N ILE H 245 -15.39 -3.30 45.86
CA ILE H 245 -15.69 -3.65 47.25
C ILE H 245 -16.83 -4.65 47.31
N ASP H 246 -17.84 -4.46 46.46
CA ASP H 246 -18.95 -5.42 46.39
C ASP H 246 -18.43 -6.82 46.07
N TYR H 247 -17.60 -6.93 45.02
CA TYR H 247 -16.96 -8.21 44.69
C TYR H 247 -16.09 -8.70 45.83
N TYR H 248 -15.20 -7.83 46.33
CA TYR H 248 -14.17 -8.24 47.27
C TYR H 248 -14.76 -8.79 48.56
N ARG H 249 -15.76 -8.10 49.12
CA ARG H 249 -16.27 -8.47 50.43
C ARG H 249 -16.97 -9.84 50.38
N GLU H 250 -17.58 -10.18 49.25
CA GLU H 250 -18.27 -11.46 49.11
C GLU H 250 -17.32 -12.63 48.92
N LEU H 251 -16.01 -12.41 48.92
CA LEU H 251 -15.05 -13.48 48.74
C LEU H 251 -14.84 -14.25 50.04
N PRO H 252 -14.35 -15.47 49.95
CA PRO H 252 -13.97 -16.20 51.17
C PRO H 252 -12.97 -15.40 51.99
N GLU H 253 -13.13 -15.46 53.32
CA GLU H 253 -12.30 -14.67 54.22
C GLU H 253 -10.83 -15.07 54.14
N ALA H 254 -10.56 -16.35 53.86
CA ALA H 254 -9.19 -16.79 53.69
C ALA H 254 -8.56 -16.14 52.46
N THR H 255 -9.31 -16.06 51.35
CA THR H 255 -8.79 -15.39 50.16
C THR H 255 -8.65 -13.89 50.40
N ARG H 256 -9.55 -13.30 51.19
CA ARG H 256 -9.44 -11.88 51.51
C ARG H 256 -8.19 -11.59 52.31
N TYR H 257 -7.96 -12.34 53.40
CA TYR H 257 -6.73 -12.17 54.16
C TYR H 257 -5.51 -12.54 53.33
N ARG H 258 -5.68 -13.41 52.33
CA ARG H 258 -4.59 -13.72 51.42
C ARG H 258 -4.23 -12.50 50.57
N LEU H 259 -5.23 -11.75 50.12
CA LEU H 259 -4.99 -10.63 49.22
C LEU H 259 -4.37 -9.44 49.95
N THR H 260 -4.85 -9.13 51.16
CA THR H 260 -4.25 -8.02 51.92
C THR H 260 -2.81 -8.33 52.31
N ALA H 261 -2.52 -9.59 52.60
CA ALA H 261 -1.16 -9.96 52.99
C ALA H 261 -0.19 -9.78 51.83
N GLU H 262 -0.58 -10.21 50.62
CA GLU H 262 0.27 -10.08 49.44
C GLU H 262 0.25 -8.68 48.85
N GLN H 263 -0.67 -7.83 49.26
CA GLN H 263 -0.76 -6.50 48.66
C GLN H 263 0.49 -5.69 48.98
N LYS H 264 1.10 -5.14 47.93
CA LYS H 264 2.41 -4.51 48.01
C LYS H 264 2.35 -2.97 48.05
N GLY H 265 1.65 -2.37 47.08
CA GLY H 265 1.75 -0.93 46.93
C GLY H 265 1.02 -0.13 48.00
N LEU H 266 -0.01 -0.72 48.62
CA LEU H 266 -0.89 0.02 49.52
C LEU H 266 -0.11 0.75 50.61
N PHE H 267 0.58 -0.01 51.47
CA PHE H 267 1.23 0.56 52.65
C PHE H 267 2.74 0.62 52.56
N LYS H 268 3.37 -0.18 51.70
CA LYS H 268 4.82 -0.14 51.52
C LYS H 268 5.18 0.13 50.07
N GLY H 269 4.35 0.89 49.36
CA GLY H 269 4.63 1.32 48.01
C GLY H 269 5.15 2.75 47.99
N ILE H 270 6.03 3.03 47.05
CA ILE H 270 6.64 4.35 46.90
C ILE H 270 6.14 4.96 45.59
N ASP H 271 5.97 6.28 45.59
CA ASP H 271 5.70 6.98 44.34
C ASP H 271 6.82 6.70 43.36
N GLY H 272 6.43 6.26 42.15
CA GLY H 272 7.43 5.92 41.15
C GLY H 272 8.37 7.06 40.84
N ASP H 273 7.84 8.29 40.81
CA ASP H 273 8.71 9.44 40.57
C ASP H 273 9.66 9.67 41.74
N LEU H 274 9.22 9.36 42.96
CA LEU H 274 10.12 9.48 44.10
C LEU H 274 11.25 8.44 44.01
N ILE H 275 10.93 7.22 43.55
CA ILE H 275 11.97 6.23 43.32
C ILE H 275 13.00 6.76 42.34
N ASN H 276 12.53 7.36 41.24
CA ASN H 276 13.46 7.84 40.22
C ASN H 276 14.24 9.05 40.69
N GLU H 277 13.62 9.94 41.47
CA GLU H 277 14.37 11.06 42.04
C GLU H 277 15.48 10.57 42.95
N ILE H 278 15.25 9.45 43.66
CA ILE H 278 16.27 8.91 44.54
C ILE H 278 17.46 8.41 43.73
N PHE H 279 17.18 7.65 42.66
CA PHE H 279 18.26 7.17 41.79
C PHE H 279 19.03 8.33 41.17
N ASP H 280 18.32 9.33 40.66
CA ASP H 280 18.98 10.51 40.10
C ASP H 280 19.87 11.19 41.12
N LEU H 281 19.39 11.29 42.36
CA LEU H 281 20.19 11.92 43.41
C LEU H 281 21.43 11.08 43.72
N LEU H 282 21.27 9.75 43.83
CA LEU H 282 22.42 8.88 44.03
C LEU H 282 23.43 9.03 42.91
N TYR H 283 22.95 9.16 41.67
CA TYR H 283 23.84 9.40 40.54
C TYR H 283 24.59 10.71 40.72
N GLN H 284 23.89 11.76 41.14
CA GLN H 284 24.51 13.08 41.29
C GLN H 284 25.60 13.06 42.36
N LYS H 285 25.28 12.49 43.53
CA LYS H 285 26.25 12.46 44.63
C LYS H 285 27.46 11.61 44.29
N ASN H 286 27.27 10.56 43.48
CA ASN H 286 28.36 9.65 43.16
C ASN H 286 29.38 10.28 42.22
N LEU H 287 29.04 11.39 41.56
CA LEU H 287 30.01 12.04 40.68
C LEU H 287 31.19 12.60 41.48
N ALA H 288 30.91 13.12 42.68
CA ALA H 288 31.94 13.71 43.52
C ALA H 288 32.76 12.67 44.29
N GLY H 289 32.43 11.39 44.14
CA GLY H 289 33.13 10.34 44.85
C GLY H 289 32.17 9.32 45.42
N PRO H 290 32.70 8.28 46.06
CA PRO H 290 31.83 7.26 46.64
C PRO H 290 30.94 7.83 47.73
N VAL H 291 29.68 7.44 47.69
CA VAL H 291 28.66 7.93 48.63
C VAL H 291 28.44 6.85 49.67
N PRO H 292 28.65 7.12 50.96
CA PRO H 292 28.51 6.08 51.98
C PRO H 292 27.05 5.79 52.31
N THR H 293 26.41 5.00 51.44
CA THR H 293 25.03 4.60 51.65
C THR H 293 24.82 3.17 51.16
N ARG H 294 23.80 2.52 51.74
CA ARG H 294 23.47 1.14 51.42
C ARG H 294 21.96 1.00 51.28
N LEU H 295 21.53 0.28 50.25
CA LEU H 295 20.13 -0.01 50.00
C LEU H 295 19.99 -1.53 49.93
N LEU H 296 19.33 -2.10 50.94
CA LEU H 296 19.26 -3.55 51.08
C LEU H 296 17.80 -3.99 51.05
N THR H 297 17.53 -5.09 50.35
CA THR H 297 16.20 -5.65 50.22
C THR H 297 16.18 -7.08 50.75
N ASN H 298 14.98 -7.62 50.87
CA ASN H 298 14.76 -9.02 51.30
C ASN H 298 15.37 -9.29 52.68
N SER H 299 15.32 -8.30 53.56
CA SER H 299 16.03 -8.37 54.84
C SER H 299 15.06 -8.13 55.99
N SER H 300 14.87 -9.16 56.82
CA SER H 300 14.09 -9.02 58.04
C SER H 300 14.95 -8.45 59.16
N LEU H 301 14.31 -7.73 60.07
CA LEU H 301 14.94 -7.24 61.29
C LEU H 301 14.47 -8.11 62.44
N ASN H 302 15.39 -8.89 63.02
CA ASN H 302 15.02 -9.89 64.01
C ASN H 302 15.40 -9.54 65.44
N SER H 303 16.36 -8.64 65.65
CA SER H 303 16.73 -8.24 66.99
C SER H 303 17.50 -6.93 66.93
N ALA H 304 17.39 -6.16 68.02
CA ALA H 304 18.10 -4.89 68.12
C ALA H 304 18.43 -4.63 69.59
N ARG H 305 19.57 -3.97 69.80
CA ARG H 305 20.00 -3.57 71.14
C ARG H 305 20.65 -2.20 71.05
N HIS H 306 20.81 -1.56 72.22
CA HIS H 306 21.43 -0.25 72.33
C HIS H 306 22.63 -0.33 73.26
N GLU H 307 23.71 0.35 72.89
CA GLU H 307 24.89 0.42 73.75
C GLU H 307 25.56 1.78 73.57
N ASN H 308 25.47 2.62 74.60
CA ASN H 308 26.04 3.96 74.62
C ASN H 308 25.94 4.69 73.27
N GLY H 309 24.71 4.98 72.87
CA GLY H 309 24.51 5.83 71.71
C GLY H 309 24.55 5.11 70.37
N THR H 310 24.64 3.79 70.35
CA THR H 310 24.80 3.08 69.10
C THR H 310 23.99 1.79 69.11
N TYR H 311 23.20 1.58 68.05
CA TYR H 311 22.36 0.41 67.92
C TYR H 311 23.07 -0.69 67.15
N THR H 312 22.87 -1.93 67.58
CA THR H 312 23.34 -3.10 66.85
C THR H 312 22.10 -3.84 66.35
N LEU H 313 21.91 -3.84 65.03
CA LEU H 313 20.74 -4.42 64.41
C LEU H 313 21.11 -5.71 63.70
N ALA H 314 20.35 -6.77 63.96
CA ALA H 314 20.60 -8.09 63.40
C ALA H 314 19.55 -8.36 62.33
N PHE H 315 19.98 -8.44 61.08
CA PHE H 315 19.11 -8.71 59.94
C PHE H 315 19.35 -10.12 59.40
N ARG H 316 18.37 -10.62 58.67
CA ARG H 316 18.52 -11.83 57.88
C ARG H 316 17.99 -11.61 56.48
N GLN H 317 18.84 -11.77 55.48
CA GLN H 317 18.39 -11.88 54.10
C GLN H 317 17.63 -13.19 53.97
N GLU H 318 16.31 -13.11 54.00
CA GLU H 318 15.49 -14.32 54.06
C GLU H 318 15.61 -15.14 52.77
N GLU H 319 15.70 -14.46 51.63
CA GLU H 319 15.76 -15.17 50.34
C GLU H 319 17.10 -15.86 50.17
N GLN H 320 18.19 -15.14 50.42
CA GLN H 320 19.52 -15.74 50.33
C GLN H 320 19.76 -16.71 51.47
N GLY H 321 19.13 -16.48 52.62
CA GLY H 321 19.35 -17.31 53.78
C GLY H 321 20.68 -17.03 54.45
N LYS H 322 20.96 -15.76 54.73
CA LYS H 322 22.22 -15.34 55.33
C LYS H 322 21.97 -14.19 56.29
N ASP H 323 22.73 -14.15 57.38
CA ASP H 323 22.59 -13.12 58.40
C ASP H 323 23.66 -12.05 58.24
N PHE H 324 23.35 -10.86 58.77
CA PHE H 324 24.31 -9.77 58.77
C PHE H 324 23.86 -8.74 59.80
N GLU H 325 24.83 -7.95 60.27
CA GLU H 325 24.58 -6.99 61.33
C GLU H 325 24.88 -5.58 60.85
N ILE H 326 24.12 -4.63 61.39
CA ILE H 326 24.31 -3.21 61.10
C ILE H 326 24.43 -2.46 62.41
N GLU H 327 25.48 -1.65 62.51
CA GLU H 327 25.76 -0.83 63.68
C GLU H 327 25.49 0.62 63.32
N SER H 328 24.51 1.24 63.97
CA SER H 328 24.07 2.58 63.61
C SER H 328 23.70 3.37 64.85
N GLN H 329 24.11 4.64 64.90
CA GLN H 329 23.71 5.52 66.00
C GLN H 329 22.27 5.98 65.87
N GLY H 330 21.81 6.17 64.64
CA GLY H 330 20.44 6.62 64.37
C GLY H 330 19.61 5.49 63.79
N LEU H 331 18.39 5.35 64.31
CA LEU H 331 17.46 4.31 63.89
C LEU H 331 16.10 4.94 63.69
N VAL H 332 15.58 4.87 62.46
CA VAL H 332 14.27 5.41 62.11
C VAL H 332 13.39 4.26 61.66
N LEU H 333 12.30 4.03 62.38
CA LEU H 333 11.39 2.92 62.10
C LEU H 333 10.26 3.44 61.21
N ALA H 334 10.40 3.28 59.90
CA ALA H 334 9.32 3.57 58.96
C ALA H 334 8.50 2.31 58.68
N THR H 335 8.02 1.69 59.76
CA THR H 335 7.36 0.40 59.69
C THR H 335 5.84 0.52 59.60
N GLY H 336 5.32 1.70 59.32
CA GLY H 336 3.90 1.84 59.08
C GLY H 336 3.07 1.85 60.35
N TYR H 337 1.80 1.51 60.18
CA TYR H 337 0.80 1.61 61.23
C TYR H 337 -0.04 0.34 61.25
N LYS H 338 -0.79 0.16 62.33
CA LYS H 338 -1.63 -1.02 62.51
C LYS H 338 -2.73 -0.69 63.51
N TYR H 339 -3.93 -1.19 63.23
CA TYR H 339 -5.07 -0.92 64.10
C TYR H 339 -5.07 -1.86 65.30
N ALA H 340 -5.32 -1.29 66.47
CA ALA H 340 -5.51 -2.05 67.70
C ALA H 340 -6.86 -1.69 68.29
N GLU H 341 -7.58 -2.70 68.78
CA GLU H 341 -8.90 -2.48 69.36
C GLU H 341 -8.77 -1.60 70.60
N PRO H 342 -9.38 -0.40 70.60
CA PRO H 342 -9.18 0.50 71.74
C PRO H 342 -9.75 -0.07 73.03
N GLU H 343 -9.11 0.29 74.15
CA GLU H 343 -9.49 -0.26 75.45
C GLU H 343 -10.89 0.16 75.87
N PHE H 344 -11.42 1.25 75.33
CA PHE H 344 -12.71 1.74 75.80
C PHE H 344 -13.88 0.89 75.30
N LEU H 345 -13.64 0.00 74.34
CA LEU H 345 -14.68 -0.88 73.85
C LEU H 345 -14.81 -2.16 74.69
N ALA H 346 -14.10 -2.25 75.82
CA ALA H 346 -14.11 -3.49 76.59
C ALA H 346 -15.49 -3.86 77.12
N PRO H 347 -16.26 -2.97 77.75
CA PRO H 347 -17.60 -3.38 78.21
C PRO H 347 -18.61 -3.58 77.10
N VAL H 348 -18.26 -3.32 75.84
CA VAL H 348 -19.19 -3.43 74.73
C VAL H 348 -18.75 -4.52 73.75
N LYS H 349 -17.82 -5.39 74.18
CA LYS H 349 -17.26 -6.38 73.27
C LYS H 349 -18.26 -7.46 72.88
N ASP H 350 -19.18 -7.81 73.79
CA ASP H 350 -20.19 -8.82 73.47
C ASP H 350 -21.16 -8.36 72.39
N ARG H 351 -21.13 -7.08 72.02
CA ARG H 351 -21.98 -6.55 70.96
C ARG H 351 -21.27 -6.45 69.62
N LEU H 352 -19.96 -6.72 69.57
CA LEU H 352 -19.16 -6.53 68.38
C LEU H 352 -18.88 -7.86 67.70
N VAL H 353 -18.92 -7.86 66.37
CA VAL H 353 -18.74 -9.06 65.56
C VAL H 353 -17.26 -9.20 65.19
N TYR H 354 -16.73 -10.41 65.33
CA TYR H 354 -15.34 -10.71 65.03
C TYR H 354 -15.26 -11.84 64.01
N ASP H 355 -14.24 -11.78 63.15
CA ASP H 355 -13.98 -12.87 62.23
C ASP H 355 -13.08 -13.92 62.90
N SER H 356 -12.78 -14.98 62.16
CA SER H 356 -12.05 -16.11 62.73
C SER H 356 -10.63 -15.74 63.15
N GLN H 357 -10.07 -14.67 62.60
CA GLN H 357 -8.73 -14.22 62.97
C GLN H 357 -8.75 -13.18 64.08
N GLY H 358 -9.90 -12.97 64.72
CA GLY H 358 -9.99 -12.11 65.88
C GLY H 358 -10.19 -10.63 65.60
N ASN H 359 -10.35 -10.24 64.34
CA ASN H 359 -10.53 -8.84 63.97
C ASN H 359 -11.99 -8.55 63.67
N PHE H 360 -12.31 -7.26 63.57
CA PHE H 360 -13.67 -6.82 63.32
C PHE H 360 -14.15 -7.31 61.95
N ASP H 361 -15.25 -8.04 61.94
CA ASP H 361 -15.85 -8.50 60.68
C ASP H 361 -16.75 -7.39 60.16
N VAL H 362 -16.11 -6.37 59.59
CA VAL H 362 -16.83 -5.18 59.13
C VAL H 362 -17.78 -5.57 58.01
N SER H 363 -19.03 -5.13 58.13
CA SER H 363 -20.05 -5.42 57.13
C SER H 363 -19.84 -4.56 55.90
N ARG H 364 -20.67 -4.81 54.88
CA ARG H 364 -20.62 -3.98 53.67
C ARG H 364 -21.02 -2.55 53.99
N ALA H 365 -21.99 -2.36 54.89
CA ALA H 365 -22.40 -1.04 55.33
C ALA H 365 -21.48 -0.46 56.41
N TYR H 366 -20.30 -1.04 56.60
CA TYR H 366 -19.28 -0.51 57.50
C TYR H 366 -19.73 -0.57 58.96
N ALA H 367 -20.43 -1.65 59.33
CA ALA H 367 -20.85 -1.89 60.69
C ALA H 367 -20.07 -3.05 61.28
N ILE H 368 -19.90 -3.02 62.61
CA ILE H 368 -19.17 -4.06 63.32
C ILE H 368 -19.94 -4.63 64.50
N ASP H 369 -21.16 -4.16 64.76
CA ASP H 369 -21.94 -4.63 65.88
C ASP H 369 -22.98 -5.65 65.42
N VAL H 370 -23.69 -6.23 66.39
CA VAL H 370 -24.63 -7.30 66.09
C VAL H 370 -25.84 -6.78 65.32
N THR H 371 -26.20 -5.50 65.52
CA THR H 371 -27.31 -4.91 64.78
C THR H 371 -27.00 -4.78 63.30
N GLY H 372 -25.73 -4.74 62.92
CA GLY H 372 -25.37 -4.38 61.56
C GLY H 372 -25.70 -2.95 61.21
N ARG H 373 -26.02 -2.13 62.22
CA ARG H 373 -26.45 -0.77 61.96
C ARG H 373 -26.16 0.15 63.15
N GLY H 374 -25.47 -0.31 64.19
CA GLY H 374 -25.30 0.48 65.39
C GLY H 374 -23.93 1.11 65.56
N VAL H 375 -22.86 0.37 65.28
CA VAL H 375 -21.49 0.82 65.49
C VAL H 375 -20.75 0.73 64.17
N PHE H 376 -20.31 1.88 63.65
CA PHE H 376 -19.62 1.95 62.38
C PHE H 376 -18.12 2.20 62.59
N LEU H 377 -17.31 1.70 61.66
CA LEU H 377 -15.85 1.70 61.80
C LEU H 377 -15.21 2.38 60.59
N GLN H 378 -14.65 3.56 60.79
CA GLN H 378 -13.83 4.20 59.77
C GLN H 378 -12.44 3.58 59.77
N ASN H 379 -11.87 3.40 58.58
CA ASN H 379 -10.53 2.82 58.43
C ASN H 379 -10.48 1.41 59.00
N ALA H 380 -9.27 0.84 59.08
CA ALA H 380 -9.03 -0.45 59.72
C ALA H 380 -9.88 -1.56 59.12
N GLY H 381 -10.16 -1.48 57.82
CA GLY H 381 -10.98 -2.49 57.18
C GLY H 381 -10.42 -2.99 55.86
N VAL H 382 -9.11 -3.28 55.84
CA VAL H 382 -8.47 -3.75 54.62
C VAL H 382 -8.88 -5.18 54.32
N HIS H 383 -9.04 -6.01 55.36
CA HIS H 383 -9.49 -7.38 55.15
C HIS H 383 -10.97 -7.47 54.79
N THR H 384 -11.69 -6.35 54.74
CA THR H 384 -13.08 -6.33 54.33
C THR H 384 -13.34 -5.46 53.11
N HIS H 385 -12.60 -4.36 52.95
CA HIS H 385 -12.84 -3.44 51.85
C HIS H 385 -11.57 -3.13 51.05
N SER H 386 -10.45 -3.76 51.37
CA SER H 386 -9.23 -3.77 50.55
C SER H 386 -8.65 -2.35 50.50
N ILE H 387 -8.22 -1.89 49.32
CA ILE H 387 -7.53 -0.62 49.16
C ILE H 387 -8.37 0.57 49.62
N THR H 388 -9.69 0.40 49.75
CA THR H 388 -10.59 1.53 49.92
C THR H 388 -10.64 2.06 51.36
N SER H 389 -10.28 1.23 52.35
CA SER H 389 -10.49 1.63 53.73
C SER H 389 -9.63 2.80 54.16
N PRO H 390 -8.32 2.83 53.93
CA PRO H 390 -7.53 3.98 54.42
C PRO H 390 -7.33 5.04 53.35
N ASP H 391 -8.21 5.08 52.37
CA ASP H 391 -8.03 5.90 51.19
C ASP H 391 -8.86 7.18 51.31
N LEU H 392 -8.20 8.32 51.32
CA LEU H 392 -8.90 9.60 51.13
C LEU H 392 -9.45 9.64 49.72
N GLY H 393 -10.72 9.99 49.58
CA GLY H 393 -11.41 9.87 48.32
C GLY H 393 -12.35 8.68 48.26
N MET H 394 -12.13 7.68 49.11
CA MET H 394 -13.15 6.70 49.44
C MET H 394 -13.77 6.96 50.80
N GLY H 395 -13.31 7.99 51.51
CA GLY H 395 -13.96 8.37 52.75
C GLY H 395 -15.27 9.10 52.53
N ALA H 396 -15.37 9.87 51.45
CA ALA H 396 -16.64 10.51 51.11
C ALA H 396 -17.68 9.48 50.72
N TYR H 397 -17.25 8.40 50.03
CA TYR H 397 -18.17 7.32 49.72
C TYR H 397 -18.60 6.59 50.98
N ARG H 398 -17.64 6.18 51.82
CA ARG H 398 -17.98 5.44 53.03
C ARG H 398 -18.87 6.26 53.95
N ASN H 399 -18.57 7.55 54.11
CA ASN H 399 -19.42 8.41 54.93
C ASN H 399 -20.81 8.55 54.34
N SER H 400 -20.94 8.52 53.01
CA SER H 400 -22.25 8.60 52.40
C SER H 400 -23.10 7.38 52.73
N CYS H 401 -22.47 6.20 52.84
CA CYS H 401 -23.19 5.00 53.21
C CYS H 401 -23.48 4.94 54.70
N ILE H 402 -22.61 5.51 55.53
CA ILE H 402 -22.91 5.61 56.96
C ILE H 402 -24.10 6.53 57.18
N ILE H 403 -24.14 7.67 56.48
CA ILE H 403 -25.29 8.56 56.58
C ILE H 403 -26.54 7.88 56.06
N ARG H 404 -26.40 7.08 55.00
CA ARG H 404 -27.56 6.37 54.44
C ARG H 404 -28.18 5.44 55.47
N GLU H 405 -27.36 4.74 56.26
CA GLU H 405 -27.88 3.83 57.27
C GLU H 405 -28.42 4.57 58.49
N LEU H 406 -27.89 5.76 58.78
CA LEU H 406 -28.40 6.54 59.92
C LEU H 406 -29.75 7.17 59.58
N LEU H 407 -29.85 7.81 58.42
CA LEU H 407 -31.10 8.46 58.02
C LEU H 407 -32.12 7.46 57.50
N GLY H 408 -31.66 6.34 56.96
CA GLY H 408 -32.54 5.41 56.29
C GLY H 408 -32.77 5.71 54.82
N THR H 409 -32.41 6.91 54.36
CA THR H 409 -32.52 7.29 52.96
C THR H 409 -31.18 7.79 52.46
N GLU H 410 -31.02 7.80 51.14
CA GLU H 410 -29.80 8.29 50.51
C GLU H 410 -29.86 9.81 50.44
N TYR H 411 -29.11 10.48 51.33
CA TYR H 411 -29.01 11.93 51.25
C TYR H 411 -28.12 12.33 50.07
N TYR H 412 -26.85 11.94 50.11
CA TYR H 412 -25.92 12.12 49.00
C TYR H 412 -25.95 10.89 48.10
N PRO H 413 -26.02 11.09 46.78
CA PRO H 413 -26.07 9.95 45.86
C PRO H 413 -24.83 9.07 45.99
N VAL H 414 -25.06 7.77 46.04
CA VAL H 414 -24.01 6.77 46.23
C VAL H 414 -23.88 5.98 44.94
N GLU H 415 -22.77 6.14 44.24
CA GLU H 415 -22.56 5.42 42.99
C GLU H 415 -22.44 3.92 43.26
N LYS H 416 -23.03 3.12 42.38
CA LYS H 416 -22.96 1.68 42.47
C LYS H 416 -21.93 1.07 41.54
N THR H 417 -21.59 1.75 40.45
CA THR H 417 -20.48 1.33 39.60
C THR H 417 -19.86 2.55 38.93
N ILE H 418 -18.53 2.59 38.91
CA ILE H 418 -17.79 3.69 38.31
C ILE H 418 -16.83 3.24 37.22
N ALA H 419 -16.48 1.96 37.16
CA ALA H 419 -15.39 1.51 36.32
C ALA H 419 -15.90 1.03 34.96
N PHE H 420 -14.95 0.84 34.04
CA PHE H 420 -15.22 0.26 32.73
C PHE H 420 -15.13 -1.26 32.75
N GLN H 421 -14.27 -1.82 33.59
CA GLN H 421 -14.03 -3.25 33.61
C GLN H 421 -14.92 -3.94 34.63
N GLU H 422 -15.20 -5.22 34.39
CA GLU H 422 -16.01 -6.03 35.29
C GLU H 422 -15.11 -6.85 36.19
N PHE H 423 -15.45 -6.90 37.48
CA PHE H 423 -14.68 -7.67 38.45
C PHE H 423 -15.29 -9.02 38.78
N SER H 424 -16.62 -9.13 38.77
CA SER H 424 -17.31 -10.39 38.92
C SER H 424 -18.01 -10.75 37.61
N VAL H 425 -18.26 -12.03 37.43
CA VAL H 425 -18.94 -12.52 36.24
C VAL H 425 -20.37 -12.92 36.56
PA FAD I . 3.56 -43.30 -44.76
O1A FAD I . 3.74 -41.90 -45.23
O2A FAD I . 2.15 -43.88 -44.96
O5B FAD I . 4.59 -44.27 -45.43
C5B FAD I . 4.16 -45.41 -46.19
C4B FAD I . 4.91 -45.48 -47.50
O4B FAD I . 5.62 -46.74 -47.61
C3B FAD I . 4.03 -45.37 -48.75
O3B FAD I . 4.67 -44.54 -49.73
C2B FAD I . 3.91 -46.83 -49.21
O2B FAD I . 3.70 -46.94 -50.61
C1B FAD I . 5.29 -47.36 -48.82
N9A FAD I . 5.34 -48.81 -48.64
C8A FAD I . 4.58 -49.56 -47.79
N7A FAD I . 4.84 -50.85 -47.82
C5A FAD I . 5.85 -50.95 -48.76
C6A FAD I . 6.58 -52.04 -49.27
N6A FAD I . 6.39 -53.31 -48.87
N1A FAD I . 7.53 -51.79 -50.20
C2A FAD I . 7.73 -50.54 -50.59
N3A FAD I . 7.11 -49.43 -50.20
C4A FAD I . 6.18 -49.70 -49.27
N1 FAD I . 1.51 -36.29 -38.35
C2 FAD I . 2.10 -35.13 -37.94
O2 FAD I . 3.01 -35.13 -37.11
N3 FAD I . 1.66 -33.92 -38.44
C4 FAD I . 0.65 -33.73 -39.37
O4 FAD I . 0.36 -32.59 -39.74
C4X FAD I . 0.03 -34.96 -39.81
N5 FAD I . -0.92 -34.89 -40.69
C5X FAD I . -1.52 -36.06 -41.12
C6 FAD I . -2.56 -35.99 -42.05
C7 FAD I . -3.18 -37.14 -42.51
C7M FAD I . -4.29 -37.02 -43.52
C8 FAD I . -2.77 -38.39 -42.03
C8M FAD I . -3.43 -39.66 -42.52
C9 FAD I . -1.74 -38.47 -41.09
C9A FAD I . -1.12 -37.32 -40.64
N10 FAD I . -0.06 -37.37 -39.70
C10 FAD I . 0.53 -36.19 -39.25
C1' FAD I . 0.40 -38.65 -39.15
C2' FAD I . 1.72 -39.17 -39.76
O2' FAD I . 2.79 -38.25 -39.52
C3' FAD I . 1.56 -39.38 -41.27
O3' FAD I . 0.57 -40.38 -41.50
C4' FAD I . 2.84 -39.80 -41.97
O4' FAD I . 2.64 -39.80 -43.39
C5' FAD I . 3.36 -41.14 -41.50
O5' FAD I . 4.69 -41.36 -42.03
P FAD I . 5.17 -42.80 -42.46
O1P FAD I . 6.32 -42.67 -43.46
O2P FAD I . 5.51 -43.64 -41.29
O3P FAD I . 3.90 -43.39 -43.22
PA FAD J . -30.12 4.17 -44.01
O1A FAD J . -29.70 2.89 -43.39
O2A FAD J . -29.46 4.49 -45.36
O5B FAD J . -31.69 4.18 -44.16
C5B FAD J . -32.38 5.37 -44.61
C4B FAD J . -33.81 4.98 -44.86
O4B FAD J . -34.58 6.15 -45.22
C3B FAD J . -34.03 3.96 -45.99
O3B FAD J . -34.74 2.83 -45.52
C2B FAD J . -34.79 4.76 -47.06
O2B FAD J . -35.73 3.95 -47.76
C1B FAD J . -35.51 5.79 -46.22
N9A FAD J . -35.91 6.99 -46.95
C8A FAD J . -35.15 7.74 -47.82
N7A FAD J . -35.77 8.77 -48.34
C5A FAD J . -37.04 8.70 -47.76
C6A FAD J . -38.19 9.50 -47.89
N6A FAD J . -38.25 10.58 -48.68
N1A FAD J . -39.28 9.17 -47.17
C2A FAD J . -39.22 8.08 -46.39
N3A FAD J . -38.20 7.25 -46.18
C4A FAD J . -37.13 7.62 -46.90
N1 FAD J . -21.65 1.48 -39.68
C2 FAD J . -21.28 1.04 -38.45
O2 FAD J . -21.09 1.81 -37.50
N3 FAD J . -21.10 -0.32 -38.22
C4 FAD J . -21.26 -1.32 -39.16
O4 FAD J . -21.07 -2.50 -38.85
C4X FAD J . -21.66 -0.84 -40.47
N5 FAD J . -21.84 -1.72 -41.42
C5X FAD J . -22.22 -1.26 -42.67
C6 FAD J . -22.41 -2.19 -43.70
C7 FAD J . -22.79 -1.78 -44.97
C7M FAD J . -22.99 -2.81 -46.05
C8 FAD J . -22.99 -0.41 -45.23
C8M FAD J . -23.40 0.05 -46.60
C9 FAD J . -22.79 0.52 -44.22
C9A FAD J . -22.41 0.11 -42.94
N10 FAD J . -22.23 1.02 -41.89
C10 FAD J . -21.84 0.58 -40.63
C1' FAD J . -22.41 2.47 -42.10
C2' FAD J . -23.75 3.01 -41.59
O2' FAD J . -24.03 2.56 -40.25
C3' FAD J . -24.89 2.56 -42.50
O3' FAD J . -24.84 3.33 -43.70
C4' FAD J . -26.28 2.70 -41.88
O4' FAD J . -27.18 1.76 -42.47
C5' FAD J . -26.84 4.10 -41.98
O5' FAD J . -28.23 4.09 -41.57
P FAD J . -29.11 5.40 -41.61
O1P FAD J . -30.21 5.33 -40.55
O2P FAD J . -28.25 6.61 -41.50
O3P FAD J . -29.83 5.38 -43.03
PA FAD K . 23.19 0.32 -36.00
O1A FAD K . 22.70 -0.97 -35.45
O2A FAD K . 22.30 1.53 -35.72
O5B FAD K . 24.68 0.57 -35.54
C5B FAD K . 25.76 0.65 -36.49
C4B FAD K . 27.09 0.40 -35.83
O4B FAD K . 28.10 1.28 -36.38
C3B FAD K . 27.13 0.60 -34.31
O3B FAD K . 27.54 -0.60 -33.65
C2B FAD K . 28.13 1.75 -34.10
O2B FAD K . 28.94 1.55 -32.94
C1B FAD K . 28.98 1.65 -35.36
N9A FAD K . 29.68 2.88 -35.73
C8A FAD K . 29.17 4.14 -35.76
N7A FAD K . 30.02 5.06 -36.14
C5A FAD K . 31.18 4.35 -36.37
C6A FAD K . 32.47 4.74 -36.80
N6A FAD K . 32.81 6.00 -37.07
N1A FAD K . 33.41 3.77 -36.94
C2A FAD K . 33.08 2.51 -36.67
N3A FAD K . 31.90 2.02 -36.26
C4A FAD K . 30.99 2.99 -36.13
N1 FAD K . 13.88 -2.66 -37.84
C2 FAD K . 13.24 -3.78 -38.27
O2 FAD K . 13.16 -4.07 -39.47
N3 FAD K . 12.67 -4.64 -37.35
C4 FAD K . 12.67 -4.47 -35.98
O4 FAD K . 12.12 -5.31 -35.25
C4X FAD K . 13.36 -3.28 -35.53
N5 FAD K . 13.41 -3.04 -34.25
C5X FAD K . 14.06 -1.90 -33.82
C6 FAD K . 14.12 -1.63 -32.46
C7 FAD K . 14.77 -0.50 -31.97
C7M FAD K . 14.82 -0.25 -30.49
C8 FAD K . 15.37 0.39 -32.88
C8M FAD K . 16.07 1.64 -32.39
C9 FAD K . 15.30 0.14 -34.25
C9A FAD K . 14.66 -1.00 -34.72
N10 FAD K . 14.59 -1.30 -36.10
C10 FAD K . 13.94 -2.42 -36.54
C1' FAD K . 15.19 -0.39 -37.10
C2' FAD K . 16.56 -0.84 -37.60
O2' FAD K . 16.57 -2.23 -37.92
C3' FAD K . 17.62 -0.56 -36.54
O3' FAD K . 17.84 0.84 -36.46
C4' FAD K . 18.96 -1.25 -36.81
O4' FAD K . 19.55 -1.63 -35.56
C5' FAD K . 19.92 -0.41 -37.63
O5' FAD K . 21.19 -1.08 -37.68
P FAD K . 22.36 -0.53 -38.59
O1P FAD K . 23.13 -1.72 -39.19
O2P FAD K . 21.81 0.47 -39.56
O3P FAD K . 23.35 0.20 -37.57
PA FAD L . -20.38 -19.08 -2.65
O1A FAD L . -20.00 -18.01 -3.59
O2A FAD L . -19.21 -19.66 -1.85
O5B FAD L . -21.50 -18.62 -1.65
C5B FAD L . -21.53 -19.10 -0.28
C4B FAD L . -21.99 -17.99 0.63
O4B FAD L . -22.70 -18.54 1.75
C3B FAD L . -20.86 -17.13 1.20
O3B FAD L . -21.15 -15.74 1.07
C2B FAD L . -20.80 -17.56 2.67
O2B FAD L . -20.39 -16.52 3.55
C1B FAD L . -22.26 -17.91 2.93
N9A FAD L . -22.47 -18.80 4.07
C8A FAD L . -21.63 -19.77 4.53
N7A FAD L . -22.09 -20.41 5.59
C5A FAD L . -23.30 -19.79 5.85
C6A FAD L . -24.27 -19.99 6.84
N6A FAD L . -24.18 -20.91 7.80
N1A FAD L . -25.36 -19.19 6.82
C2A FAD L . -25.47 -18.27 5.86
N3A FAD L . -24.62 -17.99 4.87
C4A FAD L . -23.54 -18.79 4.92
N1 FAD L . -17.54 -20.48 -11.77
C2 FAD L . -17.98 -19.99 -12.97
O2 FAD L . -18.98 -20.46 -13.52
N3 FAD L . -17.27 -18.98 -13.60
C4 FAD L . -16.14 -18.37 -13.12
O4 FAD L . -15.61 -17.47 -13.78
C4X FAD L . -15.69 -18.87 -11.85
N5 FAD L . -14.61 -18.34 -11.31
C5X FAD L . -14.19 -18.83 -10.09
C6 FAD L . -13.04 -18.28 -9.51
C7 FAD L . -12.57 -18.73 -8.28
C7M FAD L . -11.33 -18.11 -7.69
C8 FAD L . -13.25 -19.75 -7.61
C8M FAD L . -12.77 -20.27 -6.28
C9 FAD L . -14.39 -20.31 -8.19
C9A FAD L . -14.87 -19.86 -9.42
N10 FAD L . -16.02 -20.39 -10.01
C10 FAD L . -16.46 -19.93 -11.24
C1' FAD L . -16.77 -21.49 -9.36
C2' FAD L . -18.05 -21.04 -8.64
O2' FAD L . -19.00 -20.49 -9.56
C3' FAD L . -17.73 -19.99 -7.58
O3' FAD L . -17.00 -20.60 -6.52
C4' FAD L . -18.96 -19.32 -6.99
O4' FAD L . -18.57 -18.13 -6.31
C5' FAD L . -19.73 -20.22 -6.04
O5' FAD L . -21.07 -19.72 -5.88
P FAD L . -22.01 -20.23 -4.72
O1P FAD L . -23.12 -19.20 -4.47
O2P FAD L . -22.53 -21.58 -5.03
O3P FAD L . -21.06 -20.28 -3.44
PA FAD M . 14.65 -14.07 17.62
O1A FAD M . 14.71 -12.66 17.18
O2A FAD M . 13.29 -14.75 17.45
O5B FAD M . 15.75 -14.92 16.88
C5B FAD M . 15.43 -16.19 16.27
C4B FAD M . 16.00 -16.26 14.89
O4B FAD M . 16.60 -17.56 14.67
C3B FAD M . 14.99 -16.03 13.76
O3B FAD M . 15.52 -15.16 12.76
C2B FAD M . 14.75 -17.45 13.22
O2B FAD M . 14.45 -17.45 11.84
C1B FAD M . 16.13 -18.08 13.44
N9A FAD M . 16.14 -19.53 13.50
C8A FAD M . 15.27 -20.34 14.19
N7A FAD M . 15.50 -21.62 14.05
C5A FAD M . 16.61 -21.66 13.20
C6A FAD M . 17.36 -22.73 12.67
N6A FAD M . 17.10 -24.01 12.92
N1A FAD M . 18.40 -22.41 11.86
C2A FAD M . 18.66 -21.13 11.62
N3A FAD M . 18.03 -20.05 12.06
C4A FAD M . 17.00 -20.38 12.86
N1 FAD M . 13.11 -7.10 24.48
C2 FAD M . 13.73 -5.95 24.88
O2 FAD M . 14.71 -5.97 25.65
N3 FAD M . 13.28 -4.73 24.41
C4 FAD M . 12.22 -4.53 23.56
O4 FAD M . 11.90 -3.39 23.23
C4X FAD M . 11.56 -5.75 23.15
N5 FAD M . 10.55 -5.66 22.34
C5X FAD M . 9.93 -6.82 21.93
C6 FAD M . 8.83 -6.73 21.07
C7 FAD M . 8.17 -7.87 20.63
C7M FAD M . 6.99 -7.73 19.69
C8 FAD M . 8.60 -9.14 21.06
C8M FAD M . 7.90 -10.40 20.61
C9 FAD M . 9.68 -9.23 21.93
C9A FAD M . 10.35 -8.09 22.37
N10 FAD M . 11.47 -8.16 23.23
C10 FAD M . 12.09 -6.99 23.66
C1' FAD M . 11.95 -9.45 23.74
C2' FAD M . 13.20 -9.98 23.02
O2' FAD M . 14.31 -9.09 23.16
C3' FAD M . 12.89 -10.18 21.53
O3' FAD M . 11.91 -11.21 21.39
C4' FAD M . 14.12 -10.57 20.69
O4' FAD M . 13.77 -10.45 19.31
C5' FAD M . 14.63 -11.96 20.98
O5' FAD M . 15.90 -12.15 20.32
P FAD M . 16.37 -13.58 19.83
O1P FAD M . 17.46 -13.44 18.76
O2P FAD M . 16.77 -14.43 20.99
O3P FAD M . 15.06 -14.18 19.15
PA FAD N . -19.49 32.66 21.66
O1A FAD N . -19.06 31.42 22.35
O2A FAD N . -19.16 32.68 20.16
O5B FAD N . -21.03 32.94 21.86
C5B FAD N . -21.76 33.79 20.95
C4B FAD N . -23.22 33.41 20.97
O4B FAD N . -24.05 34.57 20.74
C3B FAD N . -23.62 32.36 19.93
O3B FAD N . -24.34 31.30 20.55
C2B FAD N . -24.49 33.15 18.93
O2B FAD N . -25.51 32.38 18.34
C1B FAD N . -25.09 34.21 19.86
N9A FAD N . -25.58 35.40 19.18
C8A FAD N . -24.91 36.18 18.26
N7A FAD N . -25.61 37.20 17.81
C5A FAD N . -26.82 37.09 18.49
C6A FAD N . -28.00 37.86 18.45
N6A FAD N . -28.15 38.95 17.69
N1A FAD N . -29.02 37.48 19.25
C2A FAD N . -28.87 36.39 20.01
N3A FAD N . -27.81 35.59 20.12
C4A FAD N . -26.81 35.98 19.33
N1 FAD N . -10.74 30.44 25.20
C2 FAD N . -10.27 29.96 26.40
O2 FAD N . -10.05 30.71 27.35
N3 FAD N . -10.01 28.60 26.54
C4 FAD N . -10.20 27.64 25.58
O4 FAD N . -9.94 26.46 25.82
C4X FAD N . -10.71 28.15 24.31
N5 FAD N . -10.91 27.29 23.35
C5X FAD N . -11.40 27.78 22.14
C6 FAD N . -11.63 26.88 21.10
C7 FAD N . -12.11 27.31 19.87
C7M FAD N . -12.34 26.32 18.77
C8 FAD N . -12.38 28.68 19.67
C8M FAD N . -12.92 29.18 18.36
C9 FAD N . -12.15 29.58 20.72
C9A FAD N . -11.67 29.14 21.94
N10 FAD N . -11.45 30.03 23.02
C10 FAD N . -10.96 29.56 24.22
C1' FAD N . -11.70 31.48 22.87
C2' FAD N . -13.02 31.94 23.49
O2' FAD N . -13.10 31.63 24.88
C3' FAD N . -14.20 31.30 22.77
O3' FAD N . -14.31 31.86 21.47
C4' FAD N . -15.54 31.47 23.49
O4' FAD N . -16.48 30.51 23.02
C5' FAD N . -16.10 32.88 23.36
O5' FAD N . -17.34 32.95 24.08
P FAD N . -18.36 34.13 23.84
O1P FAD N . -19.60 33.94 24.72
O2P FAD N . -17.68 35.44 24.00
O3P FAD N . -18.78 33.92 22.31
PA FAD O . 34.57 29.37 26.14
O1A FAD O . 34.24 28.07 26.78
O2A FAD O . 34.56 30.56 27.10
O5B FAD O . 35.95 29.32 25.41
C5B FAD O . 36.97 30.31 25.66
C4B FAD O . 38.24 29.64 26.11
O4B FAD O . 39.37 30.26 25.47
C3B FAD O . 38.51 29.74 27.62
O3B FAD O . 39.08 28.53 28.10
C2B FAD O . 39.47 30.92 27.72
O2B FAD O . 40.33 30.83 28.85
C1B FAD O . 40.28 30.74 26.43
N9A FAD O . 40.88 31.97 25.94
C8A FAD O . 40.29 33.20 25.82
N7A FAD O . 41.08 34.14 25.35
C5A FAD O . 42.29 33.47 25.14
C6A FAD O . 43.53 33.90 24.65
N6A FAD O . 43.79 35.16 24.26
N1A FAD O . 44.52 32.99 24.57
C2A FAD O . 44.28 31.73 24.96
N3A FAD O . 43.14 31.21 25.43
C4A FAD O . 42.18 32.14 25.50
N1 FAD O . 25.17 26.46 25.01
C2 FAD O . 24.58 25.30 24.59
O2 FAD O . 24.42 25.04 23.39
N3 FAD O . 24.16 24.37 25.52
C4 FAD O . 24.26 24.49 26.88
O4 FAD O . 23.84 23.59 27.62
C4X FAD O . 24.89 25.73 27.32
N5 FAD O . 25.02 25.91 28.61
C5X FAD O . 25.63 27.10 29.03
C6 FAD O . 25.78 27.31 30.40
C7 FAD O . 26.37 28.47 30.87
C7M FAD O . 26.52 28.68 32.36
C8 FAD O . 26.83 29.45 29.96
C8M FAD O . 27.49 30.71 30.45
C9 FAD O . 26.67 29.22 28.59
C9A FAD O . 26.08 28.06 28.12
N10 FAD O . 25.93 27.80 26.75
C10 FAD O . 25.32 26.65 26.31
C1' FAD O . 26.38 28.79 25.74
C2' FAD O . 27.73 28.46 25.08
O2' FAD O . 27.67 27.23 24.36
C3' FAD O . 28.83 28.40 26.15
O3' FAD O . 29.00 29.70 26.70
C4' FAD O . 30.18 27.91 25.63
O4' FAD O . 31.03 27.63 26.75
C5' FAD O . 30.84 28.90 24.69
O5' FAD O . 31.85 28.21 23.92
P FAD O . 33.27 28.86 23.64
O1P FAD O . 34.33 27.76 23.50
O2P FAD O . 33.19 29.79 22.47
O3P FAD O . 33.52 29.68 24.99
PA FAD P . -6.48 9.65 62.06
O1A FAD P . -6.23 10.95 61.36
O2A FAD P . -5.25 9.08 62.77
O5B FAD P . -7.65 9.78 63.10
C5B FAD P . -7.46 9.42 64.49
C4B FAD P . -7.89 10.57 65.36
O4B FAD P . -8.68 10.04 66.48
C3B FAD P . -6.77 11.39 65.98
O3B FAD P . -7.00 12.78 65.83
C2B FAD P . -6.75 10.95 67.45
O2B FAD P . -6.33 11.98 68.33
C1B FAD P . -8.23 10.64 67.67
N9A FAD P . -8.49 9.74 68.78
C8A FAD P . -7.87 8.54 69.05
N7A FAD P . -8.31 7.93 70.12
C5A FAD P . -9.27 8.80 70.62
C6A FAD P . -10.12 8.75 71.74
N6A FAD P . -10.13 7.74 72.62
N1A FAD P . -10.97 9.77 71.94
C2A FAD P . -10.98 10.79 71.06
N3A FAD P . -10.23 10.95 69.97
C4A FAD P . -9.39 9.91 69.80
N1 FAD P . -4.42 8.30 52.45
C2 FAD P . -4.90 8.77 51.26
O2 FAD P . -5.95 8.33 50.77
N3 FAD P . -4.20 9.74 50.59
C4 FAD P . -3.02 10.33 51.00
O4 FAD P . -2.49 11.20 50.30
C4X FAD P . -2.54 9.84 52.26
N5 FAD P . -1.42 10.34 52.73
C5X FAD P . -0.95 9.87 53.94
C6 FAD P . 0.23 10.41 54.45
C7 FAD P . 0.76 9.97 55.66
C7M FAD P . 2.04 10.57 56.17
C8 FAD P . 0.08 8.98 56.38
C8M FAD P . 0.62 8.48 57.70
C9 FAD P . -1.10 8.44 55.89
C9A FAD P . -1.62 8.88 54.67
N10 FAD P . -2.83 8.37 54.14
C10 FAD P . -3.31 8.82 52.93
C1' FAD P . -3.58 7.32 54.86
C2' FAD P . -4.81 7.84 55.61
O2' FAD P . -5.67 8.61 54.77
C3' FAD P . -4.37 8.72 56.79
O3' FAD P . -3.58 7.93 57.68
C4' FAD P . -5.53 9.33 57.57
O4' FAD P . -5.01 10.21 58.57
C5' FAD P . -6.45 8.30 58.19
O5' FAD P . -7.64 8.95 58.68
P FAD P . -8.25 8.60 60.10
O1P FAD P . -9.15 9.73 60.58
O2P FAD P . -8.90 7.26 60.09
O3P FAD P . -6.96 8.56 61.02
#